data_2KDY
#
_entry.id   2KDY
#
_entity_poly.entity_id   1
_entity_poly.type   'polypeptide(L)'
_entity_poly.pdbx_seq_one_letter_code
;MGSSGGGGSGGGGVTADIGTGLADALTAPLDHKDKGLKSLTLEDSISQNGTLTLSAQGAEKTYGNGDSLNTGKLKNDKVS
RFDFIRQIEVDGQLITLESGEFQVYKQSHSALTALQTEQEQDPEHSEKMVAKRRFRIGDIAGEHTSFDKLPKDVMATYRG
TAFGSDDAGGKLTYTIDFAAKQGHGKIEHLKSPELNVDLAVAYIKPDEKHHAVISGSVLYNQDEKGSYSLGIFGEKAQEV
AGSAEVETANGIHHIGLAAKQ
;
_entity_poly.pdbx_strand_id   A
#
# COMPACT_ATOMS: atom_id res chain seq x y z
N MET A 1 21.21 -29.97 -3.80
CA MET A 1 21.54 -28.66 -3.17
C MET A 1 23.05 -28.51 -3.01
N GLY A 2 23.80 -28.87 -4.03
CA GLY A 2 25.28 -28.74 -3.94
C GLY A 2 25.86 -28.62 -5.35
N SER A 3 25.44 -29.46 -6.25
CA SER A 3 25.98 -29.40 -7.64
C SER A 3 25.05 -28.55 -8.52
N SER A 4 23.77 -28.60 -8.27
CA SER A 4 22.82 -27.79 -9.09
C SER A 4 22.41 -26.53 -8.33
N GLY A 5 22.69 -25.37 -8.89
CA GLY A 5 22.31 -24.11 -8.19
C GLY A 5 22.13 -23.00 -9.23
N GLY A 6 21.03 -22.29 -9.17
CA GLY A 6 20.80 -21.19 -10.15
C GLY A 6 19.76 -20.23 -9.59
N GLY A 7 20.11 -19.48 -8.58
CA GLY A 7 19.13 -18.51 -8.00
C GLY A 7 19.86 -17.56 -7.05
N GLY A 8 20.11 -16.35 -7.48
CA GLY A 8 20.82 -15.38 -6.60
C GLY A 8 19.85 -14.87 -5.53
N SER A 9 19.43 -13.64 -5.65
CA SER A 9 18.48 -13.08 -4.64
C SER A 9 17.03 -13.34 -5.07
N GLY A 10 16.69 -14.57 -5.32
CA GLY A 10 15.30 -14.90 -5.73
C GLY A 10 14.44 -15.16 -4.49
N GLY A 11 14.82 -14.62 -3.37
CA GLY A 11 14.03 -14.85 -2.12
C GLY A 11 12.65 -14.23 -2.28
N GLY A 12 12.51 -13.26 -3.14
CA GLY A 12 11.19 -12.61 -3.34
C GLY A 12 11.16 -11.91 -4.70
N GLY A 13 11.06 -10.61 -4.71
CA GLY A 13 11.02 -9.88 -6.01
C GLY A 13 11.76 -8.54 -5.86
N VAL A 14 11.04 -7.46 -5.82
CA VAL A 14 11.69 -6.14 -5.67
C VAL A 14 12.53 -6.08 -4.39
N THR A 15 13.70 -5.53 -4.45
CA THR A 15 14.56 -5.46 -3.24
C THR A 15 14.81 -3.99 -2.86
N ALA A 16 15.82 -3.73 -2.07
CA ALA A 16 16.11 -2.34 -1.66
C ALA A 16 16.61 -1.51 -2.84
N ASP A 17 16.59 -2.06 -4.03
CA ASP A 17 17.07 -1.29 -5.21
C ASP A 17 16.57 -1.93 -6.51
N ILE A 18 15.30 -2.24 -6.57
CA ILE A 18 14.75 -2.84 -7.81
C ILE A 18 13.92 -1.82 -8.56
N GLY A 19 12.72 -1.62 -8.10
CA GLY A 19 11.82 -0.63 -8.77
C GLY A 19 11.88 0.70 -8.04
N THR A 20 13.00 1.38 -8.12
CA THR A 20 13.13 2.69 -7.43
C THR A 20 12.15 3.71 -8.02
N GLY A 21 11.39 3.31 -9.01
CA GLY A 21 10.41 4.25 -9.62
C GLY A 21 9.91 5.23 -8.57
N LEU A 22 9.65 4.76 -7.38
CA LEU A 22 9.15 5.66 -6.30
C LEU A 22 10.20 6.70 -5.95
N ALA A 23 11.46 6.32 -5.96
CA ALA A 23 12.54 7.29 -5.63
C ALA A 23 12.45 8.50 -6.55
N ASP A 24 11.64 8.42 -7.57
CA ASP A 24 11.50 9.55 -8.51
C ASP A 24 10.31 10.42 -8.11
N ALA A 25 9.53 9.97 -7.17
CA ALA A 25 8.34 10.76 -6.74
C ALA A 25 8.73 11.68 -5.58
N LEU A 26 9.89 11.49 -5.02
CA LEU A 26 10.33 12.34 -3.88
C LEU A 26 11.39 13.34 -4.33
N THR A 27 12.20 12.96 -5.29
CA THR A 27 13.26 13.88 -5.78
C THR A 27 13.04 14.21 -7.25
N ALA A 28 12.17 13.49 -7.89
CA ALA A 28 11.89 13.76 -9.33
C ALA A 28 10.45 14.25 -9.51
N PRO A 29 10.31 15.54 -9.52
CA PRO A 29 8.97 16.16 -9.67
C PRO A 29 8.48 16.02 -11.12
N LEU A 30 7.51 16.81 -11.51
CA LEU A 30 7.00 16.71 -12.91
C LEU A 30 8.16 16.73 -13.90
N ASP A 31 7.88 16.90 -15.16
CA ASP A 31 8.97 16.92 -16.18
C ASP A 31 8.44 17.49 -17.50
N HIS A 32 9.10 17.18 -18.59
CA HIS A 32 8.65 17.70 -19.91
C HIS A 32 8.20 16.54 -20.80
N LYS A 33 7.47 15.61 -20.26
CA LYS A 33 7.00 14.46 -21.08
C LYS A 33 5.95 13.64 -20.32
N ASP A 34 5.31 14.26 -19.35
CA ASP A 34 4.27 13.52 -18.57
C ASP A 34 2.99 13.36 -19.42
N LYS A 35 2.85 12.25 -20.08
CA LYS A 35 1.63 12.03 -20.91
C LYS A 35 0.37 12.21 -20.06
N GLY A 36 0.52 12.31 -18.77
CA GLY A 36 -0.67 12.49 -17.89
C GLY A 36 -0.29 13.33 -16.68
N LEU A 37 -1.09 13.29 -15.64
CA LEU A 37 -0.77 14.10 -14.43
C LEU A 37 0.73 14.28 -14.29
N LYS A 38 1.17 15.42 -13.85
CA LYS A 38 2.63 15.65 -13.69
C LYS A 38 2.98 15.83 -12.20
N SER A 39 1.99 15.99 -11.37
CA SER A 39 2.26 16.17 -9.91
C SER A 39 0.96 16.47 -9.16
N LEU A 40 1.03 16.59 -7.87
CA LEU A 40 -0.21 16.88 -7.08
C LEU A 40 0.14 17.58 -5.78
N THR A 41 -0.17 18.85 -5.65
CA THR A 41 0.16 19.58 -4.40
C THR A 41 -0.71 19.05 -3.26
N LEU A 42 -0.27 19.25 -2.03
CA LEU A 42 -1.08 18.76 -0.87
C LEU A 42 -1.44 19.92 0.05
N GLU A 43 -1.85 21.02 -0.51
CA GLU A 43 -2.22 22.19 0.33
C GLU A 43 -3.12 21.74 1.50
N ASP A 44 -3.88 20.70 1.29
CA ASP A 44 -4.78 20.22 2.38
C ASP A 44 -4.70 18.69 2.48
N SER A 45 -3.95 18.07 1.63
CA SER A 45 -3.83 16.58 1.67
C SER A 45 -3.67 16.11 3.12
N ILE A 46 -3.03 16.89 3.95
CA ILE A 46 -2.85 16.49 5.37
C ILE A 46 -3.37 17.58 6.30
N SER A 47 -2.96 17.56 7.54
CA SER A 47 -3.42 18.61 8.50
C SER A 47 -2.85 18.37 9.88
N GLN A 48 -2.53 17.17 10.14
CA GLN A 48 -1.96 16.80 11.47
C GLN A 48 -0.45 16.58 11.34
N ASN A 49 0.08 16.72 10.15
CA ASN A 49 1.53 16.53 9.95
C ASN A 49 2.17 17.82 9.44
N GLY A 50 1.90 18.92 10.09
CA GLY A 50 2.49 20.22 9.65
C GLY A 50 3.85 19.97 8.99
N THR A 51 4.58 19.00 9.45
CA THR A 51 5.90 18.70 8.85
C THR A 51 6.29 17.23 9.08
N LEU A 52 6.76 16.57 8.06
CA LEU A 52 7.16 15.14 8.23
C LEU A 52 8.07 14.71 7.08
N THR A 53 9.24 14.22 7.38
CA THR A 53 10.17 13.78 6.30
C THR A 53 9.86 12.34 5.87
N LEU A 54 10.10 12.03 4.63
CA LEU A 54 9.81 10.64 4.16
C LEU A 54 10.88 10.19 3.16
N SER A 55 11.47 9.05 3.35
CA SER A 55 12.51 8.56 2.41
C SER A 55 11.99 7.38 1.59
N ALA A 56 12.25 7.38 0.31
CA ALA A 56 11.76 6.25 -0.54
C ALA A 56 12.92 5.30 -0.88
N GLN A 57 12.67 4.33 -1.71
CA GLN A 57 13.74 3.37 -2.08
C GLN A 57 14.73 4.04 -3.06
N GLY A 58 15.10 5.26 -2.79
CA GLY A 58 16.05 5.97 -3.69
C GLY A 58 16.32 7.37 -3.17
N ALA A 59 15.30 8.03 -2.68
CA ALA A 59 15.50 9.41 -2.14
C ALA A 59 14.42 9.74 -1.11
N GLU A 60 14.49 10.89 -0.51
CA GLU A 60 13.46 11.26 0.51
C GLU A 60 13.02 12.72 0.32
N LYS A 61 11.92 13.10 0.91
CA LYS A 61 11.44 14.50 0.75
C LYS A 61 10.63 14.92 1.99
N THR A 62 10.57 16.18 2.27
CA THR A 62 9.80 16.64 3.46
C THR A 62 8.34 16.87 3.09
N TYR A 63 7.42 16.25 3.79
CA TYR A 63 5.98 16.44 3.48
C TYR A 63 5.22 16.88 4.73
N GLY A 64 3.97 17.21 4.58
CA GLY A 64 3.17 17.66 5.77
C GLY A 64 2.04 18.56 5.28
N ASN A 65 1.15 18.94 6.16
CA ASN A 65 0.04 19.83 5.73
C ASN A 65 0.59 21.02 4.94
N GLY A 66 0.11 21.20 3.74
CA GLY A 66 0.61 22.33 2.91
C GLY A 66 1.74 21.83 2.02
N ASP A 67 2.15 20.60 2.19
CA ASP A 67 3.25 20.06 1.34
C ASP A 67 2.73 19.75 -0.07
N SER A 68 3.58 19.24 -0.93
CA SER A 68 3.13 18.92 -2.31
C SER A 68 3.79 17.61 -2.78
N LEU A 69 3.28 17.03 -3.84
CA LEU A 69 3.88 15.77 -4.35
C LEU A 69 3.93 15.79 -5.88
N ASN A 70 4.80 15.00 -6.47
CA ASN A 70 4.90 14.98 -7.95
C ASN A 70 4.99 13.53 -8.45
N THR A 71 3.94 13.03 -9.02
CA THR A 71 3.96 11.63 -9.54
C THR A 71 3.74 11.62 -11.06
N GLY A 72 4.21 12.61 -11.74
CA GLY A 72 4.04 12.66 -13.22
C GLY A 72 4.60 11.39 -13.85
N LYS A 73 5.31 10.61 -13.08
CA LYS A 73 5.90 9.35 -13.64
C LYS A 73 4.98 8.16 -13.33
N LEU A 74 4.39 8.14 -12.16
CA LEU A 74 3.49 7.01 -11.80
C LEU A 74 2.72 6.51 -13.03
N LYS A 75 2.14 5.35 -12.93
CA LYS A 75 1.38 4.80 -14.09
C LYS A 75 -0.05 4.43 -13.64
N ASN A 76 -0.70 3.56 -14.38
CA ASN A 76 -2.08 3.16 -14.00
C ASN A 76 -2.07 2.37 -12.69
N ASP A 77 -1.02 1.66 -12.43
CA ASP A 77 -0.94 0.86 -11.17
C ASP A 77 0.43 1.04 -10.52
N LYS A 78 0.71 2.20 -10.00
CA LYS A 78 2.04 2.43 -9.35
C LYS A 78 1.88 2.50 -7.83
N VAL A 79 2.91 2.16 -7.11
CA VAL A 79 2.81 2.20 -5.62
C VAL A 79 3.73 3.29 -5.05
N SER A 80 3.53 3.66 -3.82
CA SER A 80 4.38 4.72 -3.20
C SER A 80 4.53 4.44 -1.71
N ARG A 81 5.39 3.52 -1.35
CA ARG A 81 5.57 3.20 0.09
C ARG A 81 6.92 3.73 0.58
N PHE A 82 6.91 4.53 1.62
CA PHE A 82 8.19 5.08 2.14
C PHE A 82 8.06 5.38 3.64
N ASP A 83 9.16 5.51 4.33
CA ASP A 83 9.09 5.79 5.80
C ASP A 83 9.15 7.30 6.04
N PHE A 84 8.38 7.80 6.97
CA PHE A 84 8.40 9.26 7.25
C PHE A 84 7.85 9.53 8.66
N ILE A 85 8.26 10.61 9.27
CA ILE A 85 7.77 10.93 10.63
C ILE A 85 6.87 12.16 10.59
N ARG A 86 5.64 12.02 11.05
CA ARG A 86 4.72 13.19 11.03
C ARG A 86 4.92 14.03 12.29
N GLN A 87 5.62 15.14 12.17
CA GLN A 87 5.85 16.00 13.36
C GLN A 87 5.33 17.41 13.10
N ILE A 88 4.63 17.97 14.04
CA ILE A 88 4.07 19.34 13.85
C ILE A 88 4.42 20.22 15.06
N GLU A 89 5.26 21.19 14.89
CA GLU A 89 5.62 22.09 16.03
C GLU A 89 5.74 23.53 15.56
N VAL A 90 4.73 24.32 15.79
CA VAL A 90 4.79 25.74 15.36
C VAL A 90 5.24 26.63 16.53
N ASP A 91 5.50 27.88 16.26
CA ASP A 91 5.96 28.78 17.36
C ASP A 91 4.80 29.08 18.32
N GLY A 92 3.70 28.42 18.15
CA GLY A 92 2.54 28.66 19.06
C GLY A 92 1.38 27.76 18.64
N GLN A 93 1.65 26.56 18.24
CA GLN A 93 0.57 25.65 17.81
C GLN A 93 0.97 24.19 18.03
N LEU A 94 0.66 23.36 17.10
CA LEU A 94 0.99 21.91 17.24
C LEU A 94 2.43 21.74 17.73
N ILE A 95 2.75 20.61 18.29
CA ILE A 95 4.12 20.38 18.81
C ILE A 95 4.31 18.91 19.18
N THR A 96 4.87 18.12 18.30
CA THR A 96 5.07 16.67 18.61
C THR A 96 5.73 15.97 17.43
N LEU A 97 6.08 14.72 17.60
CA LEU A 97 6.74 13.98 16.49
C LEU A 97 6.27 12.51 16.49
N GLU A 98 5.95 11.98 15.34
CA GLU A 98 5.48 10.57 15.29
C GLU A 98 6.04 9.88 14.03
N SER A 99 6.67 8.75 14.19
CA SER A 99 7.23 8.04 13.00
C SER A 99 6.27 6.95 12.53
N GLY A 100 6.33 6.58 11.28
CA GLY A 100 5.42 5.52 10.77
C GLY A 100 5.75 5.21 9.31
N GLU A 101 4.99 4.38 8.67
CA GLU A 101 5.27 4.03 7.25
C GLU A 101 4.20 4.65 6.34
N PHE A 102 4.49 4.80 5.07
CA PHE A 102 3.49 5.39 4.15
C PHE A 102 3.17 4.41 3.00
N GLN A 103 1.92 4.34 2.61
CA GLN A 103 1.55 3.40 1.50
C GLN A 103 0.60 4.13 0.54
N VAL A 104 1.10 4.59 -0.56
CA VAL A 104 0.22 5.31 -1.53
C VAL A 104 0.21 4.59 -2.88
N TYR A 105 -0.93 4.07 -3.27
CA TYR A 105 -1.02 3.36 -4.58
C TYR A 105 -1.74 4.24 -5.61
N LYS A 106 -1.44 4.06 -6.86
CA LYS A 106 -2.11 4.89 -7.91
C LYS A 106 -2.77 3.98 -8.95
N GLN A 107 -3.99 4.27 -9.32
CA GLN A 107 -4.69 3.43 -10.32
C GLN A 107 -4.68 4.12 -11.69
N SER A 108 -5.77 4.05 -12.40
CA SER A 108 -5.83 4.70 -13.74
C SER A 108 -6.50 6.06 -13.64
N HIS A 109 -7.58 6.16 -12.90
CA HIS A 109 -8.27 7.46 -12.76
C HIS A 109 -8.33 7.87 -11.28
N SER A 110 -8.30 6.91 -10.40
CA SER A 110 -8.34 7.23 -8.95
C SER A 110 -7.02 6.83 -8.28
N ALA A 111 -7.06 6.56 -7.00
CA ALA A 111 -5.81 6.17 -6.29
C ALA A 111 -6.15 5.73 -4.86
N LEU A 112 -5.21 5.16 -4.17
CA LEU A 112 -5.50 4.72 -2.78
C LEU A 112 -4.28 4.95 -1.87
N THR A 113 -4.47 5.58 -0.74
CA THR A 113 -3.30 5.83 0.16
C THR A 113 -3.43 5.00 1.43
N ALA A 114 -2.43 5.05 2.26
CA ALA A 114 -2.46 4.27 3.54
C ALA A 114 -1.33 4.75 4.45
N LEU A 115 -1.67 5.22 5.63
CA LEU A 115 -0.61 5.71 6.56
C LEU A 115 -0.29 4.65 7.61
N GLN A 116 0.95 4.51 7.96
CA GLN A 116 1.33 3.49 8.99
C GLN A 116 2.13 4.17 10.11
N THR A 117 2.00 3.68 11.32
CA THR A 117 2.74 4.30 12.45
C THR A 117 3.61 3.25 13.16
N GLU A 118 4.60 3.68 13.89
CA GLU A 118 5.48 2.71 14.60
C GLU A 118 5.97 3.31 15.92
N GLN A 119 6.18 4.60 15.95
CA GLN A 119 6.65 5.25 17.22
C GLN A 119 6.04 6.64 17.35
N GLU A 120 5.75 7.06 18.56
CA GLU A 120 5.15 8.41 18.76
C GLU A 120 5.68 9.04 20.05
N GLN A 121 5.24 10.23 20.36
CA GLN A 121 5.71 10.90 21.62
C GLN A 121 4.65 11.87 22.12
N ASP A 122 4.55 12.06 23.41
CA ASP A 122 3.52 13.02 23.92
C ASP A 122 4.16 14.08 24.83
N PRO A 123 4.33 15.25 24.28
CA PRO A 123 4.94 16.38 25.02
C PRO A 123 3.98 16.98 26.04
N GLU A 124 3.35 16.16 26.84
CA GLU A 124 2.43 16.70 27.88
C GLU A 124 3.22 16.95 29.15
N HIS A 125 4.25 16.18 29.32
CA HIS A 125 5.13 16.30 30.52
C HIS A 125 6.23 15.26 30.40
N SER A 126 5.88 14.04 30.66
CA SER A 126 6.86 12.92 30.55
C SER A 126 6.31 11.88 29.56
N GLU A 127 5.35 12.26 28.77
CA GLU A 127 4.74 11.31 27.79
C GLU A 127 5.26 11.55 26.38
N LYS A 128 6.20 12.44 26.21
CA LYS A 128 6.75 12.74 24.85
C LYS A 128 7.33 11.47 24.21
N MET A 129 6.70 10.35 24.41
CA MET A 129 7.19 9.10 23.79
C MET A 129 6.06 8.07 23.70
N VAL A 130 6.01 7.32 22.63
CA VAL A 130 4.93 6.31 22.50
C VAL A 130 5.41 5.14 21.63
N ALA A 131 4.67 4.07 21.59
CA ALA A 131 5.09 2.90 20.76
C ALA A 131 3.87 2.05 20.39
N LYS A 132 3.67 1.83 19.12
CA LYS A 132 2.49 1.02 18.69
C LYS A 132 2.39 1.01 17.16
N ARG A 133 1.62 0.10 16.62
CA ARG A 133 1.47 0.05 15.13
C ARG A 133 0.08 0.55 14.72
N ARG A 134 0.02 1.73 14.16
CA ARG A 134 -1.30 2.27 13.72
C ARG A 134 -1.31 2.51 12.21
N PHE A 135 -2.07 1.74 11.49
CA PHE A 135 -2.12 1.92 10.01
C PHE A 135 -3.45 2.54 9.60
N ARG A 136 -3.44 3.75 9.11
CA ARG A 136 -4.70 4.40 8.68
C ARG A 136 -4.78 4.46 7.16
N ILE A 137 -5.62 3.66 6.56
CA ILE A 137 -5.74 3.66 5.08
C ILE A 137 -5.90 5.10 4.55
N GLY A 138 -5.60 5.31 3.30
CA GLY A 138 -5.74 6.68 2.73
C GLY A 138 -6.46 6.60 1.38
N ASP A 139 -6.30 7.61 0.57
CA ASP A 139 -6.97 7.66 -0.78
C ASP A 139 -7.83 6.40 -1.06
N ILE A 140 -9.03 6.61 -1.54
CA ILE A 140 -9.92 5.47 -1.87
C ILE A 140 -9.26 4.55 -2.90
N ALA A 141 -10.05 3.88 -3.67
CA ALA A 141 -9.49 2.96 -4.70
C ALA A 141 -9.67 3.55 -6.10
N GLY A 142 -9.36 2.80 -7.12
CA GLY A 142 -9.51 3.33 -8.51
C GLY A 142 -10.99 3.49 -8.84
N GLU A 143 -11.75 2.44 -8.71
CA GLU A 143 -13.21 2.54 -9.03
C GLU A 143 -14.00 1.53 -8.19
N HIS A 144 -14.92 2.00 -7.40
CA HIS A 144 -15.72 1.06 -6.56
C HIS A 144 -16.97 0.60 -7.32
N THR A 145 -16.81 -0.31 -8.23
CA THR A 145 -17.98 -0.81 -9.01
C THR A 145 -18.35 -2.22 -8.56
N SER A 146 -19.58 -2.44 -8.20
CA SER A 146 -20.00 -3.80 -7.76
C SER A 146 -19.74 -4.82 -8.87
N PHE A 147 -18.95 -5.83 -8.60
CA PHE A 147 -18.67 -6.84 -9.65
C PHE A 147 -19.97 -7.24 -10.36
N ASP A 148 -21.09 -6.96 -9.74
CA ASP A 148 -22.39 -7.33 -10.37
C ASP A 148 -22.53 -6.66 -11.73
N LYS A 149 -21.64 -5.75 -12.04
CA LYS A 149 -21.71 -5.05 -13.36
C LYS A 149 -21.29 -6.02 -14.47
N LEU A 150 -20.98 -7.23 -14.11
CA LEU A 150 -20.55 -8.23 -15.14
C LEU A 150 -20.24 -9.56 -14.47
N PRO A 151 -21.22 -10.08 -13.77
CA PRO A 151 -21.07 -11.36 -13.05
C PRO A 151 -21.41 -12.53 -13.97
N LYS A 152 -20.41 -13.09 -14.61
CA LYS A 152 -20.67 -14.25 -15.52
C LYS A 152 -19.56 -15.29 -15.38
N ASP A 153 -18.42 -15.02 -15.97
CA ASP A 153 -17.28 -15.97 -15.87
C ASP A 153 -15.95 -15.22 -15.97
N VAL A 154 -15.85 -14.10 -15.30
CA VAL A 154 -14.58 -13.31 -15.36
C VAL A 154 -13.70 -13.61 -14.13
N MET A 155 -12.61 -14.28 -14.34
CA MET A 155 -11.70 -14.59 -13.20
C MET A 155 -11.08 -13.30 -12.67
N ALA A 156 -11.40 -12.92 -11.47
CA ALA A 156 -10.84 -11.67 -10.90
C ALA A 156 -9.53 -11.94 -10.15
N THR A 157 -8.42 -11.62 -10.74
CA THR A 157 -7.12 -11.86 -10.07
C THR A 157 -6.48 -10.52 -9.71
N TYR A 158 -5.91 -10.40 -8.54
CA TYR A 158 -5.29 -9.10 -8.14
C TYR A 158 -3.97 -9.34 -7.42
N ARG A 159 -3.04 -8.44 -7.57
CA ARG A 159 -1.72 -8.59 -6.89
C ARG A 159 -1.14 -7.21 -6.57
N GLY A 160 -0.47 -7.07 -5.46
CA GLY A 160 0.10 -5.75 -5.12
C GLY A 160 0.96 -5.83 -3.86
N THR A 161 0.82 -4.88 -2.98
CA THR A 161 1.65 -4.89 -1.75
C THR A 161 0.76 -4.81 -0.50
N ALA A 162 1.26 -5.29 0.60
CA ALA A 162 0.47 -5.26 1.86
C ALA A 162 1.30 -4.65 2.98
N PHE A 163 0.78 -4.57 4.16
CA PHE A 163 1.56 -3.98 5.28
C PHE A 163 1.14 -4.61 6.61
N GLY A 164 2.09 -5.09 7.39
CA GLY A 164 1.73 -5.72 8.69
C GLY A 164 2.09 -4.76 9.83
N SER A 165 1.64 -5.05 11.03
CA SER A 165 1.93 -4.16 12.17
C SER A 165 3.25 -4.58 12.85
N ASP A 166 3.81 -5.68 12.44
CA ASP A 166 5.08 -6.13 13.06
C ASP A 166 5.99 -6.77 12.00
N ASP A 167 5.59 -6.71 10.76
CA ASP A 167 6.40 -7.29 9.67
C ASP A 167 6.69 -6.22 8.62
N ALA A 168 7.51 -6.50 7.65
CA ALA A 168 7.78 -5.50 6.62
C ALA A 168 6.52 -5.38 5.77
N GLY A 169 6.06 -4.20 5.51
CA GLY A 169 4.81 -4.04 4.72
C GLY A 169 4.24 -5.41 4.39
N GLY A 170 4.22 -5.76 3.14
CA GLY A 170 3.69 -7.08 2.72
C GLY A 170 3.69 -7.18 1.19
N LYS A 171 3.70 -8.37 0.65
CA LYS A 171 3.66 -8.52 -0.84
C LYS A 171 2.78 -9.73 -1.18
N LEU A 172 1.72 -9.55 -1.93
CA LEU A 172 0.85 -10.72 -2.22
C LEU A 172 0.19 -10.63 -3.59
N THR A 173 -0.16 -11.78 -4.13
CA THR A 173 -0.84 -11.83 -5.45
C THR A 173 -1.90 -12.94 -5.41
N TYR A 174 -3.15 -12.62 -5.61
CA TYR A 174 -4.19 -13.68 -5.55
C TYR A 174 -5.00 -13.75 -6.85
N THR A 175 -5.63 -14.87 -7.09
CA THR A 175 -6.46 -15.02 -8.31
C THR A 175 -7.91 -15.27 -7.88
N ILE A 176 -8.76 -14.29 -8.02
CA ILE A 176 -10.18 -14.47 -7.57
C ILE A 176 -11.12 -14.67 -8.76
N ASP A 177 -12.34 -15.05 -8.49
CA ASP A 177 -13.33 -15.29 -9.57
C ASP A 177 -14.54 -14.40 -9.37
N PHE A 178 -15.02 -13.82 -10.45
CA PHE A 178 -16.18 -12.89 -10.40
C PHE A 178 -17.32 -13.38 -9.47
N ALA A 179 -18.53 -13.05 -9.85
CA ALA A 179 -19.72 -13.43 -9.03
C ALA A 179 -19.50 -14.77 -8.35
N ALA A 180 -18.97 -15.73 -9.05
CA ALA A 180 -18.70 -17.05 -8.41
C ALA A 180 -17.60 -16.84 -7.37
N LYS A 181 -17.80 -15.87 -6.51
CA LYS A 181 -16.78 -15.55 -5.47
C LYS A 181 -15.80 -16.70 -5.28
N GLN A 182 -14.88 -16.85 -6.19
CA GLN A 182 -13.89 -17.96 -6.04
C GLN A 182 -12.46 -17.46 -6.29
N GLY A 183 -11.62 -17.47 -5.29
CA GLY A 183 -10.24 -16.99 -5.49
C GLY A 183 -9.27 -17.69 -4.55
N HIS A 184 -8.00 -17.48 -4.76
CA HIS A 184 -6.97 -18.13 -3.89
C HIS A 184 -5.58 -17.72 -4.37
N GLY A 185 -4.70 -17.33 -3.49
CA GLY A 185 -3.34 -16.92 -3.93
C GLY A 185 -2.33 -17.14 -2.81
N LYS A 186 -1.30 -16.34 -2.75
CA LYS A 186 -0.28 -16.52 -1.68
C LYS A 186 0.24 -15.16 -1.21
N ILE A 187 0.49 -15.01 0.06
CA ILE A 187 1.00 -13.71 0.58
C ILE A 187 2.49 -13.85 0.97
N GLU A 188 3.30 -12.90 0.61
CA GLU A 188 4.74 -12.99 0.96
C GLU A 188 5.42 -11.62 0.83
N HIS A 189 6.44 -11.39 1.62
CA HIS A 189 7.15 -10.09 1.54
C HIS A 189 8.53 -10.18 2.21
N LEU A 190 8.52 -10.41 3.49
CA LEU A 190 9.82 -10.50 4.24
C LEU A 190 10.26 -11.96 4.39
N LYS A 191 11.13 -12.22 5.33
CA LYS A 191 11.62 -13.62 5.54
C LYS A 191 11.41 -14.03 7.00
N SER A 192 10.73 -13.22 7.75
CA SER A 192 10.48 -13.55 9.19
C SER A 192 9.97 -14.99 9.32
N PRO A 193 9.46 -15.33 10.48
CA PRO A 193 8.94 -16.71 10.69
C PRO A 193 7.69 -16.92 9.83
N GLU A 194 7.30 -15.92 9.11
CA GLU A 194 6.10 -16.03 8.22
C GLU A 194 6.43 -15.40 6.87
N LEU A 195 7.61 -15.64 6.37
CA LEU A 195 8.01 -15.07 5.06
C LEU A 195 6.83 -15.04 4.11
N ASN A 196 6.40 -16.19 3.69
CA ASN A 196 5.27 -16.27 2.74
C ASN A 196 4.26 -17.33 3.21
N VAL A 197 3.22 -17.55 2.45
CA VAL A 197 2.20 -18.57 2.86
C VAL A 197 1.12 -18.71 1.79
N ASP A 198 0.24 -19.65 1.93
CA ASP A 198 -0.83 -19.85 0.92
C ASP A 198 -2.15 -19.27 1.45
N LEU A 199 -2.87 -18.56 0.63
CA LEU A 199 -4.15 -17.97 1.11
C LEU A 199 -5.26 -18.22 0.09
N ALA A 200 -6.48 -18.16 0.53
CA ALA A 200 -7.62 -18.39 -0.40
C ALA A 200 -8.33 -17.06 -0.68
N VAL A 201 -9.33 -17.06 -1.51
CA VAL A 201 -10.04 -15.78 -1.81
C VAL A 201 -11.46 -16.04 -2.32
N ALA A 202 -12.32 -15.08 -2.19
CA ALA A 202 -13.73 -15.24 -2.67
C ALA A 202 -14.27 -13.90 -3.18
N TYR A 203 -14.70 -13.85 -4.41
CA TYR A 203 -15.22 -12.56 -4.96
C TYR A 203 -16.72 -12.43 -4.69
N ILE A 204 -17.10 -11.47 -3.88
CA ILE A 204 -18.55 -11.27 -3.60
C ILE A 204 -19.09 -10.11 -4.44
N LYS A 205 -20.38 -9.92 -4.45
CA LYS A 205 -20.96 -8.80 -5.26
C LYS A 205 -20.86 -7.47 -4.48
N PRO A 206 -21.69 -7.34 -3.48
CA PRO A 206 -21.70 -6.10 -2.66
C PRO A 206 -20.46 -6.05 -1.76
N ASP A 207 -19.43 -5.37 -2.18
CA ASP A 207 -18.21 -5.27 -1.34
C ASP A 207 -18.48 -4.37 -0.13
N GLU A 208 -17.63 -3.41 0.12
CA GLU A 208 -17.85 -2.50 1.28
C GLU A 208 -19.19 -1.77 1.12
N LYS A 209 -19.66 -1.64 -0.09
CA LYS A 209 -20.96 -0.96 -0.32
C LYS A 209 -21.61 -1.49 -1.61
N HIS A 210 -20.86 -1.57 -2.67
CA HIS A 210 -21.42 -2.09 -3.95
C HIS A 210 -20.30 -2.31 -4.96
N HIS A 211 -19.18 -2.83 -4.52
CA HIS A 211 -18.04 -3.07 -5.46
C HIS A 211 -17.59 -4.52 -5.37
N ALA A 212 -16.45 -4.82 -5.91
CA ALA A 212 -15.93 -6.22 -5.85
C ALA A 212 -15.47 -6.55 -4.44
N VAL A 213 -15.86 -7.69 -3.92
CA VAL A 213 -15.44 -8.05 -2.54
C VAL A 213 -14.42 -9.20 -2.58
N ILE A 214 -13.68 -9.40 -1.53
CA ILE A 214 -12.68 -10.49 -1.51
C ILE A 214 -12.57 -11.08 -0.11
N SER A 215 -12.68 -12.38 0.00
CA SER A 215 -12.58 -13.02 1.35
C SER A 215 -11.89 -14.39 1.24
N GLY A 216 -11.02 -14.70 2.14
CA GLY A 216 -10.31 -16.02 2.09
C GLY A 216 -9.55 -16.24 3.39
N SER A 217 -8.83 -17.33 3.48
CA SER A 217 -8.06 -17.61 4.73
C SER A 217 -6.62 -17.98 4.39
N VAL A 218 -5.67 -17.33 5.00
CA VAL A 218 -4.25 -17.64 4.70
C VAL A 218 -3.71 -18.67 5.70
N LEU A 219 -2.84 -19.54 5.26
CA LEU A 219 -2.29 -20.58 6.19
C LEU A 219 -0.96 -21.10 5.66
N TYR A 220 -0.04 -21.38 6.55
CA TYR A 220 1.28 -21.92 6.10
C TYR A 220 1.30 -23.44 6.25
N ASN A 221 2.13 -24.10 5.48
CA ASN A 221 2.19 -25.59 5.57
C ASN A 221 2.89 -26.01 6.87
N GLN A 222 3.29 -25.07 7.67
CA GLN A 222 3.98 -25.42 8.94
C GLN A 222 2.98 -25.48 10.08
N ASP A 223 2.33 -24.39 10.34
CA ASP A 223 1.31 -24.37 11.44
C ASP A 223 0.70 -22.96 11.56
N GLU A 224 0.69 -22.21 10.50
CA GLU A 224 0.12 -20.83 10.58
C GLU A 224 -1.39 -20.87 10.33
N LYS A 225 -2.10 -19.89 10.85
CA LYS A 225 -3.57 -19.85 10.64
C LYS A 225 -4.04 -18.40 10.50
N GLY A 226 -3.80 -17.80 9.37
CA GLY A 226 -4.22 -16.39 9.17
C GLY A 226 -5.47 -16.32 8.31
N SER A 227 -6.02 -15.14 8.15
CA SER A 227 -7.24 -14.98 7.32
C SER A 227 -7.02 -13.90 6.26
N TYR A 228 -8.02 -13.62 5.47
CA TYR A 228 -7.85 -12.57 4.42
C TYR A 228 -9.21 -12.04 3.97
N SER A 229 -9.36 -10.74 3.98
CA SER A 229 -10.65 -10.13 3.54
C SER A 229 -10.38 -8.77 2.91
N LEU A 230 -10.76 -8.59 1.67
CA LEU A 230 -10.51 -7.27 1.01
C LEU A 230 -11.65 -6.90 0.07
N GLY A 231 -11.57 -5.75 -0.53
CA GLY A 231 -12.64 -5.31 -1.47
C GLY A 231 -11.99 -4.75 -2.73
N ILE A 232 -12.34 -5.25 -3.89
CA ILE A 232 -11.72 -4.74 -5.14
C ILE A 232 -12.57 -3.64 -5.77
N PHE A 233 -11.96 -2.78 -6.53
CA PHE A 233 -12.72 -1.68 -7.18
C PHE A 233 -12.45 -1.68 -8.70
N GLY A 234 -13.19 -2.48 -9.43
CA GLY A 234 -13.01 -2.56 -10.90
C GLY A 234 -13.97 -3.60 -11.47
N GLU A 235 -14.63 -3.31 -12.56
CA GLU A 235 -15.55 -4.32 -13.12
C GLU A 235 -14.93 -5.69 -12.91
N LYS A 236 -13.69 -5.80 -13.24
CA LYS A 236 -12.93 -7.06 -13.07
C LYS A 236 -11.53 -6.81 -13.61
N ALA A 237 -11.01 -5.63 -13.38
CA ALA A 237 -9.69 -5.30 -13.94
C ALA A 237 -9.14 -3.98 -13.37
N GLN A 238 -9.70 -3.47 -12.31
CA GLN A 238 -9.17 -2.18 -11.75
C GLN A 238 -8.12 -2.44 -10.67
N GLU A 239 -8.53 -2.40 -9.42
CA GLU A 239 -7.53 -2.63 -8.34
C GLU A 239 -8.18 -3.29 -7.12
N VAL A 240 -7.40 -3.65 -6.14
CA VAL A 240 -7.95 -4.30 -4.93
C VAL A 240 -7.19 -3.85 -3.68
N ALA A 241 -7.89 -3.50 -2.64
CA ALA A 241 -7.21 -3.06 -1.40
C ALA A 241 -7.99 -3.51 -0.16
N GLY A 242 -7.32 -3.93 0.87
CA GLY A 242 -8.04 -4.39 2.09
C GLY A 242 -7.03 -4.78 3.17
N SER A 243 -7.29 -5.84 3.87
CA SER A 243 -6.35 -6.29 4.94
C SER A 243 -6.55 -7.77 5.23
N ALA A 244 -5.84 -8.31 6.18
CA ALA A 244 -6.01 -9.75 6.52
C ALA A 244 -5.57 -10.00 7.97
N GLU A 245 -5.82 -11.18 8.47
CA GLU A 245 -5.43 -11.49 9.87
C GLU A 245 -4.49 -12.69 9.88
N VAL A 246 -3.49 -12.67 10.72
CA VAL A 246 -2.54 -13.82 10.76
C VAL A 246 -2.30 -14.27 12.20
N GLU A 247 -2.80 -15.41 12.56
CA GLU A 247 -2.60 -15.91 13.95
C GLU A 247 -1.43 -16.89 14.00
N THR A 248 -0.54 -16.72 14.93
CA THR A 248 0.63 -17.63 15.03
C THR A 248 0.32 -18.80 15.98
N ALA A 249 0.93 -18.82 17.13
CA ALA A 249 0.68 -19.91 18.11
C ALA A 249 0.44 -19.33 19.50
N ASN A 250 0.54 -18.03 19.62
CA ASN A 250 0.33 -17.39 20.95
C ASN A 250 0.09 -15.89 20.77
N GLY A 251 -0.29 -15.46 19.60
CA GLY A 251 -0.54 -14.02 19.37
C GLY A 251 -1.30 -13.84 18.05
N ILE A 252 -1.68 -12.63 17.74
CA ILE A 252 -2.43 -12.38 16.47
C ILE A 252 -1.90 -11.12 15.79
N HIS A 253 -1.56 -11.21 14.53
CA HIS A 253 -1.04 -10.03 13.81
C HIS A 253 -2.05 -9.56 12.75
N HIS A 254 -1.92 -8.35 12.31
CA HIS A 254 -2.87 -7.82 11.27
C HIS A 254 -2.10 -7.25 10.09
N ILE A 255 -2.35 -7.73 8.91
CA ILE A 255 -1.61 -7.21 7.72
C ILE A 255 -2.58 -6.57 6.73
N GLY A 256 -2.36 -5.33 6.38
CA GLY A 256 -3.25 -4.66 5.40
C GLY A 256 -2.75 -4.97 4.00
N LEU A 257 -3.61 -4.91 3.01
CA LEU A 257 -3.14 -5.22 1.63
C LEU A 257 -3.56 -4.13 0.64
N ALA A 258 -2.80 -3.96 -0.40
CA ALA A 258 -3.14 -2.93 -1.42
C ALA A 258 -2.58 -3.37 -2.78
N ALA A 259 -3.42 -3.74 -3.71
CA ALA A 259 -2.89 -4.20 -5.02
C ALA A 259 -3.77 -3.72 -6.16
N LYS A 260 -3.29 -3.87 -7.37
CA LYS A 260 -4.09 -3.43 -8.55
C LYS A 260 -4.42 -4.64 -9.43
N GLN A 261 -5.34 -4.48 -10.34
CA GLN A 261 -5.72 -5.62 -11.23
C GLN A 261 -5.52 -6.95 -10.51
N MET A 1 21.79 -23.67 -31.39
CA MET A 1 23.01 -23.13 -32.06
C MET A 1 22.70 -21.77 -32.71
N GLY A 2 22.00 -20.93 -32.01
CA GLY A 2 21.67 -19.59 -32.59
C GLY A 2 21.25 -18.64 -31.46
N SER A 3 22.16 -17.82 -31.00
CA SER A 3 21.82 -16.87 -29.91
C SER A 3 21.57 -15.47 -30.48
N SER A 4 20.39 -14.94 -30.30
CA SER A 4 20.10 -13.58 -30.84
C SER A 4 18.96 -12.94 -30.04
N GLY A 5 18.76 -11.66 -30.20
CA GLY A 5 17.67 -10.97 -29.45
C GLY A 5 16.34 -11.21 -30.16
N GLY A 6 15.46 -11.96 -29.55
CA GLY A 6 14.14 -12.23 -30.18
C GLY A 6 13.18 -11.07 -29.89
N GLY A 7 11.98 -11.37 -29.48
CA GLY A 7 11.01 -10.28 -29.19
C GLY A 7 11.26 -9.74 -27.77
N GLY A 8 12.19 -8.83 -27.64
CA GLY A 8 12.49 -8.27 -26.29
C GLY A 8 13.15 -6.90 -26.45
N SER A 9 13.18 -6.13 -25.39
CA SER A 9 13.80 -4.78 -25.49
C SER A 9 14.25 -4.30 -24.09
N GLY A 10 15.23 -3.46 -24.04
CA GLY A 10 15.71 -2.96 -22.71
C GLY A 10 14.77 -1.85 -22.22
N GLY A 11 14.83 -0.69 -22.82
CA GLY A 11 13.94 0.43 -22.39
C GLY A 11 12.51 0.13 -22.80
N GLY A 12 11.76 -0.52 -21.94
CA GLY A 12 10.35 -0.84 -22.29
C GLY A 12 9.51 0.43 -22.24
N GLY A 13 8.33 0.37 -21.66
CA GLY A 13 7.47 1.58 -21.58
C GLY A 13 7.63 2.23 -20.21
N VAL A 14 7.39 1.49 -19.16
CA VAL A 14 7.52 2.08 -17.80
C VAL A 14 8.95 2.59 -17.58
N THR A 15 9.33 2.83 -16.35
CA THR A 15 10.70 3.33 -16.07
C THR A 15 11.70 2.17 -16.10
N ALA A 16 12.97 2.47 -16.12
CA ALA A 16 14.00 1.38 -16.15
C ALA A 16 13.92 0.55 -14.86
N ASP A 17 13.04 0.90 -13.96
CA ASP A 17 12.93 0.14 -12.70
C ASP A 17 11.59 0.43 -12.02
N ILE A 18 10.51 0.02 -12.61
CA ILE A 18 9.18 0.28 -12.01
C ILE A 18 9.24 0.10 -10.50
N GLY A 19 10.10 -0.75 -10.04
CA GLY A 19 10.23 -0.99 -8.58
C GLY A 19 10.88 0.22 -7.92
N THR A 20 12.18 0.33 -7.99
CA THR A 20 12.88 1.49 -7.37
C THR A 20 12.47 2.79 -8.05
N GLY A 21 11.63 2.71 -9.06
CA GLY A 21 11.19 3.94 -9.77
C GLY A 21 10.32 4.79 -8.84
N LEU A 22 9.80 4.19 -7.80
CA LEU A 22 8.94 4.96 -6.86
C LEU A 22 9.75 6.09 -6.20
N ALA A 23 10.98 5.83 -5.86
CA ALA A 23 11.80 6.90 -5.22
C ALA A 23 11.84 8.13 -6.11
N ASP A 24 11.37 8.02 -7.32
CA ASP A 24 11.37 9.18 -8.24
C ASP A 24 10.02 9.90 -8.19
N ALA A 25 9.07 9.32 -7.52
CA ALA A 25 7.73 9.96 -7.42
C ALA A 25 7.76 11.09 -6.40
N LEU A 26 8.65 11.02 -5.45
CA LEU A 26 8.74 12.10 -4.42
C LEU A 26 9.76 13.15 -4.84
N THR A 27 10.81 12.74 -5.51
CA THR A 27 11.84 13.73 -5.94
C THR A 27 11.51 14.26 -7.33
N ALA A 28 10.51 13.70 -7.96
CA ALA A 28 10.12 14.17 -9.32
C ALA A 28 10.50 15.64 -9.51
N PRO A 29 11.71 15.85 -9.95
CA PRO A 29 12.22 17.22 -10.18
C PRO A 29 11.57 17.82 -11.43
N LEU A 30 10.80 18.86 -11.27
CA LEU A 30 10.14 19.49 -12.46
C LEU A 30 11.01 19.31 -13.70
N ASP A 31 10.42 18.91 -14.79
CA ASP A 31 11.20 18.71 -16.04
C ASP A 31 10.29 18.24 -17.18
N HIS A 32 10.59 18.63 -18.39
CA HIS A 32 9.74 18.21 -19.54
C HIS A 32 10.02 16.74 -19.89
N LYS A 33 10.96 16.13 -19.22
CA LYS A 33 11.29 14.72 -19.51
C LYS A 33 10.13 13.81 -19.12
N ASP A 34 9.09 14.37 -18.57
CA ASP A 34 7.91 13.54 -18.16
C ASP A 34 6.98 13.32 -19.35
N LYS A 35 6.14 12.32 -19.28
CA LYS A 35 5.20 12.07 -20.41
C LYS A 35 4.06 13.08 -20.40
N GLY A 36 3.85 13.73 -19.29
CA GLY A 36 2.75 14.74 -19.21
C GLY A 36 2.79 15.45 -17.86
N LEU A 37 1.91 15.10 -16.96
CA LEU A 37 1.91 15.76 -15.63
C LEU A 37 3.33 15.81 -15.06
N LYS A 38 3.66 16.88 -14.38
CA LYS A 38 5.03 17.00 -13.80
C LYS A 38 4.98 16.79 -12.29
N SER A 39 3.87 17.07 -11.67
CA SER A 39 3.76 16.88 -10.20
C SER A 39 2.39 17.37 -9.70
N LEU A 40 2.17 17.36 -8.42
CA LEU A 40 0.86 17.81 -7.88
C LEU A 40 1.01 18.32 -6.44
N THR A 41 0.54 19.50 -6.16
CA THR A 41 0.66 20.05 -4.78
C THR A 41 -0.62 19.81 -4.00
N LEU A 42 -0.52 19.36 -2.78
CA LEU A 42 -1.74 19.10 -1.97
C LEU A 42 -2.18 20.38 -1.25
N GLU A 43 -3.44 20.72 -1.33
CA GLU A 43 -3.92 21.96 -0.66
C GLU A 43 -3.14 22.20 0.62
N ASP A 44 -3.11 23.42 1.09
CA ASP A 44 -2.37 23.72 2.34
C ASP A 44 -2.98 22.97 3.53
N SER A 45 -3.16 21.68 3.40
CA SER A 45 -3.75 20.91 4.51
C SER A 45 -3.07 21.26 5.84
N ILE A 46 -1.77 21.14 5.90
CA ILE A 46 -1.05 21.49 7.15
C ILE A 46 -0.52 22.91 7.10
N SER A 47 0.48 23.21 7.88
CA SER A 47 1.06 24.58 7.88
C SER A 47 2.42 24.58 8.58
N GLN A 48 2.90 25.73 8.97
CA GLN A 48 4.21 25.78 9.67
C GLN A 48 4.21 24.85 10.88
N ASN A 49 3.06 24.37 11.25
CA ASN A 49 2.96 23.46 12.42
C ASN A 49 2.87 22.01 11.96
N GLY A 50 3.80 21.59 11.17
CA GLY A 50 3.77 20.18 10.67
C GLY A 50 4.98 19.94 9.76
N THR A 51 6.07 19.49 10.30
CA THR A 51 7.28 19.24 9.46
C THR A 51 7.59 17.75 9.42
N LEU A 52 7.88 17.22 8.27
CA LEU A 52 8.19 15.77 8.16
C LEU A 52 8.91 15.47 6.84
N THR A 53 9.72 14.45 6.81
CA THR A 53 10.45 14.11 5.55
C THR A 53 10.08 12.69 5.10
N LEU A 54 10.20 12.42 3.83
CA LEU A 54 9.85 11.05 3.33
C LEU A 54 10.92 10.58 2.34
N SER A 55 11.41 9.37 2.52
CA SER A 55 12.45 8.84 1.59
C SER A 55 11.98 7.54 0.96
N ALA A 56 12.40 7.27 -0.24
CA ALA A 56 11.96 6.01 -0.91
C ALA A 56 13.19 5.17 -1.31
N GLN A 57 12.98 4.10 -2.03
CA GLN A 57 14.12 3.25 -2.44
C GLN A 57 14.91 3.92 -3.57
N GLY A 58 15.15 5.19 -3.44
CA GLY A 58 15.90 5.92 -4.50
C GLY A 58 16.16 7.36 -4.05
N ALA A 59 15.16 8.03 -3.56
CA ALA A 59 15.34 9.43 -3.10
C ALA A 59 14.31 9.78 -2.03
N GLU A 60 14.38 10.97 -1.50
CA GLU A 60 13.39 11.37 -0.45
C GLU A 60 12.99 12.83 -0.64
N LYS A 61 11.90 13.24 -0.05
CA LYS A 61 11.44 14.65 -0.21
C LYS A 61 10.90 15.18 1.12
N THR A 62 10.98 16.46 1.34
CA THR A 62 10.47 17.04 2.62
C THR A 62 8.96 17.29 2.52
N TYR A 63 8.19 16.55 3.28
CA TYR A 63 6.71 16.74 3.24
C TYR A 63 6.24 17.56 4.44
N GLY A 64 4.99 17.93 4.48
CA GLY A 64 4.47 18.74 5.62
C GLY A 64 3.43 19.73 5.10
N ASN A 65 3.56 20.98 5.44
CA ASN A 65 2.59 21.99 4.97
C ASN A 65 2.67 22.13 3.45
N GLY A 66 1.54 22.14 2.78
CA GLY A 66 1.56 22.25 1.30
C GLY A 66 1.65 20.86 0.69
N ASP A 67 2.06 19.89 1.47
CA ASP A 67 2.17 18.50 0.94
C ASP A 67 2.41 18.51 -0.57
N SER A 68 3.64 18.38 -0.99
CA SER A 68 3.93 18.39 -2.45
C SER A 68 4.15 16.97 -2.96
N LEU A 69 3.53 16.61 -4.04
CA LEU A 69 3.71 15.23 -4.59
C LEU A 69 3.99 15.29 -6.10
N ASN A 70 5.24 15.22 -6.48
CA ASN A 70 5.57 15.27 -7.93
C ASN A 70 5.59 13.86 -8.53
N THR A 71 4.58 13.50 -9.27
CA THR A 71 4.55 12.14 -9.87
C THR A 71 4.51 12.24 -11.40
N GLY A 72 5.26 13.14 -11.97
CA GLY A 72 5.26 13.28 -13.45
C GLY A 72 5.70 11.97 -14.09
N LYS A 73 6.13 11.02 -13.30
CA LYS A 73 6.58 9.72 -13.87
C LYS A 73 5.57 8.62 -13.52
N LEU A 74 5.14 8.56 -12.29
CA LEU A 74 4.16 7.52 -11.88
C LEU A 74 3.18 7.23 -13.02
N LYS A 75 2.48 6.14 -12.93
CA LYS A 75 1.50 5.79 -14.00
C LYS A 75 0.10 5.66 -13.41
N ASN A 76 -0.57 4.56 -13.67
CA ASN A 76 -1.94 4.38 -13.12
C ASN A 76 -2.03 3.07 -12.34
N ASP A 77 -0.91 2.40 -12.16
CA ASP A 77 -0.93 1.11 -11.41
C ASP A 77 0.40 0.91 -10.67
N LYS A 78 0.65 1.71 -9.66
CA LYS A 78 1.93 1.57 -8.90
C LYS A 78 1.74 2.06 -7.46
N VAL A 79 2.57 1.62 -6.57
CA VAL A 79 2.45 2.06 -5.14
C VAL A 79 3.70 2.84 -4.72
N SER A 80 3.63 3.54 -3.63
CA SER A 80 4.81 4.32 -3.15
C SER A 80 4.88 4.31 -1.63
N ARG A 81 5.56 3.36 -1.06
CA ARG A 81 5.67 3.29 0.43
C ARG A 81 7.02 3.85 0.89
N PHE A 82 7.00 4.82 1.77
CA PHE A 82 8.28 5.39 2.26
C PHE A 82 8.17 5.76 3.74
N ASP A 83 9.28 5.88 4.42
CA ASP A 83 9.23 6.25 5.87
C ASP A 83 9.44 7.75 6.05
N PHE A 84 8.76 8.35 6.98
CA PHE A 84 8.93 9.81 7.20
C PHE A 84 8.80 10.13 8.69
N ILE A 85 8.72 11.39 9.03
CA ILE A 85 8.59 11.77 10.47
C ILE A 85 7.74 13.04 10.61
N ARG A 86 6.53 12.89 11.08
CA ARG A 86 5.65 14.09 11.25
C ARG A 86 5.83 14.68 12.65
N GLN A 87 6.53 15.77 12.76
CA GLN A 87 6.74 16.39 14.10
C GLN A 87 6.72 17.91 13.99
N ILE A 88 6.09 18.57 14.93
CA ILE A 88 6.04 20.06 14.89
C ILE A 88 6.58 20.63 16.20
N GLU A 89 7.71 21.30 16.15
CA GLU A 89 8.28 21.88 17.39
C GLU A 89 8.88 23.25 17.10
N VAL A 90 8.32 24.28 17.67
CA VAL A 90 8.86 25.65 17.43
C VAL A 90 9.65 26.13 18.66
N ASP A 91 10.34 27.22 18.55
CA ASP A 91 11.13 27.72 19.71
C ASP A 91 10.20 28.19 20.83
N GLY A 92 8.92 28.01 20.66
CA GLY A 92 7.96 28.44 21.72
C GLY A 92 6.53 28.13 21.27
N GLN A 93 6.31 26.98 20.69
CA GLN A 93 4.94 26.63 20.24
C GLN A 93 4.77 25.11 20.17
N LEU A 94 4.14 24.65 19.14
CA LEU A 94 3.91 23.18 19.00
C LEU A 94 5.19 22.41 19.31
N ILE A 95 5.07 21.14 19.62
CA ILE A 95 6.28 20.33 19.94
C ILE A 95 6.01 18.86 19.61
N THR A 96 5.00 18.58 18.82
CA THR A 96 4.68 17.17 18.48
C THR A 96 5.92 16.47 17.91
N LEU A 97 5.98 15.16 18.02
CA LEU A 97 7.16 14.42 17.49
C LEU A 97 6.81 12.94 17.32
N GLU A 98 6.44 12.53 16.13
CA GLU A 98 6.09 11.10 15.91
C GLU A 98 6.50 10.67 14.50
N SER A 99 7.20 9.58 14.39
CA SER A 99 7.62 9.10 13.04
C SER A 99 6.81 7.87 12.64
N GLY A 100 6.85 7.49 11.39
CA GLY A 100 6.06 6.30 10.95
C GLY A 100 6.38 5.99 9.49
N GLU A 101 5.58 5.17 8.86
CA GLU A 101 5.84 4.84 7.43
C GLU A 101 4.68 5.32 6.55
N PHE A 102 4.91 5.47 5.28
CA PHE A 102 3.83 5.94 4.37
C PHE A 102 3.55 4.90 3.28
N GLN A 103 2.31 4.74 2.90
CA GLN A 103 1.97 3.75 1.85
C GLN A 103 0.95 4.34 0.87
N VAL A 104 1.40 4.77 -0.28
CA VAL A 104 0.45 5.35 -1.27
C VAL A 104 0.30 4.44 -2.49
N TYR A 105 -0.89 3.98 -2.75
CA TYR A 105 -1.10 3.08 -3.92
C TYR A 105 -2.00 3.76 -4.96
N LYS A 106 -1.53 3.90 -6.17
CA LYS A 106 -2.38 4.55 -7.22
C LYS A 106 -2.91 3.52 -8.20
N GLN A 107 -4.18 3.54 -8.48
CA GLN A 107 -4.76 2.55 -9.42
C GLN A 107 -5.21 3.25 -10.71
N SER A 108 -6.33 2.87 -11.25
CA SER A 108 -6.82 3.50 -12.50
C SER A 108 -7.16 4.98 -12.24
N HIS A 109 -8.42 5.30 -12.16
CA HIS A 109 -8.82 6.72 -11.90
C HIS A 109 -8.81 7.01 -10.41
N SER A 110 -8.85 5.98 -9.59
CA SER A 110 -8.85 6.20 -8.12
C SER A 110 -7.50 5.81 -7.53
N ALA A 111 -7.44 5.58 -6.24
CA ALA A 111 -6.16 5.20 -5.60
C ALA A 111 -6.38 4.82 -4.14
N LEU A 112 -5.33 4.57 -3.41
CA LEU A 112 -5.48 4.21 -1.97
C LEU A 112 -4.22 4.57 -1.19
N THR A 113 -4.36 5.30 -0.13
CA THR A 113 -3.16 5.69 0.68
C THR A 113 -3.15 4.94 2.01
N ALA A 114 -2.07 5.01 2.73
CA ALA A 114 -1.99 4.31 4.04
C ALA A 114 -0.87 4.91 4.89
N LEU A 115 -1.18 5.34 6.08
CA LEU A 115 -0.13 5.93 6.95
C LEU A 115 0.19 4.99 8.12
N GLN A 116 1.44 4.88 8.48
CA GLN A 116 1.81 3.98 9.60
C GLN A 116 2.75 4.70 10.58
N THR A 117 2.69 4.37 11.83
CA THR A 117 3.57 5.04 12.83
C THR A 117 4.57 4.03 13.42
N GLU A 118 5.58 4.50 14.10
CA GLU A 118 6.58 3.57 14.69
C GLU A 118 7.04 4.08 16.05
N GLN A 119 7.33 5.35 16.16
CA GLN A 119 7.80 5.90 17.47
C GLN A 119 6.83 6.97 17.97
N GLU A 120 6.79 7.19 19.26
CA GLU A 120 5.85 8.22 19.81
C GLU A 120 6.65 9.35 20.49
N GLN A 121 5.94 10.30 21.05
CA GLN A 121 6.61 11.44 21.72
C GLN A 121 6.25 11.45 23.21
N ASP A 122 7.09 12.00 24.05
CA ASP A 122 6.77 12.00 25.51
C ASP A 122 6.61 13.43 26.05
N PRO A 123 6.23 13.47 27.30
CA PRO A 123 5.98 14.74 28.02
C PRO A 123 7.22 15.16 28.82
N GLU A 124 7.48 14.48 29.92
CA GLU A 124 8.67 14.82 30.77
C GLU A 124 9.56 15.77 30.03
N HIS A 125 10.01 15.32 28.90
CA HIS A 125 10.85 16.13 28.02
C HIS A 125 10.21 16.03 26.64
N SER A 126 9.19 16.79 26.42
CA SER A 126 8.44 16.76 25.13
C SER A 126 9.31 16.18 24.01
N GLU A 127 10.59 16.37 24.07
CA GLU A 127 11.47 15.80 23.02
C GLU A 127 11.76 14.32 23.30
N LYS A 128 11.12 13.73 24.28
CA LYS A 128 11.39 12.30 24.56
C LYS A 128 10.79 11.42 23.46
N MET A 129 10.54 10.18 23.77
CA MET A 129 9.96 9.28 22.73
C MET A 129 9.22 8.12 23.38
N VAL A 130 8.15 7.68 22.78
CA VAL A 130 7.37 6.54 23.34
C VAL A 130 7.30 5.41 22.31
N ALA A 131 6.61 4.36 22.61
CA ALA A 131 6.51 3.24 21.63
C ALA A 131 5.05 2.93 21.32
N LYS A 132 4.64 3.13 20.10
CA LYS A 132 3.22 2.85 19.73
C LYS A 132 3.11 2.52 18.24
N ARG A 133 2.28 1.58 17.89
CA ARG A 133 2.13 1.21 16.46
C ARG A 133 0.79 1.71 15.92
N ARG A 134 0.79 2.74 15.12
CA ARG A 134 -0.49 3.26 14.57
C ARG A 134 -0.50 3.14 13.05
N PHE A 135 -1.43 2.41 12.50
CA PHE A 135 -1.49 2.25 11.02
C PHE A 135 -2.84 2.73 10.49
N ARG A 136 -2.86 3.80 9.74
CA ARG A 136 -4.14 4.31 9.19
C ARG A 136 -4.24 3.96 7.70
N ILE A 137 -5.41 4.12 7.13
CA ILE A 137 -5.57 3.79 5.68
C ILE A 137 -6.24 4.95 4.95
N GLY A 138 -5.48 5.78 4.29
CA GLY A 138 -6.08 6.94 3.56
C GLY A 138 -6.58 6.46 2.19
N ASP A 139 -7.05 5.25 2.12
CA ASP A 139 -7.56 4.72 0.82
C ASP A 139 -8.58 5.69 0.22
N ILE A 140 -8.66 5.76 -1.08
CA ILE A 140 -9.63 6.68 -1.73
C ILE A 140 -10.45 5.94 -2.77
N ALA A 141 -10.93 4.76 -2.44
CA ALA A 141 -11.74 3.99 -3.42
C ALA A 141 -12.97 4.80 -3.84
N GLY A 142 -13.27 4.85 -5.11
CA GLY A 142 -14.45 5.62 -5.57
C GLY A 142 -14.92 5.08 -6.92
N GLU A 143 -14.48 3.91 -7.29
CA GLU A 143 -14.90 3.33 -8.59
C GLU A 143 -16.20 2.54 -8.41
N HIS A 144 -16.51 1.68 -9.34
CA HIS A 144 -17.76 0.87 -9.22
C HIS A 144 -17.42 -0.51 -8.66
N THR A 145 -17.44 -0.65 -7.36
CA THR A 145 -17.13 -1.97 -6.76
C THR A 145 -17.95 -3.07 -7.41
N SER A 146 -18.96 -2.71 -8.14
CA SER A 146 -19.82 -3.73 -8.81
C SER A 146 -19.09 -4.31 -10.02
N PHE A 147 -18.78 -5.57 -10.00
CA PHE A 147 -18.06 -6.17 -11.17
C PHE A 147 -18.93 -6.00 -12.43
N ASP A 148 -20.14 -5.53 -12.26
CA ASP A 148 -21.03 -5.35 -13.45
C ASP A 148 -20.39 -4.37 -14.44
N LYS A 149 -19.60 -3.47 -13.94
CA LYS A 149 -18.92 -2.49 -14.85
C LYS A 149 -17.66 -3.14 -15.43
N LEU A 150 -17.69 -4.43 -15.57
CA LEU A 150 -16.53 -5.18 -16.13
C LEU A 150 -16.86 -6.66 -16.13
N PRO A 151 -17.91 -6.98 -16.83
CA PRO A 151 -18.40 -8.36 -16.92
C PRO A 151 -17.61 -9.15 -17.95
N LYS A 152 -16.92 -10.15 -17.48
CA LYS A 152 -16.11 -10.99 -18.37
C LYS A 152 -15.61 -12.19 -17.57
N ASP A 153 -16.34 -13.28 -17.63
CA ASP A 153 -15.96 -14.51 -16.87
C ASP A 153 -14.53 -14.88 -17.23
N VAL A 154 -13.65 -13.97 -17.01
CA VAL A 154 -12.23 -14.17 -17.34
C VAL A 154 -11.38 -14.26 -16.08
N MET A 155 -10.19 -14.78 -16.18
CA MET A 155 -9.32 -14.89 -14.98
C MET A 155 -8.78 -13.51 -14.60
N ALA A 156 -9.31 -12.91 -13.56
CA ALA A 156 -8.83 -11.57 -13.15
C ALA A 156 -7.67 -11.68 -12.15
N THR A 157 -6.47 -11.45 -12.60
CA THR A 157 -5.31 -11.54 -11.67
C THR A 157 -5.23 -10.28 -10.81
N TYR A 158 -4.62 -10.35 -9.66
CA TYR A 158 -4.54 -9.15 -8.79
C TYR A 158 -3.17 -9.08 -8.09
N ARG A 159 -2.62 -7.90 -7.98
CA ARG A 159 -1.30 -7.76 -7.30
C ARG A 159 -1.22 -6.38 -6.66
N GLY A 160 -0.74 -6.28 -5.44
CA GLY A 160 -0.68 -4.94 -4.80
C GLY A 160 0.24 -4.96 -3.58
N THR A 161 0.00 -4.07 -2.67
CA THR A 161 0.86 -4.02 -1.45
C THR A 161 0.01 -4.23 -0.20
N ALA A 162 0.62 -4.69 0.86
CA ALA A 162 -0.13 -4.92 2.11
C ALA A 162 0.66 -4.38 3.30
N PHE A 163 0.12 -4.52 4.48
CA PHE A 163 0.84 -4.04 5.69
C PHE A 163 0.35 -4.84 6.91
N GLY A 164 1.24 -5.33 7.73
CA GLY A 164 0.81 -6.12 8.91
C GLY A 164 0.45 -5.19 10.07
N SER A 165 -0.53 -5.58 10.85
CA SER A 165 -0.95 -4.73 12.01
C SER A 165 0.23 -3.92 12.54
N ASP A 166 0.84 -4.38 13.58
CA ASP A 166 2.00 -3.65 14.16
C ASP A 166 3.05 -3.37 13.08
N ASP A 167 2.89 -3.95 11.94
CA ASP A 167 3.86 -3.73 10.84
C ASP A 167 3.30 -2.71 9.86
N ALA A 168 4.10 -2.26 8.92
CA ALA A 168 3.61 -1.27 7.93
C ALA A 168 3.98 -1.74 6.55
N GLY A 169 4.41 -2.96 6.44
CA GLY A 169 4.80 -3.51 5.11
C GLY A 169 4.10 -4.84 4.88
N GLY A 170 3.79 -5.12 3.65
CA GLY A 170 3.10 -6.39 3.30
C GLY A 170 2.91 -6.45 1.78
N LYS A 171 2.67 -7.61 1.24
CA LYS A 171 2.47 -7.73 -0.24
C LYS A 171 1.28 -8.66 -0.51
N LEU A 172 0.51 -8.38 -1.53
CA LEU A 172 -0.67 -9.26 -1.79
C LEU A 172 -0.81 -9.59 -3.27
N THR A 173 -0.40 -10.76 -3.67
CA THR A 173 -0.55 -11.17 -5.09
C THR A 173 -1.70 -12.17 -5.17
N TYR A 174 -2.74 -11.87 -5.90
CA TYR A 174 -3.89 -12.80 -5.94
C TYR A 174 -4.30 -13.16 -7.37
N THR A 175 -4.83 -14.34 -7.54
CA THR A 175 -5.33 -14.78 -8.87
C THR A 175 -6.83 -14.99 -8.74
N ILE A 176 -7.61 -14.03 -9.13
CA ILE A 176 -9.08 -14.17 -8.96
C ILE A 176 -9.80 -14.32 -10.28
N ASP A 177 -10.49 -15.41 -10.47
CA ASP A 177 -11.27 -15.60 -11.73
C ASP A 177 -12.45 -14.62 -11.69
N PHE A 178 -12.99 -14.28 -12.83
CA PHE A 178 -14.12 -13.30 -12.87
C PHE A 178 -15.05 -13.43 -11.67
N ALA A 179 -15.91 -12.45 -11.48
CA ALA A 179 -16.86 -12.47 -10.33
C ALA A 179 -17.40 -13.87 -10.08
N ALA A 180 -18.18 -14.38 -11.00
CA ALA A 180 -18.75 -15.74 -10.80
C ALA A 180 -17.65 -16.80 -10.97
N LYS A 181 -16.51 -16.56 -10.40
CA LYS A 181 -15.39 -17.53 -10.53
C LYS A 181 -14.66 -17.72 -9.19
N GLN A 182 -13.60 -17.01 -8.95
CA GLN A 182 -12.88 -17.20 -7.66
C GLN A 182 -11.95 -16.03 -7.35
N GLY A 183 -11.30 -16.06 -6.20
CA GLY A 183 -10.36 -14.95 -5.85
C GLY A 183 -9.42 -15.42 -4.73
N HIS A 184 -8.26 -15.91 -5.08
CA HIS A 184 -7.31 -16.38 -4.03
C HIS A 184 -5.88 -15.98 -4.41
N GLY A 185 -5.00 -15.85 -3.45
CA GLY A 185 -3.61 -15.46 -3.79
C GLY A 185 -2.64 -15.92 -2.70
N LYS A 186 -1.57 -15.19 -2.52
CA LYS A 186 -0.58 -15.56 -1.47
C LYS A 186 -0.22 -14.32 -0.65
N ILE A 187 -0.06 -14.47 0.64
CA ILE A 187 0.28 -13.27 1.46
C ILE A 187 1.79 -13.12 1.54
N GLU A 188 2.29 -11.99 1.11
CA GLU A 188 3.76 -11.77 1.15
C GLU A 188 4.12 -10.90 2.35
N HIS A 189 4.02 -11.45 3.52
CA HIS A 189 4.35 -10.67 4.74
C HIS A 189 5.77 -11.01 5.21
N LEU A 190 6.67 -10.08 5.06
CA LEU A 190 8.08 -10.33 5.48
C LEU A 190 8.14 -10.89 6.89
N LYS A 191 8.14 -10.02 7.86
CA LYS A 191 8.22 -10.45 9.28
C LYS A 191 6.91 -11.10 9.74
N SER A 192 6.06 -11.45 8.83
CA SER A 192 4.76 -12.08 9.23
C SER A 192 4.99 -13.16 10.31
N PRO A 193 4.04 -14.03 10.50
CA PRO A 193 4.20 -15.09 11.54
C PRO A 193 5.28 -16.09 11.12
N GLU A 194 6.06 -15.77 10.11
CA GLU A 194 7.14 -16.69 9.67
C GLU A 194 7.88 -16.09 8.48
N LEU A 195 7.16 -15.69 7.47
CA LEU A 195 7.81 -15.10 6.26
C LEU A 195 6.75 -14.83 5.21
N ASN A 196 5.71 -15.61 5.23
CA ASN A 196 4.59 -15.46 4.25
C ASN A 196 3.54 -16.54 4.51
N VAL A 197 2.60 -16.71 3.62
CA VAL A 197 1.56 -17.77 3.85
C VAL A 197 0.74 -18.00 2.58
N ASP A 198 0.04 -19.11 2.52
CA ASP A 198 -0.80 -19.40 1.32
C ASP A 198 -2.16 -18.72 1.43
N LEU A 199 -2.48 -17.86 0.51
CA LEU A 199 -3.79 -17.15 0.57
C LEU A 199 -4.84 -17.83 -0.32
N ALA A 200 -5.96 -18.18 0.25
CA ALA A 200 -7.04 -18.81 -0.55
C ALA A 200 -8.37 -18.11 -0.26
N VAL A 201 -8.98 -17.52 -1.26
CA VAL A 201 -10.26 -16.81 -1.02
C VAL A 201 -11.22 -16.95 -2.21
N ALA A 202 -12.49 -16.78 -1.96
CA ALA A 202 -13.48 -16.90 -3.07
C ALA A 202 -14.08 -15.52 -3.37
N TYR A 203 -14.46 -15.27 -4.59
CA TYR A 203 -15.04 -13.95 -4.93
C TYR A 203 -16.58 -13.99 -4.85
N ILE A 204 -17.17 -13.00 -4.25
CA ILE A 204 -18.66 -12.98 -4.14
C ILE A 204 -19.22 -11.77 -4.87
N LYS A 205 -20.14 -11.97 -5.77
CA LYS A 205 -20.73 -10.83 -6.53
C LYS A 205 -21.83 -10.14 -5.70
N PRO A 206 -22.53 -10.93 -4.92
CA PRO A 206 -23.63 -10.38 -4.09
C PRO A 206 -23.06 -9.68 -2.85
N ASP A 207 -22.25 -8.68 -3.04
CA ASP A 207 -21.67 -7.95 -1.87
C ASP A 207 -22.74 -7.03 -1.27
N GLU A 208 -22.34 -5.90 -0.74
CA GLU A 208 -23.35 -4.97 -0.16
C GLU A 208 -24.51 -4.80 -1.13
N LYS A 209 -24.29 -5.11 -2.37
CA LYS A 209 -25.37 -4.99 -3.40
C LYS A 209 -24.93 -5.72 -4.67
N HIS A 210 -23.81 -5.34 -5.21
CA HIS A 210 -23.30 -5.99 -6.45
C HIS A 210 -21.79 -5.77 -6.60
N HIS A 211 -21.14 -5.33 -5.55
CA HIS A 211 -19.67 -5.09 -5.62
C HIS A 211 -18.91 -6.41 -5.51
N ALA A 212 -17.65 -6.44 -5.87
CA ALA A 212 -16.89 -7.70 -5.74
C ALA A 212 -16.31 -7.82 -4.33
N VAL A 213 -16.38 -8.98 -3.74
CA VAL A 213 -15.85 -9.15 -2.37
C VAL A 213 -14.79 -10.26 -2.34
N ILE A 214 -13.92 -10.23 -1.36
CA ILE A 214 -12.86 -11.27 -1.27
C ILE A 214 -12.87 -11.88 0.13
N SER A 215 -13.37 -13.07 0.29
CA SER A 215 -13.39 -13.70 1.64
C SER A 215 -12.72 -15.07 1.60
N GLY A 216 -11.68 -15.26 2.37
CA GLY A 216 -10.98 -16.58 2.38
C GLY A 216 -10.11 -16.69 3.63
N SER A 217 -9.14 -17.55 3.61
CA SER A 217 -8.25 -17.70 4.79
C SER A 217 -6.78 -17.79 4.38
N VAL A 218 -5.92 -17.08 5.06
CA VAL A 218 -4.48 -17.12 4.71
C VAL A 218 -3.78 -18.18 5.58
N LEU A 219 -3.16 -19.14 4.98
CA LEU A 219 -2.47 -20.19 5.79
C LEU A 219 -1.36 -20.86 4.99
N TYR A 220 -0.47 -21.55 5.65
CA TYR A 220 0.64 -22.25 4.93
C TYR A 220 0.27 -23.71 4.69
N ASN A 221 0.85 -24.33 3.71
CA ASN A 221 0.54 -25.76 3.43
C ASN A 221 0.30 -26.52 4.72
N GLN A 222 0.85 -26.04 5.80
CA GLN A 222 0.65 -26.73 7.11
C GLN A 222 1.31 -25.93 8.23
N ASP A 223 1.18 -24.63 8.21
CA ASP A 223 1.81 -23.80 9.27
C ASP A 223 0.87 -22.67 9.71
N GLU A 224 1.30 -21.44 9.58
CA GLU A 224 0.45 -20.30 10.00
C GLU A 224 -1.04 -20.60 9.81
N LYS A 225 -1.89 -19.85 10.47
CA LYS A 225 -3.36 -20.06 10.34
C LYS A 225 -4.05 -18.70 10.37
N GLY A 226 -4.00 -17.98 9.28
CA GLY A 226 -4.63 -16.64 9.24
C GLY A 226 -5.93 -16.66 8.43
N SER A 227 -6.63 -15.57 8.41
CA SER A 227 -7.90 -15.49 7.64
C SER A 227 -7.81 -14.38 6.60
N TYR A 228 -8.67 -14.39 5.61
CA TYR A 228 -8.60 -13.32 4.57
C TYR A 228 -9.97 -12.68 4.33
N SER A 229 -10.04 -11.38 4.36
CA SER A 229 -11.33 -10.69 4.13
C SER A 229 -11.08 -9.34 3.44
N LEU A 230 -11.56 -9.18 2.24
CA LEU A 230 -11.33 -7.88 1.52
C LEU A 230 -12.45 -7.62 0.50
N GLY A 231 -12.41 -6.48 -0.14
CA GLY A 231 -13.45 -6.16 -1.16
C GLY A 231 -12.78 -5.70 -2.46
N ILE A 232 -13.32 -6.06 -3.58
CA ILE A 232 -12.68 -5.65 -4.87
C ILE A 232 -13.62 -4.76 -5.70
N PHE A 233 -13.07 -3.73 -6.28
CA PHE A 233 -13.87 -2.79 -7.12
C PHE A 233 -13.07 -2.41 -8.36
N GLY A 234 -13.73 -2.12 -9.45
CA GLY A 234 -12.97 -1.74 -10.68
C GLY A 234 -13.91 -1.48 -11.85
N GLU A 235 -14.78 -0.50 -11.76
CA GLU A 235 -15.67 -0.23 -12.92
C GLU A 235 -14.84 -0.40 -14.20
N LYS A 236 -13.58 -0.16 -14.07
CA LYS A 236 -12.63 -0.30 -15.20
C LYS A 236 -11.24 -0.42 -14.57
N ALA A 237 -11.22 -0.91 -13.36
CA ALA A 237 -9.97 -1.06 -12.60
C ALA A 237 -10.10 -2.26 -11.66
N GLN A 238 -9.86 -3.44 -12.18
CA GLN A 238 -9.96 -4.68 -11.36
C GLN A 238 -9.03 -4.59 -10.15
N GLU A 239 -9.18 -3.56 -9.38
CA GLU A 239 -8.31 -3.40 -8.17
C GLU A 239 -9.10 -3.75 -6.91
N VAL A 240 -8.42 -4.13 -5.85
CA VAL A 240 -9.14 -4.50 -4.61
C VAL A 240 -8.31 -4.14 -3.37
N ALA A 241 -8.95 -3.83 -2.28
CA ALA A 241 -8.20 -3.49 -1.05
C ALA A 241 -8.95 -3.98 0.17
N GLY A 242 -8.24 -4.34 1.22
CA GLY A 242 -8.95 -4.83 2.44
C GLY A 242 -7.93 -5.19 3.52
N SER A 243 -8.25 -6.13 4.37
CA SER A 243 -7.31 -6.53 5.44
C SER A 243 -7.65 -7.95 5.92
N ALA A 244 -6.68 -8.81 6.01
CA ALA A 244 -6.96 -10.20 6.45
C ALA A 244 -6.47 -10.41 7.88
N GLU A 245 -6.97 -11.42 8.55
CA GLU A 245 -6.52 -11.69 9.93
C GLU A 245 -5.48 -12.82 9.92
N VAL A 246 -4.52 -12.76 10.80
CA VAL A 246 -3.48 -13.83 10.81
C VAL A 246 -3.20 -14.30 12.25
N GLU A 247 -3.38 -15.57 12.51
CA GLU A 247 -3.11 -16.08 13.88
C GLU A 247 -1.97 -17.11 13.84
N THR A 248 -0.99 -16.94 14.69
CA THR A 248 0.15 -17.90 14.70
C THR A 248 0.08 -18.79 15.96
N ALA A 249 1.08 -19.59 16.19
CA ALA A 249 1.06 -20.47 17.38
C ALA A 249 1.21 -19.62 18.66
N ASN A 250 1.36 -18.34 18.51
CA ASN A 250 1.52 -17.46 19.70
C ASN A 250 1.69 -16.01 19.26
N GLY A 251 0.94 -15.57 18.29
CA GLY A 251 1.06 -14.15 17.82
C GLY A 251 -0.12 -13.80 16.94
N ILE A 252 -1.14 -13.17 17.48
CA ILE A 252 -2.31 -12.80 16.67
C ILE A 252 -2.13 -11.39 16.08
N HIS A 253 -2.45 -11.23 14.82
CA HIS A 253 -2.28 -9.88 14.20
C HIS A 253 -3.07 -9.82 12.88
N HIS A 254 -3.36 -8.63 12.41
CA HIS A 254 -4.12 -8.51 11.13
C HIS A 254 -3.25 -7.84 10.06
N ILE A 255 -3.43 -8.22 8.83
CA ILE A 255 -2.62 -7.60 7.74
C ILE A 255 -3.52 -6.84 6.76
N GLY A 256 -3.31 -5.57 6.60
CA GLY A 256 -4.16 -4.78 5.65
C GLY A 256 -3.57 -4.91 4.25
N LEU A 257 -4.40 -5.08 3.26
CA LEU A 257 -3.87 -5.24 1.88
C LEU A 257 -4.44 -4.18 0.94
N ALA A 258 -3.73 -3.89 -0.12
CA ALA A 258 -4.22 -2.88 -1.11
C ALA A 258 -3.62 -3.21 -2.47
N ALA A 259 -4.41 -3.65 -3.41
CA ALA A 259 -3.83 -4.01 -4.73
C ALA A 259 -4.75 -3.64 -5.89
N LYS A 260 -4.21 -3.57 -7.07
CA LYS A 260 -5.03 -3.23 -8.27
C LYS A 260 -5.00 -4.39 -9.26
N GLN A 261 -5.94 -4.43 -10.16
CA GLN A 261 -5.96 -5.54 -11.16
C GLN A 261 -4.55 -6.03 -11.45
N MET A 1 -2.97 -15.12 -39.35
CA MET A 1 -4.11 -14.25 -38.93
C MET A 1 -5.05 -15.03 -38.01
N GLY A 2 -5.49 -16.18 -38.42
CA GLY A 2 -6.40 -16.99 -37.55
C GLY A 2 -6.05 -18.47 -37.68
N SER A 3 -5.11 -18.93 -36.90
CA SER A 3 -4.72 -20.36 -36.96
C SER A 3 -5.34 -21.14 -35.79
N SER A 4 -4.93 -22.36 -35.59
CA SER A 4 -5.50 -23.16 -34.47
C SER A 4 -4.52 -23.20 -33.30
N GLY A 5 -3.25 -23.19 -33.57
CA GLY A 5 -2.25 -23.23 -32.47
C GLY A 5 -2.22 -21.88 -31.76
N GLY A 6 -1.41 -21.74 -30.74
CA GLY A 6 -1.34 -20.44 -30.00
C GLY A 6 -0.53 -19.43 -30.83
N GLY A 7 -0.53 -18.20 -30.41
CA GLY A 7 0.24 -17.16 -31.17
C GLY A 7 1.63 -17.00 -30.55
N GLY A 8 2.04 -15.78 -30.31
CA GLY A 8 3.38 -15.56 -29.71
C GLY A 8 3.24 -15.36 -28.20
N SER A 9 3.83 -14.33 -27.67
CA SER A 9 3.74 -14.09 -26.19
C SER A 9 3.87 -12.59 -25.89
N GLY A 10 3.54 -12.19 -24.70
CA GLY A 10 3.64 -10.74 -24.35
C GLY A 10 3.71 -10.59 -22.83
N GLY A 11 3.72 -9.38 -22.35
CA GLY A 11 3.78 -9.16 -20.87
C GLY A 11 3.37 -7.72 -20.55
N GLY A 12 4.32 -6.86 -20.30
CA GLY A 12 3.98 -5.45 -19.98
C GLY A 12 5.19 -4.55 -20.28
N GLY A 13 5.35 -3.50 -19.53
CA GLY A 13 6.50 -2.58 -19.78
C GLY A 13 6.47 -1.44 -18.78
N VAL A 14 6.53 -1.73 -17.51
CA VAL A 14 6.50 -0.66 -16.48
C VAL A 14 7.67 0.31 -16.69
N THR A 15 7.99 1.09 -15.70
CA THR A 15 9.11 2.06 -15.84
C THR A 15 10.45 1.30 -15.87
N ALA A 16 11.51 1.97 -16.21
CA ALA A 16 12.84 1.29 -16.26
C ALA A 16 13.25 0.84 -14.85
N ASP A 17 12.44 1.11 -13.87
CA ASP A 17 12.78 0.69 -12.49
C ASP A 17 11.53 0.71 -11.61
N ILE A 18 10.59 -0.16 -11.87
CA ILE A 18 9.34 -0.19 -11.06
C ILE A 18 9.67 0.05 -9.58
N GLY A 19 10.84 -0.34 -9.17
CA GLY A 19 11.25 -0.15 -7.75
C GLY A 19 11.42 1.34 -7.47
N THR A 20 12.53 1.91 -7.87
CA THR A 20 12.76 3.35 -7.61
C THR A 20 11.73 4.20 -8.36
N GLY A 21 10.86 3.57 -9.10
CA GLY A 21 9.82 4.34 -9.85
C GLY A 21 9.20 5.40 -8.94
N LEU A 22 9.17 5.14 -7.66
CA LEU A 22 8.58 6.13 -6.71
C LEU A 22 9.66 7.09 -6.19
N ALA A 23 10.86 6.60 -6.02
CA ALA A 23 11.95 7.48 -5.51
C ALA A 23 12.09 8.70 -6.42
N ASP A 24 11.44 8.69 -7.54
CA ASP A 24 11.53 9.85 -8.47
C ASP A 24 10.37 10.81 -8.23
N ALA A 25 9.44 10.42 -7.41
CA ALA A 25 8.27 11.30 -7.12
C ALA A 25 8.60 12.26 -5.97
N LEU A 26 9.64 11.97 -5.23
CA LEU A 26 10.01 12.86 -4.10
C LEU A 26 11.27 13.66 -4.45
N THR A 27 11.95 13.30 -5.51
CA THR A 27 13.17 14.04 -5.90
C THR A 27 12.93 14.84 -7.19
N ALA A 28 11.80 14.61 -7.81
CA ALA A 28 11.49 15.35 -9.07
C ALA A 28 10.18 16.12 -8.92
N PRO A 29 10.30 17.37 -8.59
CA PRO A 29 9.11 18.23 -8.41
C PRO A 29 8.48 18.57 -9.76
N LEU A 30 7.53 19.46 -9.78
CA LEU A 30 6.89 19.84 -11.07
C LEU A 30 7.91 19.79 -12.20
N ASP A 31 7.50 19.34 -13.36
CA ASP A 31 8.46 19.27 -14.51
C ASP A 31 7.69 19.10 -15.83
N HIS A 32 7.90 19.98 -16.77
CA HIS A 32 7.18 19.87 -18.07
C HIS A 32 7.62 18.59 -18.79
N LYS A 33 8.53 17.86 -18.22
CA LYS A 33 9.00 16.61 -18.88
C LYS A 33 7.88 15.57 -18.91
N ASP A 34 6.74 15.90 -18.36
CA ASP A 34 5.60 14.94 -18.35
C ASP A 34 4.70 15.18 -19.56
N LYS A 35 3.83 14.26 -19.86
CA LYS A 35 2.93 14.44 -21.03
C LYS A 35 1.47 14.57 -20.56
N GLY A 36 1.24 14.45 -19.27
CA GLY A 36 -0.15 14.56 -18.75
C GLY A 36 -0.13 15.24 -17.38
N LEU A 37 -0.44 14.52 -16.35
CA LEU A 37 -0.44 15.11 -14.98
C LEU A 37 0.99 15.38 -14.53
N LYS A 38 1.24 16.50 -13.90
CA LYS A 38 2.62 16.82 -13.43
C LYS A 38 2.77 16.45 -11.95
N SER A 39 1.69 16.50 -11.20
CA SER A 39 1.78 16.15 -9.75
C SER A 39 0.43 16.38 -9.08
N LEU A 40 0.36 16.20 -7.79
CA LEU A 40 -0.93 16.41 -7.07
C LEU A 40 -0.67 16.79 -5.61
N THR A 41 -1.37 17.77 -5.10
CA THR A 41 -1.16 18.18 -3.69
C THR A 41 -1.89 17.22 -2.74
N LEU A 42 -1.43 17.10 -1.53
CA LEU A 42 -2.10 16.19 -0.56
C LEU A 42 -3.31 16.88 0.07
N GLU A 43 -3.79 16.36 1.17
CA GLU A 43 -4.96 17.00 1.83
C GLU A 43 -4.52 17.81 3.05
N ASP A 44 -3.91 17.17 4.01
CA ASP A 44 -3.46 17.91 5.23
C ASP A 44 -2.57 17.00 6.09
N SER A 45 -1.97 16.00 5.51
CA SER A 45 -1.10 15.09 6.31
C SER A 45 -0.47 15.85 7.47
N ILE A 46 0.00 17.04 7.22
CA ILE A 46 0.64 17.84 8.31
C ILE A 46 -0.38 18.84 8.88
N SER A 47 0.10 19.87 9.52
CA SER A 47 -0.83 20.87 10.09
C SER A 47 -0.05 22.04 10.72
N GLN A 48 -0.68 22.77 11.60
CA GLN A 48 0.02 23.91 12.26
C GLN A 48 1.23 23.42 13.06
N ASN A 49 1.42 22.13 13.11
CA ASN A 49 2.57 21.59 13.87
C ASN A 49 3.87 22.14 13.28
N GLY A 50 4.39 21.49 12.30
CA GLY A 50 5.65 21.96 11.65
C GLY A 50 5.81 21.30 10.28
N THR A 51 6.58 20.26 10.21
CA THR A 51 6.78 19.56 8.90
C THR A 51 7.15 18.10 9.12
N LEU A 52 7.31 17.35 8.06
CA LEU A 52 7.68 15.92 8.20
C LEU A 52 8.49 15.46 6.99
N THR A 53 9.67 14.95 7.23
CA THR A 53 10.52 14.49 6.08
C THR A 53 10.14 13.06 5.69
N LEU A 54 10.23 12.73 4.43
CA LEU A 54 9.88 11.35 3.99
C LEU A 54 10.88 10.86 2.94
N SER A 55 11.43 9.69 3.13
CA SER A 55 12.42 9.15 2.16
C SER A 55 11.82 7.96 1.40
N ALA A 56 12.08 7.87 0.13
CA ALA A 56 11.52 6.73 -0.67
C ALA A 56 12.63 5.73 -1.01
N GLN A 57 12.33 4.73 -1.79
CA GLN A 57 13.37 3.73 -2.16
C GLN A 57 14.34 4.33 -3.18
N GLY A 58 14.76 5.55 -2.96
CA GLY A 58 15.71 6.18 -3.92
C GLY A 58 16.04 7.60 -3.44
N ALA A 59 15.07 8.32 -2.95
CA ALA A 59 15.33 9.70 -2.47
C ALA A 59 14.29 10.10 -1.41
N GLU A 60 14.43 11.27 -0.85
CA GLU A 60 13.45 11.71 0.18
C GLU A 60 13.08 13.19 -0.04
N LYS A 61 12.03 13.64 0.59
CA LYS A 61 11.61 15.06 0.41
C LYS A 61 10.87 15.56 1.65
N THR A 62 11.06 16.79 2.01
CA THR A 62 10.36 17.33 3.22
C THR A 62 8.87 17.50 2.94
N TYR A 63 8.07 17.54 3.96
CA TYR A 63 6.59 17.70 3.76
C TYR A 63 6.02 18.67 4.78
N GLY A 64 5.56 19.81 4.33
CA GLY A 64 4.97 20.81 5.28
C GLY A 64 3.45 20.80 5.15
N ASN A 65 2.76 21.54 5.96
CA ASN A 65 1.27 21.56 5.87
C ASN A 65 0.85 21.78 4.42
N GLY A 66 0.02 20.92 3.89
CA GLY A 66 -0.42 21.09 2.49
C GLY A 66 0.56 20.37 1.57
N ASP A 67 1.61 19.82 2.13
CA ASP A 67 2.61 19.11 1.28
C ASP A 67 1.93 18.52 0.04
N SER A 68 2.65 18.44 -1.05
CA SER A 68 2.04 17.87 -2.29
C SER A 68 2.91 16.73 -2.83
N LEU A 69 2.39 15.94 -3.72
CA LEU A 69 3.18 14.82 -4.28
C LEU A 69 3.51 15.07 -5.75
N ASN A 70 4.64 14.60 -6.21
CA ASN A 70 5.02 14.83 -7.64
C ASN A 70 5.26 13.48 -8.33
N THR A 71 4.36 13.07 -9.17
CA THR A 71 4.54 11.77 -9.89
C THR A 71 4.08 11.89 -11.34
N GLY A 72 4.41 12.97 -12.00
CA GLY A 72 3.99 13.14 -13.42
C GLY A 72 4.49 11.96 -14.25
N LYS A 73 5.49 11.28 -13.78
CA LYS A 73 6.02 10.11 -14.55
C LYS A 73 5.25 8.85 -14.20
N LEU A 74 4.99 8.62 -12.93
CA LEU A 74 4.23 7.40 -12.53
C LEU A 74 3.17 7.05 -13.58
N LYS A 75 2.66 5.86 -13.52
CA LYS A 75 1.62 5.44 -14.50
C LYS A 75 0.27 5.27 -13.80
N ASN A 76 -0.69 4.69 -14.46
CA ASN A 76 -2.03 4.49 -13.83
C ASN A 76 -2.05 3.20 -13.03
N ASP A 77 -0.93 2.81 -12.48
CA ASP A 77 -0.89 1.55 -11.69
C ASP A 77 0.46 1.42 -10.97
N LYS A 78 0.63 2.13 -9.88
CA LYS A 78 1.92 2.05 -9.13
C LYS A 78 1.69 2.28 -7.64
N VAL A 79 2.71 2.15 -6.84
CA VAL A 79 2.54 2.37 -5.37
C VAL A 79 3.41 3.55 -4.91
N SER A 80 3.18 4.02 -3.72
CA SER A 80 3.98 5.16 -3.20
C SER A 80 4.13 5.05 -1.67
N ARG A 81 5.00 4.19 -1.22
CA ARG A 81 5.19 4.03 0.25
C ARG A 81 6.57 4.56 0.67
N PHE A 82 6.62 5.30 1.73
CA PHE A 82 7.93 5.85 2.19
C PHE A 82 7.89 6.09 3.71
N ASP A 83 9.04 6.21 4.33
CA ASP A 83 9.07 6.45 5.80
C ASP A 83 9.27 7.94 6.09
N PHE A 84 8.40 8.53 6.85
CA PHE A 84 8.55 9.99 7.16
C PHE A 84 8.33 10.23 8.66
N ILE A 85 8.89 11.29 9.18
CA ILE A 85 8.72 11.59 10.63
C ILE A 85 8.01 12.94 10.82
N ARG A 86 6.88 12.93 11.47
CA ARG A 86 6.14 14.21 11.69
C ARG A 86 6.69 14.93 12.93
N GLN A 87 7.52 15.92 12.73
CA GLN A 87 8.08 16.67 13.89
C GLN A 87 8.29 18.13 13.53
N ILE A 88 8.52 18.98 14.49
CA ILE A 88 8.74 20.42 14.17
C ILE A 88 10.04 20.93 14.82
N GLU A 89 10.40 22.15 14.54
CA GLU A 89 11.65 22.70 15.12
C GLU A 89 11.44 24.18 15.47
N VAL A 90 11.42 24.50 16.73
CA VAL A 90 11.20 25.92 17.11
C VAL A 90 12.40 26.77 16.70
N ASP A 91 12.17 27.88 16.04
CA ASP A 91 13.29 28.74 15.59
C ASP A 91 14.40 28.75 16.64
N GLY A 92 14.06 28.45 17.85
CA GLY A 92 15.09 28.42 18.93
C GLY A 92 15.06 27.07 19.64
N GLN A 93 14.30 26.12 19.14
CA GLN A 93 14.25 24.80 19.80
C GLN A 93 13.64 23.76 18.86
N LEU A 94 13.09 22.72 19.40
CA LEU A 94 12.48 21.66 18.55
C LEU A 94 11.00 21.55 18.85
N ILE A 95 10.45 20.38 18.73
CA ILE A 95 9.01 20.15 19.02
C ILE A 95 8.73 18.65 18.97
N THR A 96 7.53 18.23 19.29
CA THR A 96 7.22 16.78 19.24
C THR A 96 7.74 16.20 17.91
N LEU A 97 7.90 14.90 17.85
CA LEU A 97 8.40 14.29 16.60
C LEU A 97 7.81 12.88 16.43
N GLU A 98 7.22 12.59 15.30
CA GLU A 98 6.63 11.25 15.08
C GLU A 98 7.30 10.55 13.89
N SER A 99 7.28 9.25 13.87
CA SER A 99 7.92 8.52 12.73
C SER A 99 7.05 7.33 12.32
N GLY A 100 6.67 7.27 11.07
CA GLY A 100 5.82 6.14 10.61
C GLY A 100 6.09 5.87 9.13
N GLU A 101 5.49 4.83 8.59
CA GLU A 101 5.72 4.51 7.16
C GLU A 101 4.49 4.89 6.33
N PHE A 102 4.68 5.24 5.09
CA PHE A 102 3.51 5.62 4.23
C PHE A 102 3.24 4.52 3.19
N GLN A 103 2.00 4.21 2.94
CA GLN A 103 1.68 3.16 1.95
C GLN A 103 0.55 3.65 1.02
N VAL A 104 0.91 4.13 -0.14
CA VAL A 104 -0.15 4.62 -1.08
C VAL A 104 -0.09 3.83 -2.39
N TYR A 105 -1.21 3.69 -3.05
CA TYR A 105 -1.21 2.93 -4.34
C TYR A 105 -2.22 3.56 -5.32
N LYS A 106 -1.76 4.06 -6.42
CA LYS A 106 -2.69 4.68 -7.41
C LYS A 106 -3.09 3.66 -8.48
N GLN A 107 -4.32 3.70 -8.92
CA GLN A 107 -4.77 2.74 -9.95
C GLN A 107 -5.16 3.48 -11.23
N SER A 108 -6.42 3.49 -11.57
CA SER A 108 -6.87 4.20 -12.80
C SER A 108 -7.40 5.59 -12.46
N HIS A 109 -8.69 5.70 -12.27
CA HIS A 109 -9.27 7.03 -11.94
C HIS A 109 -9.39 7.20 -10.42
N SER A 110 -8.49 6.61 -9.68
CA SER A 110 -8.55 6.72 -8.20
C SER A 110 -7.22 6.29 -7.58
N ALA A 111 -7.18 6.07 -6.29
CA ALA A 111 -5.93 5.64 -5.64
C ALA A 111 -6.19 5.27 -4.18
N LEU A 112 -5.43 4.35 -3.64
CA LEU A 112 -5.63 3.94 -2.22
C LEU A 112 -4.44 4.41 -1.38
N THR A 113 -4.65 4.59 -0.10
CA THR A 113 -3.54 5.06 0.77
C THR A 113 -3.44 4.19 2.03
N ALA A 114 -2.42 4.42 2.82
CA ALA A 114 -2.25 3.62 4.07
C ALA A 114 -1.15 4.27 4.94
N LEU A 115 -1.48 4.67 6.13
CA LEU A 115 -0.47 5.31 7.01
C LEU A 115 0.07 4.31 8.03
N GLN A 116 1.33 4.37 8.33
CA GLN A 116 1.92 3.43 9.34
C GLN A 116 2.77 4.21 10.34
N THR A 117 2.75 3.82 11.58
CA THR A 117 3.56 4.54 12.61
C THR A 117 4.54 3.58 13.27
N GLU A 118 5.52 4.10 13.96
CA GLU A 118 6.52 3.22 14.63
C GLU A 118 6.98 3.84 15.95
N GLN A 119 7.03 5.15 16.02
CA GLN A 119 7.48 5.81 17.27
C GLN A 119 6.55 6.98 17.62
N GLU A 120 6.46 7.34 18.87
CA GLU A 120 5.58 8.46 19.27
C GLU A 120 6.22 9.23 20.44
N GLN A 121 6.45 10.51 20.26
CA GLN A 121 7.07 11.30 21.36
C GLN A 121 6.37 12.66 21.48
N ASP A 122 6.38 13.24 22.65
CA ASP A 122 5.70 14.57 22.82
C ASP A 122 6.71 15.65 23.23
N PRO A 123 6.20 16.83 23.41
CA PRO A 123 7.03 18.00 23.78
C PRO A 123 7.03 18.23 25.30
N GLU A 124 6.33 17.44 26.05
CA GLU A 124 6.30 17.65 27.53
C GLU A 124 7.31 16.75 28.23
N HIS A 125 6.84 15.71 28.85
CA HIS A 125 7.76 14.78 29.57
C HIS A 125 7.09 13.42 29.76
N SER A 126 5.82 13.41 29.93
CA SER A 126 5.09 12.12 30.10
C SER A 126 4.93 11.44 28.74
N GLU A 127 4.70 12.22 27.72
CA GLU A 127 4.55 11.63 26.35
C GLU A 127 5.69 12.10 25.45
N LYS A 128 6.64 12.83 26.01
CA LYS A 128 7.77 13.34 25.20
C LYS A 128 8.50 12.19 24.52
N MET A 129 8.13 11.01 24.86
CA MET A 129 8.75 9.82 24.23
C MET A 129 7.80 8.63 24.35
N VAL A 130 7.59 7.90 23.28
CA VAL A 130 6.67 6.74 23.35
C VAL A 130 7.07 5.68 22.32
N ALA A 131 6.51 4.50 22.41
CA ALA A 131 6.86 3.43 21.44
C ALA A 131 5.71 2.44 21.31
N LYS A 132 5.10 2.37 20.15
CA LYS A 132 3.97 1.42 19.96
C LYS A 132 3.69 1.21 18.47
N ARG A 133 2.52 0.72 18.15
CA ARG A 133 2.19 0.49 16.71
C ARG A 133 0.91 1.25 16.34
N ARG A 134 0.95 2.01 15.27
CA ARG A 134 -0.26 2.77 14.85
C ARG A 134 -0.26 2.95 13.34
N PHE A 135 -1.16 2.30 12.64
CA PHE A 135 -1.20 2.44 11.16
C PHE A 135 -2.58 2.92 10.71
N ARG A 136 -2.63 3.98 9.95
CA ARG A 136 -3.94 4.49 9.46
C ARG A 136 -4.22 3.91 8.07
N ILE A 137 -5.42 4.05 7.58
CA ILE A 137 -5.73 3.49 6.23
C ILE A 137 -6.47 4.51 5.38
N GLY A 138 -6.12 4.60 4.12
CA GLY A 138 -6.81 5.57 3.21
C GLY A 138 -7.34 4.81 2.00
N ASP A 139 -7.67 3.56 2.17
CA ASP A 139 -8.19 2.74 1.04
C ASP A 139 -8.81 3.63 -0.04
N ILE A 140 -8.69 3.24 -1.28
CA ILE A 140 -9.27 4.06 -2.38
C ILE A 140 -10.75 4.36 -2.10
N ALA A 141 -11.45 4.83 -3.09
CA ALA A 141 -12.90 5.14 -2.89
C ALA A 141 -13.65 5.03 -4.21
N GLY A 142 -13.15 4.21 -5.08
CA GLY A 142 -13.80 4.03 -6.41
C GLY A 142 -14.27 2.58 -6.55
N GLU A 143 -14.34 1.86 -5.46
CA GLU A 143 -14.81 0.44 -5.54
C GLU A 143 -16.33 0.38 -5.64
N HIS A 144 -16.89 1.27 -6.40
CA HIS A 144 -18.38 1.31 -6.54
C HIS A 144 -18.82 0.61 -7.83
N THR A 145 -17.93 -0.05 -8.50
CA THR A 145 -18.32 -0.74 -9.77
C THR A 145 -18.38 -2.26 -9.59
N SER A 146 -19.56 -2.80 -9.46
CA SER A 146 -19.70 -4.28 -9.29
C SER A 146 -19.09 -5.01 -10.47
N PHE A 147 -18.22 -5.96 -10.21
CA PHE A 147 -17.60 -6.71 -11.34
C PHE A 147 -18.67 -7.04 -12.38
N ASP A 148 -19.92 -7.02 -11.99
CA ASP A 148 -21.01 -7.33 -12.95
C ASP A 148 -20.73 -6.62 -14.28
N LYS A 149 -19.95 -5.58 -14.23
CA LYS A 149 -19.61 -4.85 -15.48
C LYS A 149 -18.52 -5.62 -16.24
N LEU A 150 -18.30 -6.85 -15.84
CA LEU A 150 -17.26 -7.68 -16.51
C LEU A 150 -17.25 -9.06 -15.85
N PRO A 151 -18.41 -9.67 -15.87
CA PRO A 151 -18.58 -11.00 -15.25
C PRO A 151 -18.12 -12.09 -16.22
N LYS A 152 -16.84 -12.32 -16.28
CA LYS A 152 -16.31 -13.38 -17.18
C LYS A 152 -15.62 -14.44 -16.34
N ASP A 153 -16.40 -15.20 -15.60
CA ASP A 153 -15.87 -16.27 -14.71
C ASP A 153 -14.54 -16.79 -15.21
N VAL A 154 -13.57 -15.94 -15.19
CA VAL A 154 -12.21 -16.31 -15.65
C VAL A 154 -11.16 -15.80 -14.67
N MET A 155 -10.55 -16.69 -13.93
CA MET A 155 -9.52 -16.25 -12.95
C MET A 155 -8.83 -14.98 -13.44
N ALA A 156 -8.55 -14.07 -12.55
CA ALA A 156 -7.87 -12.80 -12.96
C ALA A 156 -6.64 -12.55 -12.09
N THR A 157 -5.51 -12.29 -12.70
CA THR A 157 -4.27 -12.04 -11.89
C THR A 157 -4.28 -10.62 -11.33
N TYR A 158 -4.02 -10.48 -10.06
CA TYR A 158 -4.01 -9.13 -9.43
C TYR A 158 -2.77 -8.98 -8.55
N ARG A 159 -2.29 -7.78 -8.38
CA ARG A 159 -1.08 -7.56 -7.53
C ARG A 159 -1.26 -6.26 -6.74
N GLY A 160 -0.76 -6.21 -5.55
CA GLY A 160 -0.91 -4.97 -4.74
C GLY A 160 0.06 -4.94 -3.58
N THR A 161 -0.08 -3.96 -2.74
CA THR A 161 0.81 -3.83 -1.56
C THR A 161 -0.06 -3.79 -0.30
N ALA A 162 0.48 -4.16 0.82
CA ALA A 162 -0.33 -4.17 2.06
C ALA A 162 0.54 -3.86 3.27
N PHE A 163 -0.06 -3.77 4.43
CA PHE A 163 0.73 -3.49 5.66
C PHE A 163 0.30 -4.42 6.79
N GLY A 164 1.24 -5.01 7.50
CA GLY A 164 0.84 -5.92 8.60
C GLY A 164 1.15 -5.28 9.95
N SER A 165 0.32 -5.50 10.93
CA SER A 165 0.57 -4.90 12.28
C SER A 165 1.74 -5.61 12.96
N ASP A 166 2.26 -6.64 12.35
CA ASP A 166 3.41 -7.36 12.95
C ASP A 166 4.45 -7.68 11.88
N ASP A 167 4.20 -7.26 10.67
CA ASP A 167 5.17 -7.52 9.57
C ASP A 167 5.56 -6.21 8.91
N ALA A 168 6.53 -6.22 8.04
CA ALA A 168 6.94 -4.95 7.38
C ALA A 168 5.78 -4.37 6.62
N GLY A 169 4.91 -5.20 6.18
CA GLY A 169 3.74 -4.70 5.45
C GLY A 169 2.91 -5.89 5.00
N GLY A 170 2.81 -6.05 3.71
CA GLY A 170 2.02 -7.20 3.17
C GLY A 170 1.94 -7.12 1.64
N LYS A 171 2.80 -7.80 0.94
CA LYS A 171 2.71 -7.74 -0.56
C LYS A 171 1.83 -8.89 -1.03
N LEU A 172 0.81 -8.63 -1.81
CA LEU A 172 -0.07 -9.75 -2.24
C LEU A 172 -0.43 -9.71 -3.73
N THR A 173 -0.72 -10.86 -4.27
CA THR A 173 -1.12 -10.97 -5.69
C THR A 173 -2.37 -11.86 -5.74
N TYR A 174 -3.50 -11.31 -6.09
CA TYR A 174 -4.74 -12.14 -6.10
C TYR A 174 -5.07 -12.68 -7.49
N THR A 175 -5.30 -13.96 -7.58
CA THR A 175 -5.65 -14.57 -8.88
C THR A 175 -6.93 -15.38 -8.68
N ILE A 176 -8.06 -14.83 -9.02
CA ILE A 176 -9.32 -15.58 -8.80
C ILE A 176 -10.30 -15.42 -9.96
N ASP A 177 -11.16 -16.38 -10.12
CA ASP A 177 -12.19 -16.31 -11.20
C ASP A 177 -13.23 -15.26 -10.83
N PHE A 178 -13.30 -14.20 -11.58
CA PHE A 178 -14.28 -13.12 -11.26
C PHE A 178 -15.67 -13.68 -10.95
N ALA A 179 -16.66 -13.29 -11.71
CA ALA A 179 -18.05 -13.78 -11.47
C ALA A 179 -18.03 -15.21 -10.95
N ALA A 180 -17.16 -16.03 -11.46
CA ALA A 180 -17.07 -17.42 -10.96
C ALA A 180 -16.46 -17.39 -9.56
N LYS A 181 -17.03 -16.57 -8.71
CA LYS A 181 -16.50 -16.41 -7.32
C LYS A 181 -15.61 -17.58 -6.93
N GLN A 182 -14.41 -17.62 -7.45
CA GLN A 182 -13.50 -18.75 -7.09
C GLN A 182 -12.04 -18.42 -7.40
N GLY A 183 -11.19 -18.36 -6.41
CA GLY A 183 -9.76 -18.05 -6.67
C GLY A 183 -8.97 -18.11 -5.36
N HIS A 184 -7.86 -17.42 -5.30
CA HIS A 184 -7.05 -17.44 -4.05
C HIS A 184 -6.14 -16.21 -4.00
N GLY A 185 -5.43 -16.02 -2.91
CA GLY A 185 -4.55 -14.83 -2.80
C GLY A 185 -3.20 -15.24 -2.22
N LYS A 186 -2.14 -15.02 -2.95
CA LYS A 186 -0.78 -15.38 -2.43
C LYS A 186 0.01 -14.09 -2.17
N ILE A 187 0.29 -13.81 -0.93
CA ILE A 187 1.05 -12.56 -0.62
C ILE A 187 2.23 -12.85 0.32
N GLU A 188 3.15 -11.94 0.41
CA GLU A 188 4.30 -12.13 1.32
C GLU A 188 4.18 -11.15 2.49
N HIS A 189 3.51 -11.55 3.54
CA HIS A 189 3.35 -10.65 4.71
C HIS A 189 4.56 -9.72 4.83
N LEU A 190 5.73 -10.28 4.99
CA LEU A 190 6.95 -9.44 5.10
C LEU A 190 7.62 -9.29 3.74
N LYS A 191 8.76 -9.89 3.57
CA LYS A 191 9.47 -9.79 2.27
C LYS A 191 10.21 -11.09 1.97
N SER A 192 10.64 -11.76 2.99
CA SER A 192 11.36 -13.05 2.77
C SER A 192 10.44 -14.09 2.14
N PRO A 193 10.94 -14.76 1.15
CA PRO A 193 10.14 -15.80 0.46
C PRO A 193 9.96 -17.02 1.36
N GLU A 194 9.62 -16.80 2.60
CA GLU A 194 9.43 -17.95 3.54
C GLU A 194 8.31 -17.65 4.52
N LEU A 195 8.15 -16.42 4.92
CA LEU A 195 7.06 -16.08 5.89
C LEU A 195 5.91 -15.39 5.17
N ASN A 196 5.76 -15.65 3.90
CA ASN A 196 4.64 -15.02 3.13
C ASN A 196 3.30 -15.50 3.67
N VAL A 197 2.28 -15.46 2.87
CA VAL A 197 0.94 -15.91 3.34
C VAL A 197 0.23 -16.72 2.26
N ASP A 198 -0.05 -17.97 2.51
CA ASP A 198 -0.76 -18.81 1.50
C ASP A 198 -2.26 -18.74 1.80
N LEU A 199 -2.95 -17.85 1.17
CA LEU A 199 -4.42 -17.72 1.44
C LEU A 199 -5.26 -18.33 0.32
N ALA A 200 -6.46 -18.69 0.63
CA ALA A 200 -7.39 -19.27 -0.38
C ALA A 200 -8.77 -18.66 -0.19
N VAL A 201 -9.29 -18.00 -1.18
CA VAL A 201 -10.61 -17.35 -1.03
C VAL A 201 -11.40 -17.35 -2.34
N ALA A 202 -12.68 -17.11 -2.26
CA ALA A 202 -13.52 -17.08 -3.49
C ALA A 202 -13.96 -15.64 -3.76
N TYR A 203 -14.16 -15.28 -5.00
CA TYR A 203 -14.58 -13.89 -5.32
C TYR A 203 -16.08 -13.71 -5.05
N ILE A 204 -16.52 -12.48 -4.98
CA ILE A 204 -17.97 -12.23 -4.73
C ILE A 204 -18.46 -11.12 -5.66
N LYS A 205 -19.69 -11.19 -6.10
CA LYS A 205 -20.21 -10.14 -7.02
C LYS A 205 -20.66 -8.91 -6.22
N PRO A 206 -21.78 -9.04 -5.55
CA PRO A 206 -22.31 -7.92 -4.74
C PRO A 206 -21.49 -7.74 -3.46
N ASP A 207 -20.44 -6.96 -3.51
CA ASP A 207 -19.62 -6.75 -2.28
C ASP A 207 -20.50 -6.19 -1.15
N GLU A 208 -20.17 -5.05 -0.63
CA GLU A 208 -20.99 -4.46 0.46
C GLU A 208 -22.15 -3.66 -0.14
N LYS A 209 -22.25 -3.64 -1.44
CA LYS A 209 -23.35 -2.88 -2.10
C LYS A 209 -23.45 -3.30 -3.58
N HIS A 210 -22.38 -3.15 -4.31
CA HIS A 210 -22.40 -3.55 -5.75
C HIS A 210 -20.98 -3.55 -6.31
N HIS A 211 -20.03 -4.06 -5.56
CA HIS A 211 -18.63 -4.10 -6.04
C HIS A 211 -18.08 -5.53 -5.91
N ALA A 212 -16.90 -5.77 -6.42
CA ALA A 212 -16.31 -7.14 -6.32
C ALA A 212 -15.85 -7.39 -4.89
N VAL A 213 -15.75 -8.63 -4.49
CA VAL A 213 -15.30 -8.94 -3.09
C VAL A 213 -14.50 -10.25 -3.06
N ILE A 214 -13.85 -10.53 -1.96
CA ILE A 214 -13.06 -11.80 -1.87
C ILE A 214 -12.86 -12.18 -0.40
N SER A 215 -13.13 -13.41 -0.05
CA SER A 215 -12.96 -13.82 1.39
C SER A 215 -12.45 -15.26 1.48
N GLY A 216 -11.49 -15.51 2.33
CA GLY A 216 -10.96 -16.89 2.47
C GLY A 216 -10.00 -16.97 3.66
N SER A 217 -9.39 -18.11 3.88
CA SER A 217 -8.44 -18.25 5.02
C SER A 217 -7.00 -18.26 4.51
N VAL A 218 -6.04 -18.29 5.38
CA VAL A 218 -4.62 -18.30 4.92
C VAL A 218 -3.70 -18.99 5.94
N LEU A 219 -2.56 -19.43 5.50
CA LEU A 219 -1.59 -20.11 6.41
C LEU A 219 -0.18 -20.04 5.80
N TYR A 220 0.81 -19.61 6.54
CA TYR A 220 2.18 -19.53 5.96
C TYR A 220 3.25 -19.47 7.06
N ASN A 221 3.79 -20.60 7.42
CA ASN A 221 4.86 -20.60 8.47
C ASN A 221 5.26 -22.04 8.76
N GLN A 222 4.29 -22.82 9.09
CA GLN A 222 4.52 -24.25 9.41
C GLN A 222 3.20 -24.91 9.80
N ASP A 223 2.29 -24.12 10.29
CA ASP A 223 0.96 -24.65 10.70
C ASP A 223 0.10 -23.51 11.26
N GLU A 224 0.35 -22.30 10.82
CA GLU A 224 -0.44 -21.15 11.32
C GLU A 224 -1.87 -21.20 10.78
N LYS A 225 -2.62 -20.16 11.00
CA LYS A 225 -4.01 -20.13 10.51
C LYS A 225 -4.48 -18.67 10.43
N GLY A 226 -4.19 -18.02 9.35
CA GLY A 226 -4.60 -16.60 9.21
C GLY A 226 -5.90 -16.52 8.41
N SER A 227 -6.59 -15.42 8.51
CA SER A 227 -7.87 -15.26 7.76
C SER A 227 -7.68 -14.23 6.64
N TYR A 228 -8.54 -14.24 5.66
CA TYR A 228 -8.40 -13.25 4.56
C TYR A 228 -9.76 -12.75 4.11
N SER A 229 -9.96 -11.46 4.17
CA SER A 229 -11.26 -10.88 3.74
C SER A 229 -11.02 -9.49 3.14
N LEU A 230 -11.33 -9.30 1.88
CA LEU A 230 -11.10 -7.97 1.26
C LEU A 230 -12.20 -7.66 0.25
N GLY A 231 -12.26 -6.45 -0.20
CA GLY A 231 -13.29 -6.07 -1.20
C GLY A 231 -12.58 -5.66 -2.49
N ILE A 232 -12.90 -6.29 -3.59
CA ILE A 232 -12.24 -5.93 -4.87
C ILE A 232 -13.21 -5.19 -5.77
N PHE A 233 -12.72 -4.27 -6.55
CA PHE A 233 -13.61 -3.50 -7.46
C PHE A 233 -12.88 -3.20 -8.77
N GLY A 234 -13.38 -2.28 -9.53
CA GLY A 234 -12.70 -1.94 -10.82
C GLY A 234 -13.49 -0.85 -11.54
N GLU A 235 -13.37 0.38 -11.11
CA GLU A 235 -14.13 1.46 -11.79
C GLU A 235 -14.24 1.14 -13.29
N LYS A 236 -13.26 0.45 -13.79
CA LYS A 236 -13.24 0.06 -15.21
C LYS A 236 -11.94 -0.68 -15.44
N ALA A 237 -11.53 -1.42 -14.44
CA ALA A 237 -10.25 -2.14 -14.54
C ALA A 237 -10.21 -3.30 -13.55
N GLN A 238 -9.10 -3.51 -12.92
CA GLN A 238 -8.97 -4.64 -11.94
C GLN A 238 -8.39 -4.13 -10.62
N GLU A 239 -9.11 -3.32 -9.90
CA GLU A 239 -8.57 -2.81 -8.60
C GLU A 239 -9.25 -3.51 -7.41
N VAL A 240 -8.54 -3.68 -6.33
CA VAL A 240 -9.16 -4.36 -5.14
C VAL A 240 -8.32 -4.08 -3.88
N ALA A 241 -8.97 -3.79 -2.79
CA ALA A 241 -8.22 -3.51 -1.53
C ALA A 241 -9.00 -4.04 -0.32
N GLY A 242 -8.32 -4.54 0.67
CA GLY A 242 -9.05 -5.06 1.87
C GLY A 242 -8.07 -5.26 3.03
N SER A 243 -8.38 -6.15 3.93
CA SER A 243 -7.47 -6.40 5.09
C SER A 243 -7.76 -7.80 5.65
N ALA A 244 -6.75 -8.59 5.85
CA ALA A 244 -6.98 -9.96 6.39
C ALA A 244 -6.54 -10.04 7.86
N GLU A 245 -6.93 -11.08 8.54
CA GLU A 245 -6.54 -11.23 9.97
C GLU A 245 -5.76 -12.54 10.15
N VAL A 246 -4.57 -12.47 10.66
CA VAL A 246 -3.77 -13.71 10.84
C VAL A 246 -3.78 -14.17 12.30
N GLU A 247 -3.92 -15.45 12.53
CA GLU A 247 -3.94 -15.95 13.94
C GLU A 247 -3.02 -17.16 14.07
N THR A 248 -2.23 -17.20 15.12
CA THR A 248 -1.30 -18.35 15.31
C THR A 248 -1.77 -19.22 16.48
N ALA A 249 -1.02 -20.23 16.82
CA ALA A 249 -1.42 -21.11 17.94
C ALA A 249 -1.32 -20.35 19.27
N ASN A 250 -0.97 -19.09 19.22
CA ASN A 250 -0.85 -18.29 20.48
C ASN A 250 -0.58 -16.82 20.14
N GLY A 251 -1.08 -16.35 19.04
CA GLY A 251 -0.85 -14.93 18.65
C GLY A 251 -1.99 -14.45 17.75
N ILE A 252 -1.94 -13.22 17.33
CA ILE A 252 -3.01 -12.69 16.44
C ILE A 252 -2.59 -11.35 15.83
N HIS A 253 -2.67 -11.22 14.53
CA HIS A 253 -2.28 -9.93 13.89
C HIS A 253 -3.17 -9.66 12.67
N HIS A 254 -3.21 -8.43 12.22
CA HIS A 254 -4.05 -8.11 11.04
C HIS A 254 -3.19 -7.51 9.92
N ILE A 255 -3.64 -7.57 8.71
CA ILE A 255 -2.83 -7.01 7.58
C ILE A 255 -3.73 -6.25 6.61
N GLY A 256 -3.50 -4.98 6.42
CA GLY A 256 -4.32 -4.20 5.47
C GLY A 256 -3.73 -4.36 4.07
N LEU A 257 -4.52 -4.70 3.09
CA LEU A 257 -3.95 -4.91 1.73
C LEU A 257 -4.57 -3.96 0.70
N ALA A 258 -3.85 -3.73 -0.37
CA ALA A 258 -4.37 -2.85 -1.46
C ALA A 258 -3.70 -3.28 -2.77
N ALA A 259 -4.47 -3.56 -3.79
CA ALA A 259 -3.82 -4.01 -5.06
C ALA A 259 -4.55 -3.47 -6.29
N LYS A 260 -3.88 -3.48 -7.41
CA LYS A 260 -4.49 -2.99 -8.68
C LYS A 260 -4.27 -4.02 -9.78
N GLN A 261 -4.97 -3.91 -10.88
CA GLN A 261 -4.80 -4.88 -11.99
C GLN A 261 -4.99 -6.32 -11.48
N MET A 1 37.77 -0.09 -5.06
CA MET A 1 37.65 -0.47 -6.50
C MET A 1 36.86 -1.78 -6.63
N GLY A 2 36.42 -2.11 -7.82
CA GLY A 2 35.65 -3.36 -8.01
C GLY A 2 35.72 -3.79 -9.47
N SER A 3 34.66 -4.36 -9.99
CA SER A 3 34.66 -4.80 -11.41
C SER A 3 33.91 -3.77 -12.27
N SER A 4 33.99 -3.91 -13.57
CA SER A 4 33.29 -2.96 -14.47
C SER A 4 31.98 -3.56 -14.97
N GLY A 5 30.86 -3.07 -14.52
CA GLY A 5 29.55 -3.62 -14.97
C GLY A 5 28.47 -2.55 -14.81
N GLY A 6 27.75 -2.26 -15.86
CA GLY A 6 26.67 -1.23 -15.77
C GLY A 6 25.40 -1.87 -15.22
N GLY A 7 24.28 -1.64 -15.85
CA GLY A 7 23.01 -2.23 -15.36
C GLY A 7 21.87 -1.85 -16.29
N GLY A 8 21.31 -2.80 -16.98
CA GLY A 8 20.19 -2.49 -17.91
C GLY A 8 19.12 -3.57 -17.80
N SER A 9 19.50 -4.82 -17.95
CA SER A 9 18.50 -5.92 -17.84
C SER A 9 18.60 -6.61 -16.49
N GLY A 10 19.79 -6.75 -15.97
CA GLY A 10 19.94 -7.41 -14.65
C GLY A 10 21.25 -6.96 -13.99
N GLY A 11 21.22 -5.85 -13.30
CA GLY A 11 22.46 -5.34 -12.65
C GLY A 11 22.56 -5.91 -11.23
N GLY A 12 21.99 -5.23 -10.28
CA GLY A 12 22.05 -5.72 -8.87
C GLY A 12 20.76 -6.48 -8.55
N GLY A 13 20.13 -6.16 -7.46
CA GLY A 13 18.87 -6.87 -7.08
C GLY A 13 17.72 -6.34 -7.94
N VAL A 14 17.29 -5.13 -7.71
CA VAL A 14 16.18 -4.56 -8.50
C VAL A 14 16.54 -4.55 -9.99
N THR A 15 15.59 -4.29 -10.85
CA THR A 15 15.88 -4.26 -12.30
C THR A 15 16.33 -2.87 -12.73
N ALA A 16 15.59 -1.85 -12.38
CA ALA A 16 15.98 -0.47 -12.76
C ALA A 16 14.94 0.53 -12.22
N ASP A 17 14.25 1.19 -13.11
CA ASP A 17 13.22 2.18 -12.66
C ASP A 17 11.86 1.50 -12.58
N ILE A 18 11.83 0.28 -12.12
CA ILE A 18 10.55 -0.44 -12.00
C ILE A 18 10.13 -0.54 -10.55
N GLY A 19 10.70 -1.44 -9.83
CA GLY A 19 10.36 -1.61 -8.40
C GLY A 19 10.75 -0.35 -7.62
N THR A 20 12.03 -0.15 -7.41
CA THR A 20 12.48 1.06 -6.66
C THR A 20 12.13 2.33 -7.44
N GLY A 21 11.54 2.19 -8.59
CA GLY A 21 11.17 3.39 -9.39
C GLY A 21 10.39 4.37 -8.51
N LEU A 22 9.66 3.87 -7.55
CA LEU A 22 8.88 4.78 -6.65
C LEU A 22 9.80 5.81 -6.01
N ALA A 23 11.00 5.42 -5.68
CA ALA A 23 11.95 6.39 -5.05
C ALA A 23 12.10 7.63 -5.93
N ASP A 24 11.61 7.57 -7.13
CA ASP A 24 11.71 8.74 -8.03
C ASP A 24 10.44 9.59 -7.95
N ALA A 25 9.45 9.10 -7.27
CA ALA A 25 8.18 9.88 -7.14
C ALA A 25 8.42 11.15 -6.30
N LEU A 26 9.32 11.08 -5.36
CA LEU A 26 9.60 12.27 -4.51
C LEU A 26 10.93 12.91 -4.89
N THR A 27 11.92 12.10 -5.20
CA THR A 27 13.24 12.66 -5.58
C THR A 27 13.11 13.53 -6.83
N ALA A 28 11.95 13.54 -7.42
CA ALA A 28 11.75 14.37 -8.64
C ALA A 28 10.48 15.22 -8.49
N PRO A 29 10.68 16.46 -8.11
CA PRO A 29 9.55 17.39 -7.92
C PRO A 29 8.98 17.82 -9.28
N LEU A 30 7.89 18.52 -9.28
CA LEU A 30 7.28 18.97 -10.57
C LEU A 30 8.39 19.36 -11.56
N ASP A 31 8.05 19.53 -12.80
CA ASP A 31 9.08 19.91 -13.82
C ASP A 31 8.43 20.14 -15.18
N HIS A 32 8.97 21.02 -15.97
CA HIS A 32 8.39 21.28 -17.31
C HIS A 32 8.13 19.96 -18.05
N LYS A 33 7.04 19.31 -17.75
CA LYS A 33 6.73 18.01 -18.42
C LYS A 33 5.42 17.44 -17.90
N ASP A 34 5.43 16.96 -16.70
CA ASP A 34 4.20 16.38 -16.11
C ASP A 34 3.43 17.45 -15.33
N LYS A 35 2.19 17.66 -15.63
CA LYS A 35 1.39 18.68 -14.90
C LYS A 35 -0.03 18.16 -14.62
N GLY A 36 -0.29 16.94 -14.99
CA GLY A 36 -1.65 16.37 -14.73
C GLY A 36 -1.71 14.94 -15.27
N LEU A 37 -1.11 14.02 -14.57
CA LEU A 37 -1.13 12.60 -15.03
C LEU A 37 -0.76 11.66 -13.88
N LYS A 38 0.49 11.62 -13.52
CA LYS A 38 0.92 10.72 -12.41
C LYS A 38 1.65 11.54 -11.34
N SER A 39 1.97 12.77 -11.63
CA SER A 39 2.69 13.60 -10.63
C SER A 39 1.89 14.89 -10.35
N LEU A 40 1.59 15.15 -9.11
CA LEU A 40 0.81 16.37 -8.77
C LEU A 40 1.09 16.79 -7.32
N THR A 41 0.87 18.04 -7.01
CA THR A 41 1.12 18.50 -5.60
C THR A 41 -0.21 18.66 -4.85
N LEU A 42 -0.21 18.38 -3.58
CA LEU A 42 -1.46 18.53 -2.80
C LEU A 42 -1.66 19.99 -2.36
N GLU A 43 -2.57 20.68 -2.98
CA GLU A 43 -2.80 22.10 -2.61
C GLU A 43 -2.43 22.35 -1.15
N ASP A 44 -2.75 21.42 -0.28
CA ASP A 44 -2.42 21.59 1.16
C ASP A 44 -2.90 20.38 1.96
N SER A 45 -2.80 19.21 1.40
CA SER A 45 -3.27 17.99 2.13
C SER A 45 -3.08 18.19 3.64
N ILE A 46 -2.00 18.82 4.03
CA ILE A 46 -1.76 19.05 5.48
C ILE A 46 -1.57 20.55 5.74
N SER A 47 -2.06 21.03 6.86
CA SER A 47 -1.91 22.47 7.17
C SER A 47 -0.44 22.78 7.51
N GLN A 48 -0.02 24.00 7.31
CA GLN A 48 1.40 24.34 7.62
C GLN A 48 1.81 23.70 8.95
N ASN A 49 0.85 23.35 9.76
CA ASN A 49 1.16 22.72 11.07
C ASN A 49 1.37 21.23 10.89
N GLY A 50 2.17 20.85 9.94
CA GLY A 50 2.43 19.41 9.70
C GLY A 50 3.66 19.24 8.80
N THR A 51 4.83 19.25 9.37
CA THR A 51 6.05 19.08 8.55
C THR A 51 6.67 17.70 8.77
N LEU A 52 7.05 17.03 7.72
CA LEU A 52 7.65 15.67 7.88
C LEU A 52 8.39 15.26 6.61
N THR A 53 9.25 14.28 6.71
CA THR A 53 10.01 13.83 5.50
C THR A 53 9.77 12.34 5.26
N LEU A 54 9.91 11.89 4.04
CA LEU A 54 9.69 10.45 3.75
C LEU A 54 10.75 9.93 2.79
N SER A 55 11.36 8.81 3.09
CA SER A 55 12.40 8.25 2.19
C SER A 55 11.85 7.02 1.46
N ALA A 56 11.86 7.06 0.15
CA ALA A 56 11.33 5.90 -0.62
C ALA A 56 12.42 4.83 -0.79
N GLN A 57 12.14 3.78 -1.50
CA GLN A 57 13.15 2.71 -1.69
C GLN A 57 14.23 3.17 -2.67
N GLY A 58 14.68 4.38 -2.54
CA GLY A 58 15.73 4.90 -3.47
C GLY A 58 16.11 6.32 -3.07
N ALA A 59 15.16 7.11 -2.66
CA ALA A 59 15.46 8.51 -2.26
C ALA A 59 14.40 9.02 -1.29
N GLU A 60 14.62 10.17 -0.71
CA GLU A 60 13.62 10.73 0.25
C GLU A 60 13.37 12.21 -0.04
N LYS A 61 12.28 12.74 0.44
CA LYS A 61 11.97 14.18 0.19
C LYS A 61 11.12 14.74 1.33
N THR A 62 11.51 15.86 1.88
CA THR A 62 10.72 16.46 2.99
C THR A 62 9.36 16.91 2.49
N TYR A 63 8.30 16.45 3.11
CA TYR A 63 6.93 16.85 2.65
C TYR A 63 6.04 17.12 3.86
N GLY A 64 5.17 18.09 3.75
CA GLY A 64 4.26 18.41 4.89
C GLY A 64 3.07 19.21 4.37
N ASN A 65 2.87 20.40 4.88
CA ASN A 65 1.74 21.23 4.40
C ASN A 65 1.96 21.61 2.94
N GLY A 66 1.05 21.25 2.07
CA GLY A 66 1.23 21.58 0.63
C GLY A 66 2.03 20.46 -0.03
N ASP A 67 2.49 19.52 0.74
CA ASP A 67 3.28 18.39 0.17
C ASP A 67 2.78 18.05 -1.23
N SER A 68 3.57 17.39 -2.02
CA SER A 68 3.14 17.02 -3.39
C SER A 68 3.64 15.62 -3.76
N LEU A 69 3.06 15.02 -4.76
CA LEU A 69 3.51 13.66 -5.17
C LEU A 69 3.70 13.60 -6.68
N ASN A 70 4.93 13.61 -7.13
CA ASN A 70 5.18 13.56 -8.59
C ASN A 70 5.67 12.17 -9.01
N THR A 71 4.94 11.51 -9.86
CA THR A 71 5.36 10.15 -10.30
C THR A 71 5.17 10.00 -11.82
N GLY A 72 5.18 11.08 -12.54
CA GLY A 72 5.00 11.00 -14.02
C GLY A 72 5.87 9.87 -14.58
N LYS A 73 5.41 8.66 -14.51
CA LYS A 73 6.22 7.52 -15.04
C LYS A 73 5.46 6.20 -14.82
N LEU A 74 4.84 6.04 -13.69
CA LEU A 74 4.09 4.77 -13.44
C LEU A 74 2.75 4.79 -14.18
N LYS A 75 1.91 3.82 -13.91
CA LYS A 75 0.59 3.79 -14.61
C LYS A 75 -0.54 4.02 -13.61
N ASN A 76 -1.64 3.33 -13.77
CA ASN A 76 -2.78 3.50 -12.82
C ASN A 76 -2.42 2.96 -11.44
N ASP A 77 -1.27 2.36 -11.31
CA ASP A 77 -0.86 1.81 -9.99
C ASP A 77 -0.01 2.83 -9.23
N LYS A 78 -0.47 4.04 -9.13
CA LYS A 78 0.32 5.09 -8.41
C LYS A 78 0.50 4.68 -6.95
N VAL A 79 1.55 3.98 -6.64
CA VAL A 79 1.78 3.57 -5.23
C VAL A 79 2.69 4.57 -4.52
N SER A 80 2.69 4.57 -3.22
CA SER A 80 3.55 5.53 -2.47
C SER A 80 3.72 5.07 -1.02
N ARG A 81 4.66 4.21 -0.75
CA ARG A 81 4.88 3.74 0.64
C ARG A 81 6.31 4.02 1.09
N PHE A 82 6.47 4.71 2.18
CA PHE A 82 7.84 5.02 2.67
C PHE A 82 7.82 5.40 4.16
N ASP A 83 8.96 5.50 4.78
CA ASP A 83 8.98 5.87 6.22
C ASP A 83 9.18 7.38 6.38
N PHE A 84 8.35 8.02 7.15
CA PHE A 84 8.50 9.49 7.33
C PHE A 84 8.27 9.87 8.79
N ILE A 85 8.54 11.10 9.15
CA ILE A 85 8.36 11.54 10.56
C ILE A 85 7.36 12.70 10.62
N ARG A 86 6.19 12.47 11.13
CA ARG A 86 5.18 13.57 11.22
C ARG A 86 5.42 14.39 12.49
N GLN A 87 5.79 15.63 12.35
CA GLN A 87 6.04 16.48 13.55
C GLN A 87 5.71 17.95 13.26
N ILE A 88 5.11 18.62 14.19
CA ILE A 88 4.77 20.06 13.98
C ILE A 88 5.20 20.88 15.19
N GLU A 89 6.18 21.74 15.03
CA GLU A 89 6.63 22.56 16.17
C GLU A 89 6.96 23.98 15.71
N VAL A 90 6.35 24.96 16.32
CA VAL A 90 6.63 26.37 15.91
C VAL A 90 7.37 27.10 17.04
N ASP A 91 7.85 28.29 16.78
CA ASP A 91 8.57 29.03 17.84
C ASP A 91 7.63 29.40 18.98
N GLY A 92 6.39 29.01 18.89
CA GLY A 92 5.43 29.34 19.97
C GLY A 92 4.05 28.77 19.60
N GLN A 93 3.99 27.57 19.11
CA GLN A 93 2.69 26.97 18.75
C GLN A 93 2.74 25.45 18.80
N LEU A 94 2.15 24.82 17.84
CA LEU A 94 2.14 23.33 17.81
C LEU A 94 3.54 22.78 18.11
N ILE A 95 3.62 21.52 18.45
CA ILE A 95 4.96 20.91 18.75
C ILE A 95 4.84 19.38 18.78
N THR A 96 3.79 18.84 18.22
CA THR A 96 3.62 17.36 18.21
C THR A 96 4.82 16.69 17.54
N LEU A 97 4.89 15.39 17.61
CA LEU A 97 6.04 14.68 16.97
C LEU A 97 5.77 13.17 16.92
N GLU A 98 5.96 12.56 15.79
CA GLU A 98 5.70 11.09 15.68
C GLU A 98 6.23 10.57 14.34
N SER A 99 6.90 9.44 14.36
CA SER A 99 7.44 8.88 13.09
C SER A 99 6.86 7.48 12.84
N GLY A 100 6.89 7.03 11.62
CA GLY A 100 6.34 5.67 11.32
C GLY A 100 6.49 5.38 9.82
N GLU A 101 5.67 4.53 9.29
CA GLU A 101 5.76 4.20 7.84
C GLU A 101 4.51 4.68 7.11
N PHE A 102 4.59 4.83 5.81
CA PHE A 102 3.40 5.30 5.05
C PHE A 102 3.16 4.40 3.84
N GLN A 103 1.92 4.21 3.47
CA GLN A 103 1.61 3.35 2.29
C GLN A 103 0.44 3.94 1.51
N VAL A 104 0.71 4.57 0.40
CA VAL A 104 -0.40 5.16 -0.41
C VAL A 104 -0.49 4.50 -1.78
N TYR A 105 -1.63 4.57 -2.41
CA TYR A 105 -1.79 3.95 -3.75
C TYR A 105 -2.84 4.72 -4.56
N LYS A 106 -2.77 4.66 -5.86
CA LYS A 106 -3.76 5.40 -6.68
C LYS A 106 -4.16 4.58 -7.92
N GLN A 107 -5.38 4.69 -8.35
CA GLN A 107 -5.82 3.92 -9.55
C GLN A 107 -6.26 4.87 -10.66
N SER A 108 -7.34 4.58 -11.32
CA SER A 108 -7.82 5.47 -12.41
C SER A 108 -8.58 6.65 -11.83
N HIS A 109 -9.65 6.41 -11.14
CA HIS A 109 -10.44 7.53 -10.54
C HIS A 109 -10.50 7.37 -9.02
N SER A 110 -10.14 6.23 -8.52
CA SER A 110 -10.17 6.02 -7.03
C SER A 110 -8.75 5.99 -6.47
N ALA A 111 -8.61 5.76 -5.19
CA ALA A 111 -7.25 5.71 -4.58
C ALA A 111 -7.34 5.26 -3.12
N LEU A 112 -6.23 5.19 -2.45
CA LEU A 112 -6.26 4.76 -1.02
C LEU A 112 -4.97 5.19 -0.31
N THR A 113 -4.92 5.03 0.99
CA THR A 113 -3.69 5.44 1.73
C THR A 113 -3.46 4.50 2.93
N ALA A 114 -2.35 4.65 3.59
CA ALA A 114 -2.05 3.76 4.76
C ALA A 114 -0.79 4.24 5.47
N LEU A 115 -0.76 4.17 6.78
CA LEU A 115 0.44 4.62 7.52
C LEU A 115 0.68 3.71 8.74
N GLN A 116 1.92 3.41 9.03
CA GLN A 116 2.22 2.55 10.20
C GLN A 116 3.15 3.28 11.18
N THR A 117 2.59 3.93 12.16
CA THR A 117 3.44 4.66 13.15
C THR A 117 4.46 3.71 13.78
N GLU A 118 5.38 4.23 14.55
CA GLU A 118 6.40 3.36 15.20
C GLU A 118 6.93 4.01 16.47
N GLN A 119 7.29 5.27 16.40
CA GLN A 119 7.82 5.96 17.62
C GLN A 119 6.83 7.01 18.12
N GLU A 120 6.88 7.34 19.38
CA GLU A 120 5.93 8.36 19.92
C GLU A 120 6.69 9.49 20.63
N GLN A 121 5.98 10.44 21.15
CA GLN A 121 6.64 11.57 21.87
C GLN A 121 6.17 11.62 23.33
N ASP A 122 6.97 12.15 24.22
CA ASP A 122 6.54 12.19 25.65
C ASP A 122 6.42 13.63 26.16
N PRO A 123 5.87 13.73 27.33
CA PRO A 123 5.65 15.03 28.00
C PRO A 123 6.79 15.33 28.97
N GLU A 124 6.83 14.64 30.08
CA GLU A 124 7.93 14.85 31.10
C GLU A 124 9.03 15.66 30.48
N HIS A 125 9.56 15.14 29.42
CA HIS A 125 10.62 15.80 28.66
C HIS A 125 10.18 15.77 27.22
N SER A 126 9.29 16.66 26.85
CA SER A 126 8.76 16.69 25.46
C SER A 126 9.70 15.98 24.49
N GLU A 127 10.97 16.03 24.73
CA GLU A 127 11.93 15.33 23.83
C GLU A 127 11.88 13.82 24.06
N LYS A 128 11.04 13.35 24.95
CA LYS A 128 10.98 11.88 25.18
C LYS A 128 10.09 11.24 24.12
N MET A 129 10.40 10.05 23.72
CA MET A 129 9.58 9.37 22.67
C MET A 129 9.17 7.97 23.11
N VAL A 130 7.92 7.64 22.96
CA VAL A 130 7.46 6.28 23.36
C VAL A 130 7.57 5.32 22.18
N ALA A 131 7.38 4.05 22.39
CA ALA A 131 7.49 3.08 21.28
C ALA A 131 6.21 2.26 21.17
N LYS A 132 5.48 2.41 20.09
CA LYS A 132 4.23 1.63 19.92
C LYS A 132 3.99 1.31 18.44
N ARG A 133 2.80 0.95 18.08
CA ARG A 133 2.52 0.63 16.64
C ARG A 133 1.13 1.14 16.26
N ARG A 134 1.08 2.19 15.50
CA ARG A 134 -0.25 2.73 15.07
C ARG A 134 -0.41 2.60 13.56
N PHE A 135 -1.29 1.74 13.12
CA PHE A 135 -1.48 1.57 11.65
C PHE A 135 -2.71 2.33 11.17
N ARG A 136 -2.53 3.37 10.40
CA ARG A 136 -3.69 4.16 9.90
C ARG A 136 -3.98 3.79 8.45
N ILE A 137 -5.16 4.06 7.98
CA ILE A 137 -5.50 3.72 6.57
C ILE A 137 -6.37 4.81 5.94
N GLY A 138 -6.37 4.91 4.65
CA GLY A 138 -7.20 5.95 3.97
C GLY A 138 -7.63 5.45 2.59
N ASP A 139 -8.19 4.27 2.53
CA ASP A 139 -8.63 3.72 1.21
C ASP A 139 -9.99 4.31 0.82
N ILE A 140 -10.10 4.86 -0.36
CA ILE A 140 -11.39 5.45 -0.79
C ILE A 140 -11.98 4.63 -1.95
N ALA A 141 -11.95 3.32 -1.83
CA ALA A 141 -12.50 2.47 -2.93
C ALA A 141 -14.03 2.65 -3.03
N GLY A 142 -14.51 2.98 -4.20
CA GLY A 142 -15.97 3.18 -4.37
C GLY A 142 -16.26 3.56 -5.82
N GLU A 143 -15.58 2.93 -6.74
CA GLU A 143 -15.80 3.26 -8.19
C GLU A 143 -16.94 2.43 -8.76
N HIS A 144 -16.95 2.25 -10.05
CA HIS A 144 -18.04 1.46 -10.69
C HIS A 144 -17.56 0.03 -10.93
N THR A 145 -17.29 -0.68 -9.89
CA THR A 145 -16.80 -2.08 -10.05
C THR A 145 -17.87 -3.10 -9.68
N SER A 146 -19.13 -2.76 -9.79
CA SER A 146 -20.19 -3.74 -9.44
C SER A 146 -20.01 -4.99 -10.29
N PHE A 147 -19.03 -5.78 -9.98
CA PHE A 147 -18.78 -7.01 -10.79
C PHE A 147 -20.10 -7.60 -11.29
N ASP A 148 -21.14 -7.46 -10.52
CA ASP A 148 -22.46 -8.01 -10.95
C ASP A 148 -22.91 -7.30 -12.23
N LYS A 149 -22.21 -6.28 -12.62
CA LYS A 149 -22.59 -5.53 -13.86
C LYS A 149 -21.95 -6.19 -15.08
N LEU A 150 -21.33 -7.32 -14.89
CA LEU A 150 -20.68 -8.02 -16.05
C LEU A 150 -20.12 -9.37 -15.60
N PRO A 151 -20.98 -10.17 -15.04
CA PRO A 151 -20.58 -11.51 -14.54
C PRO A 151 -20.70 -12.55 -15.66
N LYS A 152 -19.60 -12.91 -16.26
CA LYS A 152 -19.64 -13.92 -17.35
C LYS A 152 -18.43 -14.85 -17.26
N ASP A 153 -17.29 -14.40 -17.71
CA ASP A 153 -16.07 -15.24 -17.65
C ASP A 153 -14.83 -14.35 -17.55
N VAL A 154 -14.88 -13.34 -16.72
CA VAL A 154 -13.71 -12.43 -16.59
C VAL A 154 -12.79 -12.86 -15.45
N MET A 155 -11.63 -13.37 -15.77
CA MET A 155 -10.68 -13.79 -14.70
C MET A 155 -10.13 -12.54 -14.01
N ALA A 156 -10.50 -12.31 -12.78
CA ALA A 156 -10.00 -11.10 -12.06
C ALA A 156 -8.71 -11.40 -11.31
N THR A 157 -7.59 -10.98 -11.85
CA THR A 157 -6.29 -11.23 -11.16
C THR A 157 -5.70 -9.90 -10.69
N TYR A 158 -5.21 -9.83 -9.48
CA TYR A 158 -4.65 -8.55 -8.99
C TYR A 158 -3.40 -8.79 -8.14
N ARG A 159 -2.59 -7.79 -7.97
CA ARG A 159 -1.35 -7.93 -7.15
C ARG A 159 -1.02 -6.59 -6.52
N GLY A 160 -0.40 -6.57 -5.37
CA GLY A 160 -0.10 -5.25 -4.76
C GLY A 160 0.76 -5.42 -3.51
N THR A 161 0.63 -4.49 -2.60
CA THR A 161 1.45 -4.54 -1.35
C THR A 161 0.53 -4.65 -0.13
N ALA A 162 1.06 -5.17 0.94
CA ALA A 162 0.24 -5.33 2.17
C ALA A 162 0.99 -4.72 3.36
N PHE A 163 0.42 -4.80 4.53
CA PHE A 163 1.11 -4.23 5.72
C PHE A 163 0.58 -4.89 7.00
N GLY A 164 1.45 -5.46 7.79
CA GLY A 164 1.00 -6.11 9.06
C GLY A 164 1.47 -5.29 10.26
N SER A 165 0.95 -5.57 11.43
CA SER A 165 1.35 -4.80 12.63
C SER A 165 2.56 -5.47 13.31
N ASP A 166 2.96 -6.62 12.84
CA ASP A 166 4.12 -7.32 13.46
C ASP A 166 5.10 -7.78 12.37
N ASP A 167 4.76 -7.52 11.15
CA ASP A 167 5.63 -7.91 10.01
C ASP A 167 5.94 -6.69 9.16
N ALA A 168 6.81 -6.81 8.20
CA ALA A 168 7.11 -5.64 7.35
C ALA A 168 5.94 -5.48 6.38
N GLY A 169 5.52 -4.27 6.15
CA GLY A 169 4.36 -4.06 5.24
C GLY A 169 3.80 -5.40 4.78
N GLY A 170 3.87 -5.65 3.52
CA GLY A 170 3.35 -6.94 2.97
C GLY A 170 3.49 -6.93 1.44
N LYS A 171 3.43 -8.09 0.84
CA LYS A 171 3.52 -8.17 -0.65
C LYS A 171 2.81 -9.44 -1.12
N LEU A 172 1.78 -9.32 -1.92
CA LEU A 172 1.07 -10.56 -2.34
C LEU A 172 0.43 -10.43 -3.72
N THR A 173 0.29 -11.53 -4.41
CA THR A 173 -0.36 -11.52 -5.74
C THR A 173 -1.71 -12.25 -5.63
N TYR A 174 -2.65 -11.93 -6.46
CA TYR A 174 -3.98 -12.60 -6.34
C TYR A 174 -4.51 -13.05 -7.71
N THR A 175 -5.41 -13.99 -7.70
CA THR A 175 -6.02 -14.49 -8.97
C THR A 175 -7.49 -14.80 -8.71
N ILE A 176 -8.37 -13.91 -9.06
CA ILE A 176 -9.81 -14.14 -8.78
C ILE A 176 -10.61 -14.41 -10.06
N ASP A 177 -11.65 -15.19 -9.92
CA ASP A 177 -12.54 -15.47 -11.07
C ASP A 177 -13.81 -14.63 -10.87
N PHE A 178 -14.19 -13.89 -11.88
CA PHE A 178 -15.38 -12.99 -11.78
C PHE A 178 -16.54 -13.60 -11.00
N ALA A 179 -17.70 -13.01 -11.14
CA ALA A 179 -18.92 -13.49 -10.44
C ALA A 179 -19.04 -15.01 -10.44
N ALA A 180 -18.17 -15.72 -11.11
CA ALA A 180 -18.28 -17.19 -11.08
C ALA A 180 -18.03 -17.66 -9.65
N LYS A 181 -16.82 -18.01 -9.33
CA LYS A 181 -16.56 -18.46 -7.94
C LYS A 181 -15.06 -18.48 -7.61
N GLN A 182 -14.29 -17.46 -7.89
CA GLN A 182 -12.85 -17.58 -7.52
C GLN A 182 -12.26 -16.25 -7.06
N GLY A 183 -11.39 -16.30 -6.08
CA GLY A 183 -10.75 -15.06 -5.58
C GLY A 183 -9.68 -15.44 -4.56
N HIS A 184 -8.57 -15.96 -5.00
CA HIS A 184 -7.49 -16.36 -4.05
C HIS A 184 -6.17 -15.74 -4.47
N GLY A 185 -5.12 -15.96 -3.72
CA GLY A 185 -3.80 -15.38 -4.09
C GLY A 185 -2.74 -15.78 -3.07
N LYS A 186 -1.53 -15.33 -3.25
CA LYS A 186 -0.45 -15.69 -2.29
C LYS A 186 -0.14 -14.49 -1.38
N ILE A 187 0.14 -14.73 -0.13
CA ILE A 187 0.46 -13.60 0.78
C ILE A 187 1.93 -13.62 1.17
N GLU A 188 2.56 -12.47 1.18
CA GLU A 188 4.01 -12.41 1.55
C GLU A 188 4.31 -11.13 2.31
N HIS A 189 4.15 -11.14 3.61
CA HIS A 189 4.43 -9.92 4.40
C HIS A 189 5.76 -9.28 3.97
N LEU A 190 6.82 -10.04 3.98
CA LEU A 190 8.13 -9.48 3.55
C LEU A 190 8.38 -9.77 2.07
N LYS A 191 9.31 -10.64 1.77
CA LYS A 191 9.59 -10.96 0.35
C LYS A 191 10.41 -12.25 0.24
N SER A 192 11.21 -12.53 1.21
CA SER A 192 12.04 -13.77 1.18
C SER A 192 11.15 -14.98 0.89
N PRO A 193 11.66 -15.87 0.08
CA PRO A 193 10.91 -17.09 -0.28
C PRO A 193 10.86 -18.05 0.91
N GLU A 194 10.46 -17.57 2.06
CA GLU A 194 10.39 -18.45 3.26
C GLU A 194 9.33 -17.93 4.24
N LEU A 195 9.15 -16.64 4.31
CA LEU A 195 8.14 -16.08 5.25
C LEU A 195 6.85 -15.77 4.51
N ASN A 196 6.71 -16.26 3.31
CA ASN A 196 5.47 -16.00 2.53
C ASN A 196 4.38 -17.01 2.92
N VAL A 197 3.20 -16.86 2.39
CA VAL A 197 2.11 -17.81 2.75
C VAL A 197 1.14 -17.98 1.57
N ASP A 198 0.40 -19.05 1.56
CA ASP A 198 -0.56 -19.26 0.44
C ASP A 198 -1.98 -18.90 0.90
N LEU A 199 -2.59 -17.93 0.30
CA LEU A 199 -3.96 -17.54 0.72
C LEU A 199 -5.00 -18.04 -0.29
N ALA A 200 -6.21 -18.19 0.16
CA ALA A 200 -7.29 -18.67 -0.75
C ALA A 200 -8.59 -17.94 -0.40
N VAL A 201 -9.18 -17.26 -1.35
CA VAL A 201 -10.43 -16.53 -1.06
C VAL A 201 -11.42 -16.66 -2.23
N ALA A 202 -12.66 -16.35 -1.99
CA ALA A 202 -13.69 -16.43 -3.08
C ALA A 202 -14.14 -15.02 -3.46
N TYR A 203 -14.67 -14.87 -4.64
CA TYR A 203 -15.13 -13.52 -5.08
C TYR A 203 -16.61 -13.31 -4.74
N ILE A 204 -16.95 -12.13 -4.30
CA ILE A 204 -18.38 -11.86 -3.95
C ILE A 204 -18.86 -10.61 -4.71
N LYS A 205 -19.99 -10.70 -5.36
CA LYS A 205 -20.51 -9.53 -6.11
C LYS A 205 -21.25 -8.55 -5.18
N PRO A 206 -21.82 -9.08 -4.14
CA PRO A 206 -22.57 -8.24 -3.19
C PRO A 206 -21.62 -7.46 -2.27
N ASP A 207 -20.59 -6.88 -2.82
CA ASP A 207 -19.64 -6.08 -1.98
C ASP A 207 -20.40 -4.93 -1.31
N GLU A 208 -19.76 -3.79 -1.16
CA GLU A 208 -20.47 -2.65 -0.53
C GLU A 208 -21.87 -2.52 -1.16
N LYS A 209 -22.03 -3.09 -2.32
CA LYS A 209 -23.35 -3.04 -3.01
C LYS A 209 -23.37 -4.10 -4.11
N HIS A 210 -22.45 -4.01 -5.03
CA HIS A 210 -22.40 -5.02 -6.13
C HIS A 210 -20.98 -5.08 -6.73
N HIS A 211 -20.02 -4.44 -6.10
CA HIS A 211 -18.63 -4.45 -6.64
C HIS A 211 -18.01 -5.85 -6.45
N ALA A 212 -16.74 -6.00 -6.76
CA ALA A 212 -16.10 -7.34 -6.58
C ALA A 212 -15.54 -7.44 -5.16
N VAL A 213 -15.66 -8.59 -4.54
CA VAL A 213 -15.13 -8.74 -3.15
C VAL A 213 -14.18 -9.94 -3.07
N ILE A 214 -13.48 -10.07 -1.98
CA ILE A 214 -12.53 -11.20 -1.82
C ILE A 214 -12.41 -11.57 -0.34
N SER A 215 -12.89 -12.73 0.04
CA SER A 215 -12.79 -13.12 1.48
C SER A 215 -12.40 -14.60 1.61
N GLY A 216 -11.53 -14.92 2.53
CA GLY A 216 -11.11 -16.34 2.71
C GLY A 216 -10.09 -16.44 3.86
N SER A 217 -9.12 -17.30 3.73
CA SER A 217 -8.10 -17.45 4.80
C SER A 217 -6.70 -17.53 4.20
N VAL A 218 -5.69 -17.57 5.04
CA VAL A 218 -4.30 -17.65 4.54
C VAL A 218 -3.46 -18.58 5.43
N LEU A 219 -2.57 -19.34 4.84
CA LEU A 219 -1.73 -20.27 5.65
C LEU A 219 -0.44 -20.62 4.89
N TYR A 220 0.53 -21.14 5.58
CA TYR A 220 1.81 -21.50 4.89
C TYR A 220 2.49 -22.67 5.62
N ASN A 221 3.31 -23.42 4.93
CA ASN A 221 4.00 -24.56 5.59
C ASN A 221 5.10 -24.05 6.52
N GLN A 222 5.30 -22.77 6.58
CA GLN A 222 6.36 -22.21 7.47
C GLN A 222 6.09 -20.74 7.76
N ASP A 223 4.85 -20.37 7.97
CA ASP A 223 4.53 -18.94 8.26
C ASP A 223 3.52 -18.84 9.39
N GLU A 224 2.28 -19.10 9.11
CA GLU A 224 1.23 -19.00 10.17
C GLU A 224 -0.15 -19.37 9.60
N LYS A 225 -1.19 -18.92 10.24
CA LYS A 225 -2.57 -19.23 9.77
C LYS A 225 -3.40 -17.95 9.87
N GLY A 226 -3.23 -17.07 8.92
CA GLY A 226 -3.98 -15.78 8.97
C GLY A 226 -5.22 -15.85 8.08
N SER A 227 -6.01 -14.82 8.12
CA SER A 227 -7.24 -14.79 7.28
C SER A 227 -7.07 -13.81 6.13
N TYR A 228 -8.07 -13.63 5.31
CA TYR A 228 -7.94 -12.67 4.19
C TYR A 228 -9.30 -12.16 3.74
N SER A 229 -9.47 -10.86 3.74
CA SER A 229 -10.76 -10.26 3.30
C SER A 229 -10.48 -8.90 2.65
N LEU A 230 -10.70 -8.79 1.37
CA LEU A 230 -10.42 -7.50 0.69
C LEU A 230 -11.57 -7.13 -0.27
N GLY A 231 -11.61 -5.90 -0.69
CA GLY A 231 -12.68 -5.47 -1.64
C GLY A 231 -12.03 -4.99 -2.93
N ILE A 232 -12.47 -5.46 -4.07
CA ILE A 232 -11.85 -5.02 -5.34
C ILE A 232 -12.81 -4.16 -6.15
N PHE A 233 -12.32 -3.06 -6.66
CA PHE A 233 -13.18 -2.16 -7.46
C PHE A 233 -12.48 -1.76 -8.77
N GLY A 234 -12.97 -2.27 -9.88
CA GLY A 234 -12.36 -1.95 -11.20
C GLY A 234 -13.13 -2.71 -12.28
N GLU A 235 -13.79 -2.01 -13.17
CA GLU A 235 -14.54 -2.74 -14.24
C GLU A 235 -13.81 -4.03 -14.55
N LYS A 236 -12.53 -3.91 -14.73
CA LYS A 236 -11.66 -5.07 -15.02
C LYS A 236 -10.27 -4.52 -15.20
N ALA A 237 -9.91 -3.53 -14.42
CA ALA A 237 -8.58 -2.91 -14.59
C ALA A 237 -8.32 -1.84 -13.52
N GLN A 238 -9.04 -1.86 -12.43
CA GLN A 238 -8.79 -0.82 -11.38
C GLN A 238 -7.82 -1.35 -10.33
N GLU A 239 -8.32 -1.78 -9.21
CA GLU A 239 -7.39 -2.30 -8.15
C GLU A 239 -8.17 -3.06 -7.07
N VAL A 240 -7.50 -3.40 -5.99
CA VAL A 240 -8.17 -4.13 -4.89
C VAL A 240 -7.47 -3.82 -3.56
N ALA A 241 -8.17 -3.25 -2.63
CA ALA A 241 -7.52 -2.89 -1.33
C ALA A 241 -8.36 -3.43 -0.15
N GLY A 242 -7.72 -3.88 0.89
CA GLY A 242 -8.48 -4.39 2.06
C GLY A 242 -7.51 -4.74 3.20
N SER A 243 -7.83 -5.74 3.97
CA SER A 243 -6.94 -6.14 5.09
C SER A 243 -7.22 -7.59 5.47
N ALA A 244 -6.20 -8.38 5.67
CA ALA A 244 -6.41 -9.80 6.04
C ALA A 244 -6.10 -10.01 7.52
N GLU A 245 -6.39 -11.17 8.04
CA GLU A 245 -6.10 -11.44 9.47
C GLU A 245 -4.85 -12.31 9.58
N VAL A 246 -4.28 -12.40 10.75
CA VAL A 246 -3.05 -13.22 10.91
C VAL A 246 -3.00 -13.85 12.31
N GLU A 247 -3.25 -15.13 12.39
CA GLU A 247 -3.21 -15.80 13.73
C GLU A 247 -1.91 -16.59 13.88
N THR A 248 -1.11 -16.24 14.85
CA THR A 248 0.18 -16.97 15.05
C THR A 248 -0.01 -18.11 16.06
N ALA A 249 0.87 -18.23 17.01
CA ALA A 249 0.74 -19.31 18.02
C ALA A 249 0.27 -18.73 19.35
N ASN A 250 0.07 -17.45 19.41
CA ASN A 250 -0.39 -16.82 20.69
C ASN A 250 -0.55 -15.31 20.50
N GLY A 251 -1.03 -14.88 19.37
CA GLY A 251 -1.20 -13.42 19.14
C GLY A 251 -1.88 -13.19 17.79
N ILE A 252 -3.02 -12.54 17.79
CA ILE A 252 -3.74 -12.29 16.52
C ILE A 252 -3.24 -10.99 15.88
N HIS A 253 -2.77 -11.06 14.67
CA HIS A 253 -2.27 -9.83 13.99
C HIS A 253 -3.14 -9.51 12.78
N HIS A 254 -3.08 -8.28 12.31
CA HIS A 254 -3.91 -7.91 11.13
C HIS A 254 -3.03 -7.27 10.06
N ILE A 255 -3.23 -7.60 8.82
CA ILE A 255 -2.39 -7.01 7.73
C ILE A 255 -3.27 -6.23 6.74
N GLY A 256 -2.96 -4.99 6.53
CA GLY A 256 -3.77 -4.18 5.55
C GLY A 256 -3.18 -4.40 4.15
N LEU A 257 -3.99 -4.84 3.22
CA LEU A 257 -3.47 -5.08 1.85
C LEU A 257 -3.86 -3.96 0.90
N ALA A 258 -3.07 -3.74 -0.12
CA ALA A 258 -3.40 -2.68 -1.11
C ALA A 258 -2.80 -3.06 -2.47
N ALA A 259 -3.62 -3.42 -3.42
CA ALA A 259 -3.06 -3.81 -4.74
C ALA A 259 -3.89 -3.24 -5.89
N LYS A 260 -3.33 -3.26 -7.07
CA LYS A 260 -4.06 -2.74 -8.27
C LYS A 260 -4.30 -3.87 -9.26
N GLN A 261 -5.17 -3.65 -10.22
CA GLN A 261 -5.45 -4.71 -11.22
C GLN A 261 -4.22 -5.59 -11.43
N MET A 1 45.42 -11.98 4.93
CA MET A 1 43.99 -12.21 4.58
C MET A 1 43.21 -10.90 4.68
N GLY A 2 43.07 -10.20 3.58
CA GLY A 2 42.32 -8.91 3.61
C GLY A 2 40.94 -9.11 2.98
N SER A 3 39.99 -8.29 3.33
CA SER A 3 38.62 -8.43 2.76
C SER A 3 37.84 -7.13 2.95
N SER A 4 38.49 -6.01 2.91
CA SER A 4 37.78 -4.71 3.09
C SER A 4 38.15 -3.75 1.97
N GLY A 5 37.23 -2.92 1.55
CA GLY A 5 37.53 -1.95 0.45
C GLY A 5 36.51 -0.82 0.49
N GLY A 6 35.41 -0.97 -0.20
CA GLY A 6 34.38 0.11 -0.20
C GLY A 6 33.02 -0.48 -0.60
N GLY A 7 32.39 0.08 -1.59
CA GLY A 7 31.07 -0.45 -2.02
C GLY A 7 30.82 -0.10 -3.49
N GLY A 8 30.88 -1.07 -4.36
CA GLY A 8 30.65 -0.78 -5.80
C GLY A 8 29.15 -0.81 -6.10
N SER A 9 28.70 -1.81 -6.82
CA SER A 9 27.24 -1.89 -7.14
C SER A 9 26.81 -3.36 -7.26
N GLY A 10 25.55 -3.60 -7.49
CA GLY A 10 25.07 -5.01 -7.63
C GLY A 10 25.14 -5.44 -9.09
N GLY A 11 24.33 -6.39 -9.47
CA GLY A 11 24.35 -6.86 -10.88
C GLY A 11 23.47 -5.94 -11.73
N GLY A 12 22.94 -6.43 -12.82
CA GLY A 12 22.08 -5.59 -13.69
C GLY A 12 20.72 -6.25 -13.86
N GLY A 13 19.67 -5.48 -13.94
CA GLY A 13 18.32 -6.07 -14.11
C GLY A 13 17.28 -4.95 -14.26
N VAL A 14 16.58 -4.63 -13.21
CA VAL A 14 15.56 -3.55 -13.29
C VAL A 14 16.22 -2.24 -13.70
N THR A 15 15.46 -1.34 -14.29
CA THR A 15 16.04 -0.04 -14.71
C THR A 15 15.77 1.04 -13.65
N ALA A 16 16.32 2.21 -13.82
CA ALA A 16 16.10 3.28 -12.82
C ALA A 16 14.65 3.77 -12.85
N ASP A 17 13.82 3.12 -13.62
CA ASP A 17 12.40 3.56 -13.69
C ASP A 17 11.46 2.36 -13.56
N ILE A 18 11.73 1.48 -12.63
CA ILE A 18 10.86 0.29 -12.45
C ILE A 18 10.15 0.39 -11.10
N GLY A 19 10.84 0.06 -10.06
CA GLY A 19 10.23 0.12 -8.70
C GLY A 19 10.84 1.27 -7.92
N THR A 20 12.14 1.28 -7.76
CA THR A 20 12.79 2.40 -7.01
C THR A 20 12.56 3.73 -7.72
N GLY A 21 11.91 3.71 -8.85
CA GLY A 21 11.66 4.97 -9.58
C GLY A 21 10.81 5.91 -8.72
N LEU A 22 10.09 5.37 -7.78
CA LEU A 22 9.25 6.23 -6.90
C LEU A 22 10.10 7.34 -6.28
N ALA A 23 11.32 7.04 -5.92
CA ALA A 23 12.19 8.08 -5.30
C ALA A 23 12.27 9.31 -6.22
N ASP A 24 11.79 9.19 -7.43
CA ASP A 24 11.83 10.33 -8.37
C ASP A 24 10.51 11.10 -8.31
N ALA A 25 9.53 10.58 -7.63
CA ALA A 25 8.22 11.27 -7.53
C ALA A 25 8.29 12.39 -6.49
N LEU A 26 9.27 12.35 -5.63
CA LEU A 26 9.39 13.41 -4.59
C LEU A 26 10.54 14.36 -4.93
N THR A 27 11.57 13.87 -5.55
CA THR A 27 12.71 14.75 -5.91
C THR A 27 12.58 15.24 -7.36
N ALA A 28 11.61 14.73 -8.06
CA ALA A 28 11.41 15.17 -9.47
C ALA A 28 10.10 15.94 -9.62
N PRO A 29 10.21 17.24 -9.49
CA PRO A 29 9.02 18.12 -9.60
C PRO A 29 8.55 18.21 -11.06
N LEU A 30 7.52 18.97 -11.31
CA LEU A 30 7.02 19.10 -12.72
C LEU A 30 8.19 18.99 -13.70
N ASP A 31 7.91 18.59 -14.92
CA ASP A 31 9.00 18.46 -15.93
C ASP A 31 8.46 18.77 -17.32
N HIS A 32 9.25 18.52 -18.34
CA HIS A 32 8.77 18.80 -19.72
C HIS A 32 8.77 17.52 -20.55
N LYS A 33 8.14 16.49 -20.05
CA LYS A 33 8.10 15.20 -20.82
C LYS A 33 7.32 14.14 -20.03
N ASP A 34 6.38 14.56 -19.23
CA ASP A 34 5.59 13.58 -18.43
C ASP A 34 4.57 12.87 -19.33
N LYS A 35 3.93 11.84 -18.83
CA LYS A 35 2.93 11.11 -19.65
C LYS A 35 1.53 11.31 -19.08
N GLY A 36 1.29 10.83 -17.90
CA GLY A 36 -0.07 10.99 -17.29
C GLY A 36 -0.06 12.20 -16.36
N LEU A 37 -0.63 12.07 -15.20
CA LEU A 37 -0.65 13.22 -14.25
C LEU A 37 0.77 13.67 -13.92
N LYS A 38 1.06 14.92 -14.10
CA LYS A 38 2.43 15.43 -13.79
C LYS A 38 2.70 15.35 -12.29
N SER A 39 1.72 15.66 -11.49
CA SER A 39 1.91 15.60 -10.01
C SER A 39 0.67 16.12 -9.29
N LEU A 40 0.60 15.94 -8.00
CA LEU A 40 -0.60 16.42 -7.24
C LEU A 40 -0.16 17.06 -5.92
N THR A 41 -0.45 18.32 -5.74
CA THR A 41 -0.05 19.01 -4.48
C THR A 41 -1.28 19.25 -3.60
N LEU A 42 -1.15 19.04 -2.32
CA LEU A 42 -2.31 19.26 -1.41
C LEU A 42 -2.40 20.73 -1.02
N GLU A 43 -3.29 21.47 -1.62
CA GLU A 43 -3.42 22.91 -1.28
C GLU A 43 -2.98 23.17 0.17
N ASP A 44 -3.78 22.77 1.12
CA ASP A 44 -3.41 22.99 2.54
C ASP A 44 -3.64 21.72 3.35
N SER A 45 -3.64 20.58 2.71
CA SER A 45 -3.86 19.31 3.45
C SER A 45 -3.33 19.43 4.89
N ILE A 46 -2.11 19.87 5.04
CA ILE A 46 -1.53 20.02 6.41
C ILE A 46 -1.36 21.50 6.75
N SER A 47 -0.48 21.79 7.67
CA SER A 47 -0.23 23.19 8.06
C SER A 47 0.95 23.26 9.04
N GLN A 48 1.28 24.42 9.53
CA GLN A 48 2.42 24.53 10.48
C GLN A 48 2.20 23.59 11.66
N ASN A 49 1.01 23.04 11.77
CA ASN A 49 0.71 22.12 12.88
C ASN A 49 0.98 20.67 12.46
N GLY A 50 1.61 20.48 11.34
CA GLY A 50 1.89 19.09 10.85
C GLY A 50 3.10 19.10 9.92
N THR A 51 4.29 19.11 10.48
CA THR A 51 5.51 19.13 9.63
C THR A 51 6.17 17.74 9.64
N LEU A 52 6.57 17.25 8.49
CA LEU A 52 7.22 15.92 8.44
C LEU A 52 8.01 15.75 7.14
N THR A 53 8.97 14.86 7.12
CA THR A 53 9.76 14.65 5.89
C THR A 53 9.51 13.26 5.32
N LEU A 54 9.66 13.09 4.03
CA LEU A 54 9.43 11.74 3.44
C LEU A 54 10.59 11.36 2.51
N SER A 55 11.13 10.18 2.66
CA SER A 55 12.26 9.76 1.79
C SER A 55 11.90 8.48 1.03
N ALA A 56 12.33 8.37 -0.19
CA ALA A 56 12.01 7.14 -0.98
C ALA A 56 13.28 6.33 -1.24
N GLN A 57 13.18 5.28 -2.01
CA GLN A 57 14.37 4.45 -2.30
C GLN A 57 15.30 5.17 -3.28
N GLY A 58 15.51 6.43 -3.08
CA GLY A 58 16.40 7.20 -4.00
C GLY A 58 16.57 8.63 -3.49
N ALA A 59 15.50 9.25 -3.06
CA ALA A 59 15.60 10.63 -2.55
C ALA A 59 14.46 10.92 -1.56
N GLU A 60 14.44 12.09 -0.98
CA GLU A 60 13.35 12.42 -0.02
C GLU A 60 12.95 13.90 -0.17
N LYS A 61 11.76 14.23 0.25
CA LYS A 61 11.30 15.65 0.13
C LYS A 61 10.57 16.08 1.40
N THR A 62 10.98 17.17 2.00
CA THR A 62 10.30 17.63 3.25
C THR A 62 8.81 17.83 2.99
N TYR A 63 7.98 17.05 3.62
CA TYR A 63 6.51 17.19 3.40
C TYR A 63 5.89 18.00 4.55
N GLY A 64 5.41 19.18 4.26
CA GLY A 64 4.79 20.02 5.32
C GLY A 64 3.47 20.61 4.80
N ASN A 65 3.01 21.67 5.40
CA ASN A 65 1.74 22.29 4.94
C ASN A 65 1.77 22.46 3.42
N GLY A 66 0.77 21.96 2.74
CA GLY A 66 0.75 22.10 1.26
C GLY A 66 1.49 20.92 0.63
N ASP A 67 2.04 20.06 1.45
CA ASP A 67 2.78 18.89 0.91
C ASP A 67 2.21 18.48 -0.45
N SER A 68 3.06 18.08 -1.36
CA SER A 68 2.57 17.67 -2.71
C SER A 68 3.34 16.45 -3.21
N LEU A 69 2.72 15.63 -4.02
CA LEU A 69 3.42 14.43 -4.54
C LEU A 69 3.54 14.51 -6.07
N ASN A 70 4.66 14.12 -6.62
CA ASN A 70 4.83 14.18 -8.09
C ASN A 70 5.01 12.76 -8.65
N THR A 71 4.12 12.33 -9.50
CA THR A 71 4.24 10.96 -10.08
C THR A 71 4.10 11.03 -11.60
N GLY A 72 4.56 12.08 -12.22
CA GLY A 72 4.44 12.20 -13.70
C GLY A 72 5.02 10.93 -14.35
N LYS A 73 5.73 10.14 -13.61
CA LYS A 73 6.32 8.90 -14.20
C LYS A 73 5.46 7.68 -13.85
N LEU A 74 5.11 7.53 -12.59
CA LEU A 74 4.28 6.37 -12.19
C LEU A 74 3.25 6.04 -13.28
N LYS A 75 2.65 4.88 -13.19
CA LYS A 75 1.64 4.49 -14.21
C LYS A 75 0.33 4.09 -13.54
N ASN A 76 -0.51 3.35 -14.22
CA ASN A 76 -1.80 2.94 -13.61
C ASN A 76 -1.60 1.68 -12.76
N ASP A 77 -0.37 1.32 -12.50
CA ASP A 77 -0.11 0.09 -11.68
C ASP A 77 1.20 0.26 -10.90
N LYS A 78 1.24 1.18 -9.97
CA LYS A 78 2.48 1.38 -9.17
C LYS A 78 2.13 1.86 -7.76
N VAL A 79 3.09 1.84 -6.87
CA VAL A 79 2.81 2.30 -5.48
C VAL A 79 3.87 3.30 -5.02
N SER A 80 3.64 3.94 -3.92
CA SER A 80 4.62 4.94 -3.42
C SER A 80 4.79 4.79 -1.90
N ARG A 81 5.73 4.01 -1.48
CA ARG A 81 5.95 3.82 -0.01
C ARG A 81 7.26 4.47 0.43
N PHE A 82 7.21 5.34 1.40
CA PHE A 82 8.45 6.00 1.87
C PHE A 82 8.37 6.27 3.37
N ASP A 83 9.49 6.39 4.03
CA ASP A 83 9.47 6.65 5.50
C ASP A 83 9.46 8.16 5.76
N PHE A 84 8.72 8.59 6.74
CA PHE A 84 8.66 10.05 7.05
C PHE A 84 8.44 10.26 8.54
N ILE A 85 8.70 11.45 9.03
CA ILE A 85 8.51 11.72 10.48
C ILE A 85 7.44 12.81 10.68
N ARG A 86 6.30 12.44 11.19
CA ARG A 86 5.23 13.45 11.41
C ARG A 86 5.44 14.15 12.75
N GLN A 87 5.98 15.35 12.73
CA GLN A 87 6.22 16.07 14.01
C GLN A 87 5.82 17.55 13.86
N ILE A 88 5.33 18.14 14.91
CA ILE A 88 4.93 19.56 14.84
C ILE A 88 5.53 20.32 16.04
N GLU A 89 6.45 21.21 15.79
CA GLU A 89 7.07 21.96 16.92
C GLU A 89 7.28 23.42 16.52
N VAL A 90 6.76 24.34 17.27
CA VAL A 90 6.95 25.78 16.95
C VAL A 90 7.91 26.42 17.95
N ASP A 91 8.32 27.64 17.70
CA ASP A 91 9.27 28.31 18.63
C ASP A 91 8.59 28.58 19.97
N GLY A 92 7.37 28.15 20.12
CA GLY A 92 6.64 28.38 21.41
C GLY A 92 5.23 27.81 21.31
N GLN A 93 5.07 26.69 20.67
CA GLN A 93 3.72 26.08 20.54
C GLN A 93 3.81 24.56 20.48
N LEU A 94 3.05 23.98 19.63
CA LEU A 94 3.06 22.49 19.50
C LEU A 94 4.49 21.96 19.49
N ILE A 95 4.66 20.68 19.72
CA ILE A 95 6.03 20.09 19.73
C ILE A 95 5.95 18.59 19.45
N THR A 96 4.90 18.15 18.79
CA THR A 96 4.77 16.70 18.50
C THR A 96 6.03 16.16 17.82
N LEU A 97 6.25 14.87 17.89
CA LEU A 97 7.46 14.29 17.25
C LEU A 97 7.32 12.77 17.14
N GLU A 98 6.95 12.27 16.00
CA GLU A 98 6.80 10.80 15.83
C GLU A 98 7.19 10.38 14.41
N SER A 99 7.57 9.15 14.23
CA SER A 99 7.97 8.67 12.88
C SER A 99 7.04 7.53 12.42
N GLY A 100 7.02 7.25 11.15
CA GLY A 100 6.14 6.15 10.65
C GLY A 100 6.43 5.87 9.18
N GLU A 101 5.80 4.89 8.61
CA GLU A 101 6.04 4.57 7.17
C GLU A 101 4.83 5.01 6.32
N PHE A 102 5.03 5.18 5.04
CA PHE A 102 3.90 5.61 4.17
C PHE A 102 3.71 4.60 3.03
N GLN A 103 2.49 4.30 2.69
CA GLN A 103 2.23 3.32 1.59
C GLN A 103 1.09 3.84 0.70
N VAL A 104 1.40 4.36 -0.44
CA VAL A 104 0.33 4.88 -1.33
C VAL A 104 0.34 4.14 -2.68
N TYR A 105 -0.61 3.28 -2.89
CA TYR A 105 -0.66 2.52 -4.19
C TYR A 105 -1.40 3.35 -5.25
N LYS A 106 -1.17 3.07 -6.50
CA LYS A 106 -1.86 3.84 -7.58
C LYS A 106 -2.41 2.89 -8.64
N GLN A 107 -3.62 3.12 -9.07
CA GLN A 107 -4.20 2.23 -10.12
C GLN A 107 -4.62 3.05 -11.35
N SER A 108 -5.85 2.92 -11.77
CA SER A 108 -6.31 3.70 -12.96
C SER A 108 -6.56 5.16 -12.58
N HIS A 109 -7.75 5.49 -12.17
CA HIS A 109 -8.05 6.90 -11.77
C HIS A 109 -7.95 7.05 -10.25
N SER A 110 -8.22 5.99 -9.53
CA SER A 110 -8.14 6.07 -8.04
C SER A 110 -6.81 5.47 -7.56
N ALA A 111 -6.73 5.14 -6.31
CA ALA A 111 -5.47 4.54 -5.78
C ALA A 111 -5.66 4.07 -4.34
N LEU A 112 -4.62 3.63 -3.70
CA LEU A 112 -4.75 3.16 -2.29
C LEU A 112 -3.74 3.89 -1.39
N THR A 113 -4.13 4.23 -0.20
CA THR A 113 -3.19 4.95 0.71
C THR A 113 -2.92 4.11 1.96
N ALA A 114 -1.86 4.42 2.66
CA ALA A 114 -1.52 3.65 3.89
C ALA A 114 -0.48 4.42 4.72
N LEU A 115 -0.81 4.75 5.93
CA LEU A 115 0.16 5.50 6.78
C LEU A 115 0.60 4.64 7.97
N GLN A 116 1.79 4.09 7.91
CA GLN A 116 2.27 3.25 9.04
C GLN A 116 3.00 4.11 10.07
N THR A 117 2.98 3.71 11.31
CA THR A 117 3.69 4.50 12.36
C THR A 117 4.95 3.77 12.81
N GLU A 118 5.71 4.36 13.70
CA GLU A 118 6.95 3.69 14.18
C GLU A 118 7.15 3.93 15.68
N GLN A 119 7.78 5.01 16.04
CA GLN A 119 8.00 5.29 17.49
C GLN A 119 7.46 6.66 17.86
N GLU A 120 7.12 6.86 19.12
CA GLU A 120 6.59 8.19 19.54
C GLU A 120 7.14 8.55 20.93
N GLN A 121 6.74 9.68 21.45
CA GLN A 121 7.25 10.09 22.80
C GLN A 121 6.28 11.10 23.42
N ASP A 122 6.22 11.15 24.73
CA ASP A 122 5.28 12.14 25.37
C ASP A 122 6.03 13.05 26.35
N PRO A 123 6.25 14.26 25.91
CA PRO A 123 6.96 15.27 26.72
C PRO A 123 6.08 15.82 27.85
N GLU A 124 5.46 14.96 28.60
CA GLU A 124 4.61 15.44 29.72
C GLU A 124 5.43 15.44 31.01
N HIS A 125 6.39 14.59 31.04
CA HIS A 125 7.30 14.48 32.22
C HIS A 125 8.33 13.39 31.93
N SER A 126 7.91 12.18 32.06
CA SER A 126 8.80 11.02 31.77
C SER A 126 8.17 10.14 30.69
N GLU A 127 7.22 10.67 29.98
CA GLU A 127 6.54 9.87 28.92
C GLU A 127 7.02 10.28 27.52
N LYS A 128 7.99 11.15 27.44
CA LYS A 128 8.50 11.60 26.10
C LYS A 128 9.00 10.41 25.27
N MET A 129 8.38 9.27 25.39
CA MET A 129 8.80 8.11 24.59
C MET A 129 7.65 7.10 24.46
N VAL A 130 7.49 6.52 23.30
CA VAL A 130 6.39 5.53 23.11
C VAL A 130 6.80 4.51 22.05
N ALA A 131 6.07 3.43 21.94
CA ALA A 131 6.42 2.40 20.92
C ALA A 131 5.17 1.58 20.55
N LYS A 132 4.74 1.69 19.32
CA LYS A 132 3.53 0.92 18.89
C LYS A 132 3.43 0.92 17.37
N ARG A 133 3.25 -0.22 16.78
CA ARG A 133 3.14 -0.29 15.29
C ARG A 133 1.72 0.10 14.86
N ARG A 134 1.57 1.27 14.29
CA ARG A 134 0.22 1.71 13.85
C ARG A 134 0.18 1.79 12.32
N PHE A 135 -0.97 1.61 11.73
CA PHE A 135 -1.06 1.68 10.24
C PHE A 135 -2.43 2.24 9.82
N ARG A 136 -2.44 3.45 9.30
CA ARG A 136 -3.73 4.04 8.85
C ARG A 136 -3.92 3.81 7.36
N ILE A 137 -4.82 2.93 6.99
CA ILE A 137 -5.04 2.65 5.54
C ILE A 137 -5.97 3.71 4.92
N GLY A 138 -5.57 4.28 3.83
CA GLY A 138 -6.43 5.30 3.16
C GLY A 138 -6.73 4.86 1.74
N ASP A 139 -7.16 3.64 1.56
CA ASP A 139 -7.46 3.14 0.19
C ASP A 139 -8.58 3.98 -0.45
N ILE A 140 -8.30 4.55 -1.59
CA ILE A 140 -9.34 5.37 -2.28
C ILE A 140 -9.50 4.89 -3.73
N ALA A 141 -10.21 3.81 -3.91
CA ALA A 141 -10.41 3.28 -5.29
C ALA A 141 -11.87 3.46 -5.72
N GLY A 142 -12.10 3.83 -6.95
CA GLY A 142 -13.49 4.02 -7.43
C GLY A 142 -14.27 2.71 -7.29
N GLU A 143 -14.44 2.23 -6.09
CA GLU A 143 -15.19 0.96 -5.89
C GLU A 143 -16.69 1.19 -6.06
N HIS A 144 -17.06 1.92 -7.06
CA HIS A 144 -18.50 2.20 -7.29
C HIS A 144 -19.06 1.27 -8.38
N THR A 145 -18.23 0.43 -8.93
CA THR A 145 -18.71 -0.48 -10.01
C THR A 145 -18.82 -1.92 -9.49
N SER A 146 -20.02 -2.40 -9.28
CA SER A 146 -20.17 -3.81 -8.81
C SER A 146 -19.53 -4.75 -9.83
N PHE A 147 -18.57 -5.52 -9.43
CA PHE A 147 -17.89 -6.44 -10.39
C PHE A 147 -18.89 -6.95 -11.44
N ASP A 148 -20.15 -6.99 -11.11
CA ASP A 148 -21.17 -7.48 -12.07
C ASP A 148 -21.19 -6.58 -13.30
N LYS A 149 -20.45 -5.51 -13.27
CA LYS A 149 -20.42 -4.57 -14.42
C LYS A 149 -19.38 -5.01 -15.45
N LEU A 150 -18.15 -5.02 -15.06
CA LEU A 150 -17.07 -5.42 -16.01
C LEU A 150 -16.66 -6.88 -15.75
N PRO A 151 -16.13 -7.13 -14.58
CA PRO A 151 -15.71 -8.52 -14.23
C PRO A 151 -16.94 -9.43 -14.12
N LYS A 152 -17.21 -10.20 -15.15
CA LYS A 152 -18.38 -11.10 -15.11
C LYS A 152 -18.00 -12.46 -14.51
N ASP A 153 -17.47 -13.35 -15.30
CA ASP A 153 -17.08 -14.67 -14.78
C ASP A 153 -15.67 -15.03 -15.27
N VAL A 154 -14.78 -14.07 -15.27
CA VAL A 154 -13.40 -14.34 -15.74
C VAL A 154 -12.42 -14.26 -14.55
N MET A 155 -11.63 -15.29 -14.35
CA MET A 155 -10.66 -15.26 -13.22
C MET A 155 -9.55 -14.26 -13.51
N ALA A 156 -9.59 -13.11 -12.88
CA ALA A 156 -8.55 -12.09 -13.12
C ALA A 156 -7.41 -12.20 -12.09
N THR A 157 -6.19 -12.04 -12.52
CA THR A 157 -5.05 -12.13 -11.58
C THR A 157 -5.02 -10.89 -10.68
N TYR A 158 -4.54 -11.01 -9.47
CA TYR A 158 -4.50 -9.83 -8.58
C TYR A 158 -3.27 -9.86 -7.67
N ARG A 159 -2.56 -8.78 -7.58
CA ARG A 159 -1.35 -8.75 -6.71
C ARG A 159 -1.16 -7.33 -6.16
N GLY A 160 -0.68 -7.20 -4.96
CA GLY A 160 -0.49 -5.83 -4.41
C GLY A 160 0.42 -5.84 -3.18
N THR A 161 0.34 -4.80 -2.40
CA THR A 161 1.18 -4.70 -1.17
C THR A 161 0.29 -4.46 0.03
N ALA A 162 0.74 -4.81 1.21
CA ALA A 162 -0.09 -4.61 2.42
C ALA A 162 0.78 -4.35 3.64
N PHE A 163 0.17 -4.16 4.77
CA PHE A 163 0.96 -3.91 6.01
C PHE A 163 0.42 -4.77 7.16
N GLY A 164 1.28 -5.37 7.94
CA GLY A 164 0.78 -6.23 9.06
C GLY A 164 1.17 -5.60 10.40
N SER A 165 0.31 -5.72 11.39
CA SER A 165 0.63 -5.14 12.72
C SER A 165 1.69 -5.98 13.42
N ASP A 166 2.08 -7.07 12.83
CA ASP A 166 3.12 -7.93 13.46
C ASP A 166 4.12 -8.40 12.39
N ASP A 167 3.94 -7.97 11.19
CA ASP A 167 4.87 -8.37 10.10
C ASP A 167 5.42 -7.11 9.42
N ALA A 168 6.39 -7.26 8.56
CA ALA A 168 6.95 -6.06 7.89
C ALA A 168 5.87 -5.35 7.10
N GLY A 169 4.89 -6.07 6.70
CA GLY A 169 3.79 -5.45 5.95
C GLY A 169 2.79 -6.53 5.56
N GLY A 170 2.69 -6.78 4.29
CA GLY A 170 1.75 -7.82 3.81
C GLY A 170 1.75 -7.85 2.27
N LYS A 171 2.56 -8.66 1.66
CA LYS A 171 2.56 -8.69 0.17
C LYS A 171 1.58 -9.76 -0.32
N LEU A 172 0.62 -9.38 -1.12
CA LEU A 172 -0.38 -10.38 -1.59
C LEU A 172 -0.32 -10.54 -3.11
N THR A 173 -0.51 -11.73 -3.60
CA THR A 173 -0.49 -11.98 -5.06
C THR A 173 -1.36 -13.20 -5.37
N TYR A 174 -2.54 -13.00 -5.89
CA TYR A 174 -3.42 -14.16 -6.18
C TYR A 174 -4.42 -13.81 -7.28
N THR A 175 -4.99 -14.80 -7.92
CA THR A 175 -5.99 -14.53 -8.98
C THR A 175 -7.40 -14.62 -8.41
N ILE A 176 -8.36 -14.03 -9.05
CA ILE A 176 -9.75 -14.08 -8.52
C ILE A 176 -10.76 -14.25 -9.65
N ASP A 177 -11.93 -14.71 -9.32
CA ASP A 177 -12.98 -14.91 -10.36
C ASP A 177 -14.13 -13.93 -10.11
N PHE A 178 -14.44 -13.14 -11.09
CA PHE A 178 -15.54 -12.14 -10.94
C PHE A 178 -16.82 -12.79 -10.41
N ALA A 179 -17.91 -12.57 -11.08
CA ALA A 179 -19.22 -13.14 -10.66
C ALA A 179 -19.03 -14.51 -10.03
N ALA A 180 -18.26 -15.36 -10.65
CA ALA A 180 -18.02 -16.71 -10.05
C ALA A 180 -17.19 -16.52 -8.79
N LYS A 181 -17.65 -15.66 -7.92
CA LYS A 181 -16.92 -15.37 -6.64
C LYS A 181 -15.92 -16.47 -6.33
N GLN A 182 -14.81 -16.49 -7.01
CA GLN A 182 -13.81 -17.57 -6.74
C GLN A 182 -12.39 -17.08 -7.02
N GLY A 183 -11.55 -17.00 -6.03
CA GLY A 183 -10.16 -16.54 -6.25
C GLY A 183 -9.23 -17.12 -5.19
N HIS A 184 -7.95 -17.06 -5.39
CA HIS A 184 -7.00 -17.60 -4.38
C HIS A 184 -5.55 -17.42 -4.86
N GLY A 185 -4.61 -17.45 -3.97
CA GLY A 185 -3.19 -17.28 -4.39
C GLY A 185 -2.27 -17.41 -3.17
N LYS A 186 -1.42 -16.45 -2.95
CA LYS A 186 -0.50 -16.52 -1.78
C LYS A 186 -0.29 -15.13 -1.17
N ILE A 187 0.26 -15.07 0.02
CA ILE A 187 0.49 -13.75 0.67
C ILE A 187 1.76 -13.79 1.52
N GLU A 188 2.63 -12.84 1.35
CA GLU A 188 3.89 -12.83 2.15
C GLU A 188 3.86 -11.67 3.16
N HIS A 189 3.39 -11.92 4.35
CA HIS A 189 3.34 -10.83 5.37
C HIS A 189 4.66 -10.07 5.38
N LEU A 190 5.76 -10.77 5.29
CA LEU A 190 7.08 -10.08 5.31
C LEU A 190 7.56 -9.81 3.88
N LYS A 191 8.60 -10.47 3.46
CA LYS A 191 9.10 -10.27 2.08
C LYS A 191 9.80 -11.53 1.57
N SER A 192 10.43 -12.24 2.45
CA SER A 192 11.13 -13.49 2.02
C SER A 192 10.13 -14.49 1.44
N PRO A 193 10.49 -15.03 0.31
CA PRO A 193 9.62 -16.03 -0.36
C PRO A 193 9.62 -17.34 0.41
N GLU A 194 9.50 -17.28 1.71
CA GLU A 194 9.50 -18.52 2.53
C GLU A 194 8.58 -18.37 3.73
N LEU A 195 8.43 -17.18 4.25
CA LEU A 195 7.53 -16.99 5.43
C LEU A 195 6.13 -16.59 4.96
N ASN A 196 5.85 -16.77 3.70
CA ASN A 196 4.50 -16.42 3.19
C ASN A 196 3.49 -17.49 3.61
N VAL A 197 2.35 -17.53 2.98
CA VAL A 197 1.34 -18.55 3.36
C VAL A 197 0.34 -18.78 2.21
N ASP A 198 -0.20 -19.96 2.10
CA ASP A 198 -1.18 -20.23 1.02
C ASP A 198 -2.51 -19.57 1.36
N LEU A 199 -2.96 -18.66 0.54
CA LEU A 199 -4.24 -17.98 0.84
C LEU A 199 -5.33 -18.37 -0.16
N ALA A 200 -6.55 -18.23 0.23
CA ALA A 200 -7.69 -18.57 -0.67
C ALA A 200 -8.82 -17.56 -0.45
N VAL A 201 -9.20 -16.85 -1.45
CA VAL A 201 -10.29 -15.84 -1.27
C VAL A 201 -11.22 -15.81 -2.48
N ALA A 202 -12.49 -15.71 -2.24
CA ALA A 202 -13.47 -15.64 -3.38
C ALA A 202 -14.08 -14.24 -3.43
N TYR A 203 -14.08 -13.63 -4.59
CA TYR A 203 -14.66 -12.27 -4.70
C TYR A 203 -16.19 -12.33 -4.61
N ILE A 204 -16.80 -11.26 -4.17
CA ILE A 204 -18.30 -11.26 -4.06
C ILE A 204 -18.88 -10.20 -5.00
N LYS A 205 -20.12 -10.35 -5.37
CA LYS A 205 -20.74 -9.35 -6.29
C LYS A 205 -21.20 -8.12 -5.51
N PRO A 206 -22.24 -8.29 -4.74
CA PRO A 206 -22.78 -7.16 -3.94
C PRO A 206 -21.85 -6.84 -2.77
N ASP A 207 -20.85 -6.02 -3.00
CA ASP A 207 -19.92 -5.66 -1.90
C ASP A 207 -20.65 -4.85 -0.82
N GLU A 208 -20.08 -3.77 -0.37
CA GLU A 208 -20.76 -2.94 0.67
C GLU A 208 -22.02 -2.32 0.07
N LYS A 209 -22.22 -2.47 -1.21
CA LYS A 209 -23.43 -1.89 -1.87
C LYS A 209 -23.54 -2.41 -3.30
N HIS A 210 -22.63 -2.02 -4.15
CA HIS A 210 -22.68 -2.50 -5.56
C HIS A 210 -21.26 -2.57 -6.14
N HIS A 211 -20.33 -3.05 -5.36
CA HIS A 211 -18.92 -3.14 -5.85
C HIS A 211 -18.41 -4.58 -5.69
N ALA A 212 -17.14 -4.80 -5.93
CA ALA A 212 -16.59 -6.17 -5.76
C ALA A 212 -16.06 -6.37 -4.34
N VAL A 213 -16.02 -7.59 -3.87
CA VAL A 213 -15.53 -7.84 -2.49
C VAL A 213 -14.55 -9.03 -2.50
N ILE A 214 -13.89 -9.26 -1.41
CA ILE A 214 -12.92 -10.40 -1.35
C ILE A 214 -12.90 -11.01 0.06
N SER A 215 -13.24 -12.26 0.19
CA SER A 215 -13.24 -12.90 1.53
C SER A 215 -12.73 -14.34 1.43
N GLY A 216 -11.83 -14.73 2.29
CA GLY A 216 -11.31 -16.12 2.24
C GLY A 216 -10.41 -16.38 3.46
N SER A 217 -9.49 -17.31 3.34
CA SER A 217 -8.60 -17.61 4.49
C SER A 217 -7.15 -17.77 4.01
N VAL A 218 -6.23 -17.93 4.92
CA VAL A 218 -4.81 -18.10 4.51
C VAL A 218 -4.06 -18.93 5.56
N LEU A 219 -2.98 -19.57 5.17
CA LEU A 219 -2.22 -20.39 6.15
C LEU A 219 -0.76 -20.55 5.71
N TYR A 220 0.13 -20.76 6.63
CA TYR A 220 1.57 -20.92 6.26
C TYR A 220 1.92 -22.41 6.19
N ASN A 221 2.90 -22.76 5.41
CA ASN A 221 3.27 -24.20 5.30
C ASN A 221 3.93 -24.68 6.58
N GLN A 222 4.22 -23.77 7.47
CA GLN A 222 4.86 -24.18 8.76
C GLN A 222 3.78 -24.63 9.74
N ASP A 223 2.93 -23.74 10.11
CA ASP A 223 1.84 -24.07 11.07
C ASP A 223 0.99 -22.84 11.39
N GLU A 224 0.95 -21.88 10.49
CA GLU A 224 0.14 -20.65 10.76
C GLU A 224 -1.31 -20.84 10.33
N LYS A 225 -2.14 -19.90 10.67
CA LYS A 225 -3.58 -19.98 10.28
C LYS A 225 -4.16 -18.57 10.20
N GLY A 226 -3.94 -17.90 9.11
CA GLY A 226 -4.46 -16.52 8.98
C GLY A 226 -5.71 -16.49 8.09
N SER A 227 -6.35 -15.36 7.98
CA SER A 227 -7.55 -15.25 7.13
C SER A 227 -7.42 -14.08 6.16
N TYR A 228 -8.31 -13.97 5.20
CA TYR A 228 -8.21 -12.86 4.23
C TYR A 228 -9.59 -12.23 3.99
N SER A 229 -9.70 -10.94 4.16
CA SER A 229 -10.99 -10.25 3.93
C SER A 229 -10.75 -8.83 3.41
N LEU A 230 -11.20 -8.53 2.22
CA LEU A 230 -10.99 -7.17 1.66
C LEU A 230 -12.10 -6.81 0.68
N GLY A 231 -12.08 -5.61 0.17
CA GLY A 231 -13.12 -5.19 -0.81
C GLY A 231 -12.45 -4.88 -2.14
N ILE A 232 -12.88 -5.50 -3.21
CA ILE A 232 -12.24 -5.23 -4.52
C ILE A 232 -13.12 -4.34 -5.40
N PHE A 233 -12.50 -3.47 -6.14
CA PHE A 233 -13.27 -2.55 -7.03
C PHE A 233 -12.58 -2.42 -8.39
N GLY A 234 -13.28 -2.00 -9.40
CA GLY A 234 -12.62 -1.88 -10.72
C GLY A 234 -13.61 -1.39 -11.78
N GLU A 235 -14.15 -0.20 -11.63
CA GLU A 235 -15.08 0.31 -12.67
C GLU A 235 -14.30 0.43 -13.98
N LYS A 236 -13.02 0.28 -13.85
CA LYS A 236 -12.10 0.36 -15.01
C LYS A 236 -10.70 0.14 -14.45
N ALA A 237 -10.64 -0.71 -13.44
CA ALA A 237 -9.36 -0.99 -12.76
C ALA A 237 -9.55 -2.16 -11.80
N GLN A 238 -9.30 -3.35 -12.26
CA GLN A 238 -9.46 -4.56 -11.39
C GLN A 238 -8.56 -4.45 -10.17
N GLU A 239 -8.68 -3.38 -9.45
CA GLU A 239 -7.83 -3.19 -8.23
C GLU A 239 -8.66 -3.43 -6.97
N VAL A 240 -8.04 -3.82 -5.89
CA VAL A 240 -8.81 -4.07 -4.64
C VAL A 240 -7.92 -3.85 -3.41
N ALA A 241 -8.49 -3.40 -2.34
CA ALA A 241 -7.68 -3.16 -1.10
C ALA A 241 -8.52 -3.49 0.14
N GLY A 242 -7.89 -3.90 1.20
CA GLY A 242 -8.66 -4.24 2.44
C GLY A 242 -7.69 -4.62 3.56
N SER A 243 -8.04 -5.60 4.34
CA SER A 243 -7.16 -6.03 5.45
C SER A 243 -7.49 -7.47 5.85
N ALA A 244 -6.51 -8.30 6.01
CA ALA A 244 -6.78 -9.72 6.39
C ALA A 244 -6.43 -9.95 7.87
N GLU A 245 -6.78 -11.09 8.39
CA GLU A 245 -6.46 -11.36 9.82
C GLU A 245 -5.56 -12.60 9.92
N VAL A 246 -4.43 -12.48 10.55
CA VAL A 246 -3.52 -13.66 10.65
C VAL A 246 -3.41 -14.12 12.11
N GLU A 247 -3.66 -15.38 12.35
CA GLU A 247 -3.57 -15.90 13.74
C GLU A 247 -2.50 -16.99 13.83
N THR A 248 -1.64 -16.91 14.81
CA THR A 248 -0.57 -17.94 14.94
C THR A 248 -0.98 -18.98 15.99
N ALA A 249 -0.07 -19.36 16.84
CA ALA A 249 -0.40 -20.37 17.89
C ALA A 249 -0.27 -19.76 19.29
N ASN A 250 0.05 -18.49 19.36
CA ASN A 250 0.18 -17.84 20.69
C ASN A 250 -0.12 -16.35 20.58
N GLY A 251 -0.77 -15.94 19.51
CA GLY A 251 -1.09 -14.50 19.35
C GLY A 251 -1.87 -14.29 18.05
N ILE A 252 -2.01 -13.07 17.60
CA ILE A 252 -2.75 -12.81 16.35
C ILE A 252 -2.49 -11.38 15.87
N HIS A 253 -2.64 -11.13 14.60
CA HIS A 253 -2.39 -9.76 14.07
C HIS A 253 -3.22 -9.51 12.80
N HIS A 254 -3.41 -8.28 12.44
CA HIS A 254 -4.21 -7.98 11.21
C HIS A 254 -3.30 -7.36 10.15
N ILE A 255 -3.63 -7.53 8.90
CA ILE A 255 -2.77 -6.94 7.82
C ILE A 255 -3.62 -6.13 6.84
N GLY A 256 -3.27 -4.88 6.66
CA GLY A 256 -4.04 -4.03 5.70
C GLY A 256 -3.44 -4.25 4.30
N LEU A 257 -4.25 -4.62 3.36
CA LEU A 257 -3.69 -4.89 2.00
C LEU A 257 -4.23 -3.94 0.94
N ALA A 258 -3.50 -3.80 -0.13
CA ALA A 258 -3.94 -2.92 -1.25
C ALA A 258 -3.30 -3.44 -2.55
N ALA A 259 -4.08 -4.01 -3.43
CA ALA A 259 -3.47 -4.56 -4.68
C ALA A 259 -4.28 -4.16 -5.90
N LYS A 260 -3.64 -4.18 -7.05
CA LYS A 260 -4.34 -3.82 -8.31
C LYS A 260 -4.48 -5.06 -9.20
N GLN A 261 -5.31 -5.00 -10.20
CA GLN A 261 -5.50 -6.17 -11.09
C GLN A 261 -4.18 -6.93 -11.26
N MET A 1 16.69 -23.54 -29.83
CA MET A 1 16.10 -22.41 -29.07
C MET A 1 16.22 -22.65 -27.56
N GLY A 2 16.53 -21.64 -26.80
CA GLY A 2 16.67 -21.82 -25.33
C GLY A 2 15.28 -21.85 -24.69
N SER A 3 14.85 -20.74 -24.16
CA SER A 3 13.50 -20.70 -23.52
C SER A 3 12.95 -19.27 -23.53
N SER A 4 12.06 -18.97 -24.42
CA SER A 4 11.49 -17.59 -24.49
C SER A 4 10.10 -17.56 -23.84
N GLY A 5 9.90 -18.36 -22.82
CA GLY A 5 8.57 -18.38 -22.16
C GLY A 5 8.63 -17.54 -20.88
N GLY A 6 7.63 -17.64 -20.04
CA GLY A 6 7.64 -16.84 -18.78
C GLY A 6 8.34 -17.63 -17.68
N GLY A 7 7.61 -18.14 -16.73
CA GLY A 7 8.25 -18.91 -15.62
C GLY A 7 7.16 -19.58 -14.78
N GLY A 8 7.48 -19.92 -13.56
CA GLY A 8 6.47 -20.58 -12.68
C GLY A 8 5.52 -19.52 -12.12
N SER A 9 5.94 -18.80 -11.13
CA SER A 9 5.07 -17.74 -10.54
C SER A 9 5.46 -16.36 -11.06
N GLY A 10 4.62 -15.76 -11.86
CA GLY A 10 4.94 -14.42 -12.41
C GLY A 10 4.39 -13.33 -11.48
N GLY A 11 5.02 -13.12 -10.36
CA GLY A 11 4.53 -12.08 -9.41
C GLY A 11 4.71 -10.69 -10.03
N GLY A 12 4.24 -9.68 -9.37
CA GLY A 12 4.39 -8.30 -9.92
C GLY A 12 5.43 -7.53 -9.09
N GLY A 13 5.79 -8.05 -7.96
CA GLY A 13 6.79 -7.35 -7.10
C GLY A 13 8.01 -6.96 -7.95
N VAL A 14 8.50 -5.76 -7.78
CA VAL A 14 9.68 -5.33 -8.58
C VAL A 14 10.86 -6.26 -8.34
N THR A 15 11.58 -6.60 -9.37
CA THR A 15 12.75 -7.51 -9.20
C THR A 15 13.63 -7.04 -8.04
N ALA A 16 13.74 -5.75 -7.86
CA ALA A 16 14.57 -5.22 -6.75
C ALA A 16 14.55 -3.69 -6.75
N ASP A 17 14.29 -3.11 -7.88
CA ASP A 17 14.24 -1.62 -7.97
C ASP A 17 13.50 -1.20 -9.23
N ILE A 18 12.46 -1.88 -9.59
CA ILE A 18 11.70 -1.54 -10.80
C ILE A 18 10.96 -0.21 -10.60
N GLY A 19 10.70 0.13 -9.37
CA GLY A 19 9.98 1.39 -9.07
C GLY A 19 10.96 2.56 -9.16
N THR A 20 11.89 2.51 -10.08
CA THR A 20 12.88 3.62 -10.21
C THR A 20 12.16 4.92 -10.55
N GLY A 21 10.88 4.86 -10.78
CA GLY A 21 10.11 6.10 -11.12
C GLY A 21 9.79 6.86 -9.84
N LEU A 22 10.03 6.27 -8.71
CA LEU A 22 9.73 6.96 -7.42
C LEU A 22 10.70 8.12 -7.20
N ALA A 23 11.95 7.92 -7.51
CA ALA A 23 12.95 9.02 -7.31
C ALA A 23 12.49 10.28 -8.05
N ASP A 24 11.49 10.15 -8.87
CA ASP A 24 10.99 11.33 -9.63
C ASP A 24 9.82 11.97 -8.89
N ALA A 25 9.33 11.32 -7.87
CA ALA A 25 8.18 11.89 -7.10
C ALA A 25 8.69 12.65 -5.87
N LEU A 26 9.88 12.33 -5.41
CA LEU A 26 10.41 13.03 -4.21
C LEU A 26 11.53 14.00 -4.62
N THR A 27 11.95 13.96 -5.86
CA THR A 27 13.03 14.87 -6.32
C THR A 27 12.64 15.53 -7.64
N ALA A 28 12.85 14.85 -8.71
CA ALA A 28 12.50 15.41 -10.05
C ALA A 28 11.39 16.46 -9.92
N PRO A 29 11.82 17.67 -9.68
CA PRO A 29 10.86 18.80 -9.52
C PRO A 29 10.27 19.18 -10.88
N LEU A 30 9.70 20.35 -10.98
CA LEU A 30 9.10 20.80 -12.27
C LEU A 30 8.51 22.19 -12.13
N ASP A 31 7.57 22.53 -12.96
CA ASP A 31 6.95 23.87 -12.88
C ASP A 31 6.85 24.33 -11.43
N HIS A 32 5.84 23.87 -10.72
CA HIS A 32 5.70 24.28 -9.29
C HIS A 32 4.45 23.63 -8.68
N LYS A 33 3.53 23.22 -9.49
CA LYS A 33 2.29 22.58 -8.96
C LYS A 33 1.37 22.19 -10.12
N ASP A 34 1.92 21.72 -11.20
CA ASP A 34 1.07 21.32 -12.36
C ASP A 34 -0.09 20.43 -11.89
N LYS A 35 -1.27 20.96 -11.83
CA LYS A 35 -2.43 20.15 -11.37
C LYS A 35 -2.40 18.76 -12.05
N GLY A 36 -1.68 18.64 -13.13
CA GLY A 36 -1.61 17.33 -13.83
C GLY A 36 -0.50 17.37 -14.87
N LEU A 37 0.73 17.20 -14.46
CA LEU A 37 1.86 17.23 -15.44
C LEU A 37 3.05 16.44 -14.89
N LYS A 38 3.74 16.99 -13.93
CA LYS A 38 4.91 16.28 -13.35
C LYS A 38 4.75 16.12 -11.84
N SER A 39 3.81 16.83 -11.26
CA SER A 39 3.60 16.73 -9.79
C SER A 39 2.13 16.98 -9.44
N LEU A 40 1.76 16.76 -8.21
CA LEU A 40 0.34 17.00 -7.82
C LEU A 40 0.26 17.30 -6.31
N THR A 41 -0.45 18.33 -5.94
CA THR A 41 -0.55 18.67 -4.50
C THR A 41 -1.89 18.16 -3.93
N LEU A 42 -1.86 17.53 -2.79
CA LEU A 42 -3.12 17.01 -2.20
C LEU A 42 -3.69 18.01 -1.19
N GLU A 43 -4.94 17.88 -0.86
CA GLU A 43 -5.56 18.82 0.12
C GLU A 43 -4.58 19.11 1.26
N ASP A 44 -4.89 20.08 2.09
CA ASP A 44 -3.98 20.41 3.22
C ASP A 44 -4.17 19.42 4.36
N SER A 45 -4.00 18.14 4.08
CA SER A 45 -4.17 17.12 5.15
C SER A 45 -3.37 17.52 6.39
N ILE A 46 -2.23 18.12 6.21
CA ILE A 46 -1.42 18.53 7.39
C ILE A 46 -1.41 20.05 7.54
N SER A 47 -0.42 20.58 8.19
CA SER A 47 -0.33 22.05 8.38
C SER A 47 0.98 22.40 9.10
N GLN A 48 1.19 23.65 9.38
CA GLN A 48 2.45 24.04 10.10
C GLN A 48 2.60 23.25 11.39
N ASN A 49 1.56 22.56 11.77
CA ASN A 49 1.61 21.76 13.02
C ASN A 49 1.89 20.29 12.69
N GLY A 50 2.51 20.05 11.58
CA GLY A 50 2.83 18.65 11.18
C GLY A 50 3.86 18.65 10.05
N THR A 51 5.12 18.68 10.39
CA THR A 51 6.17 18.69 9.34
C THR A 51 6.87 17.33 9.29
N LEU A 52 7.14 16.82 8.12
CA LEU A 52 7.82 15.50 8.01
C LEU A 52 8.41 15.31 6.61
N THR A 53 9.33 14.39 6.47
CA THR A 53 9.94 14.15 5.13
C THR A 53 9.74 12.69 4.70
N LEU A 54 9.75 12.42 3.43
CA LEU A 54 9.55 11.01 2.97
C LEU A 54 10.61 10.64 1.93
N SER A 55 11.26 9.52 2.11
CA SER A 55 12.31 9.10 1.13
C SER A 55 11.78 7.99 0.23
N ALA A 56 12.29 7.87 -0.96
CA ALA A 56 11.80 6.80 -1.88
C ALA A 56 12.98 6.02 -2.47
N GLN A 57 12.73 5.21 -3.46
CA GLN A 57 13.82 4.41 -4.07
C GLN A 57 14.69 5.30 -4.96
N GLY A 58 15.01 6.48 -4.49
CA GLY A 58 15.86 7.40 -5.30
C GLY A 58 16.09 8.70 -4.53
N ALA A 59 15.04 9.28 -4.01
CA ALA A 59 15.20 10.55 -3.25
C ALA A 59 14.06 10.71 -2.25
N GLU A 60 14.09 11.77 -1.47
CA GLU A 60 13.01 11.98 -0.46
C GLU A 60 12.43 13.39 -0.61
N LYS A 61 11.15 13.53 -0.46
CA LYS A 61 10.52 14.88 -0.60
C LYS A 61 9.91 15.31 0.75
N THR A 62 10.37 16.41 1.29
CA THR A 62 9.82 16.88 2.59
C THR A 62 8.30 17.03 2.49
N TYR A 63 7.57 16.20 3.18
CA TYR A 63 6.08 16.30 3.12
C TYR A 63 5.57 17.19 4.26
N GLY A 64 5.03 18.34 3.93
CA GLY A 64 4.51 19.25 4.99
C GLY A 64 3.04 19.57 4.70
N ASN A 65 2.54 20.64 5.26
CA ASN A 65 1.12 21.00 5.02
C ASN A 65 0.81 20.96 3.53
N GLY A 66 -0.27 20.32 3.16
CA GLY A 66 -0.62 20.25 1.72
C GLY A 66 0.04 19.01 1.09
N ASP A 67 0.98 18.43 1.79
CA ASP A 67 1.67 17.22 1.25
C ASP A 67 1.69 17.28 -0.28
N SER A 68 2.76 17.76 -0.85
CA SER A 68 2.85 17.84 -2.34
C SER A 68 3.57 16.61 -2.89
N LEU A 69 3.01 15.98 -3.89
CA LEU A 69 3.66 14.79 -4.49
C LEU A 69 3.93 15.01 -5.97
N ASN A 70 5.13 14.72 -6.42
CA ASN A 70 5.46 14.92 -7.85
C ASN A 70 4.74 13.87 -8.71
N THR A 71 3.45 13.80 -8.61
CA THR A 71 2.69 12.80 -9.43
C THR A 71 1.85 13.51 -10.50
N GLY A 72 2.45 14.37 -11.26
CA GLY A 72 1.69 15.10 -12.31
C GLY A 72 0.59 14.18 -12.86
N LYS A 73 0.96 13.08 -13.47
CA LYS A 73 -0.06 12.16 -14.03
C LYS A 73 0.39 10.71 -13.85
N LEU A 74 0.24 10.18 -12.67
CA LEU A 74 0.66 8.76 -12.43
C LEU A 74 -0.07 7.83 -13.39
N LYS A 75 -0.09 6.56 -13.11
CA LYS A 75 -0.78 5.60 -14.00
C LYS A 75 -1.98 4.97 -13.29
N ASN A 76 -2.75 4.17 -13.98
CA ASN A 76 -3.94 3.53 -13.34
C ASN A 76 -3.48 2.51 -12.28
N ASP A 77 -2.20 2.28 -12.18
CA ASP A 77 -1.69 1.30 -11.18
C ASP A 77 -0.31 1.73 -10.67
N LYS A 78 -0.24 2.85 -10.01
CA LYS A 78 1.09 3.33 -9.49
C LYS A 78 0.96 3.70 -8.01
N VAL A 79 1.68 3.00 -7.16
CA VAL A 79 1.58 3.30 -5.70
C VAL A 79 2.67 4.26 -5.27
N SER A 80 2.58 4.71 -4.05
CA SER A 80 3.60 5.65 -3.51
C SER A 80 4.03 5.16 -2.12
N ARG A 81 5.11 4.44 -2.06
CA ARG A 81 5.58 3.92 -0.73
C ARG A 81 6.91 4.57 -0.34
N PHE A 82 6.96 5.17 0.81
CA PHE A 82 8.24 5.81 1.26
C PHE A 82 8.22 6.03 2.77
N ASP A 83 9.35 5.96 3.41
CA ASP A 83 9.39 6.16 4.89
C ASP A 83 9.47 7.64 5.21
N PHE A 84 8.71 8.10 6.18
CA PHE A 84 8.76 9.54 6.54
C PHE A 84 8.57 9.71 8.05
N ILE A 85 9.13 10.75 8.61
CA ILE A 85 8.99 10.96 10.08
C ILE A 85 8.02 12.12 10.35
N ARG A 86 6.86 11.83 10.85
CA ARG A 86 5.87 12.91 11.13
C ARG A 86 6.13 13.52 12.50
N GLN A 87 6.65 14.72 12.54
CA GLN A 87 6.92 15.36 13.87
C GLN A 87 6.60 16.85 13.80
N ILE A 88 6.19 17.43 14.90
CA ILE A 88 5.86 18.88 14.91
C ILE A 88 6.57 19.57 16.08
N GLU A 89 7.52 20.42 15.78
CA GLU A 89 8.24 21.12 16.88
C GLU A 89 8.50 22.57 16.50
N VAL A 90 8.01 23.49 17.28
CA VAL A 90 8.22 24.93 16.98
C VAL A 90 9.11 25.57 18.05
N ASP A 91 9.54 26.78 17.84
CA ASP A 91 10.41 27.45 18.85
C ASP A 91 9.63 27.73 20.13
N GLY A 92 8.40 27.30 20.19
CA GLY A 92 7.58 27.54 21.41
C GLY A 92 6.18 26.97 21.22
N GLN A 93 6.07 25.81 20.64
CA GLN A 93 4.73 25.21 20.42
C GLN A 93 4.83 23.68 20.35
N LEU A 94 4.10 23.11 19.44
CA LEU A 94 4.11 21.63 19.29
C LEU A 94 5.55 21.10 19.32
N ILE A 95 5.72 19.82 19.55
CA ILE A 95 7.08 19.23 19.58
C ILE A 95 7.01 17.72 19.46
N THR A 96 5.90 17.20 19.02
CA THR A 96 5.77 15.72 18.88
C THR A 96 6.85 15.18 17.94
N LEU A 97 7.03 13.88 17.92
CA LEU A 97 8.07 13.28 17.03
C LEU A 97 7.76 11.82 16.75
N GLU A 98 7.17 11.54 15.61
CA GLU A 98 6.84 10.12 15.28
C GLU A 98 7.28 9.79 13.86
N SER A 99 7.56 8.55 13.59
CA SER A 99 7.99 8.15 12.21
C SER A 99 7.44 6.78 11.85
N GLY A 100 7.43 6.45 10.59
CA GLY A 100 6.90 5.11 10.18
C GLY A 100 6.94 4.99 8.66
N GLU A 101 6.09 4.17 8.10
CA GLU A 101 6.07 4.00 6.62
C GLU A 101 4.77 4.57 6.04
N PHE A 102 4.77 4.88 4.77
CA PHE A 102 3.53 5.44 4.15
C PHE A 102 3.20 4.71 2.85
N GLN A 103 2.00 4.19 2.75
CA GLN A 103 1.62 3.46 1.50
C GLN A 103 0.48 4.21 0.80
N VAL A 104 0.63 4.50 -0.46
CA VAL A 104 -0.46 5.23 -1.18
C VAL A 104 -0.62 4.66 -2.60
N TYR A 105 -1.68 3.94 -2.84
CA TYR A 105 -1.88 3.37 -4.20
C TYR A 105 -2.84 4.24 -5.01
N LYS A 106 -2.60 4.41 -6.28
CA LYS A 106 -3.50 5.27 -7.10
C LYS A 106 -3.96 4.50 -8.34
N GLN A 107 -5.23 4.52 -8.64
CA GLN A 107 -5.74 3.80 -9.83
C GLN A 107 -5.97 4.78 -10.99
N SER A 108 -7.12 4.73 -11.59
CA SER A 108 -7.40 5.65 -12.73
C SER A 108 -8.20 6.87 -12.25
N HIS A 109 -9.06 6.68 -11.28
CA HIS A 109 -9.87 7.83 -10.78
C HIS A 109 -9.96 7.79 -9.26
N SER A 110 -8.99 7.20 -8.61
CA SER A 110 -9.01 7.13 -7.13
C SER A 110 -7.64 6.75 -6.59
N ALA A 111 -7.56 6.34 -5.35
CA ALA A 111 -6.24 5.94 -4.79
C ALA A 111 -6.44 5.34 -3.39
N LEU A 112 -5.80 4.23 -3.13
CA LEU A 112 -5.95 3.58 -1.80
C LEU A 112 -4.63 3.70 -1.02
N THR A 113 -4.63 4.38 0.09
CA THR A 113 -3.37 4.52 0.87
C THR A 113 -3.45 3.79 2.20
N ALA A 114 -2.35 3.75 2.91
CA ALA A 114 -2.33 3.07 4.22
C ALA A 114 -1.19 3.64 5.08
N LEU A 115 -1.52 4.18 6.22
CA LEU A 115 -0.46 4.77 7.09
C LEU A 115 0.06 3.71 8.07
N GLN A 116 1.34 3.71 8.33
CA GLN A 116 1.90 2.70 9.28
C GLN A 116 3.07 3.31 10.06
N THR A 117 2.89 3.52 11.34
CA THR A 117 3.98 4.11 12.15
C THR A 117 4.94 3.01 12.63
N GLU A 118 5.96 3.38 13.35
CA GLU A 118 6.93 2.36 13.84
C GLU A 118 7.73 2.90 15.03
N GLN A 119 7.99 4.18 15.04
CA GLN A 119 8.77 4.77 16.17
C GLN A 119 7.89 5.74 16.96
N GLU A 120 8.22 5.95 18.21
CA GLU A 120 7.40 6.89 19.04
C GLU A 120 8.27 8.04 19.58
N GLN A 121 7.69 8.91 20.35
CA GLN A 121 8.47 10.05 20.93
C GLN A 121 8.45 9.97 22.45
N ASP A 122 9.45 10.50 23.10
CA ASP A 122 9.48 10.42 24.59
C ASP A 122 9.43 11.81 25.23
N PRO A 123 9.37 11.79 26.54
CA PRO A 123 9.28 13.02 27.36
C PRO A 123 10.66 13.43 27.88
N GLU A 124 11.19 12.70 28.84
CA GLU A 124 12.54 13.02 29.42
C GLU A 124 13.21 14.05 28.55
N HIS A 125 13.38 13.69 27.33
CA HIS A 125 13.98 14.59 26.32
C HIS A 125 13.08 14.51 25.12
N SER A 126 12.00 15.24 25.16
CA SER A 126 11.00 15.20 24.05
C SER A 126 11.63 14.67 22.77
N GLU A 127 12.87 14.97 22.53
CA GLU A 127 13.53 14.45 21.31
C GLU A 127 13.81 12.94 21.45
N LYS A 128 13.38 12.30 22.51
CA LYS A 128 13.64 10.84 22.63
C LYS A 128 12.73 10.08 21.68
N MET A 129 12.84 8.78 21.66
CA MET A 129 11.98 7.98 20.74
C MET A 129 11.51 6.70 21.43
N VAL A 130 10.23 6.47 21.47
CA VAL A 130 9.72 5.22 22.11
C VAL A 130 9.49 4.16 21.04
N ALA A 131 8.96 3.02 21.41
CA ALA A 131 8.74 1.95 20.40
C ALA A 131 7.27 1.51 20.42
N LYS A 132 6.56 1.75 19.36
CA LYS A 132 5.12 1.35 19.31
C LYS A 132 4.72 0.95 17.90
N ARG A 133 3.49 0.57 17.69
CA ARG A 133 3.04 0.17 16.33
C ARG A 133 1.62 0.70 16.07
N ARG A 134 1.50 1.70 15.23
CA ARG A 134 0.15 2.26 14.93
C ARG A 134 0.04 2.57 13.44
N PHE A 135 -0.76 1.84 12.73
CA PHE A 135 -0.92 2.10 11.27
C PHE A 135 -2.37 2.45 10.93
N ARG A 136 -2.57 3.43 10.10
CA ARG A 136 -3.96 3.83 9.72
C ARG A 136 -4.27 3.34 8.32
N ILE A 137 -5.10 2.34 8.19
CA ILE A 137 -5.44 1.82 6.83
C ILE A 137 -6.48 2.71 6.15
N GLY A 138 -6.09 3.41 5.12
CA GLY A 138 -7.04 4.30 4.40
C GLY A 138 -6.98 4.01 2.90
N ASP A 139 -6.86 2.76 2.54
CA ASP A 139 -6.79 2.41 1.09
C ASP A 139 -8.16 2.54 0.45
N ILE A 140 -8.52 3.73 0.04
CA ILE A 140 -9.84 3.93 -0.60
C ILE A 140 -9.74 3.68 -2.10
N ALA A 141 -10.83 3.75 -2.80
CA ALA A 141 -10.81 3.52 -4.27
C ALA A 141 -12.22 3.66 -4.85
N GLY A 142 -12.34 4.13 -6.06
CA GLY A 142 -13.69 4.29 -6.67
C GLY A 142 -14.35 2.91 -6.79
N GLU A 143 -14.44 2.19 -5.70
CA GLU A 143 -15.07 0.84 -5.76
C GLU A 143 -16.57 0.96 -6.01
N HIS A 144 -16.94 1.71 -7.00
CA HIS A 144 -18.39 1.88 -7.32
C HIS A 144 -18.78 0.95 -8.47
N THR A 145 -17.84 0.20 -8.98
CA THR A 145 -18.15 -0.72 -10.11
C THR A 145 -18.16 -2.17 -9.65
N SER A 146 -19.32 -2.74 -9.48
CA SER A 146 -19.40 -4.17 -9.05
C SER A 146 -18.68 -5.04 -10.08
N PHE A 147 -17.75 -5.86 -9.65
CA PHE A 147 -17.03 -6.72 -10.61
C PHE A 147 -18.01 -7.65 -11.34
N ASP A 148 -19.26 -7.61 -10.98
CA ASP A 148 -20.26 -8.48 -11.66
C ASP A 148 -20.92 -7.74 -12.81
N LYS A 149 -20.44 -6.57 -13.15
CA LYS A 149 -21.07 -5.80 -14.26
C LYS A 149 -20.03 -5.49 -15.34
N LEU A 150 -18.81 -5.91 -15.16
CA LEU A 150 -17.77 -5.63 -16.19
C LEU A 150 -17.22 -6.93 -16.78
N PRO A 151 -16.86 -7.83 -15.90
CA PRO A 151 -16.31 -9.13 -16.32
C PRO A 151 -17.43 -10.17 -16.42
N LYS A 152 -17.06 -11.42 -16.49
CA LYS A 152 -18.08 -12.51 -16.58
C LYS A 152 -17.53 -13.77 -15.92
N ASP A 153 -16.53 -14.35 -16.53
CA ASP A 153 -15.92 -15.57 -15.96
C ASP A 153 -14.44 -15.62 -16.38
N VAL A 154 -13.80 -14.49 -16.40
CA VAL A 154 -12.37 -14.45 -16.82
C VAL A 154 -11.45 -14.52 -15.59
N MET A 155 -10.18 -14.68 -15.80
CA MET A 155 -9.23 -14.76 -14.65
C MET A 155 -8.55 -13.41 -14.42
N ALA A 156 -8.93 -12.72 -13.37
CA ALA A 156 -8.29 -11.40 -13.08
C ALA A 156 -7.43 -11.49 -11.82
N THR A 157 -6.13 -11.55 -11.99
CA THR A 157 -5.23 -11.65 -10.81
C THR A 157 -4.96 -10.25 -10.22
N TYR A 158 -4.60 -10.17 -8.97
CA TYR A 158 -4.33 -8.84 -8.36
C TYR A 158 -3.03 -8.90 -7.55
N ARG A 159 -2.29 -7.82 -7.53
CA ARG A 159 -1.01 -7.82 -6.76
C ARG A 159 -0.73 -6.40 -6.25
N GLY A 160 0.09 -6.28 -5.23
CA GLY A 160 0.39 -4.93 -4.70
C GLY A 160 1.20 -5.05 -3.41
N THR A 161 0.71 -4.51 -2.33
CA THR A 161 1.46 -4.60 -1.05
C THR A 161 0.51 -4.87 0.12
N ALA A 162 0.80 -5.86 0.92
CA ALA A 162 -0.08 -6.14 2.09
C ALA A 162 0.74 -5.89 3.35
N PHE A 163 0.11 -5.69 4.47
CA PHE A 163 0.90 -5.44 5.70
C PHE A 163 0.23 -6.05 6.93
N GLY A 164 1.00 -6.68 7.77
CA GLY A 164 0.42 -7.30 8.99
C GLY A 164 0.94 -6.58 10.24
N SER A 165 0.05 -6.09 11.07
CA SER A 165 0.50 -5.39 12.30
C SER A 165 1.31 -6.34 13.18
N ASP A 166 1.21 -7.60 12.89
CA ASP A 166 1.98 -8.62 13.68
C ASP A 166 2.42 -9.74 12.74
N ASP A 167 2.27 -9.53 11.46
CA ASP A 167 2.67 -10.56 10.46
C ASP A 167 3.67 -9.93 9.48
N ALA A 168 4.24 -10.71 8.61
CA ALA A 168 5.19 -10.13 7.63
C ALA A 168 4.41 -9.38 6.57
N GLY A 169 3.14 -9.21 6.77
CA GLY A 169 2.34 -8.45 5.78
C GLY A 169 3.22 -7.39 5.17
N GLY A 170 3.43 -7.44 3.89
CA GLY A 170 4.28 -6.43 3.19
C GLY A 170 3.89 -6.40 1.70
N LYS A 171 4.12 -7.48 1.00
CA LYS A 171 3.76 -7.52 -0.45
C LYS A 171 2.52 -8.40 -0.63
N LEU A 172 1.65 -8.04 -1.53
CA LEU A 172 0.42 -8.85 -1.74
C LEU A 172 0.29 -9.27 -3.21
N THR A 173 0.00 -10.53 -3.44
CA THR A 173 -0.15 -11.02 -4.84
C THR A 173 -1.24 -12.10 -4.85
N TYR A 174 -2.40 -11.79 -5.35
CA TYR A 174 -3.49 -12.81 -5.37
C TYR A 174 -3.93 -13.13 -6.80
N THR A 175 -4.57 -14.25 -6.97
CA THR A 175 -5.08 -14.63 -8.32
C THR A 175 -6.56 -14.89 -8.18
N ILE A 176 -7.38 -13.93 -8.51
CA ILE A 176 -8.83 -14.10 -8.35
C ILE A 176 -9.55 -14.22 -9.69
N ASP A 177 -10.03 -15.38 -10.02
CA ASP A 177 -10.77 -15.53 -11.28
C ASP A 177 -12.09 -14.76 -11.16
N PHE A 178 -12.43 -14.01 -12.17
CA PHE A 178 -13.66 -13.16 -12.09
C PHE A 178 -14.82 -13.86 -11.39
N ALA A 179 -15.89 -13.14 -11.21
CA ALA A 179 -17.10 -13.66 -10.50
C ALA A 179 -17.35 -15.14 -10.82
N ALA A 180 -17.39 -15.50 -12.07
CA ALA A 180 -17.64 -16.93 -12.43
C ALA A 180 -16.49 -17.83 -12.00
N LYS A 181 -15.85 -17.54 -10.89
CA LYS A 181 -14.72 -18.41 -10.46
C LYS A 181 -14.40 -18.23 -8.97
N GLN A 182 -13.33 -17.55 -8.64
CA GLN A 182 -12.97 -17.38 -7.20
C GLN A 182 -11.92 -16.27 -7.01
N GLY A 183 -11.56 -16.00 -5.77
CA GLY A 183 -10.55 -14.95 -5.50
C GLY A 183 -9.54 -15.47 -4.47
N HIS A 184 -8.33 -15.77 -4.89
CA HIS A 184 -7.34 -16.29 -3.91
C HIS A 184 -6.04 -15.48 -3.99
N GLY A 185 -5.17 -15.62 -3.01
CA GLY A 185 -3.89 -14.87 -3.04
C GLY A 185 -3.07 -15.22 -1.79
N LYS A 186 -1.88 -14.71 -1.70
CA LYS A 186 -1.03 -15.01 -0.52
C LYS A 186 -0.23 -13.77 -0.11
N ILE A 187 0.24 -13.72 1.10
CA ILE A 187 1.03 -12.53 1.54
C ILE A 187 2.51 -12.74 1.19
N GLU A 188 3.14 -11.72 0.67
CA GLU A 188 4.58 -11.85 0.29
C GLU A 188 5.47 -11.23 1.36
N HIS A 189 6.71 -11.61 1.41
CA HIS A 189 7.64 -11.05 2.42
C HIS A 189 7.66 -9.52 2.34
N LEU A 190 7.72 -8.87 3.47
CA LEU A 190 7.75 -7.38 3.49
C LEU A 190 9.19 -6.91 3.54
N LYS A 191 10.02 -7.67 4.19
CA LYS A 191 11.46 -7.29 4.31
C LYS A 191 12.34 -8.51 4.02
N SER A 192 11.74 -9.66 3.88
CA SER A 192 12.54 -10.88 3.59
C SER A 192 11.61 -12.11 3.47
N PRO A 193 11.98 -12.99 2.58
CA PRO A 193 11.18 -14.22 2.36
C PRO A 193 11.34 -15.19 3.55
N GLU A 194 10.63 -14.95 4.62
CA GLU A 194 10.75 -15.85 5.80
C GLU A 194 9.37 -16.12 6.41
N LEU A 195 8.55 -15.11 6.52
CA LEU A 195 7.19 -15.32 7.12
C LEU A 195 6.11 -15.18 6.05
N ASN A 196 6.47 -15.37 4.80
CA ASN A 196 5.45 -15.25 3.72
C ASN A 196 4.41 -16.36 3.89
N VAL A 197 3.17 -16.10 3.56
CA VAL A 197 2.13 -17.14 3.73
C VAL A 197 1.22 -17.23 2.51
N ASP A 198 0.40 -18.24 2.45
CA ASP A 198 -0.54 -18.39 1.29
C ASP A 198 -1.97 -18.10 1.74
N LEU A 199 -2.73 -17.40 0.94
CA LEU A 199 -4.12 -17.06 1.33
C LEU A 199 -5.12 -17.64 0.33
N ALA A 200 -6.35 -17.79 0.75
CA ALA A 200 -7.40 -18.32 -0.16
C ALA A 200 -8.70 -17.53 0.07
N VAL A 201 -9.30 -17.03 -0.98
CA VAL A 201 -10.55 -16.24 -0.80
C VAL A 201 -11.58 -16.58 -1.88
N ALA A 202 -12.81 -16.18 -1.66
CA ALA A 202 -13.87 -16.44 -2.67
C ALA A 202 -14.30 -15.12 -3.31
N TYR A 203 -14.21 -15.02 -4.60
CA TYR A 203 -14.59 -13.75 -5.28
C TYR A 203 -16.11 -13.59 -5.29
N ILE A 204 -16.59 -12.45 -4.87
CA ILE A 204 -18.07 -12.23 -4.87
C ILE A 204 -18.41 -11.10 -5.84
N LYS A 205 -19.61 -11.08 -6.35
CA LYS A 205 -19.99 -10.00 -7.31
C LYS A 205 -20.39 -8.73 -6.55
N PRO A 206 -21.57 -8.76 -5.97
CA PRO A 206 -22.06 -7.58 -5.22
C PRO A 206 -21.32 -7.44 -3.89
N ASP A 207 -20.45 -6.47 -3.77
CA ASP A 207 -19.71 -6.29 -2.49
C ASP A 207 -20.64 -5.71 -1.42
N GLU A 208 -20.26 -4.63 -0.81
CA GLU A 208 -21.14 -4.01 0.23
C GLU A 208 -22.37 -3.39 -0.44
N LYS A 209 -22.26 -3.05 -1.69
CA LYS A 209 -23.42 -2.44 -2.41
C LYS A 209 -23.40 -2.86 -3.88
N HIS A 210 -22.35 -2.51 -4.58
CA HIS A 210 -22.26 -2.89 -6.02
C HIS A 210 -20.80 -2.94 -6.46
N HIS A 211 -19.95 -3.49 -5.63
CA HIS A 211 -18.50 -3.57 -6.00
C HIS A 211 -18.01 -5.02 -5.89
N ALA A 212 -16.77 -5.26 -6.22
CA ALA A 212 -16.24 -6.66 -6.12
C ALA A 212 -15.84 -6.96 -4.68
N VAL A 213 -15.84 -8.21 -4.29
CA VAL A 213 -15.46 -8.55 -2.88
C VAL A 213 -14.61 -9.82 -2.85
N ILE A 214 -13.88 -10.03 -1.78
CA ILE A 214 -13.03 -11.25 -1.67
C ILE A 214 -12.93 -11.70 -0.21
N SER A 215 -13.45 -12.84 0.11
CA SER A 215 -13.39 -13.31 1.53
C SER A 215 -12.70 -14.67 1.61
N GLY A 216 -11.96 -14.92 2.66
CA GLY A 216 -11.27 -16.24 2.80
C GLY A 216 -10.30 -16.18 3.98
N SER A 217 -9.36 -17.09 4.03
CA SER A 217 -8.38 -17.08 5.16
C SER A 217 -6.97 -17.32 4.65
N VAL A 218 -6.00 -17.24 5.51
CA VAL A 218 -4.59 -17.45 5.08
C VAL A 218 -3.86 -18.37 6.06
N LEU A 219 -2.83 -19.03 5.62
CA LEU A 219 -2.07 -19.95 6.52
C LEU A 219 -0.64 -20.13 6.02
N TYR A 220 0.32 -20.06 6.91
CA TYR A 220 1.74 -20.24 6.50
C TYR A 220 2.19 -21.68 6.74
N ASN A 221 3.17 -22.14 6.02
CA ASN A 221 3.64 -23.54 6.22
C ASN A 221 4.35 -23.68 7.56
N GLN A 222 4.59 -22.60 8.23
CA GLN A 222 5.27 -22.68 9.55
C GLN A 222 4.27 -23.10 10.62
N ASP A 223 3.32 -22.26 10.86
CA ASP A 223 2.27 -22.59 11.89
C ASP A 223 1.30 -21.41 12.03
N GLU A 224 1.04 -20.71 10.96
CA GLU A 224 0.12 -19.54 11.05
C GLU A 224 -1.30 -19.93 10.64
N LYS A 225 -2.27 -19.24 11.17
CA LYS A 225 -3.69 -19.52 10.83
C LYS A 225 -4.48 -18.21 10.82
N GLY A 226 -4.33 -17.44 9.77
CA GLY A 226 -5.03 -16.13 9.72
C GLY A 226 -6.25 -16.20 8.80
N SER A 227 -7.01 -15.14 8.76
CA SER A 227 -8.21 -15.10 7.87
C SER A 227 -7.99 -14.11 6.73
N TYR A 228 -8.96 -13.93 5.88
CA TYR A 228 -8.77 -12.97 4.77
C TYR A 228 -10.11 -12.34 4.36
N SER A 229 -10.19 -11.04 4.42
CA SER A 229 -11.46 -10.35 4.02
C SER A 229 -11.12 -8.97 3.43
N LEU A 230 -11.49 -8.73 2.20
CA LEU A 230 -11.17 -7.41 1.58
C LEU A 230 -12.18 -7.09 0.47
N GLY A 231 -12.06 -5.94 -0.12
CA GLY A 231 -12.99 -5.56 -1.22
C GLY A 231 -12.20 -5.17 -2.46
N ILE A 232 -12.65 -5.57 -3.62
CA ILE A 232 -11.91 -5.22 -4.86
C ILE A 232 -12.75 -4.25 -5.73
N PHE A 233 -12.11 -3.34 -6.39
CA PHE A 233 -12.84 -2.37 -7.24
C PHE A 233 -12.09 -2.13 -8.54
N GLY A 234 -12.76 -1.72 -9.57
CA GLY A 234 -12.06 -1.48 -10.87
C GLY A 234 -13.04 -1.00 -11.94
N GLU A 235 -13.73 0.08 -11.71
CA GLU A 235 -14.66 0.59 -12.76
C GLU A 235 -13.83 1.00 -13.97
N LYS A 236 -12.55 0.98 -13.78
CA LYS A 236 -11.58 1.35 -14.84
C LYS A 236 -10.21 1.21 -14.21
N ALA A 237 -10.08 0.24 -13.33
CA ALA A 237 -8.83 0.01 -12.61
C ALA A 237 -8.93 -1.29 -11.81
N GLN A 238 -8.50 -2.38 -12.39
CA GLN A 238 -8.56 -3.70 -11.71
C GLN A 238 -7.77 -3.64 -10.40
N GLU A 239 -8.09 -2.71 -9.56
CA GLU A 239 -7.37 -2.57 -8.26
C GLU A 239 -8.24 -3.11 -7.12
N VAL A 240 -7.61 -3.55 -6.05
CA VAL A 240 -8.41 -4.09 -4.91
C VAL A 240 -7.61 -3.97 -3.61
N ALA A 241 -8.25 -3.55 -2.56
CA ALA A 241 -7.53 -3.40 -1.27
C ALA A 241 -8.45 -3.78 -0.11
N GLY A 242 -7.89 -4.15 1.01
CA GLY A 242 -8.75 -4.53 2.17
C GLY A 242 -7.87 -4.90 3.37
N SER A 243 -8.30 -5.84 4.16
CA SER A 243 -7.50 -6.25 5.34
C SER A 243 -7.92 -7.65 5.77
N ALA A 244 -6.99 -8.52 6.00
CA ALA A 244 -7.33 -9.90 6.42
C ALA A 244 -7.06 -10.09 7.90
N GLU A 245 -7.46 -11.18 8.47
CA GLU A 245 -7.21 -11.40 9.92
C GLU A 245 -6.05 -12.38 10.10
N VAL A 246 -5.47 -12.42 11.27
CA VAL A 246 -4.33 -13.35 11.49
C VAL A 246 -4.39 -13.93 12.91
N GLU A 247 -4.32 -15.23 13.01
CA GLU A 247 -4.37 -15.85 14.37
C GLU A 247 -3.11 -16.70 14.60
N THR A 248 -2.44 -16.49 15.70
CA THR A 248 -1.22 -17.28 15.98
C THR A 248 -1.52 -18.40 16.99
N ALA A 249 -1.04 -18.26 18.20
CA ALA A 249 -1.30 -19.31 19.23
C ALA A 249 -1.68 -18.66 20.55
N ASN A 250 -1.70 -17.35 20.60
CA ASN A 250 -2.06 -16.64 21.87
C ASN A 250 -2.51 -15.21 21.57
N GLY A 251 -2.81 -14.91 20.33
CA GLY A 251 -3.25 -13.53 19.99
C GLY A 251 -3.78 -13.50 18.55
N ILE A 252 -4.12 -12.34 18.07
CA ILE A 252 -4.64 -12.24 16.68
C ILE A 252 -4.09 -10.98 16.00
N HIS A 253 -3.57 -11.11 14.81
CA HIS A 253 -3.03 -9.93 14.09
C HIS A 253 -3.91 -9.57 12.90
N HIS A 254 -3.79 -8.36 12.40
CA HIS A 254 -4.62 -7.95 11.24
C HIS A 254 -3.72 -7.51 10.08
N ILE A 255 -3.91 -8.05 8.91
CA ILE A 255 -3.04 -7.65 7.76
C ILE A 255 -3.83 -6.78 6.78
N GLY A 256 -3.37 -5.59 6.53
CA GLY A 256 -4.08 -4.70 5.58
C GLY A 256 -3.57 -4.99 4.16
N LEU A 257 -4.45 -5.23 3.23
CA LEU A 257 -4.00 -5.54 1.85
C LEU A 257 -4.33 -4.39 0.90
N ALA A 258 -3.45 -4.10 -0.02
CA ALA A 258 -3.72 -3.00 -0.99
C ALA A 258 -2.95 -3.28 -2.29
N ALA A 259 -3.63 -3.62 -3.36
CA ALA A 259 -2.88 -3.91 -4.62
C ALA A 259 -3.67 -3.43 -5.84
N LYS A 260 -3.03 -3.44 -6.98
CA LYS A 260 -3.72 -2.99 -8.23
C LYS A 260 -3.65 -4.09 -9.29
N GLN A 261 -4.43 -3.99 -10.32
CA GLN A 261 -4.41 -5.02 -11.38
C GLN A 261 -3.02 -5.66 -11.48
N MET A 1 25.90 -14.80 0.74
CA MET A 1 25.52 -13.98 -0.45
C MET A 1 26.67 -13.05 -0.86
N GLY A 2 27.47 -13.45 -1.80
CA GLY A 2 28.61 -12.58 -2.23
C GLY A 2 28.06 -11.40 -3.03
N SER A 3 27.82 -11.59 -4.30
CA SER A 3 27.30 -10.48 -5.14
C SER A 3 26.36 -11.02 -6.23
N SER A 4 25.10 -11.15 -5.92
CA SER A 4 24.14 -11.67 -6.93
C SER A 4 22.70 -11.34 -6.53
N GLY A 5 22.03 -10.55 -7.32
CA GLY A 5 20.63 -10.17 -6.98
C GLY A 5 19.86 -9.84 -8.26
N GLY A 6 18.79 -10.55 -8.52
CA GLY A 6 18.01 -10.28 -9.76
C GLY A 6 16.80 -11.23 -9.80
N GLY A 7 16.23 -11.42 -10.96
CA GLY A 7 15.05 -12.32 -11.08
C GLY A 7 15.53 -13.77 -11.21
N GLY A 8 15.47 -14.52 -10.14
CA GLY A 8 15.92 -15.94 -10.20
C GLY A 8 15.31 -16.72 -9.03
N SER A 9 16.07 -16.97 -8.01
CA SER A 9 15.54 -17.73 -6.85
C SER A 9 16.27 -17.33 -5.57
N GLY A 10 15.66 -16.49 -4.77
CA GLY A 10 16.32 -16.05 -3.51
C GLY A 10 15.30 -15.36 -2.60
N GLY A 11 15.60 -14.17 -2.16
CA GLY A 11 14.64 -13.45 -1.28
C GLY A 11 13.63 -12.68 -2.13
N GLY A 12 12.37 -12.76 -1.79
CA GLY A 12 11.35 -12.02 -2.58
C GLY A 12 11.16 -10.62 -2.03
N GLY A 13 12.18 -9.81 -2.08
CA GLY A 13 12.06 -8.42 -1.54
C GLY A 13 12.91 -7.47 -2.39
N VAL A 14 12.34 -6.40 -2.86
CA VAL A 14 13.11 -5.44 -3.69
C VAL A 14 14.31 -4.90 -2.91
N THR A 15 15.16 -4.15 -3.54
CA THR A 15 16.34 -3.60 -2.84
C THR A 15 15.98 -2.31 -2.10
N ALA A 16 16.78 -1.90 -1.15
CA ALA A 16 16.47 -0.65 -0.40
C ALA A 16 16.69 0.57 -1.29
N ASP A 17 17.06 0.38 -2.52
CA ASP A 17 17.29 1.54 -3.42
C ASP A 17 17.27 1.10 -4.89
N ILE A 18 16.33 0.29 -5.26
CA ILE A 18 16.25 -0.17 -6.68
C ILE A 18 15.08 0.49 -7.37
N GLY A 19 13.91 0.00 -7.12
CA GLY A 19 12.69 0.58 -7.75
C GLY A 19 12.51 2.03 -7.29
N THR A 20 13.44 2.88 -7.62
CA THR A 20 13.34 4.31 -7.20
C THR A 20 12.13 4.97 -7.88
N GLY A 21 11.42 4.23 -8.70
CA GLY A 21 10.24 4.81 -9.39
C GLY A 21 9.60 5.90 -8.51
N LEU A 22 9.58 5.68 -7.22
CA LEU A 22 8.98 6.70 -6.31
C LEU A 22 10.05 7.70 -5.84
N ALA A 23 11.25 7.23 -5.62
CA ALA A 23 12.33 8.16 -5.17
C ALA A 23 12.46 9.33 -6.13
N ASP A 24 11.82 9.26 -7.26
CA ASP A 24 11.89 10.36 -8.24
C ASP A 24 10.72 11.33 -8.03
N ALA A 25 9.79 10.96 -7.22
CA ALA A 25 8.62 11.85 -6.96
C ALA A 25 8.91 12.75 -5.76
N LEU A 26 9.97 12.48 -5.04
CA LEU A 26 10.31 13.32 -3.86
C LEU A 26 11.50 14.22 -4.16
N THR A 27 12.48 13.74 -4.88
CA THR A 27 13.67 14.59 -5.18
C THR A 27 14.15 14.38 -6.62
N ALA A 28 13.58 13.45 -7.32
CA ALA A 28 14.01 13.20 -8.72
C ALA A 28 12.79 13.08 -9.65
N PRO A 29 12.30 14.21 -10.05
CA PRO A 29 11.12 14.25 -10.96
C PRO A 29 11.50 13.78 -12.37
N LEU A 30 11.26 12.53 -12.66
CA LEU A 30 11.61 12.01 -14.02
C LEU A 30 11.03 12.92 -15.11
N ASP A 31 10.92 12.42 -16.31
CA ASP A 31 10.37 13.25 -17.41
C ASP A 31 9.95 12.36 -18.59
N HIS A 32 9.73 11.10 -18.33
CA HIS A 32 9.32 10.18 -19.43
C HIS A 32 7.92 10.54 -19.93
N LYS A 33 7.33 11.57 -19.38
CA LYS A 33 5.97 11.99 -19.82
C LYS A 33 5.52 13.24 -19.06
N ASP A 34 6.46 14.04 -18.61
CA ASP A 34 6.08 15.28 -17.87
C ASP A 34 5.78 16.41 -18.86
N LYS A 35 4.54 16.57 -19.23
CA LYS A 35 4.18 17.65 -20.19
C LYS A 35 4.02 18.98 -19.46
N GLY A 36 2.91 19.19 -18.80
CA GLY A 36 2.70 20.47 -18.08
C GLY A 36 2.74 20.20 -16.57
N LEU A 37 2.05 19.18 -16.11
CA LEU A 37 2.07 18.88 -14.65
C LEU A 37 3.36 18.19 -14.26
N LYS A 38 4.30 18.92 -13.72
CA LYS A 38 5.59 18.29 -13.30
C LYS A 38 5.42 17.57 -11.96
N SER A 39 4.33 17.80 -11.29
CA SER A 39 4.11 17.14 -9.98
C SER A 39 2.68 17.39 -9.49
N LEU A 40 2.37 16.96 -8.29
CA LEU A 40 0.99 17.18 -7.75
C LEU A 40 1.04 17.48 -6.26
N THR A 41 0.08 18.20 -5.76
CA THR A 41 0.07 18.53 -4.30
C THR A 41 -1.06 17.79 -3.60
N LEU A 42 -0.84 17.37 -2.38
CA LEU A 42 -1.91 16.64 -1.64
C LEU A 42 -2.87 17.62 -0.99
N GLU A 43 -4.11 17.24 -0.83
CA GLU A 43 -5.10 18.15 -0.20
C GLU A 43 -4.50 18.81 1.05
N ASP A 44 -5.25 19.64 1.72
CA ASP A 44 -4.72 20.31 2.94
C ASP A 44 -4.72 19.34 4.12
N SER A 45 -4.35 18.11 3.88
CA SER A 45 -4.33 17.11 4.99
C SER A 45 -3.57 17.67 6.19
N ILE A 46 -2.37 18.12 5.99
CA ILE A 46 -1.57 18.68 7.11
C ILE A 46 -1.80 20.19 7.22
N SER A 47 -0.90 20.88 7.87
CA SER A 47 -1.05 22.35 8.01
C SER A 47 0.16 22.93 8.76
N GLN A 48 0.22 24.23 8.89
CA GLN A 48 1.39 24.83 9.61
C GLN A 48 1.70 24.03 10.87
N ASN A 49 0.74 23.28 11.34
CA ASN A 49 0.96 22.47 12.56
C ASN A 49 1.21 21.01 12.20
N GLY A 50 2.17 20.77 11.36
CA GLY A 50 2.48 19.37 10.95
C GLY A 50 3.65 19.37 9.96
N THR A 51 4.85 19.25 10.45
CA THR A 51 6.03 19.24 9.54
C THR A 51 6.64 17.84 9.48
N LEU A 52 6.97 17.37 8.31
CA LEU A 52 7.57 16.02 8.19
C LEU A 52 8.27 15.86 6.83
N THR A 53 9.14 14.89 6.70
CA THR A 53 9.86 14.70 5.41
C THR A 53 9.48 13.35 4.80
N LEU A 54 9.58 13.24 3.50
CA LEU A 54 9.25 11.95 2.84
C LEU A 54 10.52 11.26 2.39
N SER A 55 10.55 9.97 2.51
CA SER A 55 11.75 9.19 2.09
C SER A 55 11.33 8.04 1.18
N ALA A 56 11.84 8.00 -0.02
CA ALA A 56 11.47 6.90 -0.95
C ALA A 56 12.65 5.94 -1.13
N GLN A 57 12.49 4.93 -1.94
CA GLN A 57 13.59 3.96 -2.14
C GLN A 57 14.68 4.57 -3.03
N GLY A 58 15.02 5.80 -2.78
CA GLY A 58 16.08 6.45 -3.61
C GLY A 58 16.30 7.89 -3.13
N ALA A 59 15.26 8.57 -2.73
CA ALA A 59 15.43 9.97 -2.26
C ALA A 59 14.30 10.35 -1.30
N GLU A 60 14.34 11.54 -0.77
CA GLU A 60 13.27 11.98 0.17
C GLU A 60 12.74 13.36 -0.23
N LYS A 61 11.60 13.74 0.28
CA LYS A 61 11.04 15.08 -0.07
C LYS A 61 10.32 15.68 1.14
N THR A 62 10.63 16.90 1.48
CA THR A 62 9.97 17.55 2.65
C THR A 62 8.46 17.55 2.47
N TYR A 63 7.71 17.35 3.52
CA TYR A 63 6.23 17.34 3.41
C TYR A 63 5.61 18.34 4.39
N GLY A 64 5.02 19.38 3.89
CA GLY A 64 4.40 20.39 4.80
C GLY A 64 2.89 20.43 4.55
N ASN A 65 2.22 21.42 5.06
CA ASN A 65 0.75 21.51 4.86
C ASN A 65 0.40 21.31 3.39
N GLY A 66 -0.55 20.46 3.10
CA GLY A 66 -0.92 20.21 1.68
C GLY A 66 -0.05 19.08 1.12
N ASP A 67 0.99 18.72 1.83
CA ASP A 67 1.87 17.63 1.34
C ASP A 67 2.24 17.85 -0.13
N SER A 68 3.20 17.13 -0.63
CA SER A 68 3.60 17.31 -2.06
C SER A 68 3.92 15.95 -2.69
N LEU A 69 3.59 15.78 -3.95
CA LEU A 69 3.88 14.48 -4.62
C LEU A 69 4.32 14.73 -6.07
N ASN A 70 5.60 14.73 -6.31
CA ASN A 70 6.08 14.96 -7.70
C ASN A 70 5.69 13.78 -8.61
N THR A 71 4.47 13.75 -9.06
CA THR A 71 4.03 12.63 -9.94
C THR A 71 3.67 13.16 -11.33
N GLY A 72 4.54 13.95 -11.92
CA GLY A 72 4.24 14.50 -13.28
C GLY A 72 3.36 13.51 -14.04
N LYS A 73 3.66 12.24 -13.97
CA LYS A 73 2.83 11.25 -14.70
C LYS A 73 3.37 9.84 -14.47
N LEU A 74 2.99 9.22 -13.38
CA LEU A 74 3.50 7.84 -13.10
C LEU A 74 2.54 6.80 -13.69
N LYS A 75 2.93 5.55 -13.67
CA LYS A 75 2.04 4.49 -14.23
C LYS A 75 0.63 4.64 -13.68
N ASN A 76 -0.30 3.85 -14.16
CA ASN A 76 -1.70 3.95 -13.66
C ASN A 76 -1.94 2.90 -12.57
N ASP A 77 -0.96 2.09 -12.29
CA ASP A 77 -1.12 1.05 -11.23
C ASP A 77 0.23 0.75 -10.57
N LYS A 78 0.68 1.61 -9.70
CA LYS A 78 1.99 1.36 -9.04
C LYS A 78 1.97 1.86 -7.59
N VAL A 79 2.28 1.00 -6.65
CA VAL A 79 2.27 1.42 -5.23
C VAL A 79 3.16 2.65 -5.02
N SER A 80 3.12 3.21 -3.84
CA SER A 80 3.94 4.42 -3.56
C SER A 80 4.06 4.61 -2.05
N ARG A 81 4.95 3.91 -1.41
CA ARG A 81 5.11 4.06 0.06
C ARG A 81 6.41 4.78 0.39
N PHE A 82 6.36 5.77 1.23
CA PHE A 82 7.60 6.52 1.60
C PHE A 82 7.62 6.80 3.10
N ASP A 83 8.75 6.59 3.73
CA ASP A 83 8.83 6.84 5.20
C ASP A 83 8.80 8.35 5.48
N PHE A 84 8.31 8.74 6.62
CA PHE A 84 8.24 10.19 6.94
C PHE A 84 8.07 10.39 8.46
N ILE A 85 8.57 11.47 8.98
CA ILE A 85 8.42 11.72 10.44
C ILE A 85 7.51 12.94 10.68
N ARG A 86 6.33 12.71 11.19
CA ARG A 86 5.40 13.84 11.45
C ARG A 86 5.70 14.48 12.80
N GLN A 87 6.00 15.76 12.82
CA GLN A 87 6.30 16.43 14.12
C GLN A 87 5.99 17.93 14.02
N ILE A 88 5.24 18.45 14.94
CA ILE A 88 4.90 19.90 14.91
C ILE A 88 5.44 20.60 16.16
N GLU A 89 6.41 21.45 16.00
CA GLU A 89 6.98 22.17 17.17
C GLU A 89 7.29 23.62 16.82
N VAL A 90 6.71 24.55 17.53
CA VAL A 90 6.96 25.99 17.24
C VAL A 90 7.75 26.62 18.40
N ASP A 91 8.20 27.83 18.22
CA ASP A 91 8.97 28.49 19.30
C ASP A 91 8.06 28.78 20.51
N GLY A 92 6.83 28.38 20.43
CA GLY A 92 5.89 28.62 21.56
C GLY A 92 4.51 28.07 21.22
N GLN A 93 4.45 26.90 20.63
CA GLN A 93 3.13 26.31 20.28
C GLN A 93 3.22 24.79 20.22
N LEU A 94 2.58 24.23 19.24
CA LEU A 94 2.59 22.74 19.10
C LEU A 94 4.01 22.20 19.28
N ILE A 95 4.13 20.91 19.54
CA ILE A 95 5.48 20.31 19.73
C ILE A 95 5.40 18.79 19.65
N THR A 96 4.33 18.28 19.09
CA THR A 96 4.19 16.80 18.97
C THR A 96 5.33 16.22 18.13
N LEU A 97 5.52 14.93 18.19
CA LEU A 97 6.62 14.31 17.39
C LEU A 97 6.32 12.83 17.15
N GLU A 98 6.15 12.43 15.92
CA GLU A 98 5.86 10.99 15.63
C GLU A 98 6.43 10.60 14.26
N SER A 99 6.66 9.33 14.05
CA SER A 99 7.21 8.88 12.73
C SER A 99 6.60 7.54 12.34
N GLY A 100 6.74 7.15 11.10
CA GLY A 100 6.18 5.85 10.65
C GLY A 100 6.43 5.66 9.16
N GLU A 101 5.72 4.75 8.54
CA GLU A 101 5.92 4.52 7.08
C GLU A 101 4.69 4.95 6.31
N PHE A 102 4.84 5.19 5.02
CA PHE A 102 3.65 5.62 4.21
C PHE A 102 3.50 4.70 2.99
N GLN A 103 2.29 4.41 2.60
CA GLN A 103 2.07 3.52 1.43
C GLN A 103 0.90 4.06 0.59
N VAL A 104 1.18 4.55 -0.59
CA VAL A 104 0.08 5.08 -1.44
C VAL A 104 0.12 4.45 -2.83
N TYR A 105 -0.91 3.75 -3.21
CA TYR A 105 -0.91 3.11 -4.56
C TYR A 105 -1.72 3.96 -5.54
N LYS A 106 -1.35 3.95 -6.79
CA LYS A 106 -2.10 4.76 -7.80
C LYS A 106 -2.73 3.85 -8.85
N GLN A 107 -4.00 4.03 -9.10
CA GLN A 107 -4.68 3.18 -10.12
C GLN A 107 -5.04 4.02 -11.36
N SER A 108 -6.29 4.03 -11.74
CA SER A 108 -6.70 4.82 -12.93
C SER A 108 -6.94 6.29 -12.54
N HIS A 109 -8.13 6.60 -12.10
CA HIS A 109 -8.42 8.00 -11.71
C HIS A 109 -8.23 8.16 -10.19
N SER A 110 -8.49 7.12 -9.46
CA SER A 110 -8.31 7.19 -7.98
C SER A 110 -7.01 6.50 -7.58
N ALA A 111 -6.91 6.06 -6.36
CA ALA A 111 -5.67 5.38 -5.90
C ALA A 111 -5.88 4.79 -4.50
N LEU A 112 -4.83 4.27 -3.92
CA LEU A 112 -4.96 3.68 -2.55
C LEU A 112 -3.95 4.35 -1.60
N THR A 113 -4.33 4.56 -0.38
CA THR A 113 -3.38 5.21 0.58
C THR A 113 -3.15 4.32 1.80
N ALA A 114 -2.09 4.56 2.52
CA ALA A 114 -1.80 3.73 3.73
C ALA A 114 -0.76 4.45 4.60
N LEU A 115 -1.10 4.75 5.82
CA LEU A 115 -0.13 5.45 6.71
C LEU A 115 0.31 4.53 7.85
N GLN A 116 1.53 4.09 7.83
CA GLN A 116 2.02 3.19 8.93
C GLN A 116 2.79 4.01 9.97
N THR A 117 2.67 3.66 11.22
CA THR A 117 3.41 4.42 12.28
C THR A 117 4.54 3.56 12.85
N GLU A 118 5.46 4.18 13.54
CA GLU A 118 6.59 3.41 14.12
C GLU A 118 6.81 3.80 15.59
N GLN A 119 7.01 5.07 15.85
CA GLN A 119 7.23 5.51 17.26
C GLN A 119 6.40 6.77 17.54
N GLU A 120 6.05 6.99 18.79
CA GLU A 120 5.23 8.19 19.12
C GLU A 120 5.70 8.77 20.47
N GLN A 121 5.09 9.85 20.90
CA GLN A 121 5.49 10.47 22.19
C GLN A 121 4.36 11.37 22.71
N ASP A 122 4.26 11.54 24.01
CA ASP A 122 3.17 12.43 24.54
C ASP A 122 3.75 13.53 25.43
N PRO A 123 3.81 14.71 24.89
CA PRO A 123 4.35 15.88 25.62
C PRO A 123 3.35 16.39 26.66
N GLU A 124 2.85 15.52 27.50
CA GLU A 124 1.89 15.96 28.55
C GLU A 124 2.67 16.20 29.84
N HIS A 125 3.76 15.50 29.97
CA HIS A 125 4.63 15.63 31.17
C HIS A 125 5.81 14.68 31.00
N SER A 126 5.56 13.43 31.24
CA SER A 126 6.62 12.41 31.08
C SER A 126 6.17 11.35 30.06
N GLU A 127 5.16 11.67 29.28
CA GLU A 127 4.65 10.69 28.29
C GLU A 127 5.11 11.04 26.88
N LYS A 128 5.94 12.03 26.73
CA LYS A 128 6.43 12.43 25.37
C LYS A 128 7.13 11.27 24.66
N MET A 129 6.66 10.07 24.86
CA MET A 129 7.27 8.92 24.19
C MET A 129 6.27 7.76 24.10
N VAL A 130 6.22 7.08 22.99
CA VAL A 130 5.27 5.94 22.85
C VAL A 130 5.86 4.88 21.91
N ALA A 131 5.21 3.75 21.80
CA ALA A 131 5.73 2.67 20.91
C ALA A 131 4.59 1.77 20.46
N LYS A 132 4.29 1.75 19.19
CA LYS A 132 3.19 0.89 18.68
C LYS A 132 3.12 0.95 17.15
N ARG A 133 2.58 -0.05 16.53
CA ARG A 133 2.48 -0.05 15.04
C ARG A 133 1.06 0.32 14.61
N ARG A 134 0.87 1.51 14.11
CA ARG A 134 -0.48 1.93 13.67
C ARG A 134 -0.51 2.13 12.15
N PHE A 135 -1.20 1.28 11.44
CA PHE A 135 -1.27 1.42 9.96
C PHE A 135 -2.65 1.92 9.53
N ARG A 136 -2.73 3.14 9.08
CA ARG A 136 -4.05 3.68 8.64
C ARG A 136 -4.18 3.58 7.12
N ILE A 137 -5.00 2.68 6.65
CA ILE A 137 -5.16 2.53 5.16
C ILE A 137 -6.10 3.60 4.62
N GLY A 138 -5.65 4.34 3.64
CA GLY A 138 -6.51 5.41 3.06
C GLY A 138 -6.84 5.06 1.60
N ASP A 139 -7.26 3.84 1.36
CA ASP A 139 -7.59 3.43 -0.04
C ASP A 139 -8.79 4.23 -0.55
N ILE A 140 -8.63 4.92 -1.65
CA ILE A 140 -9.75 5.71 -2.21
C ILE A 140 -10.06 5.23 -3.63
N ALA A 141 -10.68 4.09 -3.75
CA ALA A 141 -11.01 3.56 -5.10
C ALA A 141 -11.65 4.66 -5.95
N GLY A 142 -11.55 4.54 -7.25
CA GLY A 142 -12.15 5.58 -8.14
C GLY A 142 -13.64 5.30 -8.31
N GLU A 143 -14.00 4.06 -8.52
CA GLU A 143 -15.44 3.72 -8.68
C GLU A 143 -15.70 2.28 -8.21
N HIS A 144 -16.29 2.14 -7.05
CA HIS A 144 -16.56 0.76 -6.54
C HIS A 144 -17.46 0.00 -7.52
N THR A 145 -16.88 -0.51 -8.57
CA THR A 145 -17.70 -1.26 -9.58
C THR A 145 -18.16 -2.59 -8.99
N SER A 146 -19.44 -2.74 -8.78
CA SER A 146 -19.96 -4.03 -8.21
C SER A 146 -19.88 -5.14 -9.27
N PHE A 147 -19.11 -6.16 -8.99
CA PHE A 147 -19.00 -7.27 -9.99
C PHE A 147 -20.37 -7.65 -10.52
N ASP A 148 -21.42 -7.28 -9.82
CA ASP A 148 -22.79 -7.63 -10.28
C ASP A 148 -23.09 -6.98 -11.63
N LYS A 149 -22.19 -6.17 -12.12
CA LYS A 149 -22.42 -5.51 -13.44
C LYS A 149 -22.02 -6.45 -14.58
N LEU A 150 -21.52 -7.61 -14.24
CA LEU A 150 -21.10 -8.59 -15.27
C LEU A 150 -20.55 -9.84 -14.61
N PRO A 151 -21.37 -10.43 -13.78
CA PRO A 151 -20.97 -11.64 -13.04
C PRO A 151 -21.22 -12.89 -13.86
N LYS A 152 -20.20 -13.46 -14.43
CA LYS A 152 -20.37 -14.70 -15.23
C LYS A 152 -19.19 -15.64 -15.00
N ASP A 153 -18.10 -15.43 -15.68
CA ASP A 153 -16.92 -16.30 -15.49
C ASP A 153 -15.64 -15.50 -15.82
N VAL A 154 -15.50 -14.33 -15.29
CA VAL A 154 -14.30 -13.52 -15.59
C VAL A 154 -13.21 -13.75 -14.54
N MET A 155 -12.15 -14.42 -14.91
CA MET A 155 -11.05 -14.66 -13.93
C MET A 155 -10.35 -13.33 -13.60
N ALA A 156 -10.63 -12.78 -12.46
CA ALA A 156 -10.00 -11.48 -12.08
C ALA A 156 -8.73 -11.72 -11.27
N THR A 157 -7.60 -11.31 -11.79
CA THR A 157 -6.32 -11.49 -11.04
C THR A 157 -5.83 -10.14 -10.53
N TYR A 158 -5.06 -10.12 -9.47
CA TYR A 158 -4.57 -8.83 -8.93
C TYR A 158 -3.21 -9.00 -8.24
N ARG A 159 -2.47 -7.92 -8.10
CA ARG A 159 -1.15 -7.99 -7.44
C ARG A 159 -0.87 -6.65 -6.76
N GLY A 160 -0.29 -6.66 -5.59
CA GLY A 160 -0.01 -5.37 -4.91
C GLY A 160 0.91 -5.57 -3.71
N THR A 161 0.85 -4.65 -2.78
CA THR A 161 1.71 -4.75 -1.58
C THR A 161 0.85 -4.70 -0.31
N ALA A 162 1.34 -5.24 0.76
CA ALA A 162 0.57 -5.24 2.02
C ALA A 162 1.45 -4.80 3.18
N PHE A 163 0.91 -4.76 4.37
CA PHE A 163 1.72 -4.35 5.55
C PHE A 163 1.49 -5.33 6.70
N GLY A 164 2.53 -5.76 7.38
CA GLY A 164 2.31 -6.73 8.49
C GLY A 164 2.56 -6.05 9.83
N SER A 165 1.64 -6.18 10.75
CA SER A 165 1.83 -5.54 12.09
C SER A 165 3.06 -6.14 12.78
N ASP A 166 3.59 -7.19 12.23
CA ASP A 166 4.79 -7.83 12.83
C ASP A 166 5.83 -8.11 11.74
N ASP A 167 5.54 -7.70 10.55
CA ASP A 167 6.50 -7.90 9.43
C ASP A 167 6.82 -6.56 8.77
N ALA A 168 7.77 -6.52 7.89
CA ALA A 168 8.10 -5.23 7.22
C ALA A 168 6.89 -4.67 6.52
N GLY A 169 6.09 -5.51 5.98
CA GLY A 169 4.88 -5.04 5.29
C GLY A 169 4.13 -6.23 4.72
N GLY A 170 4.15 -6.35 3.44
CA GLY A 170 3.45 -7.49 2.77
C GLY A 170 3.54 -7.37 1.25
N LYS A 171 3.52 -8.48 0.56
CA LYS A 171 3.57 -8.44 -0.93
C LYS A 171 2.77 -9.65 -1.42
N LEU A 172 1.69 -9.45 -2.14
CA LEU A 172 0.89 -10.63 -2.56
C LEU A 172 0.18 -10.43 -3.89
N THR A 173 -0.11 -11.53 -4.54
CA THR A 173 -0.85 -11.48 -5.83
C THR A 173 -2.09 -12.37 -5.69
N TYR A 174 -3.24 -11.88 -6.05
CA TYR A 174 -4.46 -12.71 -5.89
C TYR A 174 -5.09 -13.04 -7.25
N THR A 175 -5.75 -14.17 -7.33
CA THR A 175 -6.42 -14.58 -8.60
C THR A 175 -7.70 -15.35 -8.25
N ILE A 176 -8.85 -14.79 -8.53
CA ILE A 176 -10.11 -15.49 -8.18
C ILE A 176 -11.15 -15.41 -9.30
N ASP A 177 -12.19 -16.18 -9.18
CA ASP A 177 -13.26 -16.17 -10.21
C ASP A 177 -14.28 -15.08 -9.88
N PHE A 178 -14.60 -14.26 -10.84
CA PHE A 178 -15.57 -13.16 -10.61
C PHE A 178 -16.85 -13.65 -9.89
N ALA A 179 -17.99 -13.35 -10.45
CA ALA A 179 -19.29 -13.76 -9.83
C ALA A 179 -19.16 -15.09 -9.10
N ALA A 180 -18.61 -16.08 -9.74
CA ALA A 180 -18.45 -17.38 -9.06
C ALA A 180 -17.43 -17.22 -7.94
N LYS A 181 -17.61 -16.20 -7.13
CA LYS A 181 -16.67 -15.92 -6.02
C LYS A 181 -15.81 -17.14 -5.69
N GLN A 182 -14.84 -17.42 -6.53
CA GLN A 182 -13.98 -18.62 -6.24
C GLN A 182 -12.53 -18.36 -6.61
N GLY A 183 -11.65 -18.35 -5.63
CA GLY A 183 -10.21 -18.11 -5.95
C GLY A 183 -9.37 -18.16 -4.67
N HIS A 184 -8.20 -17.57 -4.71
CA HIS A 184 -7.31 -17.56 -3.51
C HIS A 184 -6.12 -16.64 -3.77
N GLY A 185 -5.46 -16.18 -2.73
CA GLY A 185 -4.31 -15.27 -2.95
C GLY A 185 -3.09 -15.75 -2.17
N LYS A 186 -1.94 -15.19 -2.43
CA LYS A 186 -0.71 -15.61 -1.69
C LYS A 186 -0.07 -14.39 -1.03
N ILE A 187 0.39 -14.51 0.19
CA ILE A 187 1.01 -13.34 0.86
C ILE A 187 2.51 -13.57 1.09
N GLU A 188 3.31 -12.60 0.75
CA GLU A 188 4.78 -12.74 0.96
C GLU A 188 5.45 -11.37 0.89
N HIS A 189 6.30 -11.05 1.83
CA HIS A 189 6.97 -9.72 1.81
C HIS A 189 8.21 -9.71 2.71
N LEU A 190 8.04 -10.14 3.93
CA LEU A 190 9.19 -10.14 4.89
C LEU A 190 10.49 -10.57 4.19
N LYS A 191 11.59 -10.53 4.92
CA LYS A 191 12.90 -10.90 4.33
C LYS A 191 12.89 -12.31 3.74
N SER A 192 11.82 -13.03 3.89
CA SER A 192 11.79 -14.41 3.33
C SER A 192 10.39 -14.76 2.84
N PRO A 193 10.32 -15.15 1.59
CA PRO A 193 9.03 -15.53 0.98
C PRO A 193 8.61 -16.91 1.48
N GLU A 194 9.25 -17.41 2.50
CA GLU A 194 8.88 -18.76 3.03
C GLU A 194 8.09 -18.62 4.33
N LEU A 195 8.31 -17.56 5.06
CA LEU A 195 7.57 -17.38 6.34
C LEU A 195 6.21 -16.72 6.06
N ASN A 196 5.86 -16.60 4.81
CA ASN A 196 4.54 -15.99 4.48
C ASN A 196 3.45 -17.05 4.55
N VAL A 197 2.40 -16.87 3.81
CA VAL A 197 1.29 -17.88 3.85
C VAL A 197 0.41 -17.76 2.62
N ASP A 198 -0.41 -18.75 2.37
CA ASP A 198 -1.32 -18.71 1.20
C ASP A 198 -2.77 -18.70 1.67
N LEU A 199 -3.54 -17.73 1.24
CA LEU A 199 -4.96 -17.67 1.69
C LEU A 199 -5.92 -17.85 0.52
N ALA A 200 -7.11 -18.26 0.81
CA ALA A 200 -8.13 -18.44 -0.27
C ALA A 200 -8.80 -17.11 -0.57
N VAL A 201 -9.69 -17.07 -1.51
CA VAL A 201 -10.37 -15.78 -1.83
C VAL A 201 -11.68 -16.02 -2.60
N ALA A 202 -12.74 -15.44 -2.14
CA ALA A 202 -14.05 -15.62 -2.84
C ALA A 202 -14.47 -14.30 -3.50
N TYR A 203 -14.70 -14.32 -4.78
CA TYR A 203 -15.10 -13.07 -5.48
C TYR A 203 -16.62 -12.89 -5.42
N ILE A 204 -17.10 -12.03 -4.56
CA ILE A 204 -18.57 -11.81 -4.46
C ILE A 204 -18.98 -10.55 -5.22
N LYS A 205 -20.25 -10.32 -5.37
CA LYS A 205 -20.71 -9.10 -6.11
C LYS A 205 -20.69 -7.89 -5.18
N PRO A 206 -21.58 -7.91 -4.22
CA PRO A 206 -21.67 -6.80 -3.24
C PRO A 206 -20.50 -6.85 -2.26
N ASP A 207 -19.59 -5.92 -2.37
CA ASP A 207 -18.42 -5.92 -1.45
C ASP A 207 -18.69 -5.02 -0.24
N GLU A 208 -17.91 -3.98 -0.08
CA GLU A 208 -18.13 -3.06 1.06
C GLU A 208 -19.25 -2.07 0.74
N LYS A 209 -19.38 -1.70 -0.50
CA LYS A 209 -20.46 -0.74 -0.89
C LYS A 209 -21.13 -1.20 -2.17
N HIS A 210 -20.36 -1.45 -3.20
CA HIS A 210 -20.97 -1.91 -4.49
C HIS A 210 -19.86 -2.37 -5.45
N HIS A 211 -18.81 -2.93 -4.94
CA HIS A 211 -17.71 -3.40 -5.84
C HIS A 211 -17.45 -4.90 -5.61
N ALA A 212 -16.45 -5.44 -6.27
CA ALA A 212 -16.15 -6.89 -6.09
C ALA A 212 -15.63 -7.14 -4.68
N VAL A 213 -15.95 -8.29 -4.12
CA VAL A 213 -15.47 -8.60 -2.74
C VAL A 213 -14.45 -9.73 -2.78
N ILE A 214 -13.60 -9.82 -1.80
CA ILE A 214 -12.58 -10.91 -1.78
C ILE A 214 -12.43 -11.47 -0.36
N SER A 215 -13.01 -12.60 -0.09
CA SER A 215 -12.89 -13.19 1.27
C SER A 215 -12.30 -14.60 1.19
N GLY A 216 -11.37 -14.92 2.05
CA GLY A 216 -10.76 -16.28 2.02
C GLY A 216 -9.99 -16.53 3.31
N SER A 217 -9.78 -17.77 3.65
CA SER A 217 -9.04 -18.09 4.90
C SER A 217 -7.54 -18.28 4.59
N VAL A 218 -6.68 -17.72 5.40
CA VAL A 218 -5.22 -17.87 5.15
C VAL A 218 -4.67 -19.08 5.91
N LEU A 219 -3.72 -19.76 5.35
CA LEU A 219 -3.14 -20.95 6.04
C LEU A 219 -1.64 -21.08 5.71
N TYR A 220 -0.83 -21.27 6.72
CA TYR A 220 0.64 -21.41 6.47
C TYR A 220 1.02 -22.90 6.42
N ASN A 221 2.09 -23.21 5.75
CA ASN A 221 2.50 -24.64 5.67
C ASN A 221 3.16 -25.09 6.97
N GLN A 222 3.57 -24.15 7.77
CA GLN A 222 4.21 -24.53 9.07
C GLN A 222 3.14 -24.97 10.05
N ASP A 223 2.28 -24.06 10.42
CA ASP A 223 1.19 -24.40 11.37
C ASP A 223 0.36 -23.15 11.69
N GLU A 224 0.30 -22.20 10.79
CA GLU A 224 -0.46 -20.96 11.07
C GLU A 224 -1.95 -21.15 10.74
N LYS A 225 -2.76 -20.22 11.18
CA LYS A 225 -4.23 -20.30 10.92
C LYS A 225 -4.79 -18.90 10.85
N GLY A 226 -4.65 -18.24 9.73
CA GLY A 226 -5.15 -16.85 9.62
C GLY A 226 -6.32 -16.75 8.62
N SER A 227 -6.92 -15.60 8.54
CA SER A 227 -8.05 -15.40 7.60
C SER A 227 -7.74 -14.25 6.66
N TYR A 228 -8.51 -14.08 5.60
CA TYR A 228 -8.22 -12.96 4.67
C TYR A 228 -9.51 -12.33 4.15
N SER A 229 -9.55 -11.02 4.11
CA SER A 229 -10.76 -10.32 3.61
C SER A 229 -10.35 -9.01 2.93
N LEU A 230 -10.73 -8.81 1.69
CA LEU A 230 -10.34 -7.55 1.00
C LEU A 230 -11.46 -7.08 0.07
N GLY A 231 -11.35 -5.88 -0.43
CA GLY A 231 -12.40 -5.36 -1.35
C GLY A 231 -11.75 -4.90 -2.66
N ILE A 232 -12.33 -5.26 -3.78
CA ILE A 232 -11.74 -4.85 -5.08
C ILE A 232 -12.67 -3.88 -5.83
N PHE A 233 -12.11 -2.82 -6.37
CA PHE A 233 -12.95 -1.84 -7.11
C PHE A 233 -12.32 -1.57 -8.49
N GLY A 234 -12.85 -2.21 -9.51
CA GLY A 234 -12.32 -2.01 -10.89
C GLY A 234 -13.10 -2.90 -11.84
N GLU A 235 -13.83 -2.33 -12.77
CA GLU A 235 -14.59 -3.17 -13.72
C GLU A 235 -13.82 -4.46 -13.96
N LYS A 236 -12.55 -4.30 -14.23
CA LYS A 236 -11.66 -5.45 -14.47
C LYS A 236 -10.29 -4.87 -14.79
N ALA A 237 -9.95 -3.79 -14.13
CA ALA A 237 -8.67 -3.11 -14.44
C ALA A 237 -8.36 -2.00 -13.42
N GLN A 238 -9.03 -1.96 -12.30
CA GLN A 238 -8.75 -0.89 -11.32
C GLN A 238 -7.76 -1.38 -10.26
N GLU A 239 -8.23 -1.76 -9.10
CA GLU A 239 -7.30 -2.25 -8.05
C GLU A 239 -8.07 -2.94 -6.93
N VAL A 240 -7.37 -3.42 -5.93
CA VAL A 240 -8.04 -4.12 -4.80
C VAL A 240 -7.25 -3.90 -3.51
N ALA A 241 -7.86 -3.28 -2.53
CA ALA A 241 -7.13 -3.04 -1.25
C ALA A 241 -7.96 -3.53 -0.07
N GLY A 242 -7.32 -3.99 0.98
CA GLY A 242 -8.08 -4.48 2.16
C GLY A 242 -7.10 -4.89 3.26
N SER A 243 -7.45 -5.89 4.02
CA SER A 243 -6.55 -6.35 5.11
C SER A 243 -6.86 -7.79 5.47
N ALA A 244 -6.19 -8.33 6.46
CA ALA A 244 -6.46 -9.74 6.86
C ALA A 244 -6.03 -9.97 8.31
N GLU A 245 -6.38 -11.09 8.87
CA GLU A 245 -5.97 -11.37 10.27
C GLU A 245 -5.33 -12.75 10.35
N VAL A 246 -4.26 -12.89 11.08
CA VAL A 246 -3.59 -14.22 11.18
C VAL A 246 -3.38 -14.61 12.63
N GLU A 247 -3.75 -15.82 12.98
CA GLU A 247 -3.57 -16.27 14.39
C GLU A 247 -2.49 -17.36 14.46
N THR A 248 -1.54 -17.21 15.34
CA THR A 248 -0.46 -18.24 15.45
C THR A 248 -0.75 -19.17 16.63
N ALA A 249 0.22 -19.94 17.05
CA ALA A 249 0.00 -20.86 18.19
C ALA A 249 -0.10 -20.06 19.50
N ASN A 250 0.11 -18.78 19.44
CA ASN A 250 0.04 -17.94 20.66
C ASN A 250 0.35 -16.48 20.35
N GLY A 251 -0.19 -15.97 19.26
CA GLY A 251 0.08 -14.55 18.90
C GLY A 251 -0.65 -14.20 17.60
N ILE A 252 -1.71 -13.44 17.68
CA ILE A 252 -2.46 -13.07 16.45
C ILE A 252 -1.83 -11.83 15.81
N HIS A 253 -1.65 -11.85 14.51
CA HIS A 253 -1.04 -10.67 13.83
C HIS A 253 -2.04 -10.05 12.84
N HIS A 254 -1.81 -8.83 12.45
CA HIS A 254 -2.73 -8.17 11.48
C HIS A 254 -1.95 -7.69 10.26
N ILE A 255 -2.34 -8.11 9.08
CA ILE A 255 -1.61 -7.68 7.86
C ILE A 255 -2.51 -6.86 6.94
N GLY A 256 -2.06 -5.68 6.56
CA GLY A 256 -2.87 -4.83 5.65
C GLY A 256 -2.50 -5.15 4.21
N LEU A 257 -3.38 -4.92 3.27
CA LEU A 257 -3.04 -5.23 1.85
C LEU A 257 -3.44 -4.09 0.92
N ALA A 258 -2.71 -3.91 -0.15
CA ALA A 258 -3.05 -2.83 -1.12
C ALA A 258 -2.54 -3.25 -2.50
N ALA A 259 -3.41 -3.50 -3.44
CA ALA A 259 -2.92 -3.93 -4.78
C ALA A 259 -3.79 -3.36 -5.91
N LYS A 260 -3.28 -3.41 -7.10
CA LYS A 260 -4.04 -2.89 -8.27
C LYS A 260 -4.52 -4.04 -9.15
N GLN A 261 -5.44 -3.79 -10.04
CA GLN A 261 -5.94 -4.88 -10.93
C GLN A 261 -4.86 -5.93 -11.15
N MET A 1 37.79 -32.25 -24.33
CA MET A 1 37.36 -31.12 -25.19
C MET A 1 35.86 -31.25 -25.52
N GLY A 2 35.04 -30.41 -24.92
CA GLY A 2 33.58 -30.50 -25.20
C GLY A 2 32.85 -29.40 -24.42
N SER A 3 31.81 -29.76 -23.72
CA SER A 3 31.06 -28.75 -22.93
C SER A 3 30.35 -29.41 -21.75
N SER A 4 30.48 -28.86 -20.58
CA SER A 4 29.81 -29.47 -19.39
C SER A 4 29.55 -28.39 -18.32
N GLY A 5 28.31 -28.20 -17.95
CA GLY A 5 28.00 -27.17 -16.93
C GLY A 5 26.66 -27.50 -16.26
N GLY A 6 25.60 -26.89 -16.72
CA GLY A 6 24.26 -27.17 -16.12
C GLY A 6 23.19 -26.36 -16.85
N GLY A 7 22.73 -25.30 -16.26
CA GLY A 7 21.68 -24.47 -16.93
C GLY A 7 21.71 -23.05 -16.37
N GLY A 8 21.16 -22.10 -17.08
CA GLY A 8 21.16 -20.70 -16.58
C GLY A 8 20.03 -20.51 -15.56
N SER A 9 19.44 -19.35 -15.54
CA SER A 9 18.33 -19.11 -14.57
C SER A 9 17.38 -18.04 -15.11
N GLY A 10 16.45 -17.59 -14.31
CA GLY A 10 15.50 -16.55 -14.77
C GLY A 10 15.12 -15.63 -13.61
N GLY A 11 16.07 -14.96 -13.03
CA GLY A 11 15.76 -14.05 -11.89
C GLY A 11 16.81 -12.94 -11.82
N GLY A 12 16.82 -12.07 -12.79
CA GLY A 12 17.83 -10.96 -12.78
C GLY A 12 17.50 -9.99 -11.64
N GLY A 13 18.08 -8.83 -11.66
CA GLY A 13 17.81 -7.84 -10.57
C GLY A 13 17.06 -6.64 -11.15
N VAL A 14 16.14 -6.09 -10.41
CA VAL A 14 15.38 -4.92 -10.92
C VAL A 14 16.33 -3.77 -11.25
N THR A 15 15.93 -2.89 -12.13
CA THR A 15 16.81 -1.74 -12.50
C THR A 15 16.46 -0.52 -11.67
N ALA A 16 17.22 0.54 -11.78
CA ALA A 16 16.93 1.77 -10.99
C ALA A 16 15.65 2.44 -11.49
N ASP A 17 14.95 1.81 -12.39
CA ASP A 17 13.69 2.42 -12.91
C ASP A 17 12.56 1.39 -12.94
N ILE A 18 12.43 0.61 -11.89
CA ILE A 18 11.36 -0.41 -11.85
C ILE A 18 10.34 -0.05 -10.79
N GLY A 19 10.67 -0.32 -9.57
CA GLY A 19 9.73 -0.01 -8.45
C GLY A 19 10.39 0.99 -7.50
N THR A 20 11.65 0.78 -7.18
CA THR A 20 12.35 1.72 -6.26
C THR A 20 12.44 3.11 -6.89
N GLY A 21 11.96 3.26 -8.09
CA GLY A 21 12.03 4.59 -8.77
C GLY A 21 11.18 5.59 -8.00
N LEU A 22 10.28 5.12 -7.18
CA LEU A 22 9.42 6.05 -6.40
C LEU A 22 10.26 7.14 -5.74
N ALA A 23 11.45 6.81 -5.31
CA ALA A 23 12.32 7.83 -4.67
C ALA A 23 12.50 9.03 -5.60
N ASP A 24 12.09 8.89 -6.82
CA ASP A 24 12.23 10.01 -7.79
C ASP A 24 10.95 10.84 -7.83
N ALA A 25 9.92 10.36 -7.21
CA ALA A 25 8.62 11.10 -7.21
C ALA A 25 8.69 12.29 -6.24
N LEU A 26 9.53 12.21 -5.24
CA LEU A 26 9.65 13.32 -4.27
C LEU A 26 10.93 14.12 -4.51
N THR A 27 11.95 13.47 -4.99
CA THR A 27 13.23 14.18 -5.26
C THR A 27 13.16 14.94 -6.58
N ALA A 28 12.08 14.75 -7.30
CA ALA A 28 11.94 15.46 -8.61
C ALA A 28 10.55 16.11 -8.70
N PRO A 29 10.53 17.38 -8.45
CA PRO A 29 9.25 18.14 -8.51
C PRO A 29 8.80 18.32 -9.97
N LEU A 30 7.78 19.12 -10.18
CA LEU A 30 7.29 19.33 -11.57
C LEU A 30 8.45 19.21 -12.56
N ASP A 31 8.21 18.60 -13.69
CA ASP A 31 9.30 18.44 -14.70
C ASP A 31 8.76 18.71 -16.11
N HIS A 32 9.15 19.81 -16.70
CA HIS A 32 8.66 20.13 -18.08
C HIS A 32 9.08 19.03 -19.06
N LYS A 33 8.69 17.81 -18.81
CA LYS A 33 9.06 16.70 -19.72
C LYS A 33 8.38 15.39 -19.29
N ASP A 34 7.27 15.49 -18.60
CA ASP A 34 6.57 14.26 -18.15
C ASP A 34 5.60 13.78 -19.23
N LYS A 35 5.10 12.58 -19.10
CA LYS A 35 4.15 12.05 -20.13
C LYS A 35 2.82 12.78 -20.02
N GLY A 36 2.00 12.40 -19.08
CA GLY A 36 0.68 13.06 -18.91
C GLY A 36 0.69 13.93 -17.66
N LEU A 37 0.59 13.32 -16.50
CA LEU A 37 0.60 14.12 -15.24
C LEU A 37 2.03 14.38 -14.79
N LYS A 38 2.33 15.58 -14.38
CA LYS A 38 3.71 15.91 -13.93
C LYS A 38 3.80 15.82 -12.41
N SER A 39 2.70 16.01 -11.73
CA SER A 39 2.73 15.94 -10.24
C SER A 39 1.35 16.29 -9.67
N LEU A 40 1.16 16.11 -8.39
CA LEU A 40 -0.16 16.43 -7.78
C LEU A 40 0.03 16.96 -6.36
N THR A 41 -0.20 18.23 -6.15
CA THR A 41 -0.03 18.81 -4.79
C THR A 41 -1.31 18.63 -3.97
N LEU A 42 -1.20 18.59 -2.67
CA LEU A 42 -2.41 18.41 -1.82
C LEU A 42 -2.91 19.77 -1.32
N GLU A 43 -4.17 20.05 -1.48
CA GLU A 43 -4.72 21.36 -1.01
C GLU A 43 -4.26 21.63 0.43
N ASP A 44 -4.85 22.60 1.07
CA ASP A 44 -4.46 22.91 2.47
C ASP A 44 -4.73 21.71 3.38
N SER A 45 -4.22 20.56 3.03
CA SER A 45 -4.44 19.35 3.86
C SER A 45 -3.79 19.53 5.24
N ILE A 46 -2.56 19.97 5.27
CA ILE A 46 -1.87 20.16 6.58
C ILE A 46 -1.69 21.65 6.86
N SER A 47 -0.74 21.98 7.68
CA SER A 47 -0.50 23.40 8.02
C SER A 47 0.74 23.52 8.92
N GLN A 48 1.05 24.68 9.40
CA GLN A 48 2.23 24.84 10.29
C GLN A 48 2.11 23.91 11.49
N ASN A 49 0.97 23.30 11.65
CA ASN A 49 0.76 22.38 12.79
C ASN A 49 1.01 20.93 12.36
N GLY A 50 1.60 20.74 11.22
CA GLY A 50 1.86 19.35 10.73
C GLY A 50 3.03 19.36 9.75
N THR A 51 4.23 19.37 10.26
CA THR A 51 5.42 19.37 9.35
C THR A 51 6.08 17.98 9.34
N LEU A 52 6.51 17.54 8.19
CA LEU A 52 7.15 16.19 8.11
C LEU A 52 7.95 16.07 6.81
N THR A 53 8.85 15.13 6.75
CA THR A 53 9.67 14.96 5.50
C THR A 53 9.36 13.62 4.85
N LEU A 54 9.56 13.52 3.56
CA LEU A 54 9.29 12.24 2.87
C LEU A 54 10.61 11.54 2.54
N SER A 55 10.62 10.25 2.68
CA SER A 55 11.86 9.48 2.38
C SER A 55 11.50 8.22 1.58
N ALA A 56 12.04 8.07 0.40
CA ALA A 56 11.73 6.86 -0.43
C ALA A 56 12.99 6.01 -0.60
N GLN A 57 12.89 4.94 -1.35
CA GLN A 57 14.07 4.07 -1.57
C GLN A 57 15.05 4.74 -2.53
N GLY A 58 15.29 6.00 -2.35
CA GLY A 58 16.24 6.72 -3.25
C GLY A 58 16.54 8.11 -2.69
N ALA A 59 15.52 8.85 -2.35
CA ALA A 59 15.74 10.21 -1.80
C ALA A 59 14.56 10.63 -0.93
N GLU A 60 14.62 11.78 -0.32
CA GLU A 60 13.50 12.24 0.54
C GLU A 60 13.04 13.64 0.12
N LYS A 61 11.88 14.06 0.56
CA LYS A 61 11.39 15.41 0.19
C LYS A 61 10.65 16.04 1.36
N THR A 62 10.99 17.25 1.71
CA THR A 62 10.32 17.93 2.85
C THR A 62 8.82 18.02 2.60
N TYR A 63 8.02 17.51 3.49
CA TYR A 63 6.54 17.58 3.30
C TYR A 63 5.89 18.34 4.46
N GLY A 64 5.34 19.48 4.18
CA GLY A 64 4.68 20.27 5.26
C GLY A 64 3.33 20.79 4.77
N ASN A 65 2.82 21.83 5.36
CA ASN A 65 1.51 22.38 4.92
C ASN A 65 1.50 22.53 3.40
N GLY A 66 0.54 21.95 2.75
CA GLY A 66 0.47 22.07 1.26
C GLY A 66 1.28 20.94 0.64
N ASP A 67 1.88 20.11 1.45
CA ASP A 67 2.70 18.99 0.92
C ASP A 67 2.19 18.56 -0.46
N SER A 68 3.06 18.43 -1.42
CA SER A 68 2.63 18.02 -2.78
C SER A 68 3.47 16.84 -3.27
N LEU A 69 2.97 16.10 -4.22
CA LEU A 69 3.75 14.93 -4.75
C LEU A 69 4.01 15.11 -6.24
N ASN A 70 5.16 14.70 -6.71
CA ASN A 70 5.48 14.84 -8.15
C ASN A 70 5.73 13.47 -8.78
N THR A 71 4.70 12.70 -8.99
CA THR A 71 4.89 11.36 -9.61
C THR A 71 4.67 11.42 -11.12
N GLY A 72 5.23 12.40 -11.76
CA GLY A 72 5.07 12.52 -13.24
C GLY A 72 5.59 11.25 -13.92
N LYS A 73 6.23 10.39 -13.17
CA LYS A 73 6.76 9.13 -13.77
C LYS A 73 5.82 7.96 -13.47
N LEU A 74 5.39 7.85 -12.25
CA LEU A 74 4.47 6.73 -11.89
C LEU A 74 3.54 6.39 -13.04
N LYS A 75 2.93 5.24 -13.01
CA LYS A 75 2.00 4.85 -14.10
C LYS A 75 0.72 4.25 -13.52
N ASN A 76 -0.06 3.59 -14.34
CA ASN A 76 -1.33 2.98 -13.83
C ASN A 76 -1.04 1.67 -13.09
N ASP A 77 0.14 1.54 -12.56
CA ASP A 77 0.49 0.28 -11.82
C ASP A 77 1.73 0.50 -10.96
N LYS A 78 1.57 1.08 -9.80
CA LYS A 78 2.75 1.32 -8.92
C LYS A 78 2.27 1.83 -7.55
N VAL A 79 3.05 1.61 -6.53
CA VAL A 79 2.65 2.07 -5.17
C VAL A 79 3.55 3.24 -4.73
N SER A 80 3.12 3.97 -3.74
CA SER A 80 3.94 5.11 -3.25
C SER A 80 4.37 4.86 -1.81
N ARG A 81 5.41 4.09 -1.62
CA ARG A 81 5.87 3.79 -0.23
C ARG A 81 7.09 4.66 0.12
N PHE A 82 7.00 5.38 1.20
CA PHE A 82 8.14 6.25 1.60
C PHE A 82 8.11 6.49 3.11
N ASP A 83 9.23 6.79 3.71
CA ASP A 83 9.25 7.04 5.18
C ASP A 83 9.08 8.53 5.47
N PHE A 84 8.27 8.87 6.43
CA PHE A 84 8.06 10.31 6.75
C PHE A 84 7.68 10.46 8.23
N ILE A 85 8.14 11.51 8.86
CA ILE A 85 7.79 11.71 10.30
C ILE A 85 6.95 12.97 10.48
N ARG A 86 5.77 12.83 11.02
CA ARG A 86 4.90 14.02 11.23
C ARG A 86 5.27 14.73 12.53
N GLN A 87 6.00 15.80 12.46
CA GLN A 87 6.40 16.53 13.69
C GLN A 87 5.96 17.99 13.62
N ILE A 88 5.43 18.52 14.70
CA ILE A 88 4.99 19.93 14.69
C ILE A 88 5.57 20.65 15.91
N GLU A 89 6.46 21.59 15.69
CA GLU A 89 7.05 22.31 16.85
C GLU A 89 7.21 23.80 16.52
N VAL A 90 6.51 24.65 17.21
CA VAL A 90 6.63 26.11 16.93
C VAL A 90 7.58 26.76 17.94
N ASP A 91 7.94 27.99 17.73
CA ASP A 91 8.86 28.68 18.67
C ASP A 91 8.19 28.88 20.02
N GLY A 92 7.00 28.41 20.19
CA GLY A 92 6.28 28.57 21.49
C GLY A 92 4.90 27.93 21.40
N GLN A 93 4.81 26.77 20.81
CA GLN A 93 3.49 26.09 20.70
C GLN A 93 3.66 24.59 20.57
N LEU A 94 2.89 23.99 19.72
CA LEU A 94 2.97 22.52 19.53
C LEU A 94 4.43 22.06 19.42
N ILE A 95 4.69 20.80 19.59
CA ILE A 95 6.08 20.29 19.50
C ILE A 95 6.08 18.76 19.38
N THR A 96 4.96 18.19 19.04
CA THR A 96 4.89 16.70 18.92
C THR A 96 5.92 16.20 17.90
N LEU A 97 6.10 14.90 17.80
CA LEU A 97 7.08 14.35 16.83
C LEU A 97 6.91 12.84 16.72
N GLU A 98 6.50 12.36 15.58
CA GLU A 98 6.31 10.89 15.42
C GLU A 98 6.78 10.45 14.02
N SER A 99 7.23 9.23 13.89
CA SER A 99 7.71 8.74 12.56
C SER A 99 6.85 7.55 12.10
N GLY A 100 6.81 7.31 10.82
CA GLY A 100 5.99 6.17 10.31
C GLY A 100 6.18 6.04 8.80
N GLU A 101 5.87 4.90 8.25
CA GLU A 101 6.03 4.70 6.78
C GLU A 101 4.70 4.97 6.07
N PHE A 102 4.75 5.34 4.82
CA PHE A 102 3.49 5.61 4.07
C PHE A 102 3.31 4.59 2.94
N GLN A 103 2.13 4.06 2.77
CA GLN A 103 1.91 3.06 1.69
C GLN A 103 0.70 3.48 0.85
N VAL A 104 0.93 4.11 -0.27
CA VAL A 104 -0.20 4.54 -1.13
C VAL A 104 -0.13 3.86 -2.49
N TYR A 105 -0.97 2.88 -2.73
CA TYR A 105 -0.93 2.18 -4.05
C TYR A 105 -1.64 3.01 -5.11
N LYS A 106 -1.29 2.83 -6.35
CA LYS A 106 -1.95 3.61 -7.44
C LYS A 106 -2.32 2.69 -8.60
N GLN A 107 -3.53 2.77 -9.07
CA GLN A 107 -3.96 1.89 -10.20
C GLN A 107 -4.09 2.72 -11.49
N SER A 108 -5.15 2.52 -12.22
CA SER A 108 -5.33 3.28 -13.49
C SER A 108 -6.00 4.63 -13.19
N HIS A 109 -7.11 4.62 -12.52
CA HIS A 109 -7.81 5.90 -12.20
C HIS A 109 -7.99 6.04 -10.69
N SER A 110 -7.60 5.05 -9.94
CA SER A 110 -7.74 5.13 -8.45
C SER A 110 -6.41 4.84 -7.77
N ALA A 111 -6.43 4.58 -6.49
CA ALA A 111 -5.16 4.28 -5.77
C ALA A 111 -5.47 3.84 -4.32
N LEU A 112 -4.62 3.04 -3.75
CA LEU A 112 -4.86 2.58 -2.35
C LEU A 112 -3.99 3.39 -1.37
N THR A 113 -4.35 3.40 -0.13
CA THR A 113 -3.55 4.16 0.87
C THR A 113 -3.21 3.28 2.08
N ALA A 114 -2.22 3.67 2.83
CA ALA A 114 -1.83 2.88 4.03
C ALA A 114 -0.82 3.66 4.87
N LEU A 115 -1.14 3.93 6.11
CA LEU A 115 -0.21 4.69 6.98
C LEU A 115 0.43 3.76 8.02
N GLN A 116 1.68 3.95 8.32
CA GLN A 116 2.35 3.08 9.32
C GLN A 116 3.29 3.92 10.21
N THR A 117 3.43 3.55 11.44
CA THR A 117 4.33 4.33 12.35
C THR A 117 5.41 3.42 12.92
N GLU A 118 6.41 3.98 13.56
CA GLU A 118 7.49 3.15 14.14
C GLU A 118 7.95 3.72 15.48
N GLN A 119 7.89 5.02 15.65
CA GLN A 119 8.32 5.63 16.93
C GLN A 119 7.42 6.82 17.29
N GLU A 120 7.32 7.14 18.55
CA GLU A 120 6.45 8.28 18.96
C GLU A 120 7.11 9.03 20.12
N GLN A 121 6.81 10.30 20.27
CA GLN A 121 7.42 11.07 21.39
C GLN A 121 6.59 12.33 21.66
N ASP A 122 6.62 12.82 22.87
CA ASP A 122 5.82 14.04 23.20
C ASP A 122 6.73 15.20 23.63
N PRO A 123 6.12 16.31 23.91
CA PRO A 123 6.85 17.53 24.33
C PRO A 123 6.92 17.65 25.85
N GLU A 124 6.57 16.62 26.59
CA GLU A 124 6.61 16.73 28.07
C GLU A 124 7.72 15.84 28.65
N HIS A 125 7.35 14.75 29.24
CA HIS A 125 8.37 13.84 29.84
C HIS A 125 7.82 12.42 29.95
N SER A 126 6.54 12.30 30.15
CA SER A 126 5.92 10.94 30.25
C SER A 126 5.68 10.40 28.85
N GLU A 127 5.37 11.26 27.92
CA GLU A 127 5.13 10.82 26.52
C GLU A 127 6.18 11.43 25.61
N LYS A 128 7.07 12.20 26.17
CA LYS A 128 8.13 12.86 25.36
C LYS A 128 8.94 11.84 24.59
N MET A 129 8.66 10.61 24.81
CA MET A 129 9.36 9.54 24.08
C MET A 129 8.52 8.26 24.08
N VAL A 130 8.28 7.69 22.94
CA VAL A 130 7.45 6.45 22.88
C VAL A 130 7.86 5.59 21.68
N ALA A 131 7.52 4.33 21.71
CA ALA A 131 7.89 3.44 20.57
C ALA A 131 6.92 2.25 20.51
N LYS A 132 6.15 2.17 19.46
CA LYS A 132 5.18 1.03 19.35
C LYS A 132 4.79 0.82 17.88
N ARG A 133 3.70 0.13 17.64
CA ARG A 133 3.26 -0.10 16.23
C ARG A 133 1.93 0.62 15.97
N ARG A 134 1.96 1.64 15.16
CA ARG A 134 0.70 2.38 14.86
C ARG A 134 0.58 2.62 13.35
N PHE A 135 -0.35 1.97 12.71
CA PHE A 135 -0.50 2.16 11.24
C PHE A 135 -1.96 2.45 10.89
N ARG A 136 -2.19 3.36 9.97
CA ARG A 136 -3.59 3.70 9.59
C ARG A 136 -3.95 2.94 8.30
N ILE A 137 -5.21 2.92 7.94
CA ILE A 137 -5.63 2.21 6.71
C ILE A 137 -6.45 3.13 5.80
N GLY A 138 -5.86 3.66 4.78
CA GLY A 138 -6.61 4.55 3.86
C GLY A 138 -7.01 3.77 2.61
N ASP A 139 -8.20 3.24 2.59
CA ASP A 139 -8.65 2.46 1.39
C ASP A 139 -8.69 3.35 0.15
N ILE A 140 -8.83 2.76 -1.01
CA ILE A 140 -8.87 3.58 -2.25
C ILE A 140 -9.97 4.63 -2.15
N ALA A 141 -10.29 5.27 -3.25
CA ALA A 141 -11.35 6.32 -3.22
C ALA A 141 -11.58 6.89 -4.60
N GLY A 142 -11.34 6.09 -5.59
CA GLY A 142 -11.54 6.54 -7.00
C GLY A 142 -12.98 6.26 -7.43
N GLU A 143 -13.31 5.02 -7.66
CA GLU A 143 -14.69 4.68 -8.08
C GLU A 143 -15.07 3.28 -7.61
N HIS A 144 -15.90 3.17 -6.61
CA HIS A 144 -16.30 1.83 -6.11
C HIS A 144 -17.38 1.23 -7.01
N THR A 145 -16.99 0.55 -8.05
CA THR A 145 -17.99 -0.05 -8.97
C THR A 145 -18.03 -1.57 -8.77
N SER A 146 -19.18 -2.17 -8.88
CA SER A 146 -19.28 -3.65 -8.71
C SER A 146 -18.47 -4.35 -9.82
N PHE A 147 -17.59 -5.24 -9.44
CA PHE A 147 -16.78 -5.95 -10.47
C PHE A 147 -17.67 -6.49 -11.58
N ASP A 148 -18.56 -7.39 -11.25
CA ASP A 148 -19.47 -7.97 -12.29
C ASP A 148 -19.61 -7.03 -13.49
N LYS A 149 -19.70 -5.77 -13.22
CA LYS A 149 -19.82 -4.79 -14.32
C LYS A 149 -18.65 -4.91 -15.31
N LEU A 150 -17.67 -5.70 -14.96
CA LEU A 150 -16.50 -5.87 -15.88
C LEU A 150 -16.29 -7.35 -16.24
N PRO A 151 -16.27 -8.19 -15.24
CA PRO A 151 -16.06 -9.62 -15.45
C PRO A 151 -17.40 -10.35 -15.64
N LYS A 152 -17.33 -11.64 -15.83
CA LYS A 152 -18.59 -12.44 -16.01
C LYS A 152 -18.33 -13.88 -15.57
N ASP A 153 -17.48 -14.57 -16.27
CA ASP A 153 -17.17 -15.98 -15.89
C ASP A 153 -15.75 -16.33 -16.33
N VAL A 154 -14.87 -15.36 -16.39
CA VAL A 154 -13.48 -15.65 -16.81
C VAL A 154 -12.53 -15.56 -15.62
N MET A 155 -11.30 -15.97 -15.79
CA MET A 155 -10.32 -15.92 -14.66
C MET A 155 -9.58 -14.58 -14.66
N ALA A 156 -9.19 -14.11 -13.50
CA ALA A 156 -8.46 -12.81 -13.43
C ALA A 156 -7.42 -12.85 -12.31
N THR A 157 -6.22 -12.39 -12.57
CA THR A 157 -5.16 -12.41 -11.51
C THR A 157 -4.88 -10.99 -11.02
N TYR A 158 -4.37 -10.85 -9.83
CA TYR A 158 -4.09 -9.49 -9.30
C TYR A 158 -2.83 -9.51 -8.42
N ARG A 159 -2.27 -8.36 -8.15
CA ARG A 159 -1.04 -8.29 -7.30
C ARG A 159 -1.03 -6.96 -6.55
N GLY A 160 -0.57 -6.95 -5.33
CA GLY A 160 -0.57 -5.68 -4.58
C GLY A 160 0.44 -5.71 -3.43
N THR A 161 0.41 -4.69 -2.62
CA THR A 161 1.34 -4.63 -1.45
C THR A 161 0.51 -4.55 -0.18
N ALA A 162 1.06 -4.97 0.93
CA ALA A 162 0.28 -4.92 2.18
C ALA A 162 1.14 -4.41 3.34
N PHE A 163 0.58 -4.32 4.51
CA PHE A 163 1.37 -3.83 5.68
C PHE A 163 1.08 -4.70 6.90
N GLY A 164 2.07 -5.11 7.64
CA GLY A 164 1.81 -5.97 8.83
C GLY A 164 2.19 -5.24 10.11
N SER A 165 1.45 -5.45 11.18
CA SER A 165 1.79 -4.77 12.46
C SER A 165 3.02 -5.43 13.09
N ASP A 166 3.44 -6.53 12.54
CA ASP A 166 4.63 -7.23 13.09
C ASP A 166 5.64 -7.49 11.97
N ASP A 167 5.31 -7.07 10.78
CA ASP A 167 6.23 -7.28 9.63
C ASP A 167 6.52 -5.92 8.98
N ALA A 168 7.44 -5.87 8.06
CA ALA A 168 7.74 -4.57 7.41
C ALA A 168 6.51 -4.06 6.68
N GLY A 169 5.73 -4.94 6.20
CA GLY A 169 4.50 -4.51 5.49
C GLY A 169 3.76 -5.74 5.00
N GLY A 170 3.79 -5.95 3.72
CA GLY A 170 3.11 -7.14 3.14
C GLY A 170 3.22 -7.13 1.62
N LYS A 171 3.16 -8.28 1.01
CA LYS A 171 3.23 -8.36 -0.48
C LYS A 171 2.49 -9.62 -0.93
N LEU A 172 1.46 -9.50 -1.72
CA LEU A 172 0.73 -10.74 -2.11
C LEU A 172 0.10 -10.62 -3.50
N THR A 173 -0.11 -11.74 -4.14
CA THR A 173 -0.76 -11.74 -5.48
C THR A 173 -2.06 -12.52 -5.37
N TYR A 174 -3.16 -11.95 -5.78
CA TYR A 174 -4.45 -12.68 -5.66
C TYR A 174 -4.98 -13.10 -7.03
N THR A 175 -5.48 -14.30 -7.12
CA THR A 175 -6.04 -14.77 -8.42
C THR A 175 -7.56 -14.91 -8.25
N ILE A 176 -8.29 -13.93 -8.66
CA ILE A 176 -9.77 -14.00 -8.49
C ILE A 176 -10.45 -14.13 -9.85
N ASP A 177 -11.00 -15.28 -10.15
CA ASP A 177 -11.70 -15.43 -11.44
C ASP A 177 -12.88 -14.45 -11.47
N PHE A 178 -13.25 -13.99 -12.63
CA PHE A 178 -14.36 -13.01 -12.76
C PHE A 178 -15.47 -13.25 -11.74
N ALA A 179 -16.35 -12.27 -11.61
CA ALA A 179 -17.47 -12.37 -10.64
C ALA A 179 -18.02 -13.79 -10.55
N ALA A 180 -18.53 -14.31 -11.64
CA ALA A 180 -19.09 -15.69 -11.61
C ALA A 180 -17.96 -16.70 -11.47
N LYS A 181 -17.00 -16.44 -10.61
CA LYS A 181 -15.89 -17.40 -10.44
C LYS A 181 -15.38 -17.42 -8.99
N GLN A 182 -14.27 -16.81 -8.69
CA GLN A 182 -13.77 -16.86 -7.28
C GLN A 182 -12.71 -15.80 -7.01
N GLY A 183 -12.23 -15.72 -5.79
CA GLY A 183 -11.18 -14.72 -5.45
C GLY A 183 -10.22 -15.34 -4.43
N HIS A 184 -9.03 -15.70 -4.84
CA HIS A 184 -8.07 -16.32 -3.88
C HIS A 184 -6.64 -16.17 -4.40
N GLY A 185 -5.67 -16.27 -3.52
CA GLY A 185 -4.25 -16.13 -3.98
C GLY A 185 -3.30 -16.45 -2.83
N LYS A 186 -2.17 -15.81 -2.78
CA LYS A 186 -1.20 -16.10 -1.69
C LYS A 186 -0.80 -14.79 -1.00
N ILE A 187 -0.27 -14.87 0.19
CA ILE A 187 0.12 -13.63 0.92
C ILE A 187 1.48 -13.82 1.59
N GLU A 188 2.32 -12.81 1.57
CA GLU A 188 3.65 -12.94 2.22
C GLU A 188 4.08 -11.60 2.82
N HIS A 189 3.86 -11.41 4.09
CA HIS A 189 4.27 -10.12 4.72
C HIS A 189 5.56 -9.62 4.08
N LEU A 190 6.54 -10.47 4.00
CA LEU A 190 7.85 -10.06 3.38
C LEU A 190 7.87 -10.48 1.91
N LYS A 191 8.52 -11.56 1.60
CA LYS A 191 8.58 -12.02 0.19
C LYS A 191 9.13 -13.45 0.11
N SER A 192 9.94 -13.81 1.04
CA SER A 192 10.52 -15.19 1.03
C SER A 192 9.46 -16.21 0.66
N PRO A 193 9.82 -17.12 -0.20
CA PRO A 193 8.88 -18.18 -0.65
C PRO A 193 8.64 -19.18 0.48
N GLU A 194 8.42 -18.72 1.68
CA GLU A 194 8.19 -19.64 2.81
C GLU A 194 7.36 -18.95 3.91
N LEU A 195 7.52 -17.67 4.06
CA LEU A 195 6.74 -16.94 5.10
C LEU A 195 5.37 -16.53 4.57
N ASN A 196 5.09 -16.89 3.35
CA ASN A 196 3.76 -16.53 2.76
C ASN A 196 2.73 -17.59 3.15
N VAL A 197 1.51 -17.43 2.72
CA VAL A 197 0.46 -18.43 3.09
C VAL A 197 -0.47 -18.71 1.91
N ASP A 198 -1.00 -19.90 1.83
CA ASP A 198 -1.94 -20.23 0.72
C ASP A 198 -3.25 -19.49 0.92
N LEU A 199 -3.36 -18.29 0.39
CA LEU A 199 -4.60 -17.50 0.56
C LEU A 199 -5.76 -18.10 -0.24
N ALA A 200 -6.90 -18.22 0.37
CA ALA A 200 -8.09 -18.77 -0.35
C ALA A 200 -9.31 -17.90 -0.03
N VAL A 201 -9.95 -17.36 -1.02
CA VAL A 201 -11.12 -16.49 -0.75
C VAL A 201 -12.18 -16.61 -1.85
N ALA A 202 -13.37 -16.15 -1.58
CA ALA A 202 -14.46 -16.23 -2.59
C ALA A 202 -14.78 -14.82 -3.09
N TYR A 203 -15.13 -14.70 -4.34
CA TYR A 203 -15.43 -13.34 -4.89
C TYR A 203 -16.94 -13.09 -4.92
N ILE A 204 -17.36 -11.91 -4.56
CA ILE A 204 -18.81 -11.58 -4.58
C ILE A 204 -19.04 -10.35 -5.45
N LYS A 205 -20.27 -10.11 -5.83
CA LYS A 205 -20.56 -8.93 -6.70
C LYS A 205 -20.65 -7.65 -5.86
N PRO A 206 -21.74 -7.52 -5.14
CA PRO A 206 -21.95 -6.32 -4.29
C PRO A 206 -21.06 -6.37 -3.05
N ASP A 207 -19.93 -5.68 -3.07
CA ASP A 207 -19.03 -5.70 -1.89
C ASP A 207 -19.71 -4.97 -0.72
N GLU A 208 -19.10 -3.93 -0.22
CA GLU A 208 -19.71 -3.19 0.92
C GLU A 208 -20.99 -2.47 0.45
N LYS A 209 -21.07 -2.17 -0.81
CA LYS A 209 -22.28 -1.49 -1.34
C LYS A 209 -22.56 -1.96 -2.77
N HIS A 210 -21.63 -1.76 -3.66
CA HIS A 210 -21.84 -2.20 -5.07
C HIS A 210 -20.48 -2.44 -5.74
N HIS A 211 -19.51 -2.89 -4.99
CA HIS A 211 -18.16 -3.16 -5.57
C HIS A 211 -17.81 -4.63 -5.43
N ALA A 212 -16.69 -5.04 -5.96
CA ALA A 212 -16.28 -6.47 -5.85
C ALA A 212 -15.92 -6.79 -4.40
N VAL A 213 -16.01 -8.05 -4.03
CA VAL A 213 -15.67 -8.42 -2.62
C VAL A 213 -14.72 -9.63 -2.61
N ILE A 214 -13.94 -9.77 -1.58
CA ILE A 214 -12.99 -10.93 -1.49
C ILE A 214 -12.81 -11.35 -0.04
N SER A 215 -13.37 -12.47 0.34
CA SER A 215 -13.22 -12.92 1.75
C SER A 215 -12.88 -14.42 1.82
N GLY A 216 -11.96 -14.79 2.66
CA GLY A 216 -11.60 -16.23 2.77
C GLY A 216 -10.64 -16.42 3.96
N SER A 217 -9.66 -17.27 3.81
CA SER A 217 -8.69 -17.50 4.92
C SER A 217 -7.26 -17.52 4.40
N VAL A 218 -6.31 -17.61 5.28
CA VAL A 218 -4.88 -17.65 4.86
C VAL A 218 -4.17 -18.80 5.56
N LEU A 219 -3.63 -19.73 4.81
CA LEU A 219 -2.93 -20.89 5.47
C LEU A 219 -1.75 -21.37 4.62
N TYR A 220 -0.61 -21.56 5.23
CA TYR A 220 0.58 -22.03 4.46
C TYR A 220 1.04 -23.40 4.98
N ASN A 221 1.71 -24.15 4.16
CA ASN A 221 2.18 -25.49 4.61
C ASN A 221 3.31 -25.33 5.63
N GLN A 222 3.74 -24.12 5.86
CA GLN A 222 4.84 -23.90 6.85
C GLN A 222 4.76 -22.48 7.41
N ASP A 223 3.56 -21.98 7.63
CA ASP A 223 3.42 -20.61 8.17
C ASP A 223 2.50 -20.60 9.40
N GLU A 224 1.33 -20.05 9.26
CA GLU A 224 0.39 -20.00 10.42
C GLU A 224 -1.06 -20.22 9.95
N LYS A 225 -2.01 -19.73 10.69
CA LYS A 225 -3.44 -19.88 10.31
C LYS A 225 -4.08 -18.51 10.29
N GLY A 226 -3.82 -17.76 9.27
CA GLY A 226 -4.39 -16.39 9.19
C GLY A 226 -5.65 -16.37 8.32
N SER A 227 -6.31 -15.24 8.26
CA SER A 227 -7.54 -15.13 7.44
C SER A 227 -7.38 -13.99 6.42
N TYR A 228 -8.35 -13.79 5.57
CA TYR A 228 -8.23 -12.69 4.57
C TYR A 228 -9.60 -12.13 4.19
N SER A 229 -9.77 -10.84 4.32
CA SER A 229 -11.07 -10.21 3.97
C SER A 229 -10.80 -8.80 3.42
N LEU A 230 -11.28 -8.49 2.25
CA LEU A 230 -11.03 -7.14 1.69
C LEU A 230 -12.12 -6.75 0.68
N GLY A 231 -12.09 -5.54 0.22
CA GLY A 231 -13.09 -5.09 -0.78
C GLY A 231 -12.35 -4.73 -2.07
N ILE A 232 -12.71 -5.34 -3.17
CA ILE A 232 -12.00 -5.02 -4.44
C ILE A 232 -12.88 -4.17 -5.34
N PHE A 233 -12.27 -3.32 -6.11
CA PHE A 233 -13.03 -2.44 -7.04
C PHE A 233 -12.27 -2.30 -8.35
N GLY A 234 -12.75 -1.48 -9.24
CA GLY A 234 -12.03 -1.31 -10.54
C GLY A 234 -12.78 -0.31 -11.41
N GLU A 235 -12.57 0.96 -11.17
CA GLU A 235 -13.28 1.98 -12.01
C GLU A 235 -13.40 1.46 -13.43
N LYS A 236 -12.47 0.63 -13.82
CA LYS A 236 -12.49 0.04 -15.18
C LYS A 236 -11.25 -0.82 -15.28
N ALA A 237 -10.90 -1.44 -14.19
CA ALA A 237 -9.69 -2.26 -14.15
C ALA A 237 -9.77 -3.30 -13.04
N GLN A 238 -8.68 -3.55 -12.38
CA GLN A 238 -8.68 -4.56 -11.27
C GLN A 238 -8.00 -3.99 -10.01
N GLU A 239 -8.59 -3.02 -9.38
CA GLU A 239 -7.97 -2.45 -8.15
C GLU A 239 -8.71 -2.93 -6.90
N VAL A 240 -8.00 -3.37 -5.90
CA VAL A 240 -8.69 -3.85 -4.66
C VAL A 240 -7.80 -3.63 -3.43
N ALA A 241 -8.41 -3.31 -2.32
CA ALA A 241 -7.61 -3.08 -1.07
C ALA A 241 -8.40 -3.56 0.15
N GLY A 242 -7.74 -4.10 1.13
CA GLY A 242 -8.46 -4.58 2.34
C GLY A 242 -7.46 -4.96 3.43
N SER A 243 -7.85 -5.77 4.36
CA SER A 243 -6.92 -6.19 5.45
C SER A 243 -7.19 -7.64 5.84
N ALA A 244 -6.18 -8.34 6.28
CA ALA A 244 -6.38 -9.76 6.67
C ALA A 244 -5.99 -9.96 8.14
N GLU A 245 -6.28 -11.11 8.69
CA GLU A 245 -5.91 -11.36 10.10
C GLU A 245 -5.07 -12.64 10.19
N VAL A 246 -4.01 -12.61 10.92
CA VAL A 246 -3.14 -13.82 11.02
C VAL A 246 -3.06 -14.33 12.46
N GLU A 247 -3.48 -15.55 12.70
CA GLU A 247 -3.41 -16.09 14.09
C GLU A 247 -2.24 -17.05 14.23
N THR A 248 -1.49 -16.93 15.29
CA THR A 248 -0.31 -17.84 15.49
C THR A 248 -0.66 -18.92 16.50
N ALA A 249 0.12 -19.05 17.55
CA ALA A 249 -0.17 -20.10 18.57
C ALA A 249 -0.22 -19.46 19.96
N ASN A 250 -0.04 -18.17 20.04
CA ASN A 250 -0.08 -17.49 21.36
C ASN A 250 -0.52 -16.03 21.20
N GLY A 251 -1.03 -15.68 20.04
CA GLY A 251 -1.47 -14.27 19.82
C GLY A 251 -2.07 -14.15 18.41
N ILE A 252 -2.11 -12.95 17.88
CA ILE A 252 -2.69 -12.76 16.53
C ILE A 252 -2.12 -11.48 15.90
N HIS A 253 -1.89 -11.51 14.61
CA HIS A 253 -1.34 -10.30 13.93
C HIS A 253 -2.35 -9.73 12.94
N HIS A 254 -2.18 -8.50 12.56
CA HIS A 254 -3.13 -7.87 11.59
C HIS A 254 -2.35 -7.25 10.42
N ILE A 255 -2.68 -7.61 9.21
CA ILE A 255 -1.93 -7.06 8.05
C ILE A 255 -2.86 -6.32 7.09
N GLY A 256 -2.52 -5.12 6.73
CA GLY A 256 -3.36 -4.36 5.77
C GLY A 256 -2.95 -4.75 4.35
N LEU A 257 -3.83 -4.67 3.40
CA LEU A 257 -3.45 -5.07 2.01
C LEU A 257 -3.93 -4.07 0.97
N ALA A 258 -3.21 -3.96 -0.11
CA ALA A 258 -3.62 -3.03 -1.21
C ALA A 258 -3.07 -3.57 -2.53
N ALA A 259 -3.90 -3.80 -3.51
CA ALA A 259 -3.36 -4.35 -4.79
C ALA A 259 -4.06 -3.75 -6.01
N LYS A 260 -3.46 -3.91 -7.16
CA LYS A 260 -4.04 -3.38 -8.41
C LYS A 260 -3.98 -4.45 -9.51
N GLN A 261 -4.70 -4.25 -10.59
CA GLN A 261 -4.68 -5.26 -11.68
C GLN A 261 -3.34 -5.98 -11.72
N MET A 1 6.52 -22.73 -27.86
CA MET A 1 5.27 -22.88 -28.67
C MET A 1 4.19 -21.94 -28.14
N GLY A 2 3.77 -21.00 -28.94
CA GLY A 2 2.70 -20.05 -28.48
C GLY A 2 2.11 -19.33 -29.69
N SER A 3 0.82 -19.18 -29.73
CA SER A 3 0.18 -18.49 -30.88
C SER A 3 -1.10 -17.77 -30.42
N SER A 4 -1.03 -16.47 -30.27
CA SER A 4 -2.24 -15.72 -29.82
C SER A 4 -2.13 -14.25 -30.27
N GLY A 5 -1.11 -13.56 -29.84
CA GLY A 5 -0.95 -12.13 -30.24
C GLY A 5 -0.14 -12.05 -31.53
N GLY A 6 0.11 -10.86 -32.00
CA GLY A 6 0.91 -10.71 -33.26
C GLY A 6 2.41 -10.71 -32.92
N GLY A 7 3.22 -11.31 -33.75
CA GLY A 7 4.68 -11.34 -33.47
C GLY A 7 5.30 -10.00 -33.84
N GLY A 8 6.20 -9.51 -33.03
CA GLY A 8 6.84 -8.19 -33.34
C GLY A 8 8.18 -8.11 -32.61
N SER A 9 8.78 -6.94 -32.59
CA SER A 9 10.09 -6.79 -31.90
C SER A 9 9.90 -6.09 -30.55
N GLY A 10 10.20 -6.77 -29.47
CA GLY A 10 10.03 -6.15 -28.13
C GLY A 10 11.33 -5.43 -27.73
N GLY A 11 11.30 -4.12 -27.68
CA GLY A 11 12.53 -3.37 -27.30
C GLY A 11 12.13 -2.08 -26.59
N GLY A 12 11.31 -2.18 -25.57
CA GLY A 12 10.89 -0.96 -24.84
C GLY A 12 10.03 -1.35 -23.63
N GLY A 13 10.63 -1.52 -22.49
CA GLY A 13 9.85 -1.90 -21.29
C GLY A 13 9.77 -0.72 -20.32
N VAL A 14 9.30 -0.95 -19.13
CA VAL A 14 9.20 0.16 -18.14
C VAL A 14 10.57 0.79 -17.90
N THR A 15 10.67 1.74 -17.01
CA THR A 15 11.97 2.39 -16.73
C THR A 15 12.99 1.34 -16.27
N ALA A 16 14.26 1.67 -16.31
CA ALA A 16 15.30 0.69 -15.87
C ALA A 16 15.14 0.39 -14.38
N ASP A 17 14.19 1.01 -13.73
CA ASP A 17 14.00 0.76 -12.28
C ASP A 17 12.60 1.23 -11.84
N ILE A 18 11.58 0.52 -12.23
CA ILE A 18 10.21 0.93 -11.85
C ILE A 18 10.07 0.95 -10.33
N GLY A 19 10.64 -0.02 -9.69
CA GLY A 19 10.57 -0.09 -8.20
C GLY A 19 10.97 1.25 -7.61
N THR A 20 12.24 1.57 -7.64
CA THR A 20 12.69 2.87 -7.08
C THR A 20 12.09 4.05 -7.87
N GLY A 21 11.33 3.75 -8.88
CA GLY A 21 10.72 4.85 -9.69
C GLY A 21 9.92 5.78 -8.77
N LEU A 22 9.44 5.27 -7.67
CA LEU A 22 8.66 6.14 -6.74
C LEU A 22 9.57 7.21 -6.15
N ALA A 23 10.79 6.88 -5.84
CA ALA A 23 11.71 7.90 -5.26
C ALA A 23 11.79 9.12 -6.18
N ASP A 24 11.26 9.01 -7.36
CA ASP A 24 11.30 10.16 -8.30
C ASP A 24 10.00 10.96 -8.19
N ALA A 25 9.05 10.46 -7.48
CA ALA A 25 7.75 11.19 -7.33
C ALA A 25 7.96 12.46 -6.51
N LEU A 26 8.70 12.38 -5.44
CA LEU A 26 8.93 13.59 -4.60
C LEU A 26 10.23 14.28 -5.02
N THR A 27 11.25 13.53 -5.34
CA THR A 27 12.53 14.15 -5.76
C THR A 27 12.34 14.93 -7.06
N ALA A 28 11.19 14.83 -7.65
CA ALA A 28 10.94 15.56 -8.92
C ALA A 28 9.61 16.32 -8.84
N PRO A 29 9.70 17.59 -8.59
CA PRO A 29 8.49 18.45 -8.48
C PRO A 29 7.89 18.69 -9.86
N LEU A 30 6.87 19.49 -9.95
CA LEU A 30 6.23 19.76 -11.26
C LEU A 30 7.28 19.70 -12.38
N ASP A 31 6.91 19.17 -13.52
CA ASP A 31 7.88 19.08 -14.64
C ASP A 31 7.19 18.55 -15.90
N HIS A 32 7.42 19.15 -17.03
CA HIS A 32 6.78 18.69 -18.28
C HIS A 32 7.37 17.33 -18.70
N LYS A 33 8.33 16.85 -17.96
CA LYS A 33 8.95 15.54 -18.30
C LYS A 33 7.93 14.40 -18.11
N ASP A 34 6.74 14.73 -17.66
CA ASP A 34 5.71 13.68 -17.45
C ASP A 34 4.68 13.72 -18.59
N LYS A 35 3.65 12.93 -18.50
CA LYS A 35 2.62 12.93 -19.57
C LYS A 35 1.22 13.14 -18.96
N GLY A 36 0.82 12.28 -18.07
CA GLY A 36 -0.53 12.45 -17.44
C GLY A 36 -0.49 13.61 -16.45
N LEU A 37 -0.64 13.32 -15.18
CA LEU A 37 -0.61 14.40 -14.16
C LEU A 37 0.79 14.53 -13.55
N LYS A 38 1.37 15.69 -13.64
CA LYS A 38 2.74 15.87 -13.08
C LYS A 38 2.71 15.70 -11.56
N SER A 39 1.70 16.20 -10.91
CA SER A 39 1.61 16.06 -9.43
C SER A 39 0.40 16.83 -8.89
N LEU A 40 0.10 16.68 -7.63
CA LEU A 40 -1.07 17.40 -7.06
C LEU A 40 -0.79 17.77 -5.60
N THR A 41 -0.73 19.05 -5.31
CA THR A 41 -0.46 19.48 -3.91
C THR A 41 -1.72 19.34 -3.06
N LEU A 42 -1.57 19.13 -1.78
CA LEU A 42 -2.76 18.99 -0.90
C LEU A 42 -3.13 20.34 -0.29
N GLU A 43 -4.38 20.70 -0.32
CA GLU A 43 -4.81 22.01 0.26
C GLU A 43 -4.23 22.16 1.67
N ASP A 44 -4.72 23.11 2.42
CA ASP A 44 -4.21 23.32 3.80
C ASP A 44 -4.45 22.07 4.65
N SER A 45 -4.03 20.92 4.18
CA SER A 45 -4.25 19.67 4.96
C SER A 45 -3.53 19.76 6.31
N ILE A 46 -2.28 20.13 6.30
CA ILE A 46 -1.53 20.24 7.59
C ILE A 46 -1.29 21.70 7.95
N SER A 47 -0.29 21.97 8.73
CA SER A 47 0.01 23.37 9.14
C SER A 47 1.31 23.40 9.92
N GLN A 48 1.69 24.54 10.44
CA GLN A 48 2.95 24.62 11.22
C GLN A 48 2.90 23.65 12.40
N ASN A 49 1.76 23.06 12.62
CA ASN A 49 1.62 22.10 13.75
C ASN A 49 1.84 20.66 13.25
N GLY A 50 2.29 20.52 12.03
CA GLY A 50 2.53 19.15 11.49
C GLY A 50 3.58 19.21 10.39
N THR A 51 4.83 19.23 10.76
CA THR A 51 5.91 19.29 9.72
C THR A 51 6.63 17.93 9.64
N LEU A 52 6.91 17.47 8.46
CA LEU A 52 7.61 16.16 8.31
C LEU A 52 8.28 16.07 6.94
N THR A 53 9.22 15.17 6.79
CA THR A 53 9.91 15.03 5.48
C THR A 53 9.55 13.69 4.83
N LEU A 54 9.63 13.62 3.53
CA LEU A 54 9.31 12.34 2.85
C LEU A 54 10.60 11.67 2.36
N SER A 55 10.66 10.39 2.48
CA SER A 55 11.86 9.63 2.03
C SER A 55 11.44 8.39 1.25
N ALA A 56 11.86 8.28 0.02
CA ALA A 56 11.49 7.09 -0.80
C ALA A 56 12.73 6.24 -1.08
N GLN A 57 12.58 5.18 -1.84
CA GLN A 57 13.74 4.32 -2.15
C GLN A 57 14.64 5.00 -3.19
N GLY A 58 14.89 6.27 -3.01
CA GLY A 58 15.77 6.99 -3.99
C GLY A 58 16.07 8.38 -3.45
N ALA A 59 15.07 9.11 -3.02
CA ALA A 59 15.31 10.47 -2.49
C ALA A 59 14.20 10.86 -1.50
N GLU A 60 14.29 12.01 -0.90
CA GLU A 60 13.24 12.45 0.06
C GLU A 60 12.77 13.86 -0.26
N LYS A 61 11.73 14.31 0.37
CA LYS A 61 11.22 15.69 0.10
C LYS A 61 10.58 16.28 1.35
N THR A 62 10.92 17.49 1.70
CA THR A 62 10.33 18.12 2.91
C THR A 62 8.81 18.26 2.76
N TYR A 63 8.06 17.63 3.61
CA TYR A 63 6.58 17.73 3.51
C TYR A 63 6.00 18.38 4.77
N GLY A 64 5.46 19.57 4.65
CA GLY A 64 4.88 20.25 5.83
C GLY A 64 3.50 20.82 5.47
N ASN A 65 3.07 21.83 6.16
CA ASN A 65 1.74 22.43 5.85
C ASN A 65 1.62 22.67 4.34
N GLY A 66 0.59 22.15 3.73
CA GLY A 66 0.42 22.34 2.27
C GLY A 66 1.14 21.22 1.52
N ASP A 67 1.79 20.35 2.25
CA ASP A 67 2.51 19.23 1.59
C ASP A 67 1.86 18.88 0.26
N SER A 68 2.62 18.40 -0.69
CA SER A 68 2.04 18.04 -2.01
C SER A 68 2.46 16.63 -2.41
N LEU A 69 1.81 16.05 -3.39
CA LEU A 69 2.17 14.67 -3.82
C LEU A 69 2.27 14.61 -5.35
N ASN A 70 3.42 14.30 -5.86
CA ASN A 70 3.59 14.22 -7.34
C ASN A 70 3.65 12.76 -7.78
N THR A 71 2.73 12.33 -8.61
CA THR A 71 2.73 10.92 -9.08
C THR A 71 3.09 10.86 -10.57
N GLY A 72 3.82 11.82 -11.06
CA GLY A 72 4.19 11.81 -12.51
C GLY A 72 4.91 10.50 -12.84
N LYS A 73 5.25 9.74 -11.85
CA LYS A 73 5.95 8.45 -12.11
C LYS A 73 4.93 7.34 -12.39
N LEU A 74 3.78 7.40 -11.77
CA LEU A 74 2.75 6.35 -12.00
C LEU A 74 1.40 7.00 -12.29
N LYS A 75 0.56 6.33 -13.03
CA LYS A 75 -0.78 6.90 -13.36
C LYS A 75 -1.82 5.79 -13.53
N ASN A 76 -1.45 4.58 -13.26
CA ASN A 76 -2.42 3.45 -13.42
C ASN A 76 -2.65 2.77 -12.06
N ASP A 77 -2.07 1.61 -11.87
CA ASP A 77 -2.26 0.89 -10.58
C ASP A 77 -0.91 0.69 -9.90
N LYS A 78 -0.23 1.76 -9.58
CA LYS A 78 1.10 1.62 -8.92
C LYS A 78 0.97 1.90 -7.42
N VAL A 79 2.01 1.64 -6.67
CA VAL A 79 1.95 1.88 -5.20
C VAL A 79 2.82 3.08 -4.82
N SER A 80 2.62 3.61 -3.65
CA SER A 80 3.44 4.78 -3.21
C SER A 80 3.88 4.59 -1.76
N ARG A 81 5.00 3.97 -1.55
CA ARG A 81 5.48 3.75 -0.16
C ARG A 81 6.71 4.62 0.13
N PHE A 82 6.65 5.42 1.17
CA PHE A 82 7.82 6.29 1.50
C PHE A 82 7.88 6.50 3.01
N ASP A 83 9.06 6.68 3.54
CA ASP A 83 9.19 6.89 5.01
C ASP A 83 9.12 8.38 5.34
N PHE A 84 8.51 8.73 6.44
CA PHE A 84 8.41 10.17 6.82
C PHE A 84 8.10 10.30 8.31
N ILE A 85 8.64 11.30 8.95
CA ILE A 85 8.38 11.47 10.41
C ILE A 85 7.59 12.75 10.66
N ARG A 86 6.49 12.65 11.37
CA ARG A 86 5.68 13.87 11.66
C ARG A 86 6.25 14.59 12.89
N GLN A 87 6.92 15.69 12.68
CA GLN A 87 7.50 16.44 13.83
C GLN A 87 6.99 17.88 13.85
N ILE A 88 6.58 18.35 15.01
CA ILE A 88 6.09 19.74 15.10
C ILE A 88 6.77 20.46 16.26
N GLU A 89 7.59 21.43 15.99
CA GLU A 89 8.28 22.15 17.10
C GLU A 89 8.34 23.64 16.79
N VAL A 90 7.73 24.45 17.62
CA VAL A 90 7.75 25.92 17.39
C VAL A 90 8.79 26.58 18.30
N ASP A 91 9.07 27.83 18.09
CA ASP A 91 10.08 28.52 18.94
C ASP A 91 9.58 28.64 20.39
N GLY A 92 8.42 28.11 20.66
CA GLY A 92 7.87 28.19 22.04
C GLY A 92 6.51 27.51 22.10
N GLN A 93 6.38 26.37 21.47
CA GLN A 93 5.07 25.66 21.48
C GLN A 93 5.28 24.15 21.28
N LEU A 94 4.42 23.58 20.49
CA LEU A 94 4.53 22.11 20.23
C LEU A 94 5.97 21.71 19.93
N ILE A 95 6.27 20.45 20.02
CA ILE A 95 7.67 19.98 19.73
C ILE A 95 7.70 18.47 19.57
N THR A 96 6.56 17.86 19.35
CA THR A 96 6.53 16.38 19.18
C THR A 96 7.43 15.95 18.02
N LEU A 97 7.68 14.68 17.88
CA LEU A 97 8.54 14.20 16.77
C LEU A 97 8.49 12.66 16.68
N GLU A 98 7.68 12.13 15.82
CA GLU A 98 7.59 10.65 15.70
C GLU A 98 7.77 10.22 14.24
N SER A 99 8.20 9.01 14.02
CA SER A 99 8.41 8.53 12.62
C SER A 99 7.27 7.60 12.22
N GLY A 100 7.11 7.35 10.94
CA GLY A 100 6.02 6.44 10.49
C GLY A 100 6.19 6.14 9.00
N GLU A 101 5.65 5.05 8.53
CA GLU A 101 5.77 4.70 7.09
C GLU A 101 4.53 5.18 6.32
N PHE A 102 4.64 5.33 5.03
CA PHE A 102 3.47 5.78 4.23
C PHE A 102 3.21 4.82 3.08
N GLN A 103 1.97 4.44 2.87
CA GLN A 103 1.66 3.52 1.75
C GLN A 103 0.44 4.03 0.98
N VAL A 104 0.64 4.52 -0.21
CA VAL A 104 -0.51 5.05 -1.00
C VAL A 104 -0.49 4.46 -2.42
N TYR A 105 -1.50 3.69 -2.76
CA TYR A 105 -1.56 3.09 -4.11
C TYR A 105 -2.39 3.98 -5.05
N LYS A 106 -2.19 3.86 -6.34
CA LYS A 106 -2.96 4.70 -7.29
C LYS A 106 -3.49 3.85 -8.44
N GLN A 107 -4.77 3.85 -8.65
CA GLN A 107 -5.34 3.03 -9.77
C GLN A 107 -5.77 3.94 -10.92
N SER A 108 -6.89 3.65 -11.54
CA SER A 108 -7.34 4.49 -12.68
C SER A 108 -7.90 5.82 -12.16
N HIS A 109 -9.11 5.83 -11.67
CA HIS A 109 -9.70 7.09 -11.15
C HIS A 109 -9.63 7.11 -9.61
N SER A 110 -9.65 5.97 -9.00
CA SER A 110 -9.58 5.91 -7.52
C SER A 110 -8.15 5.63 -7.06
N ALA A 111 -7.98 5.28 -5.81
CA ALA A 111 -6.61 5.00 -5.30
C ALA A 111 -6.68 4.44 -3.88
N LEU A 112 -5.55 4.25 -3.25
CA LEU A 112 -5.55 3.71 -1.86
C LEU A 112 -4.47 4.39 -1.02
N THR A 113 -4.74 4.66 0.22
CA THR A 113 -3.72 5.32 1.08
C THR A 113 -3.51 4.52 2.37
N ALA A 114 -2.42 4.75 3.05
CA ALA A 114 -2.16 4.01 4.32
C ALA A 114 -1.00 4.66 5.08
N LEU A 115 -1.23 5.11 6.28
CA LEU A 115 -0.15 5.75 7.06
C LEU A 115 0.33 4.80 8.17
N GLN A 116 1.61 4.76 8.43
CA GLN A 116 2.12 3.85 9.50
C GLN A 116 3.08 4.61 10.42
N THR A 117 3.18 4.19 11.65
CA THR A 117 4.10 4.87 12.61
C THR A 117 5.18 3.88 13.09
N GLU A 118 6.18 4.38 13.78
CA GLU A 118 7.25 3.46 14.26
C GLU A 118 7.70 3.88 15.67
N GLN A 119 8.49 4.91 15.77
CA GLN A 119 8.97 5.35 17.12
C GLN A 119 8.35 6.70 17.50
N GLU A 120 8.26 6.98 18.76
CA GLU A 120 7.66 8.28 19.20
C GLU A 120 8.74 9.18 19.81
N GLN A 121 8.36 10.35 20.26
CA GLN A 121 9.34 11.29 20.86
C GLN A 121 8.96 11.58 22.31
N ASP A 122 9.92 11.93 23.14
CA ASP A 122 9.59 12.19 24.58
C ASP A 122 9.92 13.64 24.95
N PRO A 123 9.48 14.00 26.13
CA PRO A 123 9.69 15.35 26.68
C PRO A 123 10.91 15.37 27.61
N GLU A 124 10.78 14.78 28.77
CA GLU A 124 11.92 14.73 29.75
C GLU A 124 13.20 15.11 29.04
N HIS A 125 13.52 14.33 28.08
CA HIS A 125 14.71 14.58 27.24
C HIS A 125 14.24 14.55 25.80
N SER A 126 13.66 15.63 25.36
CA SER A 126 13.11 15.70 23.98
C SER A 126 13.76 14.64 23.08
N GLU A 127 15.00 14.34 23.30
CA GLU A 127 15.66 13.30 22.47
C GLU A 127 15.14 11.91 22.85
N LYS A 128 14.20 11.80 23.76
CA LYS A 128 13.67 10.46 24.11
C LYS A 128 12.59 10.05 23.12
N MET A 129 12.49 8.79 22.82
CA MET A 129 11.45 8.34 21.85
C MET A 129 10.62 7.20 22.43
N VAL A 130 9.33 7.26 22.25
CA VAL A 130 8.46 6.18 22.79
C VAL A 130 8.28 5.07 21.73
N ALA A 131 7.60 4.02 22.07
CA ALA A 131 7.39 2.92 21.08
C ALA A 131 5.90 2.63 20.90
N LYS A 132 5.37 2.88 19.73
CA LYS A 132 3.93 2.62 19.48
C LYS A 132 3.69 2.30 18.01
N ARG A 133 3.01 1.23 17.73
CA ARG A 133 2.73 0.87 16.31
C ARG A 133 1.40 1.46 15.85
N ARG A 134 1.43 2.48 15.05
CA ARG A 134 0.16 3.11 14.57
C ARG A 134 0.07 3.00 13.05
N PHE A 135 -0.86 2.23 12.55
CA PHE A 135 -1.00 2.10 11.07
C PHE A 135 -2.42 2.47 10.63
N ARG A 136 -2.57 3.59 9.97
CA ARG A 136 -3.93 4.00 9.50
C ARG A 136 -4.11 3.63 8.03
N ILE A 137 -5.31 3.70 7.53
CA ILE A 137 -5.55 3.35 6.11
C ILE A 137 -6.41 4.41 5.42
N GLY A 138 -5.94 4.95 4.33
CA GLY A 138 -6.73 6.00 3.62
C GLY A 138 -7.13 5.47 2.23
N ASP A 139 -7.62 4.27 2.17
CA ASP A 139 -8.03 3.70 0.86
C ASP A 139 -9.16 4.54 0.23
N ILE A 140 -8.94 5.04 -0.95
CA ILE A 140 -9.99 5.86 -1.62
C ILE A 140 -10.37 5.22 -2.95
N ALA A 141 -11.17 4.19 -2.92
CA ALA A 141 -11.57 3.52 -4.19
C ALA A 141 -13.10 3.41 -4.26
N GLY A 142 -13.67 3.64 -5.41
CA GLY A 142 -15.14 3.55 -5.55
C GLY A 142 -15.53 3.65 -7.03
N GLU A 143 -14.63 3.28 -7.91
CA GLU A 143 -14.93 3.35 -9.36
C GLU A 143 -16.03 2.35 -9.72
N HIS A 144 -16.15 2.03 -10.97
CA HIS A 144 -17.21 1.06 -11.39
C HIS A 144 -16.65 -0.37 -11.38
N THR A 145 -15.91 -0.70 -10.38
CA THR A 145 -15.32 -2.06 -10.29
C THR A 145 -16.38 -3.10 -9.92
N SER A 146 -17.63 -2.85 -10.23
CA SER A 146 -18.69 -3.84 -9.88
C SER A 146 -18.38 -5.19 -10.54
N PHE A 147 -17.73 -6.07 -9.83
CA PHE A 147 -17.40 -7.40 -10.42
C PHE A 147 -18.42 -7.78 -11.50
N ASP A 148 -19.66 -7.44 -11.29
CA ASP A 148 -20.70 -7.78 -12.30
C ASP A 148 -20.59 -6.87 -13.52
N LYS A 149 -19.48 -6.18 -13.66
CA LYS A 149 -19.32 -5.28 -14.84
C LYS A 149 -18.20 -5.78 -15.74
N LEU A 150 -17.59 -6.88 -15.40
CA LEU A 150 -16.49 -7.41 -16.25
C LEU A 150 -16.12 -8.84 -15.81
N PRO A 151 -15.72 -8.96 -14.58
CA PRO A 151 -15.36 -10.30 -14.03
C PRO A 151 -16.60 -11.18 -13.91
N LYS A 152 -17.03 -11.78 -14.99
CA LYS A 152 -18.23 -12.65 -14.94
C LYS A 152 -17.90 -14.00 -14.31
N ASP A 153 -17.42 -14.93 -15.10
CA ASP A 153 -17.07 -16.26 -14.56
C ASP A 153 -15.74 -16.73 -15.14
N VAL A 154 -14.77 -15.86 -15.18
CA VAL A 154 -13.44 -16.24 -15.74
C VAL A 154 -12.36 -16.13 -14.66
N MET A 155 -11.18 -16.63 -14.93
CA MET A 155 -10.08 -16.55 -13.93
C MET A 155 -9.23 -15.30 -14.16
N ALA A 156 -9.01 -14.51 -13.15
CA ALA A 156 -8.18 -13.28 -13.32
C ALA A 156 -7.01 -13.29 -12.33
N THR A 157 -5.82 -13.07 -12.80
CA THR A 157 -4.65 -13.06 -11.89
C THR A 157 -4.53 -11.70 -11.18
N TYR A 158 -3.90 -11.67 -10.05
CA TYR A 158 -3.76 -10.38 -9.32
C TYR A 158 -2.40 -10.31 -8.59
N ARG A 159 -1.85 -9.15 -8.46
CA ARG A 159 -0.53 -9.01 -7.76
C ARG A 159 -0.49 -7.68 -7.02
N GLY A 160 0.02 -7.66 -5.82
CA GLY A 160 0.06 -6.38 -5.09
C GLY A 160 1.10 -6.42 -3.97
N THR A 161 1.15 -5.37 -3.20
CA THR A 161 2.11 -5.33 -2.07
C THR A 161 1.35 -5.30 -0.76
N ALA A 162 1.96 -5.73 0.30
CA ALA A 162 1.26 -5.74 1.60
C ALA A 162 2.17 -5.24 2.72
N PHE A 163 1.66 -5.21 3.92
CA PHE A 163 2.49 -4.75 5.07
C PHE A 163 1.92 -5.34 6.37
N GLY A 164 2.74 -5.93 7.18
CA GLY A 164 2.24 -6.53 8.44
C GLY A 164 2.12 -5.45 9.53
N SER A 165 1.21 -5.61 10.45
CA SER A 165 1.04 -4.60 11.54
C SER A 165 2.40 -4.08 12.00
N ASP A 166 2.95 -4.68 13.01
CA ASP A 166 4.27 -4.23 13.52
C ASP A 166 5.31 -4.26 12.39
N ASP A 167 4.94 -4.79 11.27
CA ASP A 167 5.89 -4.84 10.13
C ASP A 167 5.53 -3.75 9.11
N ALA A 168 6.36 -3.55 8.12
CA ALA A 168 6.06 -2.52 7.10
C ALA A 168 6.25 -3.14 5.72
N GLY A 169 6.36 -4.43 5.68
CA GLY A 169 6.54 -5.11 4.37
C GLY A 169 5.50 -6.22 4.21
N GLY A 170 5.09 -6.45 3.01
CA GLY A 170 4.08 -7.51 2.72
C GLY A 170 3.98 -7.69 1.20
N LYS A 171 3.66 -8.87 0.75
CA LYS A 171 3.54 -9.12 -0.72
C LYS A 171 2.54 -10.24 -0.96
N LEU A 172 1.66 -10.11 -1.93
CA LEU A 172 0.68 -11.20 -2.14
C LEU A 172 0.21 -11.27 -3.59
N THR A 173 0.30 -12.44 -4.18
CA THR A 173 -0.19 -12.61 -5.58
C THR A 173 -1.59 -13.20 -5.51
N TYR A 174 -2.56 -12.57 -6.11
CA TYR A 174 -3.95 -13.11 -6.02
C TYR A 174 -4.36 -13.82 -7.29
N THR A 175 -5.23 -14.79 -7.15
CA THR A 175 -5.73 -15.55 -8.32
C THR A 175 -7.18 -15.94 -8.07
N ILE A 176 -8.11 -15.31 -8.72
CA ILE A 176 -9.54 -15.65 -8.46
C ILE A 176 -10.34 -15.73 -9.75
N ASP A 177 -11.41 -16.46 -9.72
CA ASP A 177 -12.30 -16.56 -10.90
C ASP A 177 -13.46 -15.59 -10.69
N PHE A 178 -13.86 -14.90 -11.73
CA PHE A 178 -14.94 -13.87 -11.60
C PHE A 178 -16.03 -14.27 -10.60
N ALA A 179 -16.92 -13.35 -10.34
CA ALA A 179 -18.03 -13.58 -9.37
C ALA A 179 -18.62 -14.98 -9.52
N ALA A 180 -19.04 -15.34 -10.70
CA ALA A 180 -19.62 -16.70 -10.89
C ALA A 180 -18.53 -17.76 -10.74
N LYS A 181 -17.65 -17.61 -9.79
CA LYS A 181 -16.58 -18.62 -9.61
C LYS A 181 -16.03 -18.60 -8.17
N GLN A 182 -14.82 -18.13 -7.99
CA GLN A 182 -14.23 -18.13 -6.63
C GLN A 182 -12.98 -17.24 -6.57
N GLY A 183 -12.36 -17.12 -5.43
CA GLY A 183 -11.13 -16.30 -5.32
C GLY A 183 -10.09 -17.03 -4.47
N HIS A 184 -8.83 -16.73 -4.65
CA HIS A 184 -7.78 -17.41 -3.84
C HIS A 184 -6.40 -16.87 -4.24
N GLY A 185 -5.63 -16.42 -3.28
CA GLY A 185 -4.29 -15.87 -3.61
C GLY A 185 -3.26 -16.39 -2.60
N LYS A 186 -2.13 -15.73 -2.52
CA LYS A 186 -1.08 -16.18 -1.55
C LYS A 186 -0.47 -14.97 -0.85
N ILE A 187 -0.34 -15.02 0.45
CA ILE A 187 0.26 -13.88 1.19
C ILE A 187 1.72 -14.17 1.52
N GLU A 188 2.62 -13.31 1.11
CA GLU A 188 4.05 -13.56 1.41
C GLU A 188 4.88 -12.29 1.25
N HIS A 189 5.90 -12.12 2.05
CA HIS A 189 6.75 -10.91 1.93
C HIS A 189 8.09 -11.14 2.64
N LEU A 190 8.05 -11.28 3.94
CA LEU A 190 9.31 -11.48 4.72
C LEU A 190 9.56 -12.97 4.97
N LYS A 191 10.39 -13.28 5.94
CA LYS A 191 10.70 -14.70 6.25
C LYS A 191 10.35 -15.00 7.71
N SER A 192 9.72 -14.07 8.37
CA SER A 192 9.35 -14.29 9.81
C SER A 192 8.71 -15.66 9.98
N PRO A 193 8.11 -15.89 11.14
CA PRO A 193 7.45 -17.19 11.41
C PRO A 193 6.24 -17.34 10.50
N GLU A 194 5.98 -16.36 9.69
CA GLU A 194 4.83 -16.43 8.75
C GLU A 194 5.27 -15.89 7.39
N LEU A 195 6.46 -16.24 6.97
CA LEU A 195 6.97 -15.74 5.66
C LEU A 195 5.82 -15.64 4.66
N ASN A 196 5.32 -16.75 4.25
CA ASN A 196 4.21 -16.74 3.25
C ASN A 196 3.07 -17.65 3.73
N VAL A 197 1.93 -17.59 3.11
CA VAL A 197 0.79 -18.45 3.54
C VAL A 197 -0.16 -18.72 2.36
N ASP A 198 -1.00 -19.70 2.47
CA ASP A 198 -1.95 -20.01 1.36
C ASP A 198 -3.20 -19.15 1.48
N LEU A 199 -3.29 -18.10 0.70
CA LEU A 199 -4.47 -17.21 0.76
C LEU A 199 -5.67 -17.82 0.04
N ALA A 200 -6.83 -17.77 0.67
CA ALA A 200 -8.06 -18.33 0.03
C ALA A 200 -9.21 -17.35 0.28
N VAL A 201 -9.85 -16.89 -0.77
CA VAL A 201 -10.96 -15.92 -0.56
C VAL A 201 -12.04 -16.05 -1.65
N ALA A 202 -13.23 -15.61 -1.36
CA ALA A 202 -14.32 -15.68 -2.37
C ALA A 202 -14.68 -14.26 -2.82
N TYR A 203 -14.68 -14.01 -4.10
CA TYR A 203 -15.02 -12.65 -4.59
C TYR A 203 -16.52 -12.52 -4.89
N ILE A 204 -17.11 -11.43 -4.49
CA ILE A 204 -18.56 -11.24 -4.74
C ILE A 204 -18.78 -10.04 -5.69
N LYS A 205 -19.96 -9.89 -6.21
CA LYS A 205 -20.22 -8.75 -7.13
C LYS A 205 -20.51 -7.47 -6.34
N PRO A 206 -21.62 -7.48 -5.65
CA PRO A 206 -22.02 -6.30 -4.84
C PRO A 206 -21.14 -6.19 -3.59
N ASP A 207 -20.14 -5.34 -3.62
CA ASP A 207 -19.26 -5.19 -2.44
C ASP A 207 -19.87 -4.20 -1.45
N GLU A 208 -19.21 -3.11 -1.19
CA GLU A 208 -19.75 -2.11 -0.24
C GLU A 208 -20.66 -1.11 -0.98
N LYS A 209 -20.69 -1.18 -2.28
CA LYS A 209 -21.55 -0.25 -3.06
C LYS A 209 -21.71 -0.75 -4.50
N HIS A 210 -20.63 -0.88 -5.21
CA HIS A 210 -20.72 -1.36 -6.62
C HIS A 210 -19.36 -1.91 -7.07
N HIS A 211 -18.58 -2.42 -6.15
CA HIS A 211 -17.24 -2.97 -6.54
C HIS A 211 -17.17 -4.45 -6.16
N ALA A 212 -16.05 -5.08 -6.39
CA ALA A 212 -15.92 -6.52 -6.05
C ALA A 212 -15.46 -6.66 -4.59
N VAL A 213 -15.83 -7.73 -3.94
CA VAL A 213 -15.41 -7.93 -2.52
C VAL A 213 -14.50 -9.15 -2.39
N ILE A 214 -13.63 -9.15 -1.42
CA ILE A 214 -12.71 -10.31 -1.25
C ILE A 214 -12.75 -10.79 0.21
N SER A 215 -13.40 -11.88 0.47
CA SER A 215 -13.46 -12.38 1.87
C SER A 215 -12.91 -13.82 1.95
N GLY A 216 -11.92 -14.03 2.76
CA GLY A 216 -11.34 -15.40 2.87
C GLY A 216 -10.39 -15.45 4.08
N SER A 217 -9.58 -16.47 4.16
CA SER A 217 -8.63 -16.56 5.31
C SER A 217 -7.25 -17.00 4.83
N VAL A 218 -6.23 -16.62 5.55
CA VAL A 218 -4.85 -17.01 5.16
C VAL A 218 -4.48 -18.32 5.87
N LEU A 219 -4.09 -19.32 5.13
CA LEU A 219 -3.74 -20.62 5.80
C LEU A 219 -2.43 -21.17 5.22
N TYR A 220 -1.55 -21.61 6.08
CA TYR A 220 -0.25 -22.17 5.59
C TYR A 220 -0.34 -23.69 5.54
N ASN A 221 0.45 -24.32 4.71
CA ASN A 221 0.41 -25.81 4.62
C ASN A 221 1.05 -26.44 5.85
N GLN A 222 1.46 -25.64 6.79
CA GLN A 222 2.08 -26.20 8.02
C GLN A 222 1.05 -26.30 9.14
N ASP A 223 0.51 -25.18 9.52
CA ASP A 223 -0.51 -25.18 10.60
C ASP A 223 -0.97 -23.73 10.89
N GLU A 224 -0.89 -22.86 9.93
CA GLU A 224 -1.30 -21.45 10.17
C GLU A 224 -2.82 -21.31 10.08
N LYS A 225 -3.37 -20.31 10.69
CA LYS A 225 -4.84 -20.09 10.63
C LYS A 225 -5.13 -18.58 10.62
N GLY A 226 -4.97 -17.97 9.49
CA GLY A 226 -5.21 -16.50 9.42
C GLY A 226 -6.52 -16.21 8.68
N SER A 227 -6.95 -14.97 8.70
CA SER A 227 -8.21 -14.61 7.99
C SER A 227 -7.90 -13.60 6.88
N TYR A 228 -8.84 -13.34 6.01
CA TYR A 228 -8.57 -12.37 4.91
C TYR A 228 -9.85 -11.64 4.51
N SER A 229 -9.80 -10.34 4.44
CA SER A 229 -10.99 -9.55 4.05
C SER A 229 -10.54 -8.30 3.29
N LEU A 230 -10.84 -8.21 2.02
CA LEU A 230 -10.40 -7.02 1.25
C LEU A 230 -11.44 -6.64 0.18
N GLY A 231 -11.25 -5.54 -0.47
CA GLY A 231 -12.19 -5.11 -1.54
C GLY A 231 -11.44 -5.07 -2.87
N ILE A 232 -11.92 -5.76 -3.86
CA ILE A 232 -11.21 -5.77 -5.16
C ILE A 232 -11.83 -4.77 -6.14
N PHE A 233 -10.99 -4.16 -6.94
CA PHE A 233 -11.48 -3.18 -7.95
C PHE A 233 -11.02 -3.63 -9.34
N GLY A 234 -11.64 -3.13 -10.38
CA GLY A 234 -11.26 -3.53 -11.77
C GLY A 234 -10.17 -4.61 -11.74
N GLU A 235 -10.57 -5.86 -11.67
CA GLU A 235 -9.57 -6.96 -11.63
C GLU A 235 -8.49 -6.76 -12.69
N LYS A 236 -8.81 -6.97 -13.94
CA LYS A 236 -7.79 -6.80 -15.01
C LYS A 236 -7.89 -5.39 -15.60
N ALA A 237 -8.56 -4.50 -14.91
CA ALA A 237 -8.70 -3.12 -15.42
C ALA A 237 -8.37 -2.11 -14.31
N GLN A 238 -8.50 -2.50 -13.08
CA GLN A 238 -8.20 -1.55 -11.96
C GLN A 238 -7.21 -2.16 -10.98
N GLU A 239 -7.67 -2.62 -9.84
CA GLU A 239 -6.74 -3.22 -8.84
C GLU A 239 -7.52 -3.93 -7.73
N VAL A 240 -6.86 -4.33 -6.69
CA VAL A 240 -7.55 -5.02 -5.56
C VAL A 240 -6.72 -4.88 -4.29
N ALA A 241 -7.27 -4.25 -3.27
CA ALA A 241 -6.50 -4.09 -2.01
C ALA A 241 -7.42 -4.13 -0.80
N GLY A 242 -6.90 -4.43 0.36
CA GLY A 242 -7.76 -4.47 1.58
C GLY A 242 -6.91 -4.78 2.81
N SER A 243 -7.34 -5.68 3.64
CA SER A 243 -6.56 -6.03 4.86
C SER A 243 -6.92 -7.45 5.31
N ALA A 244 -6.22 -7.97 6.27
CA ALA A 244 -6.54 -9.36 6.73
C ALA A 244 -6.06 -9.56 8.17
N GLU A 245 -6.42 -10.66 8.77
CA GLU A 245 -5.99 -10.93 10.18
C GLU A 245 -5.44 -12.35 10.27
N VAL A 246 -4.20 -12.49 10.65
CA VAL A 246 -3.61 -13.85 10.76
C VAL A 246 -3.67 -14.35 12.20
N GLU A 247 -3.85 -15.64 12.38
CA GLU A 247 -3.92 -16.20 13.76
C GLU A 247 -3.01 -17.41 13.89
N THR A 248 -2.15 -17.42 14.87
CA THR A 248 -1.23 -18.58 15.06
C THR A 248 -1.65 -19.39 16.28
N ALA A 249 -0.84 -20.31 16.70
CA ALA A 249 -1.20 -21.13 17.90
C ALA A 249 -1.35 -20.23 19.13
N ASN A 250 -0.96 -18.99 19.01
CA ASN A 250 -1.08 -18.06 20.17
C ASN A 250 -0.55 -16.67 19.79
N GLY A 251 -1.10 -16.07 18.76
CA GLY A 251 -0.61 -14.72 18.36
C GLY A 251 -1.41 -14.23 17.15
N ILE A 252 -2.33 -13.33 17.35
CA ILE A 252 -3.13 -12.81 16.21
C ILE A 252 -2.38 -11.67 15.51
N HIS A 253 -2.17 -11.79 14.23
CA HIS A 253 -1.44 -10.72 13.49
C HIS A 253 -2.38 -10.01 12.51
N HIS A 254 -2.01 -8.83 12.08
CA HIS A 254 -2.86 -8.08 11.11
C HIS A 254 -2.00 -7.58 9.95
N ILE A 255 -2.32 -7.96 8.74
CA ILE A 255 -1.49 -7.51 7.59
C ILE A 255 -2.34 -6.71 6.59
N GLY A 256 -1.91 -5.51 6.28
CA GLY A 256 -2.66 -4.70 5.28
C GLY A 256 -2.18 -5.08 3.89
N LEU A 257 -3.05 -5.10 2.91
CA LEU A 257 -2.61 -5.50 1.55
C LEU A 257 -3.04 -4.47 0.50
N ALA A 258 -2.35 -4.43 -0.61
CA ALA A 258 -2.70 -3.49 -1.70
C ALA A 258 -2.23 -4.08 -3.03
N ALA A 259 -3.12 -4.36 -3.95
CA ALA A 259 -2.66 -4.97 -5.22
C ALA A 259 -3.40 -4.38 -6.42
N LYS A 260 -2.89 -4.64 -7.59
CA LYS A 260 -3.53 -4.13 -8.84
C LYS A 260 -3.71 -5.28 -9.83
N GLN A 261 -4.51 -5.07 -10.85
CA GLN A 261 -4.73 -6.15 -11.85
C GLN A 261 -3.45 -6.98 -12.03
N MET A 1 17.52 -9.52 -36.71
CA MET A 1 18.03 -8.59 -35.67
C MET A 1 18.98 -7.56 -36.29
N GLY A 2 18.99 -6.37 -35.78
CA GLY A 2 19.89 -5.33 -36.35
C GLY A 2 21.26 -5.40 -35.69
N SER A 3 22.31 -5.18 -36.42
CA SER A 3 23.67 -5.25 -35.83
C SER A 3 24.21 -3.84 -35.59
N SER A 4 25.45 -3.72 -35.20
CA SER A 4 26.04 -2.38 -34.95
C SER A 4 27.56 -2.42 -35.10
N GLY A 5 28.14 -1.42 -35.71
CA GLY A 5 29.62 -1.42 -35.90
C GLY A 5 30.28 -0.80 -34.66
N GLY A 6 30.45 -1.56 -33.62
CA GLY A 6 31.09 -1.02 -32.39
C GLY A 6 31.68 -2.18 -31.57
N GLY A 7 30.97 -2.62 -30.57
CA GLY A 7 31.49 -3.74 -29.73
C GLY A 7 30.32 -4.45 -29.04
N GLY A 8 30.21 -4.32 -27.74
CA GLY A 8 29.10 -4.99 -27.03
C GLY A 8 28.81 -4.25 -25.71
N SER A 9 28.04 -4.83 -24.84
CA SER A 9 27.74 -4.16 -23.55
C SER A 9 28.54 -4.80 -22.41
N GLY A 10 28.28 -4.41 -21.20
CA GLY A 10 29.03 -5.00 -20.05
C GLY A 10 28.20 -4.84 -18.77
N GLY A 11 28.81 -5.03 -17.63
CA GLY A 11 28.06 -4.89 -16.35
C GLY A 11 27.94 -3.42 -15.99
N GLY A 12 26.79 -2.84 -16.23
CA GLY A 12 26.61 -1.40 -15.89
C GLY A 12 26.05 -1.27 -14.47
N GLY A 13 24.83 -0.79 -14.34
CA GLY A 13 24.24 -0.64 -12.99
C GLY A 13 22.72 -0.58 -13.10
N VAL A 14 22.04 -0.30 -12.02
CA VAL A 14 20.55 -0.23 -12.07
C VAL A 14 20.12 0.85 -13.07
N THR A 15 18.84 1.09 -13.17
CA THR A 15 18.34 2.11 -14.13
C THR A 15 18.00 3.41 -13.40
N ALA A 16 18.13 4.53 -14.05
CA ALA A 16 17.82 5.83 -13.39
C ALA A 16 16.31 6.05 -13.31
N ASP A 17 15.53 5.12 -13.78
CA ASP A 17 14.06 5.29 -13.73
C ASP A 17 13.35 3.94 -13.91
N ILE A 18 13.78 2.92 -13.21
CA ILE A 18 13.14 1.60 -13.34
C ILE A 18 12.19 1.37 -12.17
N GLY A 19 12.75 1.00 -11.05
CA GLY A 19 11.92 0.74 -9.85
C GLY A 19 12.02 1.94 -8.90
N THR A 20 13.22 2.42 -8.66
CA THR A 20 13.39 3.58 -7.74
C THR A 20 12.71 4.82 -8.32
N GLY A 21 12.12 4.70 -9.48
CA GLY A 21 11.45 5.88 -10.09
C GLY A 21 10.58 6.58 -9.04
N LEU A 22 10.01 5.84 -8.14
CA LEU A 22 9.15 6.46 -7.08
C LEU A 22 9.87 7.66 -6.46
N ALA A 23 11.14 7.54 -6.18
CA ALA A 23 11.89 8.67 -5.57
C ALA A 23 11.75 9.91 -6.45
N ASP A 24 11.23 9.75 -7.64
CA ASP A 24 11.06 10.91 -8.55
C ASP A 24 9.65 11.48 -8.41
N ALA A 25 8.80 10.80 -7.71
CA ALA A 25 7.40 11.29 -7.54
C ALA A 25 7.35 12.39 -6.47
N LEU A 26 8.20 12.31 -5.48
CA LEU A 26 8.21 13.35 -4.42
C LEU A 26 9.17 14.48 -4.79
N THR A 27 10.04 14.26 -5.73
CA THR A 27 11.00 15.31 -6.14
C THR A 27 10.72 15.77 -7.57
N ALA A 28 11.23 15.03 -8.51
CA ALA A 28 11.00 15.39 -9.95
C ALA A 28 9.69 16.15 -10.11
N PRO A 29 9.78 17.45 -9.95
CA PRO A 29 8.58 18.31 -10.07
C PRO A 29 8.17 18.45 -11.55
N LEU A 30 7.12 19.18 -11.81
CA LEU A 30 6.67 19.35 -13.23
C LEU A 30 7.87 19.30 -14.18
N ASP A 31 7.65 18.93 -15.40
CA ASP A 31 8.78 18.86 -16.37
C ASP A 31 8.25 18.80 -17.80
N HIS A 32 8.76 19.62 -18.68
CA HIS A 32 8.29 19.61 -20.08
C HIS A 32 8.59 18.25 -20.74
N LYS A 33 8.13 17.18 -20.14
CA LYS A 33 8.39 15.83 -20.73
C LYS A 33 7.75 14.75 -19.86
N ASP A 34 6.71 15.07 -19.15
CA ASP A 34 6.04 14.06 -18.29
C ASP A 34 5.18 13.13 -19.14
N LYS A 35 4.72 12.04 -18.57
CA LYS A 35 3.89 11.09 -19.35
C LYS A 35 2.41 11.48 -19.26
N GLY A 36 1.82 11.36 -18.09
CA GLY A 36 0.39 11.73 -17.94
C GLY A 36 0.26 12.86 -16.91
N LEU A 37 -0.78 12.84 -16.12
CA LEU A 37 -0.96 13.90 -15.09
C LEU A 37 0.40 14.35 -14.54
N LYS A 38 0.68 15.62 -14.57
CA LYS A 38 1.98 16.11 -14.04
C LYS A 38 2.08 15.83 -12.54
N SER A 39 1.03 16.06 -11.81
CA SER A 39 1.07 15.82 -10.34
C SER A 39 -0.26 16.24 -9.70
N LEU A 40 -0.40 16.03 -8.41
CA LEU A 40 -1.66 16.41 -7.74
C LEU A 40 -1.37 16.85 -6.30
N THR A 41 -1.27 18.13 -6.06
CA THR A 41 -1.00 18.62 -4.67
C THR A 41 -2.27 18.57 -3.83
N LEU A 42 -2.13 18.49 -2.54
CA LEU A 42 -3.33 18.44 -1.66
C LEU A 42 -3.60 19.82 -1.07
N GLU A 43 -4.80 20.32 -1.23
CA GLU A 43 -5.12 21.67 -0.68
C GLU A 43 -4.75 21.73 0.81
N ASP A 44 -5.36 22.63 1.55
CA ASP A 44 -5.04 22.74 2.99
C ASP A 44 -5.39 21.44 3.71
N SER A 45 -4.88 20.33 3.24
CA SER A 45 -5.20 19.03 3.89
C SER A 45 -4.59 18.98 5.30
N ILE A 46 -3.32 19.29 5.42
CA ILE A 46 -2.67 19.27 6.75
C ILE A 46 -2.45 20.69 7.27
N SER A 47 -1.52 20.85 8.17
CA SER A 47 -1.23 22.21 8.72
C SER A 47 -0.11 22.12 9.75
N GLN A 48 0.11 23.17 10.49
CA GLN A 48 1.20 23.13 11.51
C GLN A 48 0.99 21.95 12.46
N ASN A 49 -0.16 21.32 12.37
CA ASN A 49 -0.44 20.16 13.25
C ASN A 49 -0.12 18.84 12.54
N GLY A 50 0.41 18.93 11.34
CA GLY A 50 0.74 17.68 10.59
C GLY A 50 2.02 17.90 9.77
N THR A 51 3.15 17.92 10.41
CA THR A 51 4.42 18.12 9.66
C THR A 51 5.25 16.83 9.67
N LEU A 52 5.77 16.44 8.55
CA LEU A 52 6.59 15.19 8.50
C LEU A 52 7.43 15.15 7.22
N THR A 53 8.44 14.33 7.19
CA THR A 53 9.30 14.23 5.99
C THR A 53 9.22 12.82 5.40
N LEU A 54 9.18 12.71 4.09
CA LEU A 54 9.09 11.36 3.47
C LEU A 54 10.27 11.15 2.51
N SER A 55 10.96 10.04 2.64
CA SER A 55 12.12 9.77 1.74
C SER A 55 11.86 8.50 0.93
N ALA A 56 12.07 8.56 -0.36
CA ALA A 56 11.83 7.35 -1.21
C ALA A 56 13.16 6.69 -1.56
N GLN A 57 13.12 5.67 -2.37
CA GLN A 57 14.38 4.97 -2.75
C GLN A 57 15.18 5.82 -3.74
N GLY A 58 15.28 7.09 -3.48
CA GLY A 58 16.06 7.98 -4.40
C GLY A 58 16.09 9.40 -3.82
N ALA A 59 14.98 9.89 -3.35
CA ALA A 59 14.95 11.26 -2.78
C ALA A 59 13.81 11.38 -1.77
N GLU A 60 13.80 12.43 -0.99
CA GLU A 60 12.72 12.61 0.01
C GLU A 60 12.09 14.00 -0.12
N LYS A 61 10.93 14.19 0.43
CA LYS A 61 10.26 15.53 0.34
C LYS A 61 9.49 15.83 1.62
N THR A 62 9.83 16.88 2.30
CA THR A 62 9.11 17.23 3.56
C THR A 62 7.61 17.37 3.28
N TYR A 63 6.82 16.48 3.80
CA TYR A 63 5.34 16.57 3.57
C TYR A 63 4.67 17.28 4.75
N GLY A 64 4.13 18.45 4.52
CA GLY A 64 3.47 19.19 5.62
C GLY A 64 2.18 19.84 5.09
N ASN A 65 1.72 20.87 5.74
CA ASN A 65 0.47 21.54 5.25
C ASN A 65 0.58 21.82 3.75
N GLY A 66 -0.40 21.38 3.00
CA GLY A 66 -0.35 21.62 1.52
C GLY A 66 0.38 20.46 0.86
N ASP A 67 0.90 19.55 1.64
CA ASP A 67 1.63 18.39 1.04
C ASP A 67 1.10 18.09 -0.36
N SER A 68 1.97 17.78 -1.28
CA SER A 68 1.50 17.47 -2.67
C SER A 68 2.20 16.21 -3.20
N LEU A 69 1.69 15.65 -4.26
CA LEU A 69 2.33 14.42 -4.82
C LEU A 69 2.28 14.46 -6.35
N ASN A 70 3.36 14.16 -7.01
CA ASN A 70 3.38 14.18 -8.50
C ASN A 70 3.55 12.76 -9.03
N THR A 71 2.85 12.43 -10.09
CA THR A 71 2.97 11.06 -10.67
C THR A 71 3.40 11.14 -12.14
N GLY A 72 3.94 12.26 -12.55
CA GLY A 72 4.38 12.40 -13.96
C GLY A 72 5.28 11.22 -14.33
N LYS A 73 5.75 10.49 -13.35
CA LYS A 73 6.64 9.34 -13.65
C LYS A 73 5.81 8.06 -13.83
N LEU A 74 4.61 8.05 -13.32
CA LEU A 74 3.75 6.83 -13.47
C LEU A 74 2.32 7.23 -13.84
N LYS A 75 1.60 6.37 -14.50
CA LYS A 75 0.20 6.71 -14.89
C LYS A 75 -0.68 5.46 -14.84
N ASN A 76 -0.14 4.36 -14.41
CA ASN A 76 -0.94 3.10 -14.33
C ASN A 76 -1.02 2.60 -12.89
N ASP A 77 -0.38 1.51 -12.59
CA ASP A 77 -0.41 0.97 -11.21
C ASP A 77 1.00 0.96 -10.63
N LYS A 78 1.60 2.11 -10.50
CA LYS A 78 2.99 2.16 -9.96
C LYS A 78 2.97 2.41 -8.45
N VAL A 79 3.31 1.42 -7.66
CA VAL A 79 3.32 1.60 -6.18
C VAL A 79 4.15 2.82 -5.80
N SER A 80 4.12 3.18 -4.55
CA SER A 80 4.90 4.35 -4.08
C SER A 80 4.92 4.40 -2.55
N ARG A 81 5.78 3.64 -1.93
CA ARG A 81 5.84 3.65 -0.45
C ARG A 81 7.17 4.24 0.04
N PHE A 82 7.18 4.82 1.20
CA PHE A 82 8.43 5.42 1.73
C PHE A 82 8.34 5.59 3.26
N ASP A 83 9.41 5.96 3.89
CA ASP A 83 9.37 6.14 5.37
C ASP A 83 9.41 7.64 5.73
N PHE A 84 8.55 8.06 6.60
CA PHE A 84 8.54 9.50 6.99
C PHE A 84 8.35 9.65 8.50
N ILE A 85 8.31 10.86 8.99
CA ILE A 85 8.14 11.06 10.45
C ILE A 85 6.96 12.00 10.73
N ARG A 86 5.92 11.49 11.32
CA ARG A 86 4.74 12.36 11.62
C ARG A 86 4.97 13.10 12.95
N GLN A 87 5.05 14.41 12.91
CA GLN A 87 5.29 15.17 14.18
C GLN A 87 4.36 16.38 14.26
N ILE A 88 3.69 16.55 15.36
CA ILE A 88 2.77 17.70 15.52
C ILE A 88 3.29 18.64 16.61
N GLU A 89 3.72 19.82 16.25
CA GLU A 89 4.24 20.77 17.27
C GLU A 89 3.80 22.20 16.94
N VAL A 90 3.30 22.91 17.91
CA VAL A 90 2.87 24.31 17.66
C VAL A 90 3.72 25.28 18.47
N ASP A 91 3.62 26.55 18.21
CA ASP A 91 4.43 27.54 18.98
C ASP A 91 4.06 27.50 20.46
N GLY A 92 3.08 26.71 20.80
CA GLY A 92 2.65 26.61 22.22
C GLY A 92 1.50 25.62 22.34
N GLN A 93 1.63 24.46 21.75
CA GLN A 93 0.54 23.46 21.83
C GLN A 93 1.09 22.05 21.60
N LEU A 94 0.38 21.28 20.84
CA LEU A 94 0.82 19.88 20.55
C LEU A 94 2.30 19.84 20.20
N ILE A 95 2.90 18.67 20.24
CA ILE A 95 4.35 18.55 19.93
C ILE A 95 4.72 17.07 19.78
N THR A 96 3.73 16.23 19.52
CA THR A 96 4.02 14.78 19.36
C THR A 96 5.03 14.54 18.24
N LEU A 97 5.50 13.33 18.09
CA LEU A 97 6.48 13.04 17.01
C LEU A 97 6.64 11.53 16.84
N GLU A 98 6.07 10.98 15.80
CA GLU A 98 6.19 9.51 15.57
C GLU A 98 6.68 9.22 14.15
N SER A 99 7.48 8.21 13.97
CA SER A 99 7.97 7.89 12.61
C SER A 99 7.50 6.49 12.19
N GLY A 100 7.36 6.26 10.91
CA GLY A 100 6.90 4.93 10.44
C GLY A 100 7.07 4.82 8.92
N GLU A 101 6.34 3.93 8.30
CA GLU A 101 6.47 3.78 6.82
C GLU A 101 5.18 4.26 6.13
N PHE A 102 5.26 4.58 4.87
CA PHE A 102 4.04 5.05 4.14
C PHE A 102 3.94 4.36 2.78
N GLN A 103 2.84 3.71 2.51
CA GLN A 103 2.66 3.03 1.21
C GLN A 103 1.67 3.80 0.34
N VAL A 104 1.99 4.04 -0.90
CA VAL A 104 1.06 4.80 -1.77
C VAL A 104 1.13 4.28 -3.21
N TYR A 105 0.10 3.64 -3.68
CA TYR A 105 0.12 3.11 -5.07
C TYR A 105 -0.70 4.04 -5.99
N LYS A 106 -0.37 4.08 -7.25
CA LYS A 106 -1.14 4.96 -8.18
C LYS A 106 -1.72 4.13 -9.32
N GLN A 107 -3.00 4.23 -9.55
CA GLN A 107 -3.63 3.45 -10.65
C GLN A 107 -3.77 4.31 -11.91
N SER A 108 -4.74 4.03 -12.73
CA SER A 108 -4.92 4.83 -13.98
C SER A 108 -5.31 6.27 -13.63
N HIS A 109 -6.45 6.47 -13.04
CA HIS A 109 -6.88 7.85 -12.67
C HIS A 109 -7.16 7.95 -11.17
N SER A 110 -6.32 7.36 -10.37
CA SER A 110 -6.53 7.41 -8.89
C SER A 110 -5.26 7.00 -8.16
N ALA A 111 -5.38 6.62 -6.91
CA ALA A 111 -4.18 6.20 -6.15
C ALA A 111 -4.60 5.62 -4.79
N LEU A 112 -4.04 4.51 -4.41
CA LEU A 112 -4.39 3.90 -3.10
C LEU A 112 -3.16 3.84 -2.20
N THR A 113 -3.24 4.44 -1.04
CA THR A 113 -2.06 4.42 -0.12
C THR A 113 -2.43 3.88 1.25
N ALA A 114 -1.45 3.69 2.09
CA ALA A 114 -1.72 3.17 3.46
C ALA A 114 -0.62 3.65 4.42
N LEU A 115 -1.00 4.25 5.52
CA LEU A 115 0.04 4.74 6.47
C LEU A 115 0.38 3.64 7.50
N GLN A 116 1.63 3.54 7.86
CA GLN A 116 2.02 2.50 8.86
C GLN A 116 3.09 3.05 9.80
N THR A 117 2.74 3.30 11.03
CA THR A 117 3.74 3.85 11.99
C THR A 117 4.66 2.74 12.50
N GLU A 118 5.63 3.06 13.31
CA GLU A 118 6.54 2.01 13.83
C GLU A 118 7.27 2.50 15.09
N GLN A 119 7.51 3.78 15.21
CA GLN A 119 8.21 4.30 16.41
C GLN A 119 7.41 5.42 17.07
N GLU A 120 7.60 5.63 18.34
CA GLU A 120 6.83 6.70 19.05
C GLU A 120 7.80 7.74 19.65
N GLN A 121 7.26 8.73 20.30
CA GLN A 121 8.13 9.79 20.92
C GLN A 121 7.93 9.81 22.43
N ASP A 122 8.90 10.23 23.18
CA ASP A 122 8.74 10.25 24.66
C ASP A 122 8.87 11.67 25.22
N PRO A 123 8.53 11.79 26.48
CA PRO A 123 8.55 13.07 27.19
C PRO A 123 9.86 13.22 27.97
N GLU A 124 10.01 12.47 29.04
CA GLU A 124 11.26 12.53 29.87
C GLU A 124 12.35 13.23 29.08
N HIS A 125 12.67 12.66 27.98
CA HIS A 125 13.67 13.23 27.07
C HIS A 125 13.03 13.29 25.71
N SER A 126 12.21 14.28 25.50
CA SER A 126 11.47 14.42 24.21
C SER A 126 12.16 13.63 23.10
N GLU A 127 13.45 13.54 23.13
CA GLU A 127 14.16 12.77 22.08
C GLU A 127 13.96 11.26 22.31
N LYS A 128 13.19 10.86 23.29
CA LYS A 128 12.98 9.41 23.51
C LYS A 128 11.86 8.91 22.60
N MET A 129 11.98 7.71 22.11
CA MET A 129 10.92 7.19 21.20
C MET A 129 10.37 5.86 21.72
N VAL A 130 9.07 5.71 21.76
CA VAL A 130 8.47 4.44 22.25
C VAL A 130 8.26 3.50 21.08
N ALA A 131 7.67 2.35 21.32
CA ALA A 131 7.44 1.39 20.20
C ALA A 131 5.96 1.02 20.12
N LYS A 132 5.31 1.39 19.05
CA LYS A 132 3.86 1.06 18.91
C LYS A 132 3.55 0.64 17.47
N ARG A 133 2.34 0.23 17.21
CA ARG A 133 1.98 -0.17 15.82
C ARG A 133 0.69 0.51 15.38
N ARG A 134 0.79 1.49 14.51
CA ARG A 134 -0.43 2.19 14.04
C ARG A 134 -0.44 2.27 12.51
N PHE A 135 -1.32 1.55 11.87
CA PHE A 135 -1.38 1.58 10.38
C PHE A 135 -2.70 2.19 9.91
N ARG A 136 -2.64 3.25 9.15
CA ARG A 136 -3.89 3.89 8.65
C ARG A 136 -4.18 3.42 7.23
N ILE A 137 -5.36 3.68 6.73
CA ILE A 137 -5.69 3.23 5.34
C ILE A 137 -6.45 4.34 4.60
N GLY A 138 -5.97 4.72 3.45
CA GLY A 138 -6.66 5.79 2.67
C GLY A 138 -6.36 5.60 1.18
N ASP A 139 -7.18 4.86 0.49
CA ASP A 139 -6.94 4.62 -0.96
C ASP A 139 -8.13 5.12 -1.79
N ILE A 140 -7.88 5.61 -2.97
CA ILE A 140 -9.00 6.11 -3.83
C ILE A 140 -8.85 5.54 -5.24
N ALA A 141 -9.31 4.34 -5.45
CA ALA A 141 -9.19 3.73 -6.81
C ALA A 141 -9.74 4.68 -7.87
N GLY A 142 -9.34 4.49 -9.10
CA GLY A 142 -9.84 5.39 -10.19
C GLY A 142 -11.37 5.38 -10.20
N GLU A 143 -11.96 4.21 -10.20
CA GLU A 143 -13.45 4.14 -10.22
C GLU A 143 -13.91 2.87 -9.51
N HIS A 144 -13.25 2.50 -8.47
CA HIS A 144 -13.64 1.26 -7.74
C HIS A 144 -15.16 1.13 -7.66
N THR A 145 -15.76 0.56 -8.66
CA THR A 145 -17.23 0.40 -8.66
C THR A 145 -17.61 -1.03 -8.27
N SER A 146 -18.88 -1.31 -8.17
CA SER A 146 -19.31 -2.69 -7.79
C SER A 146 -19.07 -3.65 -8.95
N PHE A 147 -18.23 -4.63 -8.77
CA PHE A 147 -17.97 -5.60 -9.87
C PHE A 147 -19.30 -6.10 -10.43
N ASP A 148 -20.37 -5.90 -9.71
CA ASP A 148 -21.70 -6.35 -10.20
C ASP A 148 -21.97 -5.76 -11.58
N LYS A 149 -21.17 -4.83 -12.00
CA LYS A 149 -21.37 -4.22 -13.34
C LYS A 149 -20.97 -5.22 -14.43
N LEU A 150 -20.53 -6.38 -14.05
CA LEU A 150 -20.13 -7.40 -15.06
C LEU A 150 -19.75 -8.71 -14.37
N PRO A 151 -20.67 -9.21 -13.58
CA PRO A 151 -20.45 -10.47 -12.84
C PRO A 151 -20.89 -11.67 -13.68
N LYS A 152 -19.99 -12.28 -14.39
CA LYS A 152 -20.36 -13.46 -15.21
C LYS A 152 -19.26 -14.52 -15.16
N ASP A 153 -18.20 -14.33 -15.89
CA ASP A 153 -17.09 -15.30 -15.88
C ASP A 153 -15.76 -14.61 -16.19
N VAL A 154 -15.56 -13.44 -15.66
CA VAL A 154 -14.29 -12.71 -15.93
C VAL A 154 -13.25 -13.01 -14.85
N MET A 155 -12.23 -13.76 -15.18
CA MET A 155 -11.18 -14.08 -14.17
C MET A 155 -10.29 -12.86 -13.95
N ALA A 156 -10.03 -12.51 -12.71
CA ALA A 156 -9.17 -11.33 -12.44
C ALA A 156 -8.09 -11.65 -11.41
N THR A 157 -6.88 -11.84 -11.86
CA THR A 157 -5.77 -12.14 -10.92
C THR A 157 -5.07 -10.85 -10.50
N TYR A 158 -4.42 -10.82 -9.37
CA TYR A 158 -3.75 -9.56 -8.95
C TYR A 158 -2.48 -9.86 -8.15
N ARG A 159 -1.62 -8.89 -8.05
CA ARG A 159 -0.35 -9.07 -7.27
C ARG A 159 0.06 -7.72 -6.70
N GLY A 160 0.56 -7.68 -5.50
CA GLY A 160 0.95 -6.36 -4.95
C GLY A 160 1.85 -6.50 -3.73
N THR A 161 1.92 -5.47 -2.94
CA THR A 161 2.76 -5.50 -1.73
C THR A 161 1.90 -5.46 -0.48
N ALA A 162 2.42 -5.94 0.60
CA ALA A 162 1.65 -5.96 1.86
C ALA A 162 2.51 -5.45 3.01
N PHE A 163 1.96 -5.39 4.19
CA PHE A 163 2.75 -4.92 5.36
C PHE A 163 2.28 -5.65 6.61
N GLY A 164 3.17 -6.33 7.30
CA GLY A 164 2.73 -7.07 8.52
C GLY A 164 2.71 -6.13 9.72
N SER A 165 1.64 -6.15 10.47
CA SER A 165 1.54 -5.27 11.67
C SER A 165 2.92 -5.00 12.26
N ASP A 166 3.33 -5.83 13.18
CA ASP A 166 4.68 -5.65 13.79
C ASP A 166 5.75 -5.67 12.71
N ASP A 167 5.38 -5.97 11.51
CA ASP A 167 6.37 -6.00 10.40
C ASP A 167 6.26 -4.72 9.57
N ALA A 168 7.16 -4.52 8.66
CA ALA A 168 7.10 -3.29 7.81
C ALA A 168 7.19 -3.71 6.36
N GLY A 169 6.97 -4.96 6.09
CA GLY A 169 7.04 -5.45 4.70
C GLY A 169 6.01 -6.55 4.49
N GLY A 170 5.50 -6.64 3.31
CA GLY A 170 4.49 -7.68 2.98
C GLY A 170 4.46 -7.88 1.46
N LYS A 171 4.17 -9.06 1.00
CA LYS A 171 4.11 -9.30 -0.49
C LYS A 171 3.16 -10.46 -0.78
N LEU A 172 2.22 -10.30 -1.66
CA LEU A 172 1.28 -11.42 -1.93
C LEU A 172 0.72 -11.38 -3.36
N THR A 173 0.32 -12.51 -3.86
CA THR A 173 -0.28 -12.56 -5.22
C THR A 173 -1.72 -13.05 -5.10
N TYR A 174 -2.66 -12.32 -5.64
CA TYR A 174 -4.08 -12.74 -5.51
C TYR A 174 -4.63 -13.29 -6.82
N THR A 175 -5.58 -14.18 -6.74
CA THR A 175 -6.20 -14.76 -7.95
C THR A 175 -7.70 -14.86 -7.69
N ILE A 176 -8.47 -13.92 -8.16
CA ILE A 176 -9.92 -13.95 -7.90
C ILE A 176 -10.74 -14.15 -9.18
N ASP A 177 -11.53 -15.18 -9.23
CA ASP A 177 -12.37 -15.41 -10.42
C ASP A 177 -13.57 -14.47 -10.34
N PHE A 178 -14.07 -14.04 -11.47
CA PHE A 178 -15.21 -13.06 -11.47
C PHE A 178 -16.21 -13.35 -10.34
N ALA A 179 -16.90 -12.33 -9.90
CA ALA A 179 -17.88 -12.48 -8.80
C ALA A 179 -18.64 -13.81 -8.94
N ALA A 180 -18.96 -14.19 -10.14
CA ALA A 180 -19.68 -15.47 -10.34
C ALA A 180 -18.78 -16.64 -9.96
N LYS A 181 -17.59 -16.35 -9.50
CA LYS A 181 -16.66 -17.45 -9.12
C LYS A 181 -16.14 -17.27 -7.69
N GLN A 182 -14.97 -16.71 -7.52
CA GLN A 182 -14.44 -16.53 -6.13
C GLN A 182 -13.26 -15.54 -6.11
N GLY A 183 -12.74 -15.27 -4.95
CA GLY A 183 -11.59 -14.33 -4.85
C GLY A 183 -10.60 -14.85 -3.79
N HIS A 184 -9.40 -15.16 -4.19
CA HIS A 184 -8.40 -15.69 -3.20
C HIS A 184 -7.00 -15.67 -3.79
N GLY A 185 -6.00 -15.97 -3.00
CA GLY A 185 -4.61 -15.97 -3.51
C GLY A 185 -3.65 -16.36 -2.39
N LYS A 186 -2.39 -16.01 -2.52
CA LYS A 186 -1.41 -16.36 -1.46
C LYS A 186 -0.81 -15.08 -0.86
N ILE A 187 -0.47 -15.11 0.39
CA ILE A 187 0.11 -13.89 1.03
C ILE A 187 1.51 -14.20 1.57
N GLU A 188 2.47 -13.35 1.30
CA GLU A 188 3.85 -13.59 1.79
C GLU A 188 4.45 -12.30 2.32
N HIS A 189 4.33 -12.05 3.59
CA HIS A 189 4.89 -10.79 4.17
C HIS A 189 6.08 -10.31 3.33
N LEU A 190 7.27 -10.62 3.75
CA LEU A 190 8.47 -10.19 2.97
C LEU A 190 8.92 -11.31 2.02
N LYS A 191 10.14 -11.28 1.57
CA LYS A 191 10.63 -12.34 0.65
C LYS A 191 10.39 -13.72 1.26
N SER A 192 10.13 -13.74 2.54
CA SER A 192 9.90 -15.05 3.23
C SER A 192 9.33 -16.07 2.24
N PRO A 193 10.23 -16.76 1.58
CA PRO A 193 9.81 -17.78 0.59
C PRO A 193 9.22 -19.00 1.33
N GLU A 194 9.23 -18.96 2.62
CA GLU A 194 8.66 -20.09 3.40
C GLU A 194 7.94 -19.58 4.65
N LEU A 195 7.89 -18.28 4.84
CA LEU A 195 7.19 -17.74 6.03
C LEU A 195 5.93 -16.99 5.62
N ASN A 196 5.33 -17.41 4.53
CA ASN A 196 4.09 -16.74 4.06
C ASN A 196 2.86 -17.57 4.43
N VAL A 197 1.72 -17.24 3.91
CA VAL A 197 0.50 -18.03 4.27
C VAL A 197 -0.47 -18.07 3.08
N ASP A 198 -1.07 -19.21 2.83
CA ASP A 198 -2.04 -19.31 1.71
C ASP A 198 -3.30 -18.53 2.08
N LEU A 199 -3.68 -17.57 1.28
CA LEU A 199 -4.89 -16.77 1.61
C LEU A 199 -6.08 -17.18 0.76
N ALA A 200 -7.25 -16.90 1.23
CA ALA A 200 -8.49 -17.25 0.48
C ALA A 200 -9.52 -16.13 0.65
N VAL A 201 -10.51 -16.07 -0.19
CA VAL A 201 -11.53 -14.99 -0.05
C VAL A 201 -12.72 -15.22 -0.97
N ALA A 202 -13.80 -14.54 -0.73
CA ALA A 202 -15.00 -14.71 -1.59
C ALA A 202 -15.21 -13.44 -2.42
N TYR A 203 -15.44 -13.58 -3.68
CA TYR A 203 -15.65 -12.38 -4.55
C TYR A 203 -17.14 -12.06 -4.67
N ILE A 204 -17.57 -10.97 -4.10
CA ILE A 204 -19.01 -10.61 -4.20
C ILE A 204 -19.18 -9.29 -4.94
N LYS A 205 -20.38 -8.79 -5.03
CA LYS A 205 -20.61 -7.51 -5.74
C LYS A 205 -20.45 -6.31 -4.78
N PRO A 206 -21.40 -6.20 -3.89
CA PRO A 206 -21.37 -5.08 -2.90
C PRO A 206 -20.26 -5.31 -1.87
N ASP A 207 -19.16 -4.63 -2.01
CA ASP A 207 -18.04 -4.80 -1.03
C ASP A 207 -18.27 -3.94 0.20
N GLU A 208 -17.43 -2.98 0.44
CA GLU A 208 -17.59 -2.11 1.64
C GLU A 208 -18.61 -1.01 1.35
N LYS A 209 -18.71 -0.58 0.12
CA LYS A 209 -19.69 0.49 -0.23
C LYS A 209 -20.44 0.13 -1.51
N HIS A 210 -19.73 -0.18 -2.55
CA HIS A 210 -20.40 -0.55 -3.83
C HIS A 210 -19.38 -1.12 -4.82
N HIS A 211 -18.28 -1.63 -4.34
CA HIS A 211 -17.25 -2.19 -5.26
C HIS A 211 -17.13 -3.71 -5.03
N ALA A 212 -16.20 -4.33 -5.71
CA ALA A 212 -16.03 -5.81 -5.53
C ALA A 212 -15.59 -6.11 -4.09
N VAL A 213 -16.02 -7.22 -3.55
CA VAL A 213 -15.63 -7.56 -2.15
C VAL A 213 -14.73 -8.80 -2.13
N ILE A 214 -13.83 -8.87 -1.20
CA ILE A 214 -12.93 -10.05 -1.11
C ILE A 214 -12.75 -10.44 0.36
N SER A 215 -13.43 -11.46 0.79
CA SER A 215 -13.29 -11.88 2.22
C SER A 215 -13.18 -13.39 2.35
N GLY A 216 -12.28 -13.86 3.18
CA GLY A 216 -12.13 -15.34 3.36
C GLY A 216 -11.16 -15.61 4.52
N SER A 217 -10.28 -16.56 4.34
CA SER A 217 -9.32 -16.87 5.43
C SER A 217 -7.90 -17.01 4.87
N VAL A 218 -6.92 -17.20 5.71
CA VAL A 218 -5.53 -17.35 5.21
C VAL A 218 -4.70 -18.20 6.18
N LEU A 219 -3.88 -19.08 5.67
CA LEU A 219 -3.05 -19.93 6.57
C LEU A 219 -1.84 -20.47 5.82
N TYR A 220 -0.74 -20.65 6.50
CA TYR A 220 0.48 -21.18 5.83
C TYR A 220 0.59 -22.70 6.05
N ASN A 221 1.27 -23.39 5.19
CA ASN A 221 1.40 -24.87 5.36
C ASN A 221 2.20 -25.19 6.62
N GLN A 222 2.90 -24.23 7.14
CA GLN A 222 3.70 -24.48 8.38
C GLN A 222 2.77 -24.77 9.54
N ASP A 223 2.06 -23.78 9.98
CA ASP A 223 1.11 -23.96 11.11
C ASP A 223 0.43 -22.64 11.45
N GLU A 224 0.30 -21.77 10.49
CA GLU A 224 -0.34 -20.45 10.76
C GLU A 224 -1.86 -20.53 10.62
N LYS A 225 -2.56 -19.56 11.13
CA LYS A 225 -4.04 -19.55 11.02
C LYS A 225 -4.53 -18.10 10.96
N GLY A 226 -4.45 -17.50 9.80
CA GLY A 226 -4.88 -16.09 9.68
C GLY A 226 -6.14 -15.97 8.80
N SER A 227 -6.67 -14.79 8.71
CA SER A 227 -7.88 -14.58 7.87
C SER A 227 -7.56 -13.57 6.77
N TYR A 228 -8.51 -13.25 5.93
CA TYR A 228 -8.21 -12.27 4.85
C TYR A 228 -9.48 -11.54 4.38
N SER A 229 -9.41 -10.24 4.35
CA SER A 229 -10.58 -9.43 3.90
C SER A 229 -10.07 -8.17 3.19
N LEU A 230 -10.54 -7.90 2.00
CA LEU A 230 -10.06 -6.68 1.29
C LEU A 230 -11.13 -6.16 0.32
N GLY A 231 -10.85 -5.06 -0.32
CA GLY A 231 -11.83 -4.49 -1.29
C GLY A 231 -11.19 -4.49 -2.69
N ILE A 232 -11.94 -4.86 -3.68
CA ILE A 232 -11.37 -4.90 -5.06
C ILE A 232 -12.13 -3.96 -6.00
N PHE A 233 -11.43 -3.35 -6.91
CA PHE A 233 -12.10 -2.44 -7.87
C PHE A 233 -11.54 -2.66 -9.28
N GLY A 234 -12.39 -2.65 -10.28
CA GLY A 234 -11.90 -2.88 -11.67
C GLY A 234 -12.65 -1.97 -12.64
N GLU A 235 -13.50 -1.11 -12.15
CA GLU A 235 -14.24 -0.20 -13.08
C GLU A 235 -13.34 0.16 -14.24
N LYS A 236 -12.07 0.18 -13.98
CA LYS A 236 -11.05 0.51 -15.01
C LYS A 236 -9.71 0.42 -14.32
N ALA A 237 -9.60 -0.51 -13.41
CA ALA A 237 -8.37 -0.67 -12.62
C ALA A 237 -8.40 -2.00 -11.86
N GLN A 238 -8.02 -3.07 -12.51
CA GLN A 238 -8.04 -4.40 -11.84
C GLN A 238 -7.08 -4.38 -10.65
N GLU A 239 -7.25 -3.43 -9.78
CA GLU A 239 -6.35 -3.32 -8.60
C GLU A 239 -7.06 -3.81 -7.33
N VAL A 240 -6.32 -4.09 -6.29
CA VAL A 240 -6.96 -4.58 -5.04
C VAL A 240 -6.17 -4.07 -3.82
N ALA A 241 -6.85 -3.62 -2.81
CA ALA A 241 -6.14 -3.11 -1.60
C ALA A 241 -6.94 -3.45 -0.34
N GLY A 242 -6.30 -3.98 0.67
CA GLY A 242 -7.04 -4.32 1.91
C GLY A 242 -6.08 -4.83 2.98
N SER A 243 -6.55 -5.64 3.88
CA SER A 243 -5.66 -6.17 4.95
C SER A 243 -6.13 -7.57 5.36
N ALA A 244 -5.50 -8.15 6.34
CA ALA A 244 -5.91 -9.52 6.77
C ALA A 244 -5.46 -9.77 8.21
N GLU A 245 -5.89 -10.86 8.80
CA GLU A 245 -5.48 -11.16 10.19
C GLU A 245 -4.67 -12.45 10.23
N VAL A 246 -3.66 -12.52 11.05
CA VAL A 246 -2.83 -13.76 11.09
C VAL A 246 -2.45 -14.11 12.53
N GLU A 247 -2.94 -15.22 13.02
CA GLU A 247 -2.61 -15.62 14.42
C GLU A 247 -1.62 -16.79 14.40
N THR A 248 -0.63 -16.76 15.25
CA THR A 248 0.36 -17.87 15.29
C THR A 248 -0.06 -18.91 16.32
N ALA A 249 0.68 -19.04 17.39
CA ALA A 249 0.33 -20.04 18.44
C ALA A 249 0.02 -19.34 19.76
N ASN A 250 0.06 -18.04 19.78
CA ASN A 250 -0.23 -17.31 21.04
C ASN A 250 -0.12 -15.79 20.82
N GLY A 251 -0.53 -15.33 19.67
CA GLY A 251 -0.45 -13.87 19.39
C GLY A 251 -1.00 -13.59 17.98
N ILE A 252 -2.06 -12.83 17.89
CA ILE A 252 -2.64 -12.52 16.56
C ILE A 252 -1.91 -11.34 15.92
N HIS A 253 -1.77 -11.35 14.62
CA HIS A 253 -1.07 -10.22 13.94
C HIS A 253 -1.95 -9.66 12.81
N HIS A 254 -1.67 -8.46 12.38
CA HIS A 254 -2.48 -7.85 11.28
C HIS A 254 -1.58 -7.52 10.09
N ILE A 255 -1.91 -8.02 8.93
CA ILE A 255 -1.07 -7.73 7.74
C ILE A 255 -1.83 -6.87 6.72
N GLY A 256 -1.30 -5.73 6.37
CA GLY A 256 -2.00 -4.86 5.38
C GLY A 256 -1.60 -5.30 3.98
N LEU A 257 -2.41 -5.06 2.99
CA LEU A 257 -2.05 -5.51 1.62
C LEU A 257 -2.39 -4.44 0.57
N ALA A 258 -1.65 -4.39 -0.50
CA ALA A 258 -1.93 -3.41 -1.57
C ALA A 258 -1.44 -3.96 -2.91
N ALA A 259 -2.30 -4.22 -3.84
CA ALA A 259 -1.83 -4.79 -5.14
C ALA A 259 -2.64 -4.27 -6.31
N LYS A 260 -2.04 -4.30 -7.48
CA LYS A 260 -2.75 -3.82 -8.70
C LYS A 260 -2.91 -4.98 -9.69
N GLN A 261 -3.75 -4.81 -10.68
CA GLN A 261 -3.96 -5.90 -11.68
C GLN A 261 -2.70 -6.76 -11.80
N MET A 1 3.98 -24.89 -24.14
CA MET A 1 4.33 -24.60 -22.72
C MET A 1 3.11 -24.05 -21.97
N GLY A 2 2.60 -24.79 -21.03
CA GLY A 2 1.41 -24.31 -20.27
C GLY A 2 1.35 -25.03 -18.92
N SER A 3 2.31 -24.79 -18.06
CA SER A 3 2.30 -25.45 -16.74
C SER A 3 3.12 -24.63 -15.73
N SER A 4 4.27 -24.18 -16.12
CA SER A 4 5.11 -23.37 -15.19
C SER A 4 5.67 -22.14 -15.91
N GLY A 5 5.63 -21.00 -15.29
CA GLY A 5 6.17 -19.77 -15.94
C GLY A 5 6.55 -18.75 -14.87
N GLY A 6 7.79 -18.35 -14.83
CA GLY A 6 8.21 -17.34 -13.81
C GLY A 6 7.85 -15.94 -14.28
N GLY A 7 8.68 -14.97 -13.99
CA GLY A 7 8.37 -13.58 -14.43
C GLY A 7 9.67 -12.78 -14.53
N GLY A 8 9.63 -11.51 -14.22
CA GLY A 8 10.87 -10.69 -14.30
C GLY A 8 10.71 -9.45 -13.42
N SER A 9 11.79 -8.90 -12.94
CA SER A 9 11.70 -7.70 -12.07
C SER A 9 13.02 -6.91 -12.13
N GLY A 10 14.12 -7.56 -11.91
CA GLY A 10 15.43 -6.86 -11.94
C GLY A 10 15.96 -6.82 -13.38
N GLY A 11 15.30 -6.10 -14.24
CA GLY A 11 15.75 -6.03 -15.66
C GLY A 11 16.62 -4.78 -15.85
N GLY A 12 16.56 -4.18 -16.99
CA GLY A 12 17.39 -2.95 -17.25
C GLY A 12 16.63 -1.72 -16.74
N GLY A 13 16.07 -0.96 -17.64
CA GLY A 13 15.32 0.26 -17.22
C GLY A 13 14.13 -0.14 -16.35
N VAL A 14 13.78 0.67 -15.39
CA VAL A 14 12.63 0.33 -14.52
C VAL A 14 11.36 0.16 -15.35
N THR A 15 10.29 -0.29 -14.74
CA THR A 15 9.02 -0.48 -15.50
C THR A 15 7.96 0.51 -15.01
N ALA A 16 8.11 1.02 -13.81
CA ALA A 16 7.13 1.99 -13.28
C ALA A 16 7.52 2.43 -11.88
N ASP A 17 6.71 2.11 -10.89
CA ASP A 17 7.04 2.51 -9.50
C ASP A 17 7.57 1.29 -8.72
N ILE A 18 8.39 0.51 -9.35
CA ILE A 18 8.94 -0.69 -8.68
C ILE A 18 10.36 -0.41 -8.19
N GLY A 19 11.30 -0.48 -9.07
CA GLY A 19 12.71 -0.23 -8.69
C GLY A 19 12.84 1.17 -8.10
N THR A 20 14.04 1.71 -8.06
CA THR A 20 14.22 3.07 -7.50
C THR A 20 13.50 4.11 -8.36
N GLY A 21 12.85 3.68 -9.41
CA GLY A 21 12.12 4.65 -10.28
C GLY A 21 11.23 5.54 -9.42
N LEU A 22 10.73 5.03 -8.33
CA LEU A 22 9.86 5.86 -7.44
C LEU A 22 10.66 6.99 -6.81
N ALA A 23 11.90 6.74 -6.46
CA ALA A 23 12.73 7.81 -5.84
C ALA A 23 12.72 9.05 -6.72
N ASP A 24 12.24 8.93 -7.92
CA ASP A 24 12.20 10.10 -8.84
C ASP A 24 10.86 10.81 -8.72
N ALA A 25 9.93 10.22 -8.02
CA ALA A 25 8.58 10.86 -7.86
C ALA A 25 8.62 11.87 -6.71
N LEU A 26 9.57 11.76 -5.83
CA LEU A 26 9.64 12.71 -4.69
C LEU A 26 10.81 13.69 -4.90
N THR A 27 11.85 13.26 -5.55
CA THR A 27 13.01 14.17 -5.79
C THR A 27 12.74 15.06 -7.00
N ALA A 28 11.68 14.80 -7.71
CA ALA A 28 11.36 15.64 -8.91
C ALA A 28 10.17 16.55 -8.60
N PRO A 29 10.48 17.71 -8.11
CA PRO A 29 9.44 18.71 -7.77
C PRO A 29 8.84 19.31 -9.04
N LEU A 30 7.84 20.14 -8.91
CA LEU A 30 7.22 20.77 -10.11
C LEU A 30 8.26 20.92 -11.22
N ASP A 31 7.97 20.41 -12.39
CA ASP A 31 8.94 20.53 -13.52
C ASP A 31 8.22 20.35 -14.86
N HIS A 32 8.32 21.33 -15.73
CA HIS A 32 7.64 21.21 -17.05
C HIS A 32 8.25 20.06 -17.85
N LYS A 33 9.25 19.42 -17.31
CA LYS A 33 9.89 18.29 -18.04
C LYS A 33 8.92 17.12 -18.17
N ASP A 34 7.74 17.26 -17.62
CA ASP A 34 6.74 16.16 -17.70
C ASP A 34 5.93 16.29 -18.99
N LYS A 35 5.37 15.20 -19.48
CA LYS A 35 4.57 15.26 -20.72
C LYS A 35 3.27 16.03 -20.47
N GLY A 36 2.47 15.58 -19.55
CA GLY A 36 1.19 16.29 -19.26
C GLY A 36 1.10 16.59 -17.76
N LEU A 37 1.16 15.58 -16.93
CA LEU A 37 1.08 15.82 -15.46
C LEU A 37 2.49 15.89 -14.86
N LYS A 38 2.74 16.86 -14.02
CA LYS A 38 4.09 16.98 -13.40
C LYS A 38 4.06 16.47 -11.96
N SER A 39 2.89 16.35 -11.39
CA SER A 39 2.80 15.86 -9.98
C SER A 39 1.34 15.90 -9.50
N LEU A 40 1.11 15.61 -8.25
CA LEU A 40 -0.29 15.63 -7.73
C LEU A 40 -0.28 16.02 -6.25
N THR A 41 -1.23 16.82 -5.84
CA THR A 41 -1.29 17.24 -4.41
C THR A 41 -2.55 16.68 -3.75
N LEU A 42 -2.39 15.88 -2.72
CA LEU A 42 -3.58 15.31 -2.03
C LEU A 42 -4.32 16.40 -1.24
N GLU A 43 -5.56 16.17 -0.93
CA GLU A 43 -6.34 17.19 -0.16
C GLU A 43 -5.47 17.78 0.96
N ASP A 44 -5.98 18.74 1.68
CA ASP A 44 -5.19 19.35 2.78
C ASP A 44 -5.26 18.48 4.03
N SER A 45 -5.30 17.18 3.86
CA SER A 45 -5.36 16.27 5.05
C SER A 45 -4.66 16.92 6.25
N ILE A 46 -3.55 17.56 6.01
CA ILE A 46 -2.83 18.21 7.14
C ILE A 46 -3.01 19.73 7.09
N SER A 47 -2.12 20.46 7.71
CA SER A 47 -2.23 21.94 7.70
C SER A 47 -0.97 22.55 8.33
N GLN A 48 -0.92 23.85 8.45
CA GLN A 48 0.28 24.49 9.06
C GLN A 48 0.64 23.79 10.36
N ASN A 49 -0.28 23.04 10.90
CA ASN A 49 0.00 22.31 12.17
C ASN A 49 0.35 20.85 11.88
N GLY A 50 1.31 20.63 11.05
CA GLY A 50 1.70 19.24 10.71
C GLY A 50 2.85 19.26 9.70
N THR A 51 4.07 19.24 10.17
CA THR A 51 5.23 19.26 9.24
C THR A 51 5.98 17.92 9.31
N LEU A 52 6.34 17.37 8.18
CA LEU A 52 7.07 16.07 8.19
C LEU A 52 7.76 15.84 6.84
N THR A 53 8.72 14.95 6.81
CA THR A 53 9.42 14.67 5.53
C THR A 53 9.28 13.18 5.17
N LEU A 54 9.38 12.86 3.91
CA LEU A 54 9.24 11.43 3.50
C LEU A 54 10.40 11.04 2.57
N SER A 55 11.03 9.93 2.83
CA SER A 55 12.16 9.49 1.97
C SER A 55 11.77 8.24 1.18
N ALA A 56 12.25 8.11 -0.03
CA ALA A 56 11.90 6.91 -0.85
C ALA A 56 13.17 6.07 -1.11
N GLN A 57 13.06 5.09 -1.95
CA GLN A 57 14.24 4.23 -2.25
C GLN A 57 15.22 4.98 -3.16
N GLY A 58 15.46 6.23 -2.87
CA GLY A 58 16.41 7.02 -3.71
C GLY A 58 16.51 8.44 -3.17
N ALA A 59 15.39 9.04 -2.83
CA ALA A 59 15.42 10.42 -2.29
C ALA A 59 14.19 10.69 -1.42
N GLU A 60 14.11 11.85 -0.83
CA GLU A 60 12.94 12.16 0.04
C GLU A 60 12.34 13.52 -0.32
N LYS A 61 11.09 13.73 0.01
CA LYS A 61 10.45 15.04 -0.32
C LYS A 61 9.69 15.57 0.89
N THR A 62 9.97 16.78 1.29
CA THR A 62 9.26 17.36 2.47
C THR A 62 7.75 17.26 2.28
N TYR A 63 7.03 16.85 3.30
CA TYR A 63 5.55 16.73 3.17
C TYR A 63 4.86 17.58 4.25
N GLY A 64 4.18 18.62 3.84
CA GLY A 64 3.48 19.48 4.84
C GLY A 64 2.00 19.56 4.48
N ASN A 65 1.31 20.55 4.98
CA ASN A 65 -0.14 20.68 4.66
C ASN A 65 -0.36 20.55 3.16
N GLY A 66 -1.33 19.76 2.75
CA GLY A 66 -1.59 19.58 1.30
C GLY A 66 -0.74 18.43 0.78
N ASP A 67 0.24 18.01 1.53
CA ASP A 67 1.11 16.89 1.08
C ASP A 67 1.16 16.84 -0.46
N SER A 68 2.14 17.44 -1.06
CA SER A 68 2.23 17.42 -2.54
C SER A 68 3.05 16.22 -3.01
N LEU A 69 2.56 15.49 -3.98
CA LEU A 69 3.32 14.31 -4.47
C LEU A 69 3.83 14.57 -5.89
N ASN A 70 5.06 14.20 -6.16
CA ASN A 70 5.61 14.43 -7.52
C ASN A 70 5.64 13.11 -8.31
N THR A 71 5.16 13.13 -9.52
CA THR A 71 5.16 11.88 -10.34
C THR A 71 4.74 12.19 -11.78
N GLY A 72 5.25 13.27 -12.34
CA GLY A 72 4.89 13.62 -13.74
C GLY A 72 5.36 12.52 -14.69
N LYS A 73 4.81 11.34 -14.57
CA LYS A 73 5.23 10.23 -15.47
C LYS A 73 4.44 8.96 -15.12
N LEU A 74 4.46 8.55 -13.89
CA LEU A 74 3.72 7.31 -13.49
C LEU A 74 2.42 7.18 -14.29
N LYS A 75 1.85 6.01 -14.30
CA LYS A 75 0.59 5.81 -15.07
C LYS A 75 -0.42 5.02 -14.22
N ASN A 76 -0.99 3.99 -14.78
CA ASN A 76 -1.98 3.18 -14.01
C ASN A 76 -1.37 2.73 -12.67
N ASP A 77 -1.88 1.66 -12.12
CA ASP A 77 -1.36 1.14 -10.81
C ASP A 77 -0.29 2.06 -10.24
N LYS A 78 -0.65 3.28 -9.99
CA LYS A 78 0.32 4.25 -9.43
C LYS A 78 0.52 4.01 -7.94
N VAL A 79 1.57 3.34 -7.57
CA VAL A 79 1.82 3.06 -6.12
C VAL A 79 2.70 4.16 -5.52
N SER A 80 2.73 4.25 -4.22
CA SER A 80 3.56 5.31 -3.57
C SER A 80 3.91 4.88 -2.14
N ARG A 81 5.10 4.40 -1.92
CA ARG A 81 5.50 3.97 -0.55
C ARG A 81 6.74 4.74 -0.09
N PHE A 82 6.65 5.39 1.03
CA PHE A 82 7.83 6.16 1.54
C PHE A 82 7.69 6.41 3.05
N ASP A 83 8.79 6.42 3.76
CA ASP A 83 8.72 6.65 5.23
C ASP A 83 8.84 8.15 5.53
N PHE A 84 8.13 8.61 6.53
CA PHE A 84 8.20 10.06 6.88
C PHE A 84 7.94 10.25 8.37
N ILE A 85 8.38 11.36 8.92
CA ILE A 85 8.16 11.60 10.37
C ILE A 85 7.08 12.68 10.56
N ARG A 86 5.91 12.30 11.01
CA ARG A 86 4.83 13.30 11.21
C ARG A 86 4.97 13.96 12.59
N GLN A 87 5.21 15.24 12.63
CA GLN A 87 5.37 15.94 13.93
C GLN A 87 4.99 17.42 13.80
N ILE A 88 4.31 17.95 14.78
CA ILE A 88 3.92 19.39 14.72
C ILE A 88 4.38 20.11 15.98
N GLU A 89 5.32 21.01 15.86
CA GLU A 89 5.80 21.74 17.07
C GLU A 89 6.06 23.20 16.73
N VAL A 90 5.40 24.09 17.43
CA VAL A 90 5.61 25.54 17.16
C VAL A 90 6.19 26.21 18.40
N ASP A 91 6.82 27.35 18.23
CA ASP A 91 7.42 28.06 19.41
C ASP A 91 6.33 28.43 20.42
N GLY A 92 5.11 28.07 20.16
CA GLY A 92 4.00 28.39 21.10
C GLY A 92 2.76 27.59 20.73
N GLN A 93 2.92 26.50 20.02
CA GLN A 93 1.75 25.68 19.64
C GLN A 93 2.05 24.20 19.87
N LEU A 94 1.31 23.33 19.27
CA LEU A 94 1.52 21.86 19.48
C LEU A 94 3.01 21.51 19.42
N ILE A 95 3.33 20.26 19.64
CA ILE A 95 4.76 19.83 19.61
C ILE A 95 4.84 18.30 19.56
N THR A 96 3.78 17.65 19.18
CA THR A 96 3.79 16.17 19.12
C THR A 96 4.88 15.68 18.15
N LEU A 97 5.37 14.49 18.34
CA LEU A 97 6.42 13.96 17.43
C LEU A 97 6.23 12.46 17.20
N GLU A 98 6.24 12.03 15.97
CA GLU A 98 6.06 10.58 15.68
C GLU A 98 6.47 10.27 14.24
N SER A 99 6.96 9.08 14.00
CA SER A 99 7.39 8.71 12.62
C SER A 99 6.80 7.35 12.23
N GLY A 100 6.75 7.05 10.96
CA GLY A 100 6.20 5.74 10.53
C GLY A 100 6.36 5.59 9.02
N GLU A 101 5.53 4.79 8.40
CA GLU A 101 5.63 4.60 6.92
C GLU A 101 4.37 5.13 6.23
N PHE A 102 4.45 5.41 4.95
CA PHE A 102 3.25 5.93 4.23
C PHE A 102 3.03 5.14 2.94
N GLN A 103 1.88 4.57 2.77
CA GLN A 103 1.60 3.79 1.53
C GLN A 103 0.44 4.44 0.76
N VAL A 104 0.65 4.77 -0.48
CA VAL A 104 -0.45 5.40 -1.27
C VAL A 104 -0.55 4.76 -2.65
N TYR A 105 -1.72 4.31 -3.03
CA TYR A 105 -1.88 3.67 -4.36
C TYR A 105 -2.80 4.52 -5.25
N LYS A 106 -2.71 4.36 -6.55
CA LYS A 106 -3.59 5.16 -7.45
C LYS A 106 -4.24 4.25 -8.49
N GLN A 107 -5.52 4.41 -8.72
CA GLN A 107 -6.21 3.54 -9.72
C GLN A 107 -6.37 4.29 -11.03
N SER A 108 -7.57 4.37 -11.54
CA SER A 108 -7.79 5.09 -12.83
C SER A 108 -8.29 6.52 -12.57
N HIS A 109 -9.29 6.66 -11.74
CA HIS A 109 -9.82 8.03 -11.45
C HIS A 109 -9.78 8.29 -9.95
N SER A 110 -8.90 7.63 -9.23
CA SER A 110 -8.82 7.84 -7.76
C SER A 110 -7.51 7.26 -7.22
N ALA A 111 -7.43 7.05 -5.94
CA ALA A 111 -6.19 6.48 -5.34
C ALA A 111 -6.41 6.15 -3.87
N LEU A 112 -5.91 5.03 -3.42
CA LEU A 112 -6.09 4.65 -1.99
C LEU A 112 -4.78 4.88 -1.23
N THR A 113 -4.79 4.75 0.07
CA THR A 113 -3.54 4.97 0.85
C THR A 113 -3.59 4.23 2.19
N ALA A 114 -2.48 4.18 2.87
CA ALA A 114 -2.43 3.50 4.19
C ALA A 114 -1.32 4.10 5.05
N LEU A 115 -1.64 4.57 6.22
CA LEU A 115 -0.59 5.18 7.09
C LEU A 115 -0.02 4.13 8.06
N GLN A 116 1.26 4.18 8.29
CA GLN A 116 1.88 3.20 9.23
C GLN A 116 2.80 3.92 10.21
N THR A 117 2.81 3.51 11.44
CA THR A 117 3.68 4.18 12.45
C THR A 117 4.78 3.22 12.92
N GLU A 118 5.78 3.73 13.60
CA GLU A 118 6.88 2.84 14.08
C GLU A 118 7.53 3.45 15.32
N GLN A 119 7.60 4.75 15.41
CA GLN A 119 8.23 5.39 16.60
C GLN A 119 7.23 6.32 17.30
N GLU A 120 7.43 6.55 18.57
CA GLU A 120 6.50 7.44 19.32
C GLU A 120 7.17 7.98 20.59
N GLN A 121 6.57 8.95 21.22
CA GLN A 121 7.17 9.52 22.46
C GLN A 121 6.08 10.02 23.39
N ASP A 122 6.30 10.01 24.68
CA ASP A 122 5.25 10.51 25.62
C ASP A 122 5.85 11.30 26.77
N PRO A 123 5.69 12.60 26.68
CA PRO A 123 6.22 13.52 27.71
C PRO A 123 5.40 13.45 29.00
N GLU A 124 5.17 12.28 29.51
CA GLU A 124 4.38 12.17 30.77
C GLU A 124 5.36 12.09 31.94
N HIS A 125 6.53 11.63 31.67
CA HIS A 125 7.59 11.51 32.71
C HIS A 125 8.84 10.92 32.07
N SER A 126 8.82 9.65 31.84
CA SER A 126 9.97 8.96 31.19
C SER A 126 9.48 8.26 29.92
N GLU A 127 8.31 8.62 29.44
CA GLU A 127 7.77 7.95 28.22
C GLU A 127 7.85 8.88 27.00
N LYS A 128 8.47 10.01 27.14
CA LYS A 128 8.59 10.97 25.98
C LYS A 128 9.27 10.32 24.79
N MET A 129 9.49 9.06 24.85
CA MET A 129 10.12 8.36 23.70
C MET A 129 9.77 6.87 23.75
N VAL A 130 9.03 6.39 22.80
CA VAL A 130 8.68 4.95 22.78
C VAL A 130 8.45 4.46 21.35
N ALA A 131 8.24 3.18 21.18
CA ALA A 131 8.01 2.65 19.80
C ALA A 131 6.69 1.88 19.74
N LYS A 132 5.74 2.36 18.99
CA LYS A 132 4.43 1.66 18.90
C LYS A 132 4.12 1.27 17.45
N ARG A 133 3.19 0.40 17.24
CA ARG A 133 2.84 -0.01 15.84
C ARG A 133 1.44 0.46 15.48
N ARG A 134 1.33 1.47 14.66
CA ARG A 134 -0.03 1.97 14.28
C ARG A 134 -0.16 1.97 12.75
N PHE A 135 -1.04 1.16 12.23
CA PHE A 135 -1.21 1.12 10.74
C PHE A 135 -2.65 1.49 10.37
N ARG A 136 -2.84 2.61 9.73
CA ARG A 136 -4.21 3.03 9.33
C ARG A 136 -4.37 2.92 7.81
N ILE A 137 -5.11 1.95 7.35
CA ILE A 137 -5.29 1.80 5.88
C ILE A 137 -6.43 2.70 5.39
N GLY A 138 -6.16 3.51 4.40
CA GLY A 138 -7.23 4.42 3.88
C GLY A 138 -7.59 3.99 2.45
N ASP A 139 -7.80 2.73 2.23
CA ASP A 139 -8.16 2.25 0.87
C ASP A 139 -9.41 2.98 0.36
N ILE A 140 -9.27 4.23 0.05
CA ILE A 140 -10.43 5.01 -0.45
C ILE A 140 -10.89 4.47 -1.81
N ALA A 141 -11.58 5.27 -2.56
CA ALA A 141 -12.05 4.82 -3.90
C ALA A 141 -12.42 6.03 -4.77
N GLY A 142 -12.80 5.79 -6.00
CA GLY A 142 -13.17 6.93 -6.89
C GLY A 142 -13.67 6.39 -8.23
N GLU A 143 -13.10 5.32 -8.71
CA GLU A 143 -13.54 4.74 -10.01
C GLU A 143 -14.53 3.60 -9.79
N HIS A 144 -15.52 3.49 -10.62
CA HIS A 144 -16.51 2.39 -10.47
C HIS A 144 -15.79 1.05 -10.33
N THR A 145 -15.38 0.71 -9.14
CA THR A 145 -14.67 -0.58 -8.94
C THR A 145 -15.67 -1.72 -8.73
N SER A 146 -16.94 -1.44 -8.85
CA SER A 146 -17.96 -2.52 -8.65
C SER A 146 -17.72 -3.65 -9.64
N PHE A 147 -16.95 -4.64 -9.26
CA PHE A 147 -16.68 -5.77 -10.19
C PHE A 147 -17.88 -6.01 -11.11
N ASP A 148 -19.07 -5.73 -10.63
CA ASP A 148 -20.27 -5.92 -11.48
C ASP A 148 -20.27 -4.94 -12.65
N LYS A 149 -19.24 -4.15 -12.77
CA LYS A 149 -19.18 -3.16 -13.89
C LYS A 149 -18.10 -3.56 -14.90
N LEU A 150 -17.44 -4.67 -14.69
CA LEU A 150 -16.38 -5.09 -15.65
C LEU A 150 -16.11 -6.60 -15.51
N PRO A 151 -15.65 -6.99 -14.35
CA PRO A 151 -15.37 -8.43 -14.10
C PRO A 151 -16.68 -9.24 -14.08
N LYS A 152 -17.14 -9.65 -15.23
CA LYS A 152 -18.41 -10.44 -15.27
C LYS A 152 -18.09 -11.94 -15.37
N ASP A 153 -17.79 -12.41 -16.54
CA ASP A 153 -17.47 -13.85 -16.71
C ASP A 153 -16.02 -13.99 -17.17
N VAL A 154 -15.16 -13.14 -16.70
CA VAL A 154 -13.73 -13.23 -17.11
C VAL A 154 -12.82 -13.31 -15.88
N MET A 155 -11.98 -14.31 -15.82
CA MET A 155 -11.06 -14.44 -14.66
C MET A 155 -10.15 -13.22 -14.56
N ALA A 156 -9.76 -12.85 -13.37
CA ALA A 156 -8.86 -11.67 -13.21
C ALA A 156 -7.97 -11.83 -11.98
N THR A 157 -6.72 -12.17 -12.18
CA THR A 157 -5.81 -12.34 -11.03
C THR A 157 -5.21 -10.99 -10.62
N TYR A 158 -4.91 -10.81 -9.36
CA TYR A 158 -4.33 -9.52 -8.91
C TYR A 158 -3.02 -9.76 -8.16
N ARG A 159 -2.15 -8.80 -8.13
CA ARG A 159 -0.85 -8.97 -7.41
C ARG A 159 -0.37 -7.62 -6.89
N GLY A 160 0.31 -7.60 -5.77
CA GLY A 160 0.78 -6.29 -5.24
C GLY A 160 1.76 -6.49 -4.10
N THR A 161 1.85 -5.51 -3.24
CA THR A 161 2.78 -5.61 -2.08
C THR A 161 2.00 -5.58 -0.78
N ALA A 162 2.53 -6.17 0.25
CA ALA A 162 1.83 -6.19 1.55
C ALA A 162 2.77 -5.77 2.69
N PHE A 163 2.27 -5.73 3.89
CA PHE A 163 3.12 -5.34 5.04
C PHE A 163 2.62 -6.03 6.30
N GLY A 164 3.50 -6.64 7.06
CA GLY A 164 3.05 -7.34 8.30
C GLY A 164 2.93 -6.33 9.46
N SER A 165 1.96 -6.51 10.31
CA SER A 165 1.77 -5.58 11.46
C SER A 165 3.11 -4.94 11.84
N ASP A 166 3.73 -5.44 12.87
CA ASP A 166 5.03 -4.87 13.31
C ASP A 166 6.08 -5.03 12.20
N ASP A 167 5.71 -5.64 11.11
CA ASP A 167 6.67 -5.82 9.99
C ASP A 167 6.54 -4.64 9.01
N ALA A 168 7.42 -4.56 8.05
CA ALA A 168 7.34 -3.46 7.06
C ALA A 168 7.39 -4.04 5.66
N GLY A 169 7.29 -5.34 5.57
CA GLY A 169 7.33 -6.00 4.25
C GLY A 169 6.19 -7.03 4.15
N GLY A 170 5.66 -7.17 2.98
CA GLY A 170 4.54 -8.13 2.75
C GLY A 170 4.28 -8.26 1.25
N LYS A 171 3.59 -9.28 0.84
CA LYS A 171 3.31 -9.46 -0.61
C LYS A 171 1.92 -10.09 -0.78
N LEU A 172 1.21 -9.76 -1.83
CA LEU A 172 -0.14 -10.36 -1.99
C LEU A 172 -0.45 -10.71 -3.46
N THR A 173 -0.20 -11.93 -3.83
CA THR A 173 -0.51 -12.36 -5.23
C THR A 173 -1.84 -13.12 -5.20
N TYR A 174 -2.85 -12.61 -5.84
CA TYR A 174 -4.17 -13.32 -5.79
C TYR A 174 -4.70 -13.67 -7.18
N THR A 175 -5.50 -14.69 -7.24
CA THR A 175 -6.11 -15.11 -8.54
C THR A 175 -7.62 -15.04 -8.35
N ILE A 176 -8.24 -13.99 -8.83
CA ILE A 176 -9.71 -13.85 -8.63
C ILE A 176 -10.49 -14.05 -9.92
N ASP A 177 -11.20 -15.14 -10.02
CA ASP A 177 -12.02 -15.37 -11.22
C ASP A 177 -13.23 -14.44 -11.13
N PHE A 178 -13.67 -13.91 -12.25
CA PHE A 178 -14.80 -12.93 -12.23
C PHE A 178 -15.85 -13.27 -11.17
N ALA A 179 -16.67 -12.29 -10.82
CA ALA A 179 -17.71 -12.48 -9.79
C ALA A 179 -18.29 -13.91 -9.82
N ALA A 180 -18.66 -14.38 -10.97
CA ALA A 180 -19.22 -15.76 -11.05
C ALA A 180 -18.12 -16.80 -10.82
N LYS A 181 -17.22 -16.54 -9.91
CA LYS A 181 -16.13 -17.53 -9.66
C LYS A 181 -15.57 -17.38 -8.24
N GLN A 182 -14.42 -16.77 -8.09
CA GLN A 182 -13.83 -16.64 -6.72
C GLN A 182 -12.72 -15.60 -6.67
N GLY A 183 -12.16 -15.38 -5.50
CA GLY A 183 -11.06 -14.39 -5.35
C GLY A 183 -10.11 -14.84 -4.23
N HIS A 184 -9.08 -15.56 -4.57
CA HIS A 184 -8.14 -16.03 -3.50
C HIS A 184 -6.69 -15.82 -3.94
N GLY A 185 -5.76 -15.80 -3.03
CA GLY A 185 -4.34 -15.60 -3.42
C GLY A 185 -3.41 -16.22 -2.38
N LYS A 186 -2.19 -15.78 -2.35
CA LYS A 186 -1.21 -16.32 -1.36
C LYS A 186 -0.55 -15.18 -0.61
N ILE A 187 -0.42 -15.29 0.69
CA ILE A 187 0.22 -14.19 1.46
C ILE A 187 1.74 -14.40 1.50
N GLU A 188 2.49 -13.53 0.89
CA GLU A 188 3.97 -13.69 0.88
C GLU A 188 4.61 -12.74 1.90
N HIS A 189 4.84 -13.22 3.09
CA HIS A 189 5.47 -12.36 4.12
C HIS A 189 6.93 -12.74 4.34
N LEU A 190 7.81 -12.19 3.55
CA LEU A 190 9.26 -12.52 3.67
C LEU A 190 9.65 -12.82 5.11
N LYS A 191 10.35 -11.92 5.74
CA LYS A 191 10.78 -12.16 7.15
C LYS A 191 9.64 -11.87 8.13
N SER A 192 8.51 -11.46 7.63
CA SER A 192 7.36 -11.17 8.54
C SER A 192 6.97 -12.42 9.31
N PRO A 193 6.07 -12.26 10.23
CA PRO A 193 5.59 -13.41 11.05
C PRO A 193 4.69 -14.33 10.23
N GLU A 194 4.97 -14.49 8.96
CA GLU A 194 4.13 -15.38 8.11
C GLU A 194 4.81 -15.64 6.77
N LEU A 195 6.10 -15.91 6.79
CA LEU A 195 6.85 -16.18 5.53
C LEU A 195 5.92 -16.22 4.33
N ASN A 196 5.11 -17.22 4.26
CA ASN A 196 4.15 -17.36 3.13
C ASN A 196 3.08 -18.41 3.45
N VAL A 197 1.84 -18.09 3.24
CA VAL A 197 0.75 -19.07 3.55
C VAL A 197 -0.25 -19.15 2.39
N ASP A 198 -1.13 -20.12 2.42
CA ASP A 198 -2.13 -20.27 1.32
C ASP A 198 -3.33 -19.35 1.57
N LEU A 199 -3.42 -18.28 0.84
CA LEU A 199 -4.56 -17.34 1.02
C LEU A 199 -5.78 -17.76 0.21
N ALA A 200 -6.90 -17.91 0.84
CA ALA A 200 -8.14 -18.30 0.12
C ALA A 200 -9.24 -17.28 0.41
N VAL A 201 -9.77 -16.63 -0.58
CA VAL A 201 -10.83 -15.61 -0.30
C VAL A 201 -11.89 -15.60 -1.42
N ALA A 202 -13.02 -15.00 -1.14
CA ALA A 202 -14.10 -14.90 -2.14
C ALA A 202 -14.35 -13.43 -2.45
N TYR A 203 -14.27 -13.05 -3.71
CA TYR A 203 -14.49 -11.62 -4.06
C TYR A 203 -15.94 -11.40 -4.50
N ILE A 204 -16.64 -10.52 -3.84
CA ILE A 204 -18.05 -10.24 -4.22
C ILE A 204 -18.11 -9.04 -5.15
N LYS A 205 -19.30 -8.65 -5.56
CA LYS A 205 -19.42 -7.49 -6.49
C LYS A 205 -19.47 -6.17 -5.70
N PRO A 206 -20.59 -5.93 -5.07
CA PRO A 206 -20.76 -4.69 -4.28
C PRO A 206 -19.93 -4.74 -2.99
N ASP A 207 -18.97 -3.87 -2.84
CA ASP A 207 -18.14 -3.87 -1.60
C ASP A 207 -18.56 -2.71 -0.69
N GLU A 208 -17.63 -1.94 -0.22
CA GLU A 208 -17.98 -0.80 0.68
C GLU A 208 -19.12 0.01 0.09
N LYS A 209 -19.00 0.41 -1.16
CA LYS A 209 -20.09 1.21 -1.79
C LYS A 209 -20.43 0.64 -3.17
N HIS A 210 -19.46 0.52 -4.02
CA HIS A 210 -19.72 -0.03 -5.39
C HIS A 210 -18.46 -0.69 -5.94
N HIS A 211 -17.66 -1.28 -5.09
CA HIS A 211 -16.42 -1.94 -5.58
C HIS A 211 -16.47 -3.43 -5.26
N ALA A 212 -15.49 -4.17 -5.68
CA ALA A 212 -15.49 -5.63 -5.38
C ALA A 212 -14.99 -5.89 -3.96
N VAL A 213 -15.58 -6.81 -3.27
CA VAL A 213 -15.14 -7.10 -1.88
C VAL A 213 -14.23 -8.33 -1.85
N ILE A 214 -13.50 -8.52 -0.78
CA ILE A 214 -12.59 -9.70 -0.70
C ILE A 214 -12.50 -10.19 0.75
N SER A 215 -13.20 -11.25 1.07
CA SER A 215 -13.14 -11.76 2.47
C SER A 215 -12.75 -13.25 2.47
N GLY A 216 -11.62 -13.57 3.03
CA GLY A 216 -11.20 -15.00 3.07
C GLY A 216 -10.28 -15.22 4.27
N SER A 217 -9.58 -16.32 4.31
CA SER A 217 -8.68 -16.58 5.46
C SER A 217 -7.34 -17.16 4.97
N VAL A 218 -6.27 -16.84 5.65
CA VAL A 218 -4.95 -17.37 5.23
C VAL A 218 -4.67 -18.68 5.97
N LEU A 219 -4.20 -19.69 5.28
CA LEU A 219 -3.93 -20.99 5.97
C LEU A 219 -2.59 -21.57 5.52
N TYR A 220 -1.80 -22.00 6.46
CA TYR A 220 -0.48 -22.60 6.12
C TYR A 220 -0.59 -24.12 6.11
N ASN A 221 0.29 -24.78 5.40
CA ASN A 221 0.24 -26.27 5.32
C ASN A 221 -0.66 -26.85 6.41
N GLN A 222 -0.40 -26.48 7.62
CA GLN A 222 -1.23 -26.97 8.75
C GLN A 222 -0.71 -26.40 10.07
N ASP A 223 -0.08 -25.26 10.03
CA ASP A 223 0.45 -24.67 11.29
C ASP A 223 -0.02 -23.21 11.47
N GLU A 224 -0.72 -22.68 10.51
CA GLU A 224 -1.19 -21.27 10.64
C GLU A 224 -2.71 -21.18 10.49
N LYS A 225 -3.29 -20.18 11.10
CA LYS A 225 -4.77 -19.99 10.99
C LYS A 225 -5.08 -18.50 10.98
N GLY A 226 -4.88 -17.85 9.87
CA GLY A 226 -5.15 -16.40 9.79
C GLY A 226 -6.41 -16.10 8.99
N SER A 227 -6.83 -14.87 8.98
CA SER A 227 -8.05 -14.48 8.23
C SER A 227 -7.69 -13.45 7.15
N TYR A 228 -8.54 -13.24 6.19
CA TYR A 228 -8.21 -12.25 5.12
C TYR A 228 -9.43 -11.39 4.77
N SER A 229 -9.25 -10.10 4.71
CA SER A 229 -10.38 -9.19 4.36
C SER A 229 -9.83 -7.98 3.59
N LEU A 230 -10.27 -7.77 2.38
CA LEU A 230 -9.74 -6.61 1.60
C LEU A 230 -10.77 -6.11 0.57
N GLY A 231 -10.48 -5.00 -0.04
CA GLY A 231 -11.40 -4.45 -1.07
C GLY A 231 -10.67 -4.44 -2.41
N ILE A 232 -11.35 -4.75 -3.49
CA ILE A 232 -10.66 -4.76 -4.81
C ILE A 232 -11.21 -3.69 -5.75
N PHE A 233 -10.33 -3.01 -6.42
CA PHE A 233 -10.76 -1.95 -7.38
C PHE A 233 -10.39 -2.39 -8.80
N GLY A 234 -11.01 -1.80 -9.79
CA GLY A 234 -10.70 -2.18 -11.21
C GLY A 234 -9.67 -3.31 -11.25
N GLU A 235 -10.10 -4.53 -11.02
CA GLU A 235 -9.13 -5.66 -11.03
C GLU A 235 -8.44 -5.74 -12.39
N LYS A 236 -9.14 -5.47 -13.45
CA LYS A 236 -8.52 -5.51 -14.79
C LYS A 236 -8.42 -4.09 -15.35
N ALA A 237 -8.18 -3.15 -14.48
CA ALA A 237 -8.08 -1.74 -14.94
C ALA A 237 -7.59 -0.84 -13.79
N GLN A 238 -7.88 -1.20 -12.58
CA GLN A 238 -7.44 -0.36 -11.43
C GLN A 238 -6.49 -1.15 -10.51
N GLU A 239 -6.97 -1.63 -9.40
CA GLU A 239 -6.07 -2.40 -8.48
C GLU A 239 -6.87 -3.10 -7.38
N VAL A 240 -6.19 -3.65 -6.41
CA VAL A 240 -6.90 -4.35 -5.30
C VAL A 240 -6.02 -4.32 -4.04
N ALA A 241 -6.49 -3.72 -2.98
CA ALA A 241 -5.67 -3.66 -1.73
C ALA A 241 -6.56 -3.74 -0.50
N GLY A 242 -6.00 -4.12 0.62
CA GLY A 242 -6.81 -4.21 1.86
C GLY A 242 -5.92 -4.68 3.02
N SER A 243 -6.49 -5.34 3.99
CA SER A 243 -5.68 -5.83 5.15
C SER A 243 -6.19 -7.20 5.58
N ALA A 244 -5.64 -7.75 6.62
CA ALA A 244 -6.11 -9.09 7.07
C ALA A 244 -5.59 -9.39 8.47
N GLU A 245 -6.06 -10.45 9.08
CA GLU A 245 -5.59 -10.79 10.45
C GLU A 245 -5.06 -12.23 10.46
N VAL A 246 -3.95 -12.45 11.11
CA VAL A 246 -3.39 -13.82 11.14
C VAL A 246 -3.26 -14.32 12.58
N GLU A 247 -3.67 -15.53 12.84
CA GLU A 247 -3.56 -16.08 14.22
C GLU A 247 -2.57 -17.25 14.25
N THR A 248 -1.54 -17.15 15.05
CA THR A 248 -0.55 -18.25 15.14
C THR A 248 -0.90 -19.19 16.30
N ALA A 249 0.00 -20.07 16.65
CA ALA A 249 -0.30 -21.00 17.78
C ALA A 249 -0.43 -20.22 19.08
N ASN A 250 -0.13 -18.96 19.05
CA ASN A 250 -0.23 -18.14 20.30
C ASN A 250 0.17 -16.69 20.02
N GLY A 251 -0.36 -16.09 18.99
CA GLY A 251 0.00 -14.68 18.68
C GLY A 251 -0.75 -14.21 17.44
N ILE A 252 -1.70 -13.32 17.61
CA ILE A 252 -2.46 -12.82 16.44
C ILE A 252 -1.74 -11.64 15.79
N HIS A 253 -1.50 -11.70 14.51
CA HIS A 253 -0.80 -10.57 13.83
C HIS A 253 -1.68 -9.97 12.73
N HIS A 254 -1.37 -8.78 12.31
CA HIS A 254 -2.19 -8.14 11.24
C HIS A 254 -1.32 -7.85 10.02
N ILE A 255 -1.77 -8.21 8.84
CA ILE A 255 -0.95 -7.96 7.63
C ILE A 255 -1.68 -7.04 6.65
N GLY A 256 -1.06 -5.95 6.29
CA GLY A 256 -1.71 -5.01 5.33
C GLY A 256 -1.37 -5.43 3.91
N LEU A 257 -2.22 -5.15 2.96
CA LEU A 257 -1.91 -5.57 1.55
C LEU A 257 -2.25 -4.46 0.57
N ALA A 258 -1.55 -4.39 -0.53
CA ALA A 258 -1.83 -3.35 -1.55
C ALA A 258 -1.40 -3.88 -2.93
N ALA A 259 -2.31 -4.02 -3.85
CA ALA A 259 -1.91 -4.56 -5.19
C ALA A 259 -2.71 -3.93 -6.32
N LYS A 260 -2.28 -4.16 -7.52
CA LYS A 260 -3.00 -3.60 -8.70
C LYS A 260 -3.49 -4.75 -9.59
N GLN A 261 -4.39 -4.46 -10.50
CA GLN A 261 -4.90 -5.53 -11.39
C GLN A 261 -3.85 -6.61 -11.60
N MET A 1 10.47 -21.76 -39.82
CA MET A 1 10.80 -20.37 -39.39
C MET A 1 11.62 -19.66 -40.47
N GLY A 2 11.05 -18.67 -41.11
CA GLY A 2 11.80 -17.95 -42.17
C GLY A 2 12.49 -16.72 -41.56
N SER A 3 11.78 -15.96 -40.78
CA SER A 3 12.40 -14.75 -40.15
C SER A 3 11.55 -14.28 -38.97
N SER A 4 12.13 -14.20 -37.80
CA SER A 4 11.36 -13.74 -36.62
C SER A 4 12.18 -12.72 -35.82
N GLY A 5 12.95 -11.90 -36.49
CA GLY A 5 13.77 -10.89 -35.76
C GLY A 5 12.86 -9.81 -35.20
N GLY A 6 11.85 -9.42 -35.94
CA GLY A 6 10.93 -8.36 -35.43
C GLY A 6 9.54 -8.57 -36.04
N GLY A 7 8.52 -8.16 -35.35
CA GLY A 7 7.12 -8.34 -35.89
C GLY A 7 6.18 -7.36 -35.19
N GLY A 8 5.65 -7.74 -34.07
CA GLY A 8 4.72 -6.83 -33.34
C GLY A 8 5.52 -5.83 -32.51
N SER A 9 5.19 -5.69 -31.25
CA SER A 9 5.94 -4.73 -30.39
C SER A 9 5.86 -5.16 -28.92
N GLY A 10 6.90 -4.92 -28.16
CA GLY A 10 6.88 -5.32 -26.73
C GLY A 10 6.13 -4.27 -25.92
N GLY A 11 6.83 -3.48 -25.14
CA GLY A 11 6.15 -2.44 -24.33
C GLY A 11 7.16 -1.39 -23.90
N GLY A 12 7.31 -0.35 -24.70
CA GLY A 12 8.28 0.72 -24.34
C GLY A 12 7.55 1.86 -23.62
N GLY A 13 6.59 1.54 -22.81
CA GLY A 13 5.83 2.60 -22.09
C GLY A 13 6.23 2.60 -20.61
N VAL A 14 7.30 3.25 -20.26
CA VAL A 14 7.74 3.28 -18.84
C VAL A 14 8.71 4.44 -18.62
N THR A 15 9.21 4.58 -17.42
CA THR A 15 10.17 5.70 -17.14
C THR A 15 11.60 5.16 -17.08
N ALA A 16 12.57 6.03 -17.07
CA ALA A 16 13.99 5.56 -17.01
C ALA A 16 14.26 4.82 -15.71
N ASP A 17 13.27 4.72 -14.86
CA ASP A 17 13.47 4.01 -13.57
C ASP A 17 12.12 3.64 -12.95
N ILE A 18 11.54 2.56 -13.38
CA ILE A 18 10.23 2.15 -12.82
C ILE A 18 10.29 2.05 -11.30
N GLY A 19 10.96 1.05 -10.81
CA GLY A 19 11.09 0.87 -9.34
C GLY A 19 11.23 2.23 -8.67
N THR A 20 12.32 2.92 -8.91
CA THR A 20 12.51 4.25 -8.29
C THR A 20 11.45 5.24 -8.79
N GLY A 21 10.59 4.80 -9.67
CA GLY A 21 9.55 5.71 -10.21
C GLY A 21 9.10 6.68 -9.11
N LEU A 22 8.94 6.19 -7.91
CA LEU A 22 8.50 7.09 -6.80
C LEU A 22 9.65 8.00 -6.37
N ALA A 23 10.86 7.51 -6.41
CA ALA A 23 12.01 8.37 -6.01
C ALA A 23 12.04 9.64 -6.84
N ASP A 24 11.23 9.70 -7.87
CA ASP A 24 11.19 10.92 -8.71
C ASP A 24 10.07 11.86 -8.25
N ALA A 25 9.26 11.40 -7.35
CA ALA A 25 8.15 12.25 -6.85
C ALA A 25 8.63 13.11 -5.68
N LEU A 26 9.79 12.81 -5.15
CA LEU A 26 10.32 13.61 -4.01
C LEU A 26 11.47 14.51 -4.48
N THR A 27 12.04 14.22 -5.61
CA THR A 27 13.16 15.05 -6.12
C THR A 27 12.78 15.68 -7.46
N ALA A 28 11.73 15.23 -8.05
CA ALA A 28 11.30 15.79 -9.36
C ALA A 28 10.09 16.71 -9.17
N PRO A 29 10.38 17.95 -8.90
CA PRO A 29 9.30 18.96 -8.70
C PRO A 29 8.64 19.32 -10.03
N LEU A 30 7.94 20.41 -10.08
CA LEU A 30 7.27 20.81 -11.34
C LEU A 30 8.19 20.58 -12.54
N ASP A 31 7.73 19.92 -13.56
CA ASP A 31 8.59 19.66 -14.74
C ASP A 31 7.80 19.88 -16.03
N HIS A 32 8.35 20.58 -16.98
CA HIS A 32 7.63 20.81 -18.26
C HIS A 32 7.54 19.52 -19.06
N LYS A 33 8.12 18.47 -18.57
CA LYS A 33 8.09 17.17 -19.30
C LYS A 33 6.66 16.63 -19.35
N ASP A 34 5.74 17.34 -18.73
CA ASP A 34 4.32 16.86 -18.73
C ASP A 34 3.54 17.58 -19.84
N LYS A 35 2.33 17.14 -20.09
CA LYS A 35 1.52 17.81 -21.14
C LYS A 35 0.14 18.21 -20.59
N GLY A 36 -0.14 17.83 -19.37
CA GLY A 36 -1.46 18.19 -18.77
C GLY A 36 -1.27 18.53 -17.29
N LEU A 37 -0.77 17.61 -16.52
CA LEU A 37 -0.56 17.89 -15.07
C LEU A 37 0.91 17.65 -14.69
N LYS A 38 1.55 18.64 -14.13
CA LYS A 38 2.98 18.47 -13.73
C LYS A 38 3.07 17.97 -12.28
N SER A 39 2.03 18.16 -11.52
CA SER A 39 2.06 17.70 -10.10
C SER A 39 0.76 18.12 -9.39
N LEU A 40 0.66 17.83 -8.13
CA LEU A 40 -0.58 18.21 -7.38
C LEU A 40 -0.24 18.49 -5.90
N THR A 41 -0.53 19.68 -5.44
CA THR A 41 -0.23 20.00 -4.01
C THR A 41 -1.45 19.74 -3.13
N LEU A 42 -1.27 19.03 -2.04
CA LEU A 42 -2.42 18.73 -1.15
C LEU A 42 -3.15 20.02 -0.78
N GLU A 43 -3.96 20.00 0.24
CA GLU A 43 -4.69 21.22 0.65
C GLU A 43 -4.27 21.64 2.06
N ASP A 44 -4.69 20.91 3.06
CA ASP A 44 -4.31 21.28 4.46
C ASP A 44 -4.26 20.03 5.33
N SER A 45 -4.29 18.87 4.72
CA SER A 45 -4.24 17.61 5.52
C SER A 45 -3.44 17.83 6.81
N ILE A 46 -2.27 18.38 6.70
CA ILE A 46 -1.44 18.62 7.92
C ILE A 46 -1.34 20.11 8.20
N SER A 47 -2.30 20.67 8.90
CA SER A 47 -2.24 22.12 9.20
C SER A 47 -0.79 22.52 9.49
N GLN A 48 -0.48 23.79 9.39
CA GLN A 48 0.92 24.23 9.66
C GLN A 48 1.47 23.50 10.88
N ASN A 49 0.61 23.00 11.70
CA ASN A 49 1.06 22.27 12.92
C ASN A 49 1.32 20.80 12.58
N GLY A 50 2.04 20.57 11.54
CA GLY A 50 2.35 19.16 11.15
C GLY A 50 3.52 19.14 10.17
N THR A 51 4.73 19.15 10.68
CA THR A 51 5.92 19.11 9.78
C THR A 51 6.51 17.71 9.75
N LEU A 52 6.86 17.22 8.59
CA LEU A 52 7.43 15.85 8.50
C LEU A 52 8.16 15.66 7.18
N THR A 53 9.02 14.66 7.11
CA THR A 53 9.77 14.41 5.84
C THR A 53 9.56 12.97 5.37
N LEU A 54 9.68 12.72 4.10
CA LEU A 54 9.49 11.34 3.60
C LEU A 54 10.55 10.99 2.55
N SER A 55 11.19 9.86 2.68
CA SER A 55 12.23 9.47 1.71
C SER A 55 11.75 8.30 0.84
N ALA A 56 12.01 8.35 -0.44
CA ALA A 56 11.55 7.25 -1.33
C ALA A 56 12.73 6.34 -1.68
N GLN A 57 12.52 5.39 -2.55
CA GLN A 57 13.62 4.47 -2.94
C GLN A 57 14.60 5.18 -3.87
N GLY A 58 14.94 6.40 -3.56
CA GLY A 58 15.89 7.15 -4.43
C GLY A 58 16.11 8.56 -3.85
N ALA A 59 15.08 9.17 -3.35
CA ALA A 59 15.23 10.53 -2.77
C ALA A 59 14.13 10.79 -1.73
N GLU A 60 14.16 11.93 -1.10
CA GLU A 60 13.12 12.24 -0.08
C GLU A 60 12.61 13.66 -0.25
N LYS A 61 11.42 13.94 0.22
CA LYS A 61 10.87 15.31 0.08
C LYS A 61 10.25 15.77 1.41
N THR A 62 10.69 16.90 1.92
CA THR A 62 10.13 17.38 3.21
C THR A 62 8.62 17.62 3.08
N TYR A 63 7.83 16.84 3.76
CA TYR A 63 6.35 17.03 3.69
C TYR A 63 5.85 17.85 4.87
N GLY A 64 5.38 19.04 4.61
CA GLY A 64 4.87 19.90 5.71
C GLY A 64 3.43 20.30 5.43
N ASN A 65 2.81 21.03 6.32
CA ASN A 65 1.40 21.44 6.09
C ASN A 65 1.24 22.02 4.69
N GLY A 66 0.34 21.49 3.91
CA GLY A 66 0.14 22.00 2.53
C GLY A 66 1.08 21.25 1.59
N ASP A 67 1.92 20.41 2.14
CA ASP A 67 2.87 19.63 1.28
C ASP A 67 2.22 19.31 -0.08
N SER A 68 3.02 19.01 -1.07
CA SER A 68 2.45 18.70 -2.41
C SER A 68 3.18 17.49 -3.01
N LEU A 69 2.61 16.90 -4.03
CA LEU A 69 3.27 15.71 -4.67
C LEU A 69 3.61 16.02 -6.13
N ASN A 70 4.63 15.39 -6.65
CA ASN A 70 5.02 15.65 -8.07
C ASN A 70 4.72 14.41 -8.92
N THR A 71 3.48 14.20 -9.27
CA THR A 71 3.15 13.01 -10.11
C THR A 71 2.61 13.45 -11.47
N GLY A 72 3.34 14.28 -12.18
CA GLY A 72 2.87 14.74 -13.51
C GLY A 72 2.03 13.64 -14.16
N LYS A 73 2.59 12.48 -14.35
CA LYS A 73 1.83 11.37 -14.99
C LYS A 73 2.50 10.04 -14.71
N LEU A 74 2.38 9.52 -13.52
CA LEU A 74 3.01 8.21 -13.19
C LEU A 74 2.40 7.10 -14.04
N LYS A 75 2.62 5.87 -13.65
CA LYS A 75 2.05 4.74 -14.44
C LYS A 75 0.71 4.29 -13.83
N ASN A 76 -0.06 3.53 -14.56
CA ASN A 76 -1.37 3.06 -14.03
C ASN A 76 -1.17 1.79 -13.18
N ASP A 77 0.00 1.59 -12.65
CA ASP A 77 0.24 0.38 -11.82
C ASP A 77 1.50 0.56 -10.97
N LYS A 78 1.41 1.33 -9.91
CA LYS A 78 2.61 1.54 -9.04
C LYS A 78 2.18 2.08 -7.68
N VAL A 79 3.00 1.92 -6.68
CA VAL A 79 2.62 2.43 -5.33
C VAL A 79 3.60 3.52 -4.88
N SER A 80 3.25 4.25 -3.86
CA SER A 80 4.14 5.33 -3.36
C SER A 80 4.52 5.04 -1.90
N ARG A 81 5.53 4.24 -1.70
CA ARG A 81 5.94 3.91 -0.31
C ARG A 81 7.19 4.72 0.09
N PHE A 82 7.11 5.44 1.16
CA PHE A 82 8.28 6.25 1.61
C PHE A 82 8.27 6.43 3.13
N ASP A 83 9.39 6.28 3.77
CA ASP A 83 9.43 6.44 5.25
C ASP A 83 9.38 7.93 5.63
N PHE A 84 8.58 8.26 6.61
CA PHE A 84 8.49 9.69 7.03
C PHE A 84 8.12 9.78 8.51
N ILE A 85 8.16 10.95 9.09
CA ILE A 85 7.81 11.08 10.52
C ILE A 85 7.01 12.37 10.76
N ARG A 86 5.90 12.27 11.43
CA ARG A 86 5.08 13.48 11.70
C ARG A 86 5.55 14.16 12.98
N GLN A 87 6.00 15.38 12.89
CA GLN A 87 6.48 16.08 14.12
C GLN A 87 6.10 17.56 14.07
N ILE A 88 5.47 18.05 15.10
CA ILE A 88 5.06 19.48 15.13
C ILE A 88 5.70 20.17 16.33
N GLU A 89 6.61 21.08 16.11
CA GLU A 89 7.26 21.78 17.24
C GLU A 89 7.44 23.26 16.92
N VAL A 90 6.84 24.12 17.70
CA VAL A 90 6.98 25.58 17.44
C VAL A 90 7.96 26.20 18.44
N ASP A 91 8.34 27.43 18.24
CA ASP A 91 9.30 28.09 19.16
C ASP A 91 8.68 28.27 20.55
N GLY A 92 7.47 27.82 20.72
CA GLY A 92 6.81 27.96 22.05
C GLY A 92 5.40 27.35 21.99
N GLN A 93 5.26 26.21 21.37
CA GLN A 93 3.93 25.58 21.29
C GLN A 93 4.06 24.07 21.12
N LEU A 94 3.24 23.50 20.29
CA LEU A 94 3.28 22.03 20.06
C LEU A 94 4.72 21.55 19.89
N ILE A 95 4.95 20.27 20.03
CA ILE A 95 6.33 19.73 19.88
C ILE A 95 6.28 18.20 19.75
N THR A 96 5.14 17.65 19.44
CA THR A 96 5.03 16.17 19.30
C THR A 96 5.98 15.67 18.22
N LEU A 97 6.17 14.38 18.12
CA LEU A 97 7.08 13.82 17.09
C LEU A 97 6.87 12.31 16.97
N GLU A 98 6.65 11.82 15.78
CA GLU A 98 6.44 10.35 15.59
C GLU A 98 6.89 9.92 14.19
N SER A 99 7.44 8.74 14.08
CA SER A 99 7.90 8.26 12.73
C SER A 99 6.95 7.19 12.21
N GLY A 100 6.94 6.96 10.92
CA GLY A 100 6.05 5.91 10.36
C GLY A 100 6.25 5.84 8.84
N GLU A 101 5.88 4.73 8.25
CA GLU A 101 6.05 4.59 6.77
C GLU A 101 4.75 4.95 6.05
N PHE A 102 4.82 5.27 4.79
CA PHE A 102 3.58 5.62 4.04
C PHE A 102 3.38 4.67 2.85
N GLN A 103 2.18 4.22 2.64
CA GLN A 103 1.92 3.29 1.50
C GLN A 103 0.77 3.83 0.65
N VAL A 104 1.08 4.48 -0.44
CA VAL A 104 -0.01 5.04 -1.30
C VAL A 104 0.00 4.35 -2.67
N TYR A 105 -0.94 3.46 -2.89
CA TYR A 105 -0.98 2.76 -4.21
C TYR A 105 -1.51 3.71 -5.30
N LYS A 106 -1.19 3.45 -6.54
CA LYS A 106 -1.67 4.34 -7.63
C LYS A 106 -2.20 3.50 -8.79
N GLN A 107 -3.41 3.78 -9.23
CA GLN A 107 -4.00 3.00 -10.36
C GLN A 107 -3.98 3.84 -11.64
N SER A 108 -5.07 3.86 -12.36
CA SER A 108 -5.13 4.65 -13.62
C SER A 108 -5.78 6.01 -13.36
N HIS A 109 -6.99 6.02 -12.86
CA HIS A 109 -7.69 7.31 -12.59
C HIS A 109 -7.84 7.51 -11.09
N SER A 110 -7.21 6.68 -10.30
CA SER A 110 -7.33 6.83 -8.82
C SER A 110 -6.10 6.22 -8.14
N ALA A 111 -6.20 5.93 -6.87
CA ALA A 111 -5.04 5.34 -6.15
C ALA A 111 -5.46 4.91 -4.73
N LEU A 112 -4.66 4.09 -4.10
CA LEU A 112 -5.01 3.63 -2.72
C LEU A 112 -4.04 4.25 -1.72
N THR A 113 -4.30 4.08 -0.45
CA THR A 113 -3.39 4.66 0.57
C THR A 113 -3.11 3.66 1.69
N ALA A 114 -2.19 3.98 2.55
CA ALA A 114 -1.84 3.07 3.68
C ALA A 114 -0.82 3.76 4.60
N LEU A 115 -1.16 3.94 5.84
CA LEU A 115 -0.21 4.61 6.78
C LEU A 115 0.34 3.62 7.80
N GLN A 116 1.60 3.73 8.13
CA GLN A 116 2.21 2.79 9.11
C GLN A 116 3.12 3.55 10.07
N THR A 117 3.07 3.24 11.35
CA THR A 117 3.94 3.96 12.32
C THR A 117 4.87 2.97 13.02
N GLU A 118 5.88 3.47 13.69
CA GLU A 118 6.82 2.55 14.40
C GLU A 118 7.35 3.22 15.68
N GLN A 119 7.49 4.51 15.67
CA GLN A 119 8.00 5.22 16.89
C GLN A 119 6.90 6.07 17.51
N GLU A 120 6.99 6.34 18.79
CA GLU A 120 5.94 7.16 19.46
C GLU A 120 6.54 7.91 20.65
N GLN A 121 6.28 9.19 20.75
CA GLN A 121 6.83 9.99 21.88
C GLN A 121 5.69 10.60 22.69
N ASP A 122 5.80 10.63 24.00
CA ASP A 122 4.69 11.22 24.81
C ASP A 122 5.23 11.95 26.05
N PRO A 123 5.23 13.24 25.96
CA PRO A 123 5.72 14.09 27.08
C PRO A 123 4.70 14.14 28.22
N GLU A 124 4.26 13.00 28.68
CA GLU A 124 3.28 12.99 29.82
C GLU A 124 4.04 12.74 31.12
N HIS A 125 5.18 12.11 30.99
CA HIS A 125 6.02 11.81 32.18
C HIS A 125 7.26 11.06 31.71
N SER A 126 7.09 9.80 31.43
CA SER A 126 8.23 8.98 30.95
C SER A 126 7.86 8.36 29.58
N GLU A 127 6.85 8.90 28.94
CA GLU A 127 6.43 8.35 27.62
C GLU A 127 6.84 9.27 26.48
N LYS A 128 7.56 10.33 26.77
CA LYS A 128 8.00 11.27 25.69
C LYS A 128 8.80 10.55 24.63
N MET A 129 8.99 9.29 24.82
CA MET A 129 9.72 8.49 23.82
C MET A 129 9.34 7.01 23.95
N VAL A 130 8.68 6.47 22.97
CA VAL A 130 8.28 5.03 23.05
C VAL A 130 8.18 4.43 21.64
N ALA A 131 8.12 3.13 21.55
CA ALA A 131 8.02 2.48 20.21
C ALA A 131 6.80 1.56 20.16
N LYS A 132 5.84 1.88 19.34
CA LYS A 132 4.61 1.02 19.25
C LYS A 132 4.33 0.67 17.79
N ARG A 133 3.14 0.20 17.51
CA ARG A 133 2.80 -0.16 16.10
C ARG A 133 1.46 0.45 15.71
N ARG A 134 1.47 1.49 14.90
CA ARG A 134 0.20 2.12 14.48
C ARG A 134 0.06 2.09 12.96
N PHE A 135 -0.85 1.31 12.45
CA PHE A 135 -1.02 1.23 10.97
C PHE A 135 -2.38 1.78 10.56
N ARG A 136 -2.39 2.80 9.73
CA ARG A 136 -3.69 3.37 9.28
C ARG A 136 -3.98 2.96 7.84
N ILE A 137 -5.22 2.75 7.50
CA ILE A 137 -5.53 2.33 6.11
C ILE A 137 -6.33 3.43 5.39
N GLY A 138 -6.16 3.54 4.11
CA GLY A 138 -6.90 4.57 3.33
C GLY A 138 -6.76 4.26 1.85
N ASP A 139 -7.68 4.71 1.04
CA ASP A 139 -7.60 4.43 -0.43
C ASP A 139 -8.79 5.04 -1.16
N ILE A 140 -8.58 5.45 -2.39
CA ILE A 140 -9.70 6.05 -3.17
C ILE A 140 -9.75 5.43 -4.56
N ALA A 141 -10.35 4.26 -4.68
CA ALA A 141 -10.43 3.61 -6.01
C ALA A 141 -11.06 4.54 -7.04
N GLY A 142 -10.56 4.54 -8.24
CA GLY A 142 -11.14 5.44 -9.28
C GLY A 142 -12.66 5.32 -9.27
N GLU A 143 -13.18 4.12 -9.37
CA GLU A 143 -14.66 3.94 -9.37
C GLU A 143 -15.02 2.57 -8.80
N HIS A 144 -14.33 2.17 -7.77
CA HIS A 144 -14.61 0.85 -7.16
C HIS A 144 -16.12 0.67 -6.91
N THR A 145 -16.84 0.33 -7.94
CA THR A 145 -18.31 0.14 -7.78
C THR A 145 -18.66 -1.35 -7.85
N SER A 146 -19.89 -1.67 -8.08
CA SER A 146 -20.30 -3.11 -8.16
C SER A 146 -19.73 -3.75 -9.42
N PHE A 147 -19.17 -4.93 -9.29
CA PHE A 147 -18.60 -5.60 -10.50
C PHE A 147 -19.64 -5.60 -11.62
N ASP A 148 -20.88 -5.33 -11.30
CA ASP A 148 -21.93 -5.31 -12.35
C ASP A 148 -21.42 -4.48 -13.53
N LYS A 149 -20.60 -3.51 -13.26
CA LYS A 149 -20.04 -2.66 -14.35
C LYS A 149 -18.78 -3.34 -14.89
N LEU A 150 -18.73 -4.63 -14.79
CA LEU A 150 -17.55 -5.40 -15.27
C LEU A 150 -17.79 -6.89 -14.99
N PRO A 151 -18.87 -7.36 -15.55
CA PRO A 151 -19.26 -8.78 -15.36
C PRO A 151 -18.52 -9.69 -16.33
N LYS A 152 -17.50 -10.34 -15.84
CA LYS A 152 -16.71 -11.27 -16.71
C LYS A 152 -16.17 -12.40 -15.84
N ASP A 153 -16.97 -13.40 -15.61
CA ASP A 153 -16.53 -14.55 -14.75
C ASP A 153 -15.28 -15.20 -15.34
N VAL A 154 -14.30 -14.42 -15.66
CA VAL A 154 -13.05 -14.98 -16.24
C VAL A 154 -11.92 -14.90 -15.21
N MET A 155 -11.52 -16.01 -14.68
CA MET A 155 -10.41 -15.99 -13.67
C MET A 155 -9.45 -14.83 -13.94
N ALA A 156 -9.44 -13.85 -13.08
CA ALA A 156 -8.52 -12.69 -13.30
C ALA A 156 -7.45 -12.65 -12.22
N THR A 157 -6.22 -12.93 -12.57
CA THR A 157 -5.12 -12.91 -11.56
C THR A 157 -4.91 -11.48 -11.05
N TYR A 158 -4.36 -11.33 -9.88
CA TYR A 158 -4.14 -9.96 -9.34
C TYR A 158 -2.79 -9.88 -8.62
N ARG A 159 -2.17 -8.73 -8.63
CA ARG A 159 -0.87 -8.59 -7.93
C ARG A 159 -0.84 -7.25 -7.19
N GLY A 160 -0.36 -7.23 -5.97
CA GLY A 160 -0.35 -5.94 -5.23
C GLY A 160 0.76 -5.91 -4.20
N THR A 161 0.79 -4.87 -3.42
CA THR A 161 1.82 -4.74 -2.35
C THR A 161 1.12 -4.62 -1.00
N ALA A 162 1.74 -5.07 0.04
CA ALA A 162 1.08 -5.01 1.37
C ALA A 162 2.09 -4.83 2.49
N PHE A 163 1.62 -4.77 3.70
CA PHE A 163 2.53 -4.62 4.87
C PHE A 163 1.96 -5.41 6.05
N GLY A 164 2.76 -6.20 6.70
CA GLY A 164 2.23 -7.01 7.85
C GLY A 164 2.22 -6.16 9.12
N SER A 165 1.25 -6.37 9.97
CA SER A 165 1.17 -5.59 11.25
C SER A 165 2.54 -5.09 11.68
N ASP A 166 3.14 -5.75 12.63
CA ASP A 166 4.48 -5.32 13.11
C ASP A 166 5.47 -5.24 11.95
N ASP A 167 5.07 -5.70 10.81
CA ASP A 167 5.98 -5.64 9.62
C ASP A 167 5.60 -4.44 8.74
N ALA A 168 6.40 -4.16 7.75
CA ALA A 168 6.08 -3.01 6.86
C ALA A 168 6.14 -3.49 5.42
N GLY A 169 6.28 -4.77 5.24
CA GLY A 169 6.33 -5.33 3.87
C GLY A 169 5.41 -6.54 3.79
N GLY A 170 4.84 -6.76 2.65
CA GLY A 170 3.92 -7.91 2.46
C GLY A 170 3.38 -7.90 1.03
N LYS A 171 3.92 -8.71 0.15
CA LYS A 171 3.41 -8.71 -1.25
C LYS A 171 2.30 -9.75 -1.37
N LEU A 172 1.34 -9.52 -2.22
CA LEU A 172 0.24 -10.52 -2.31
C LEU A 172 -0.20 -10.73 -3.77
N THR A 173 0.08 -11.88 -4.31
CA THR A 173 -0.37 -12.18 -5.70
C THR A 173 -1.72 -12.89 -5.60
N TYR A 174 -2.78 -12.28 -6.04
CA TYR A 174 -4.11 -12.92 -5.92
C TYR A 174 -4.53 -13.64 -7.20
N THR A 175 -5.36 -14.64 -7.05
CA THR A 175 -5.87 -15.40 -8.22
C THR A 175 -7.36 -15.61 -7.99
N ILE A 176 -8.18 -14.81 -8.59
CA ILE A 176 -9.64 -14.92 -8.34
C ILE A 176 -10.45 -15.03 -9.63
N ASP A 177 -11.70 -15.35 -9.48
CA ASP A 177 -12.60 -15.43 -10.67
C ASP A 177 -13.64 -14.32 -10.51
N PHE A 178 -13.76 -13.49 -11.52
CA PHE A 178 -14.71 -12.34 -11.48
C PHE A 178 -16.05 -12.70 -10.83
N ALA A 179 -17.06 -11.94 -11.15
CA ALA A 179 -18.42 -12.19 -10.57
C ALA A 179 -18.78 -13.67 -10.54
N ALA A 180 -17.97 -14.54 -11.08
CA ALA A 180 -18.32 -15.97 -11.05
C ALA A 180 -18.30 -16.44 -9.60
N LYS A 181 -17.21 -16.98 -9.14
CA LYS A 181 -17.19 -17.43 -7.72
C LYS A 181 -15.77 -17.68 -7.20
N GLN A 182 -14.81 -16.83 -7.45
CA GLN A 182 -13.44 -17.15 -6.89
C GLN A 182 -12.67 -15.90 -6.47
N GLY A 183 -11.97 -15.99 -5.36
CA GLY A 183 -11.18 -14.83 -4.86
C GLY A 183 -10.15 -15.33 -3.85
N HIS A 184 -8.99 -15.76 -4.30
CA HIS A 184 -7.96 -16.25 -3.34
C HIS A 184 -6.58 -15.70 -3.73
N GLY A 185 -5.59 -15.90 -2.91
CA GLY A 185 -4.23 -15.37 -3.25
C GLY A 185 -3.25 -15.71 -2.13
N LYS A 186 -2.01 -15.30 -2.29
CA LYS A 186 -1.00 -15.58 -1.24
C LYS A 186 -0.15 -14.33 -0.99
N ILE A 187 0.60 -14.31 0.08
CA ILE A 187 1.43 -13.10 0.36
C ILE A 187 2.91 -13.48 0.43
N GLU A 188 3.78 -12.60 0.01
CA GLU A 188 5.24 -12.90 0.05
C GLU A 188 6.05 -11.61 -0.08
N HIS A 189 6.99 -11.40 0.81
CA HIS A 189 7.82 -10.16 0.73
C HIS A 189 9.12 -10.32 1.52
N LEU A 190 9.03 -10.65 2.77
CA LEU A 190 10.26 -10.81 3.60
C LEU A 190 10.70 -12.28 3.63
N LYS A 191 11.44 -12.65 4.63
CA LYS A 191 11.91 -14.07 4.72
C LYS A 191 11.79 -14.57 6.16
N SER A 192 11.24 -13.78 7.03
CA SER A 192 11.09 -14.21 8.45
C SER A 192 10.31 -15.53 8.52
N PRO A 193 9.89 -15.89 9.71
CA PRO A 193 9.12 -17.15 9.88
C PRO A 193 7.74 -17.01 9.26
N GLU A 194 7.45 -15.87 8.72
CA GLU A 194 6.12 -15.65 8.07
C GLU A 194 6.33 -15.03 6.69
N LEU A 195 7.48 -15.25 6.11
CA LEU A 195 7.78 -14.69 4.77
C LEU A 195 6.52 -14.66 3.91
N ASN A 196 6.32 -15.69 3.14
CA ASN A 196 5.13 -15.75 2.27
C ASN A 196 3.95 -16.41 2.99
N VAL A 197 2.80 -16.46 2.37
CA VAL A 197 1.62 -17.07 3.02
C VAL A 197 0.66 -17.64 1.96
N ASP A 198 -0.12 -18.62 2.32
CA ASP A 198 -1.09 -19.21 1.35
C ASP A 198 -2.51 -18.88 1.78
N LEU A 199 -3.17 -17.96 1.12
CA LEU A 199 -4.55 -17.59 1.53
C LEU A 199 -5.56 -18.05 0.47
N ALA A 200 -6.79 -18.19 0.90
CA ALA A 200 -7.86 -18.61 -0.05
C ALA A 200 -9.15 -17.86 0.29
N VAL A 201 -9.70 -17.15 -0.64
CA VAL A 201 -10.94 -16.37 -0.34
C VAL A 201 -12.00 -16.57 -1.43
N ALA A 202 -13.22 -16.21 -1.14
CA ALA A 202 -14.29 -16.37 -2.16
C ALA A 202 -14.72 -14.99 -2.67
N TYR A 203 -15.08 -14.90 -3.91
CA TYR A 203 -15.49 -13.58 -4.48
C TYR A 203 -17.00 -13.38 -4.33
N ILE A 204 -17.45 -12.16 -4.46
CA ILE A 204 -18.91 -11.88 -4.34
C ILE A 204 -19.28 -10.68 -5.20
N LYS A 205 -20.54 -10.48 -5.46
CA LYS A 205 -20.96 -9.32 -6.31
C LYS A 205 -21.01 -8.04 -5.46
N PRO A 206 -22.02 -7.96 -4.64
CA PRO A 206 -22.20 -6.77 -3.77
C PRO A 206 -21.16 -6.78 -2.63
N ASP A 207 -20.36 -5.75 -2.53
CA ASP A 207 -19.34 -5.70 -1.44
C ASP A 207 -19.87 -4.88 -0.26
N GLU A 208 -19.06 -4.01 0.27
CA GLU A 208 -19.53 -3.18 1.42
C GLU A 208 -20.84 -2.48 1.06
N LYS A 209 -20.85 -1.72 0.00
CA LYS A 209 -22.09 -1.01 -0.40
C LYS A 209 -22.59 -1.57 -1.74
N HIS A 210 -21.76 -1.55 -2.75
CA HIS A 210 -22.18 -2.07 -4.08
C HIS A 210 -20.95 -2.35 -4.94
N HIS A 211 -19.94 -2.96 -4.38
CA HIS A 211 -18.70 -3.26 -5.16
C HIS A 211 -18.39 -4.76 -5.08
N ALA A 212 -17.25 -5.17 -5.55
CA ALA A 212 -16.89 -6.62 -5.48
C ALA A 212 -16.33 -6.96 -4.10
N VAL A 213 -16.51 -8.17 -3.65
CA VAL A 213 -15.99 -8.56 -2.30
C VAL A 213 -15.06 -9.76 -2.42
N ILE A 214 -14.16 -9.91 -1.48
CA ILE A 214 -13.22 -11.07 -1.51
C ILE A 214 -12.72 -11.38 -0.10
N SER A 215 -13.19 -12.44 0.49
CA SER A 215 -12.74 -12.78 1.86
C SER A 215 -12.68 -14.30 2.06
N GLY A 216 -11.88 -14.76 2.98
CA GLY A 216 -11.77 -16.23 3.22
C GLY A 216 -10.82 -16.50 4.40
N SER A 217 -9.95 -17.46 4.25
CA SER A 217 -9.00 -17.78 5.36
C SER A 217 -7.59 -18.01 4.80
N VAL A 218 -6.61 -18.06 5.64
CA VAL A 218 -5.22 -18.28 5.15
C VAL A 218 -4.36 -18.97 6.22
N LEU A 219 -3.20 -19.43 5.83
CA LEU A 219 -2.28 -20.10 6.79
C LEU A 219 -0.85 -19.99 6.28
N TYR A 220 0.09 -19.61 7.11
CA TYR A 220 1.49 -19.48 6.62
C TYR A 220 2.48 -19.52 7.78
N ASN A 221 2.98 -20.68 8.11
CA ASN A 221 3.97 -20.78 9.22
C ASN A 221 4.30 -22.25 9.44
N GLN A 222 3.29 -23.01 9.70
CA GLN A 222 3.46 -24.47 9.94
C GLN A 222 2.09 -25.08 10.24
N ASP A 223 1.20 -24.29 10.77
CA ASP A 223 -0.16 -24.80 11.10
C ASP A 223 -1.01 -23.69 11.75
N GLU A 224 -0.69 -22.45 11.50
CA GLU A 224 -1.49 -21.35 12.11
C GLU A 224 -2.84 -21.23 11.43
N LYS A 225 -3.49 -20.12 11.61
CA LYS A 225 -4.81 -19.93 10.97
C LYS A 225 -5.07 -18.43 10.81
N GLY A 226 -4.57 -17.86 9.76
CA GLY A 226 -4.78 -16.41 9.56
C GLY A 226 -5.99 -16.18 8.65
N SER A 227 -6.65 -15.06 8.81
CA SER A 227 -7.84 -14.77 7.97
C SER A 227 -7.49 -13.82 6.84
N TYR A 228 -8.38 -13.61 5.92
CA TYR A 228 -8.10 -12.69 4.79
C TYR A 228 -9.40 -12.12 4.23
N SER A 229 -9.52 -10.82 4.20
CA SER A 229 -10.75 -10.19 3.66
C SER A 229 -10.40 -8.85 3.01
N LEU A 230 -10.97 -8.55 1.87
CA LEU A 230 -10.66 -7.26 1.20
C LEU A 230 -11.77 -6.87 0.23
N GLY A 231 -11.65 -5.72 -0.38
CA GLY A 231 -12.69 -5.29 -1.36
C GLY A 231 -12.07 -5.17 -2.74
N ILE A 232 -12.80 -5.54 -3.76
CA ILE A 232 -12.23 -5.46 -5.14
C ILE A 232 -13.06 -4.50 -6.00
N PHE A 233 -12.40 -3.82 -6.91
CA PHE A 233 -13.13 -2.87 -7.80
C PHE A 233 -12.63 -3.01 -9.23
N GLY A 234 -13.47 -2.81 -10.20
CA GLY A 234 -13.02 -2.95 -11.62
C GLY A 234 -13.86 -2.05 -12.53
N GLU A 235 -14.72 -1.22 -11.99
CA GLU A 235 -15.53 -0.33 -12.88
C GLU A 235 -14.61 0.33 -13.89
N LYS A 236 -13.37 0.37 -13.57
CA LYS A 236 -12.33 0.97 -14.45
C LYS A 236 -11.02 0.82 -13.73
N ALA A 237 -10.88 -0.27 -13.03
CA ALA A 237 -9.65 -0.52 -12.25
C ALA A 237 -9.66 -1.95 -11.71
N GLN A 238 -9.30 -2.91 -12.53
CA GLN A 238 -9.29 -4.33 -12.07
C GLN A 238 -8.30 -4.50 -10.93
N GLU A 239 -8.42 -3.68 -9.92
CA GLU A 239 -7.48 -3.77 -8.76
C GLU A 239 -8.20 -4.32 -7.53
N VAL A 240 -7.49 -4.46 -6.44
CA VAL A 240 -8.13 -4.99 -5.20
C VAL A 240 -7.27 -4.62 -3.98
N ALA A 241 -7.87 -4.02 -2.99
CA ALA A 241 -7.11 -3.62 -1.78
C ALA A 241 -7.90 -3.95 -0.52
N GLY A 242 -7.22 -4.31 0.54
CA GLY A 242 -7.96 -4.64 1.80
C GLY A 242 -6.96 -4.98 2.92
N SER A 243 -7.35 -5.82 3.84
CA SER A 243 -6.44 -6.20 4.94
C SER A 243 -6.89 -7.53 5.54
N ALA A 244 -5.98 -8.40 5.84
CA ALA A 244 -6.38 -9.71 6.42
C ALA A 244 -6.05 -9.75 7.91
N GLU A 245 -6.50 -10.76 8.59
CA GLU A 245 -6.21 -10.86 10.05
C GLU A 245 -5.61 -12.24 10.35
N VAL A 246 -4.41 -12.27 10.87
CA VAL A 246 -3.77 -13.58 11.15
C VAL A 246 -3.95 -13.98 12.62
N GLU A 247 -4.25 -15.22 12.87
CA GLU A 247 -4.43 -15.69 14.29
C GLU A 247 -3.50 -16.87 14.57
N THR A 248 -2.66 -16.74 15.56
CA THR A 248 -1.72 -17.86 15.89
C THR A 248 -2.21 -18.58 17.15
N ALA A 249 -1.37 -19.38 17.75
CA ALA A 249 -1.78 -20.11 18.98
C ALA A 249 -1.82 -19.16 20.18
N ASN A 250 -1.44 -17.93 19.97
CA ASN A 250 -1.46 -16.95 21.10
C ASN A 250 -0.94 -15.58 20.61
N GLY A 251 -1.43 -15.11 19.50
CA GLY A 251 -0.97 -13.79 18.99
C GLY A 251 -1.68 -13.46 17.68
N ILE A 252 -2.60 -12.54 17.70
CA ILE A 252 -3.33 -12.17 16.46
C ILE A 252 -2.56 -11.10 15.69
N HIS A 253 -2.36 -11.31 14.41
CA HIS A 253 -1.61 -10.30 13.60
C HIS A 253 -2.52 -9.69 12.53
N HIS A 254 -2.15 -8.55 12.01
CA HIS A 254 -2.98 -7.90 10.96
C HIS A 254 -2.11 -7.55 9.75
N ILE A 255 -2.60 -7.81 8.56
CA ILE A 255 -1.80 -7.50 7.35
C ILE A 255 -2.56 -6.56 6.40
N GLY A 256 -2.03 -5.41 6.14
CA GLY A 256 -2.72 -4.46 5.21
C GLY A 256 -2.28 -4.80 3.78
N LEU A 257 -3.18 -4.81 2.84
CA LEU A 257 -2.77 -5.17 1.46
C LEU A 257 -3.31 -4.18 0.42
N ALA A 258 -2.67 -4.11 -0.71
CA ALA A 258 -3.12 -3.19 -1.79
C ALA A 258 -2.67 -3.76 -3.14
N ALA A 259 -3.58 -4.15 -3.99
CA ALA A 259 -3.15 -4.74 -5.29
C ALA A 259 -3.96 -4.19 -6.46
N LYS A 260 -3.45 -4.34 -7.65
CA LYS A 260 -4.16 -3.85 -8.86
C LYS A 260 -4.19 -4.95 -9.92
N GLN A 261 -5.01 -4.80 -10.92
CA GLN A 261 -5.07 -5.84 -11.99
C GLN A 261 -4.84 -7.23 -11.39
N MET A 1 32.51 -29.43 -15.07
CA MET A 1 31.47 -28.37 -15.07
C MET A 1 30.23 -28.85 -14.33
N GLY A 2 29.79 -28.09 -13.35
CA GLY A 2 28.57 -28.50 -12.59
C GLY A 2 27.32 -28.05 -13.34
N SER A 3 26.30 -27.65 -12.62
CA SER A 3 25.05 -27.19 -13.29
C SER A 3 25.00 -25.65 -13.33
N SER A 4 25.03 -25.09 -14.51
CA SER A 4 24.98 -23.60 -14.62
C SER A 4 24.41 -23.19 -15.98
N GLY A 5 24.31 -21.91 -16.23
CA GLY A 5 23.77 -21.45 -17.54
C GLY A 5 24.26 -20.03 -17.82
N GLY A 6 23.61 -19.33 -18.72
CA GLY A 6 24.04 -17.95 -19.04
C GLY A 6 23.47 -16.98 -18.00
N GLY A 7 24.28 -16.51 -17.10
CA GLY A 7 23.77 -15.56 -16.07
C GLY A 7 24.95 -14.78 -15.48
N GLY A 8 25.00 -13.50 -15.72
CA GLY A 8 26.12 -12.68 -15.17
C GLY A 8 25.83 -12.33 -13.71
N SER A 9 26.46 -13.01 -12.79
CA SER A 9 26.21 -12.72 -11.35
C SER A 9 27.38 -11.89 -10.78
N GLY A 10 27.09 -10.75 -10.22
CA GLY A 10 28.17 -9.91 -9.64
C GLY A 10 27.56 -8.88 -8.67
N GLY A 11 27.97 -7.65 -8.77
CA GLY A 11 27.41 -6.61 -7.85
C GLY A 11 25.98 -6.26 -8.28
N GLY A 12 25.13 -7.24 -8.40
CA GLY A 12 23.72 -6.95 -8.81
C GLY A 12 22.99 -6.24 -7.68
N GLY A 13 23.00 -4.94 -7.67
CA GLY A 13 22.31 -4.18 -6.59
C GLY A 13 20.80 -4.22 -6.84
N VAL A 14 20.13 -3.12 -6.62
CA VAL A 14 18.66 -3.09 -6.84
C VAL A 14 18.33 -3.44 -8.30
N THR A 15 17.07 -3.57 -8.62
CA THR A 15 16.70 -3.91 -10.03
C THR A 15 16.64 -2.65 -10.88
N ALA A 16 16.69 -2.80 -12.18
CA ALA A 16 16.65 -1.62 -13.07
C ALA A 16 15.21 -1.11 -13.22
N ASP A 17 14.26 -1.77 -12.62
CA ASP A 17 12.85 -1.32 -12.74
C ASP A 17 11.99 -1.95 -11.64
N ILE A 18 12.47 -1.94 -10.43
CA ILE A 18 11.69 -2.54 -9.32
C ILE A 18 10.96 -1.44 -8.56
N GLY A 19 11.67 -0.76 -7.70
CA GLY A 19 11.05 0.33 -6.90
C GLY A 19 11.89 1.60 -7.04
N THR A 20 12.88 1.58 -7.89
CA THR A 20 13.74 2.78 -8.08
C THR A 20 12.90 3.96 -8.57
N GLY A 21 11.65 3.73 -8.85
CA GLY A 21 10.78 4.84 -9.34
C GLY A 21 10.26 5.64 -8.15
N LEU A 22 10.50 5.16 -6.95
CA LEU A 22 10.03 5.89 -5.75
C LEU A 22 10.81 7.20 -5.58
N ALA A 23 12.10 7.14 -5.74
CA ALA A 23 12.92 8.39 -5.59
C ALA A 23 12.40 9.48 -6.52
N ASP A 24 11.53 9.12 -7.42
CA ASP A 24 10.96 10.13 -8.36
C ASP A 24 9.64 10.66 -7.83
N ALA A 25 9.12 10.07 -6.79
CA ALA A 25 7.83 10.53 -6.22
C ALA A 25 8.06 11.71 -5.29
N LEU A 26 9.27 11.87 -4.80
CA LEU A 26 9.56 13.01 -3.88
C LEU A 26 10.38 14.08 -4.62
N THR A 27 11.38 13.68 -5.34
CA THR A 27 12.22 14.68 -6.07
C THR A 27 12.32 14.29 -7.54
N ALA A 28 13.24 13.43 -7.85
CA ALA A 28 13.43 12.98 -9.25
C ALA A 28 12.11 13.08 -10.02
N PRO A 29 11.87 14.24 -10.57
CA PRO A 29 10.64 14.49 -11.34
C PRO A 29 10.71 13.77 -12.70
N LEU A 30 9.81 12.85 -12.94
CA LEU A 30 9.82 12.13 -14.24
C LEU A 30 9.13 12.94 -15.32
N ASP A 31 9.19 14.23 -15.18
CA ASP A 31 8.55 15.13 -16.19
C ASP A 31 9.61 15.72 -17.12
N HIS A 32 10.84 15.30 -16.97
CA HIS A 32 11.92 15.84 -17.86
C HIS A 32 11.63 15.47 -19.32
N LYS A 33 10.60 14.72 -19.55
CA LYS A 33 10.26 14.31 -20.94
C LYS A 33 8.75 14.07 -21.07
N ASP A 34 7.99 14.42 -20.07
CA ASP A 34 6.51 14.21 -20.14
C ASP A 34 5.79 15.55 -20.19
N LYS A 35 5.04 15.79 -21.24
CA LYS A 35 4.30 17.09 -21.33
C LYS A 35 2.96 17.00 -20.62
N GLY A 36 2.86 17.53 -19.43
CA GLY A 36 1.58 17.47 -18.68
C GLY A 36 1.75 18.15 -17.33
N LEU A 37 1.03 17.71 -16.34
CA LEU A 37 1.15 18.34 -14.99
C LEU A 37 2.59 18.21 -14.48
N LYS A 38 3.08 19.21 -13.81
CA LYS A 38 4.48 19.15 -13.29
C LYS A 38 4.55 18.21 -12.07
N SER A 39 3.44 18.00 -11.42
CA SER A 39 3.43 17.10 -10.23
C SER A 39 2.05 17.10 -9.57
N LEU A 40 1.90 16.39 -8.49
CA LEU A 40 0.58 16.35 -7.80
C LEU A 40 0.70 16.92 -6.39
N THR A 41 0.34 18.17 -6.22
CA THR A 41 0.44 18.79 -4.87
C THR A 41 -0.85 18.53 -4.07
N LEU A 42 -0.73 18.39 -2.78
CA LEU A 42 -1.95 18.13 -1.95
C LEU A 42 -2.55 19.44 -1.46
N GLU A 43 -3.82 19.64 -1.68
CA GLU A 43 -4.47 20.91 -1.23
C GLU A 43 -3.99 21.28 0.18
N ASP A 44 -4.41 22.39 0.68
CA ASP A 44 -3.97 22.81 2.05
C ASP A 44 -4.43 21.78 3.09
N SER A 45 -4.10 20.53 2.89
CA SER A 45 -4.52 19.48 3.86
C SER A 45 -3.92 19.79 5.24
N ILE A 46 -2.64 20.03 5.31
CA ILE A 46 -2.01 20.33 6.63
C ILE A 46 -1.71 21.82 6.74
N SER A 47 -0.77 22.16 7.58
CA SER A 47 -0.40 23.60 7.75
C SER A 47 0.85 23.71 8.64
N GLN A 48 1.16 24.89 9.10
CA GLN A 48 2.35 25.04 9.97
C GLN A 48 2.29 24.05 11.13
N ASN A 49 1.16 23.46 11.34
CA ASN A 49 1.01 22.48 12.44
C ASN A 49 1.10 21.06 11.91
N GLY A 50 2.14 20.76 11.20
CA GLY A 50 2.31 19.38 10.64
C GLY A 50 3.63 19.31 9.86
N THR A 51 4.69 18.92 10.50
CA THR A 51 5.99 18.83 9.79
C THR A 51 6.49 17.38 9.80
N LEU A 52 6.95 16.90 8.67
CA LEU A 52 7.45 15.49 8.61
C LEU A 52 8.33 15.30 7.37
N THR A 53 9.13 14.26 7.35
CA THR A 53 10.00 14.01 6.17
C THR A 53 9.66 12.66 5.53
N LEU A 54 9.94 12.51 4.27
CA LEU A 54 9.63 11.22 3.59
C LEU A 54 10.78 10.82 2.66
N SER A 55 11.23 9.60 2.74
CA SER A 55 12.35 9.15 1.86
C SER A 55 11.91 7.96 1.01
N ALA A 56 12.50 7.78 -0.13
CA ALA A 56 12.12 6.64 -1.00
C ALA A 56 13.35 5.80 -1.35
N GLN A 57 13.20 4.85 -2.24
CA GLN A 57 14.37 3.99 -2.62
C GLN A 57 15.32 4.78 -3.52
N GLY A 58 15.59 6.01 -3.18
CA GLY A 58 16.51 6.82 -4.01
C GLY A 58 16.77 8.18 -3.33
N ALA A 59 15.74 8.84 -2.91
CA ALA A 59 15.92 10.15 -2.23
C ALA A 59 14.74 10.44 -1.29
N GLU A 60 14.78 11.53 -0.59
CA GLU A 60 13.66 11.87 0.33
C GLU A 60 13.35 13.37 0.26
N LYS A 61 12.18 13.76 0.71
CA LYS A 61 11.82 15.21 0.68
C LYS A 61 11.00 15.58 1.91
N THR A 62 11.38 16.62 2.60
CA THR A 62 10.61 17.03 3.81
C THR A 62 9.14 17.27 3.45
N TYR A 63 8.25 16.46 3.96
CA TYR A 63 6.81 16.64 3.65
C TYR A 63 6.12 17.43 4.76
N GLY A 64 5.68 18.62 4.47
CA GLY A 64 5.00 19.44 5.51
C GLY A 64 3.72 20.05 4.91
N ASN A 65 3.21 21.08 5.52
CA ASN A 65 1.97 21.71 4.99
C ASN A 65 2.11 21.96 3.48
N GLY A 66 1.16 21.51 2.71
CA GLY A 66 1.25 21.70 1.24
C GLY A 66 2.01 20.53 0.61
N ASP A 67 2.52 19.65 1.43
CA ASP A 67 3.27 18.49 0.89
C ASP A 67 2.74 18.11 -0.50
N SER A 68 3.59 18.12 -1.49
CA SER A 68 3.13 17.76 -2.86
C SER A 68 3.89 16.52 -3.37
N LEU A 69 3.40 15.92 -4.42
CA LEU A 69 4.10 14.71 -4.95
C LEU A 69 4.49 14.93 -6.42
N ASN A 70 5.76 14.97 -6.70
CA ASN A 70 6.20 15.20 -8.11
C ASN A 70 6.08 13.89 -8.90
N THR A 71 5.44 13.93 -10.04
CA THR A 71 5.30 12.70 -10.86
C THR A 71 4.50 12.99 -12.14
N GLY A 72 4.80 14.11 -12.78
CA GLY A 72 4.08 14.49 -14.03
C GLY A 72 3.02 13.44 -14.40
N LYS A 73 3.46 12.27 -14.79
CA LYS A 73 2.47 11.21 -15.16
C LYS A 73 3.10 9.82 -14.98
N LEU A 74 2.97 9.25 -13.82
CA LEU A 74 3.56 7.90 -13.59
C LEU A 74 2.74 6.83 -14.31
N LYS A 75 2.91 5.59 -13.94
CA LYS A 75 2.14 4.49 -14.62
C LYS A 75 0.78 4.30 -13.93
N ASN A 76 -0.21 3.89 -14.66
CA ASN A 76 -1.56 3.68 -14.05
C ASN A 76 -1.59 2.35 -13.29
N ASP A 77 -0.46 1.87 -12.85
CA ASP A 77 -0.43 0.58 -12.10
C ASP A 77 0.90 0.42 -11.37
N LYS A 78 1.05 1.06 -10.24
CA LYS A 78 2.32 0.96 -9.49
C LYS A 78 2.10 1.31 -8.01
N VAL A 79 3.13 1.22 -7.21
CA VAL A 79 2.98 1.55 -5.76
C VAL A 79 3.96 2.66 -5.37
N SER A 80 3.78 3.23 -4.21
CA SER A 80 4.71 4.32 -3.76
C SER A 80 4.65 4.46 -2.25
N ARG A 81 5.41 3.68 -1.53
CA ARG A 81 5.39 3.78 -0.05
C ARG A 81 6.73 4.33 0.46
N PHE A 82 6.69 5.30 1.33
CA PHE A 82 7.96 5.88 1.86
C PHE A 82 7.85 6.11 3.37
N ASP A 83 8.94 6.03 4.07
CA ASP A 83 8.89 6.25 5.55
C ASP A 83 8.89 7.74 5.86
N PHE A 84 8.22 8.13 6.92
CA PHE A 84 8.18 9.58 7.28
C PHE A 84 7.76 9.74 8.75
N ILE A 85 8.02 10.89 9.31
CA ILE A 85 7.64 11.11 10.74
C ILE A 85 6.74 12.34 10.87
N ARG A 86 5.47 12.14 11.12
CA ARG A 86 4.54 13.30 11.25
C ARG A 86 4.59 13.84 12.68
N GLN A 87 5.11 15.03 12.84
CA GLN A 87 5.19 15.63 14.21
C GLN A 87 5.09 17.15 14.14
N ILE A 88 4.32 17.74 15.03
CA ILE A 88 4.18 19.22 15.02
C ILE A 88 4.63 19.80 16.37
N GLU A 89 5.70 20.53 16.38
CA GLU A 89 6.17 21.11 17.67
C GLU A 89 6.69 22.54 17.44
N VAL A 90 6.03 23.51 18.02
CA VAL A 90 6.47 24.92 17.84
C VAL A 90 7.17 25.41 19.11
N ASP A 91 7.78 26.56 19.07
CA ASP A 91 8.49 27.08 20.27
C ASP A 91 7.48 27.44 21.37
N GLY A 92 6.23 27.16 21.14
CA GLY A 92 5.20 27.49 22.18
C GLY A 92 3.81 27.08 21.66
N GLN A 93 3.71 25.94 21.03
CA GLN A 93 2.39 25.49 20.52
C GLN A 93 2.34 23.97 20.39
N LEU A 94 1.76 23.50 19.34
CA LEU A 94 1.66 22.03 19.14
C LEU A 94 2.99 21.34 19.44
N ILE A 95 2.98 20.05 19.63
CA ILE A 95 4.24 19.32 19.94
C ILE A 95 4.04 17.82 19.73
N THR A 96 3.01 17.43 19.03
CA THR A 96 2.76 15.98 18.80
C THR A 96 3.96 15.34 18.10
N LEU A 97 4.11 14.05 18.22
CA LEU A 97 5.26 13.37 17.57
C LEU A 97 4.89 11.93 17.21
N GLU A 98 5.04 11.57 15.97
CA GLU A 98 4.69 10.17 15.55
C GLU A 98 5.45 9.79 14.27
N SER A 99 5.90 8.57 14.18
CA SER A 99 6.66 8.14 12.97
C SER A 99 6.10 6.81 12.45
N GLY A 100 6.32 6.52 11.19
CA GLY A 100 5.80 5.24 10.63
C GLY A 100 6.13 5.17 9.14
N GLU A 101 5.36 4.42 8.39
CA GLU A 101 5.62 4.31 6.93
C GLU A 101 4.35 4.62 6.13
N PHE A 102 4.48 4.96 4.88
CA PHE A 102 3.28 5.27 4.06
C PHE A 102 3.23 4.35 2.84
N GLN A 103 2.07 3.84 2.51
CA GLN A 103 1.95 2.95 1.32
C GLN A 103 0.85 3.45 0.38
N VAL A 104 1.23 3.93 -0.78
CA VAL A 104 0.20 4.44 -1.73
C VAL A 104 0.32 3.70 -3.07
N TYR A 105 -0.78 3.21 -3.59
CA TYR A 105 -0.72 2.49 -4.90
C TYR A 105 -1.64 3.18 -5.92
N LYS A 106 -1.10 3.59 -7.03
CA LYS A 106 -1.95 4.26 -8.06
C LYS A 106 -2.52 3.23 -9.04
N GLN A 107 -3.74 3.40 -9.44
CA GLN A 107 -4.35 2.42 -10.40
C GLN A 107 -4.39 3.01 -11.81
N SER A 108 -5.49 2.86 -12.49
CA SER A 108 -5.60 3.41 -13.86
C SER A 108 -6.32 4.76 -13.85
N HIS A 109 -7.30 4.91 -13.00
CA HIS A 109 -8.04 6.20 -12.94
C HIS A 109 -7.82 6.88 -11.58
N SER A 110 -7.54 6.11 -10.57
CA SER A 110 -7.32 6.70 -9.22
C SER A 110 -6.11 6.05 -8.55
N ALA A 111 -6.10 6.02 -7.24
CA ALA A 111 -4.97 5.41 -6.51
C ALA A 111 -5.38 5.11 -5.08
N LEU A 112 -4.93 4.03 -4.52
CA LEU A 112 -5.30 3.68 -3.12
C LEU A 112 -4.15 4.07 -2.18
N THR A 113 -4.37 3.99 -0.90
CA THR A 113 -3.28 4.36 0.06
C THR A 113 -3.42 3.58 1.37
N ALA A 114 -2.36 3.50 2.12
CA ALA A 114 -2.41 2.77 3.43
C ALA A 114 -1.39 3.37 4.39
N LEU A 115 -1.84 3.85 5.52
CA LEU A 115 -0.89 4.46 6.49
C LEU A 115 -0.49 3.42 7.56
N GLN A 116 0.75 3.44 7.97
CA GLN A 116 1.20 2.47 9.00
C GLN A 116 2.20 3.14 9.96
N THR A 117 1.84 3.27 11.20
CA THR A 117 2.77 3.93 12.17
C THR A 117 3.77 2.91 12.72
N GLU A 118 4.69 3.34 13.53
CA GLU A 118 5.70 2.39 14.10
C GLU A 118 6.14 2.87 15.48
N GLN A 119 6.21 4.15 15.70
CA GLN A 119 6.64 4.67 17.03
C GLN A 119 5.59 5.62 17.59
N GLU A 120 5.54 5.76 18.90
CA GLU A 120 4.53 6.67 19.51
C GLU A 120 5.22 7.88 20.16
N GLN A 121 4.44 8.75 20.75
CA GLN A 121 5.03 9.95 21.41
C GLN A 121 4.71 9.94 22.91
N ASP A 122 5.53 10.55 23.72
CA ASP A 122 5.26 10.53 25.19
C ASP A 122 5.03 11.94 25.73
N PRO A 123 4.74 11.99 27.01
CA PRO A 123 4.46 13.25 27.72
C PRO A 123 5.71 13.74 28.46
N GLU A 124 6.06 13.08 29.55
CA GLU A 124 7.26 13.48 30.36
C GLU A 124 8.08 14.48 29.57
N HIS A 125 8.50 14.05 28.43
CA HIS A 125 9.27 14.90 27.51
C HIS A 125 8.63 14.71 26.15
N SER A 126 7.55 15.40 25.93
CA SER A 126 6.80 15.26 24.64
C SER A 126 7.70 14.68 23.55
N GLU A 127 8.95 15.02 23.56
CA GLU A 127 9.87 14.46 22.53
C GLU A 127 10.13 12.98 22.80
N LYS A 128 9.51 12.38 23.79
CA LYS A 128 9.75 10.94 24.05
C LYS A 128 9.10 10.11 22.95
N MET A 129 9.09 8.81 23.09
CA MET A 129 8.45 7.97 22.04
C MET A 129 8.01 6.63 22.62
N VAL A 130 6.75 6.30 22.48
CA VAL A 130 6.26 5.00 23.01
C VAL A 130 6.36 3.93 21.92
N ALA A 131 5.91 2.74 22.19
CA ALA A 131 5.99 1.67 21.16
C ALA A 131 4.60 1.08 20.89
N LYS A 132 4.09 1.26 19.70
CA LYS A 132 2.74 0.71 19.38
C LYS A 132 2.60 0.54 17.87
N ARG A 133 1.62 -0.22 17.44
CA ARG A 133 1.42 -0.41 15.97
C ARG A 133 0.04 0.10 15.55
N ARG A 134 0.00 1.16 14.79
CA ARG A 134 -1.32 1.70 14.35
C ARG A 134 -1.24 2.14 12.88
N PHE A 135 -1.89 1.45 12.00
CA PHE A 135 -1.85 1.82 10.56
C PHE A 135 -3.23 2.24 10.07
N ARG A 136 -3.29 3.27 9.26
CA ARG A 136 -4.61 3.73 8.74
C ARG A 136 -4.88 3.09 7.37
N ILE A 137 -6.09 3.19 6.88
CA ILE A 137 -6.39 2.57 5.56
C ILE A 137 -7.25 3.51 4.71
N GLY A 138 -6.77 3.86 3.54
CA GLY A 138 -7.55 4.77 2.66
C GLY A 138 -7.79 4.08 1.31
N ASP A 139 -8.71 3.15 1.28
CA ASP A 139 -8.99 2.42 0.00
C ASP A 139 -9.63 3.37 -1.03
N ILE A 140 -9.11 3.37 -2.23
CA ILE A 140 -9.67 4.24 -3.28
C ILE A 140 -8.89 4.06 -4.59
N ALA A 141 -9.50 3.47 -5.57
CA ALA A 141 -8.78 3.24 -6.87
C ALA A 141 -9.54 3.86 -8.03
N GLY A 142 -9.08 3.66 -9.24
CA GLY A 142 -9.79 4.23 -10.41
C GLY A 142 -11.27 4.34 -10.12
N GLU A 143 -11.94 3.24 -9.94
CA GLU A 143 -13.40 3.29 -9.65
C GLU A 143 -13.83 2.07 -8.82
N HIS A 144 -14.01 2.24 -7.55
CA HIS A 144 -14.44 1.10 -6.69
C HIS A 144 -15.95 0.93 -6.77
N THR A 145 -16.44 0.60 -7.93
CA THR A 145 -17.92 0.43 -8.10
C THR A 145 -18.28 -1.05 -8.23
N SER A 146 -19.51 -1.34 -8.55
CA SER A 146 -19.96 -2.76 -8.68
C SER A 146 -19.26 -3.44 -9.86
N PHE A 147 -18.59 -4.53 -9.61
CA PHE A 147 -17.91 -5.26 -10.71
C PHE A 147 -18.87 -5.47 -11.89
N ASP A 148 -20.14 -5.31 -11.65
CA ASP A 148 -21.12 -5.50 -12.75
C ASP A 148 -20.90 -4.47 -13.87
N LYS A 149 -20.03 -3.53 -13.64
CA LYS A 149 -19.78 -2.49 -14.70
C LYS A 149 -18.80 -3.01 -15.75
N LEU A 150 -18.24 -4.16 -15.55
CA LEU A 150 -17.28 -4.71 -16.56
C LEU A 150 -17.09 -6.22 -16.35
N PRO A 151 -16.58 -6.57 -15.21
CA PRO A 151 -16.35 -8.01 -14.89
C PRO A 151 -17.69 -8.74 -14.74
N LYS A 152 -17.70 -10.04 -14.86
CA LYS A 152 -18.97 -10.80 -14.72
C LYS A 152 -18.70 -12.15 -14.04
N ASP A 153 -17.97 -13.01 -14.68
CA ASP A 153 -17.67 -14.33 -14.07
C ASP A 153 -16.31 -14.85 -14.56
N VAL A 154 -15.45 -13.95 -14.97
CA VAL A 154 -14.12 -14.38 -15.46
C VAL A 154 -13.09 -14.35 -14.32
N MET A 155 -11.93 -14.90 -14.53
CA MET A 155 -10.89 -14.90 -13.45
C MET A 155 -9.88 -13.78 -13.68
N ALA A 156 -10.03 -12.69 -12.99
CA ALA A 156 -9.08 -11.55 -13.17
C ALA A 156 -7.90 -11.69 -12.20
N THR A 157 -6.70 -11.74 -12.70
CA THR A 157 -5.51 -11.87 -11.81
C THR A 157 -5.24 -10.53 -11.11
N TYR A 158 -4.59 -10.55 -9.98
CA TYR A 158 -4.30 -9.26 -9.27
C TYR A 158 -2.91 -9.29 -8.65
N ARG A 159 -2.28 -8.15 -8.55
CA ARG A 159 -0.92 -8.09 -7.94
C ARG A 159 -0.74 -6.73 -7.28
N GLY A 160 -0.26 -6.69 -6.06
CA GLY A 160 -0.10 -5.36 -5.41
C GLY A 160 0.84 -5.47 -4.20
N THR A 161 0.72 -4.52 -3.32
CA THR A 161 1.59 -4.52 -2.11
C THR A 161 0.74 -4.49 -0.85
N ALA A 162 1.27 -4.95 0.24
CA ALA A 162 0.49 -4.95 1.51
C ALA A 162 1.33 -4.34 2.63
N PHE A 163 0.79 -4.29 3.82
CA PHE A 163 1.57 -3.71 4.96
C PHE A 163 1.46 -4.63 6.18
N GLY A 164 2.55 -4.89 6.87
CA GLY A 164 2.47 -5.79 8.05
C GLY A 164 2.76 -5.00 9.33
N SER A 165 1.95 -5.16 10.34
CA SER A 165 2.19 -4.42 11.61
C SER A 165 3.50 -4.90 12.24
N ASP A 166 4.03 -5.98 11.75
CA ASP A 166 5.30 -6.51 12.30
C ASP A 166 6.30 -6.72 11.16
N ASP A 167 5.91 -6.39 9.97
CA ASP A 167 6.83 -6.55 8.80
C ASP A 167 6.98 -5.21 8.09
N ALA A 168 7.87 -5.11 7.15
CA ALA A 168 8.05 -3.82 6.43
C ALA A 168 6.76 -3.42 5.75
N GLY A 169 6.02 -4.37 5.30
CA GLY A 169 4.74 -4.06 4.65
C GLY A 169 4.09 -5.35 4.20
N GLY A 170 4.10 -5.58 2.91
CA GLY A 170 3.50 -6.83 2.37
C GLY A 170 3.58 -6.83 0.85
N LYS A 171 3.50 -7.99 0.25
CA LYS A 171 3.55 -8.07 -1.24
C LYS A 171 2.82 -9.35 -1.67
N LEU A 172 1.77 -9.25 -2.44
CA LEU A 172 1.05 -10.49 -2.81
C LEU A 172 0.35 -10.37 -4.17
N THR A 173 0.13 -11.50 -4.81
CA THR A 173 -0.59 -11.50 -6.11
C THR A 173 -1.90 -12.26 -5.92
N TYR A 174 -3.01 -11.66 -6.25
CA TYR A 174 -4.31 -12.34 -6.05
C TYR A 174 -4.84 -12.94 -7.35
N THR A 175 -5.69 -13.93 -7.24
CA THR A 175 -6.30 -14.57 -8.43
C THR A 175 -7.77 -14.80 -8.12
N ILE A 176 -8.63 -13.94 -8.59
CA ILE A 176 -10.07 -14.10 -8.26
C ILE A 176 -10.94 -14.24 -9.52
N ASP A 177 -12.17 -14.60 -9.30
CA ASP A 177 -13.14 -14.75 -10.41
C ASP A 177 -14.29 -13.78 -10.15
N PHE A 178 -14.56 -12.92 -11.10
CA PHE A 178 -15.64 -11.89 -10.92
C PHE A 178 -16.90 -12.47 -10.26
N ALA A 179 -18.01 -11.84 -10.50
CA ALA A 179 -19.31 -12.28 -9.92
C ALA A 179 -19.49 -13.80 -9.94
N ALA A 180 -18.61 -14.53 -10.56
CA ALA A 180 -18.77 -16.00 -10.58
C ALA A 180 -18.62 -16.52 -9.15
N LYS A 181 -17.44 -16.95 -8.80
CA LYS A 181 -17.26 -17.46 -7.40
C LYS A 181 -15.78 -17.57 -7.03
N GLN A 182 -14.95 -16.59 -7.27
CA GLN A 182 -13.52 -16.77 -6.87
C GLN A 182 -12.86 -15.47 -6.40
N GLY A 183 -12.06 -15.57 -5.37
CA GLY A 183 -11.35 -14.35 -4.85
C GLY A 183 -10.27 -14.80 -3.86
N HIS A 184 -9.14 -15.24 -4.34
CA HIS A 184 -8.07 -15.70 -3.41
C HIS A 184 -6.68 -15.40 -3.98
N GLY A 185 -5.66 -15.57 -3.20
CA GLY A 185 -4.28 -15.30 -3.71
C GLY A 185 -3.25 -15.66 -2.64
N LYS A 186 -2.06 -15.14 -2.77
CA LYS A 186 -1.00 -15.44 -1.76
C LYS A 186 -0.74 -14.19 -0.91
N ILE A 187 0.02 -14.32 0.14
CA ILE A 187 0.32 -13.14 1.01
C ILE A 187 1.71 -13.26 1.62
N GLU A 188 2.67 -12.54 1.10
CA GLU A 188 4.04 -12.61 1.67
C GLU A 188 4.48 -11.24 2.17
N HIS A 189 4.35 -10.98 3.44
CA HIS A 189 4.77 -9.67 3.98
C HIS A 189 5.97 -9.14 3.20
N LEU A 190 7.02 -9.92 3.12
CA LEU A 190 8.22 -9.48 2.35
C LEU A 190 8.17 -10.02 0.92
N LYS A 191 8.93 -11.03 0.65
CA LYS A 191 8.92 -11.62 -0.72
C LYS A 191 9.54 -13.02 -0.71
N SER A 192 10.45 -13.25 0.19
CA SER A 192 11.09 -14.60 0.26
C SER A 192 10.03 -15.69 0.17
N PRO A 193 10.36 -16.73 -0.56
CA PRO A 193 9.43 -17.87 -0.73
C PRO A 193 9.33 -18.68 0.55
N GLU A 194 9.22 -18.01 1.67
CA GLU A 194 9.12 -18.75 2.97
C GLU A 194 8.15 -18.04 3.91
N LEU A 195 7.98 -16.75 3.77
CA LEU A 195 7.05 -16.02 4.67
C LEU A 195 5.76 -15.67 3.93
N ASN A 196 5.48 -16.37 2.86
CA ASN A 196 4.24 -16.08 2.08
C ASN A 196 3.12 -17.06 2.49
N VAL A 197 2.08 -16.56 3.07
CA VAL A 197 0.97 -17.45 3.50
C VAL A 197 0.04 -17.77 2.31
N ASP A 198 -0.73 -18.82 2.41
CA ASP A 198 -1.65 -19.19 1.30
C ASP A 198 -2.98 -18.46 1.46
N LEU A 199 -3.15 -17.34 0.82
CA LEU A 199 -4.41 -16.57 0.95
C LEU A 199 -5.56 -17.28 0.20
N ALA A 200 -6.65 -17.52 0.88
CA ALA A 200 -7.81 -18.17 0.21
C ALA A 200 -9.07 -17.35 0.49
N VAL A 201 -9.72 -16.86 -0.53
CA VAL A 201 -10.93 -16.03 -0.31
C VAL A 201 -11.92 -16.17 -1.47
N ALA A 202 -13.15 -15.80 -1.23
CA ALA A 202 -14.17 -15.88 -2.31
C ALA A 202 -14.57 -14.47 -2.74
N TYR A 203 -14.68 -14.24 -4.03
CA TYR A 203 -15.05 -12.88 -4.51
C TYR A 203 -16.57 -12.69 -4.43
N ILE A 204 -17.03 -11.96 -3.45
CA ILE A 204 -18.50 -11.73 -3.32
C ILE A 204 -18.95 -10.63 -4.28
N LYS A 205 -20.23 -10.49 -4.47
CA LYS A 205 -20.73 -9.44 -5.41
C LYS A 205 -20.79 -8.08 -4.69
N PRO A 206 -21.72 -7.97 -3.78
CA PRO A 206 -21.87 -6.70 -3.02
C PRO A 206 -20.73 -6.54 -2.01
N ASP A 207 -19.99 -5.46 -2.11
CA ASP A 207 -18.86 -5.23 -1.16
C ASP A 207 -19.28 -4.26 -0.06
N GLU A 208 -18.57 -3.18 0.09
CA GLU A 208 -18.94 -2.19 1.14
C GLU A 208 -20.23 -1.47 0.78
N LYS A 209 -20.42 -1.17 -0.48
CA LYS A 209 -21.66 -0.47 -0.91
C LYS A 209 -22.19 -1.09 -2.20
N HIS A 210 -21.35 -1.24 -3.19
CA HIS A 210 -21.80 -1.84 -4.47
C HIS A 210 -20.59 -2.14 -5.37
N HIS A 211 -19.55 -2.70 -4.82
CA HIS A 211 -18.34 -3.01 -5.63
C HIS A 211 -17.97 -4.49 -5.48
N ALA A 212 -16.76 -4.85 -5.79
CA ALA A 212 -16.34 -6.27 -5.66
C ALA A 212 -15.88 -6.56 -4.22
N VAL A 213 -16.02 -7.77 -3.77
CA VAL A 213 -15.59 -8.10 -2.38
C VAL A 213 -14.69 -9.34 -2.38
N ILE A 214 -13.85 -9.48 -1.38
CA ILE A 214 -12.94 -10.65 -1.33
C ILE A 214 -12.68 -11.03 0.14
N SER A 215 -13.24 -12.12 0.60
CA SER A 215 -13.02 -12.52 2.02
C SER A 215 -12.79 -14.03 2.13
N GLY A 216 -11.93 -14.44 3.02
CA GLY A 216 -11.66 -15.90 3.18
C GLY A 216 -10.79 -16.14 4.42
N SER A 217 -9.80 -16.97 4.30
CA SER A 217 -8.92 -17.24 5.48
C SER A 217 -7.44 -17.26 5.07
N VAL A 218 -6.59 -16.70 5.88
CA VAL A 218 -5.14 -16.68 5.55
C VAL A 218 -4.46 -17.90 6.19
N LEU A 219 -3.75 -18.68 5.41
CA LEU A 219 -3.07 -19.87 5.98
C LEU A 219 -1.77 -20.17 5.23
N TYR A 220 -0.67 -20.18 5.93
CA TYR A 220 0.63 -20.46 5.26
C TYR A 220 1.06 -21.91 5.56
N ASN A 221 1.86 -22.49 4.70
CA ASN A 221 2.30 -23.90 4.93
C ASN A 221 3.33 -23.96 6.06
N GLN A 222 3.82 -22.85 6.51
CA GLN A 222 4.81 -22.87 7.61
C GLN A 222 4.12 -23.16 8.93
N ASP A 223 3.30 -22.27 9.37
CA ASP A 223 2.56 -22.48 10.65
C ASP A 223 1.67 -21.27 10.95
N GLU A 224 1.26 -20.55 9.94
CA GLU A 224 0.39 -19.36 10.18
C GLU A 224 -1.08 -19.78 10.31
N LYS A 225 -1.86 -18.98 10.98
CA LYS A 225 -3.30 -19.31 11.13
C LYS A 225 -4.11 -18.02 11.25
N GLY A 226 -4.36 -17.36 10.15
CA GLY A 226 -5.12 -16.09 10.22
C GLY A 226 -6.25 -16.08 9.18
N SER A 227 -7.07 -15.05 9.23
CA SER A 227 -8.18 -14.94 8.26
C SER A 227 -7.91 -13.77 7.30
N TYR A 228 -8.79 -13.52 6.38
CA TYR A 228 -8.55 -12.40 5.44
C TYR A 228 -9.88 -11.79 4.96
N SER A 229 -9.94 -10.49 4.88
CA SER A 229 -11.17 -9.82 4.41
C SER A 229 -10.77 -8.54 3.66
N LEU A 230 -11.30 -8.31 2.50
CA LEU A 230 -10.91 -7.07 1.75
C LEU A 230 -11.96 -6.71 0.70
N GLY A 231 -11.90 -5.52 0.18
CA GLY A 231 -12.88 -5.09 -0.86
C GLY A 231 -12.11 -4.85 -2.16
N ILE A 232 -12.55 -5.46 -3.24
CA ILE A 232 -11.82 -5.27 -4.52
C ILE A 232 -12.66 -4.49 -5.53
N PHE A 233 -12.01 -3.69 -6.34
CA PHE A 233 -12.74 -2.91 -7.37
C PHE A 233 -12.71 -3.70 -8.69
N GLY A 234 -13.73 -3.59 -9.48
CA GLY A 234 -13.75 -4.35 -10.77
C GLY A 234 -14.79 -3.75 -11.72
N GLU A 235 -15.82 -3.15 -11.19
CA GLU A 235 -16.85 -2.55 -12.08
C GLU A 235 -16.18 -1.95 -13.32
N LYS A 236 -14.95 -1.59 -13.16
CA LYS A 236 -14.15 -1.01 -14.27
C LYS A 236 -12.76 -0.76 -13.71
N ALA A 237 -12.35 -1.63 -12.84
CA ALA A 237 -11.03 -1.49 -12.18
C ALA A 237 -10.63 -2.82 -11.54
N GLN A 238 -10.05 -3.70 -12.31
CA GLN A 238 -9.63 -5.02 -11.76
C GLN A 238 -8.59 -4.82 -10.67
N GLU A 239 -8.89 -3.97 -9.72
CA GLU A 239 -7.92 -3.72 -8.61
C GLU A 239 -8.39 -4.40 -7.32
N VAL A 240 -7.61 -4.35 -6.28
CA VAL A 240 -8.01 -5.00 -5.00
C VAL A 240 -7.33 -4.31 -3.81
N ALA A 241 -8.07 -3.97 -2.80
CA ALA A 241 -7.45 -3.31 -1.62
C ALA A 241 -8.16 -3.75 -0.33
N GLY A 242 -7.42 -4.26 0.62
CA GLY A 242 -8.05 -4.71 1.89
C GLY A 242 -6.97 -5.02 2.93
N SER A 243 -7.24 -5.94 3.83
CA SER A 243 -6.23 -6.28 4.87
C SER A 243 -6.53 -7.68 5.43
N ALA A 244 -5.77 -8.10 6.40
CA ALA A 244 -6.02 -9.46 6.99
C ALA A 244 -5.40 -9.54 8.38
N GLU A 245 -5.67 -10.60 9.10
CA GLU A 245 -5.09 -10.74 10.47
C GLU A 245 -4.76 -12.20 10.72
N VAL A 246 -3.62 -12.49 11.31
CA VAL A 246 -3.27 -13.91 11.55
C VAL A 246 -2.39 -14.06 12.79
N GLU A 247 -2.39 -15.23 13.36
CA GLU A 247 -1.56 -15.47 14.58
C GLU A 247 -0.44 -16.46 14.26
N THR A 248 0.65 -16.40 14.98
CA THR A 248 1.76 -17.34 14.72
C THR A 248 1.83 -18.41 15.82
N ALA A 249 2.87 -19.19 15.84
CA ALA A 249 2.97 -20.25 16.89
C ALA A 249 3.07 -19.60 18.28
N ASN A 250 3.11 -18.30 18.33
CA ASN A 250 3.20 -17.61 19.65
C ASN A 250 3.24 -16.09 19.44
N GLY A 251 2.33 -15.56 18.66
CA GLY A 251 2.32 -14.09 18.43
C GLY A 251 1.03 -13.69 17.71
N ILE A 252 0.95 -12.46 17.27
CA ILE A 252 -0.28 -12.00 16.56
C ILE A 252 0.02 -10.71 15.79
N HIS A 253 -0.47 -10.60 14.58
CA HIS A 253 -0.20 -9.35 13.79
C HIS A 253 -1.23 -9.21 12.67
N HIS A 254 -1.36 -8.02 12.14
CA HIS A 254 -2.34 -7.81 11.03
C HIS A 254 -1.60 -7.34 9.78
N ILE A 255 -2.05 -7.75 8.62
CA ILE A 255 -1.35 -7.33 7.38
C ILE A 255 -2.33 -6.62 6.43
N GLY A 256 -2.01 -5.40 6.07
CA GLY A 256 -2.91 -4.65 5.14
C GLY A 256 -2.52 -5.02 3.71
N LEU A 257 -3.43 -4.91 2.78
CA LEU A 257 -3.09 -5.26 1.38
C LEU A 257 -3.58 -4.19 0.40
N ALA A 258 -2.87 -4.00 -0.68
CA ALA A 258 -3.29 -2.99 -1.69
C ALA A 258 -2.77 -3.40 -3.06
N ALA A 259 -3.63 -3.78 -3.96
CA ALA A 259 -3.13 -4.21 -5.30
C ALA A 259 -4.06 -3.78 -6.42
N LYS A 260 -3.57 -3.78 -7.62
CA LYS A 260 -4.41 -3.38 -8.79
C LYS A 260 -4.38 -4.48 -9.85
N GLN A 261 -5.29 -4.43 -10.79
CA GLN A 261 -5.32 -5.47 -11.87
C GLN A 261 -3.93 -6.07 -12.07
N MET A 1 21.54 8.45 8.59
CA MET A 1 22.42 8.48 7.40
C MET A 1 23.58 7.50 7.56
N GLY A 2 24.17 7.06 6.48
CA GLY A 2 25.30 6.10 6.57
C GLY A 2 26.23 6.29 5.38
N SER A 3 26.92 7.41 5.33
CA SER A 3 27.86 7.65 4.19
C SER A 3 29.00 8.56 4.64
N SER A 4 30.15 8.00 4.91
CA SER A 4 31.30 8.83 5.36
C SER A 4 32.63 8.10 5.10
N GLY A 5 32.68 7.32 4.06
CA GLY A 5 33.93 6.57 3.75
C GLY A 5 34.16 6.54 2.24
N GLY A 6 34.86 5.55 1.76
CA GLY A 6 35.11 5.48 0.29
C GLY A 6 35.31 4.01 -0.12
N GLY A 7 34.74 3.61 -1.22
CA GLY A 7 34.91 2.19 -1.67
C GLY A 7 34.19 2.01 -3.00
N GLY A 8 33.86 0.79 -3.34
CA GLY A 8 33.17 0.53 -4.64
C GLY A 8 31.68 0.84 -4.48
N SER A 9 31.30 2.05 -4.75
CA SER A 9 29.85 2.43 -4.63
C SER A 9 29.51 3.59 -5.58
N GLY A 10 28.29 3.70 -5.98
CA GLY A 10 27.90 4.81 -6.90
C GLY A 10 26.41 5.14 -6.71
N GLY A 11 25.74 5.49 -7.77
CA GLY A 11 24.29 5.82 -7.64
C GLY A 11 23.69 6.00 -9.04
N GLY A 12 23.75 4.98 -9.86
CA GLY A 12 23.18 5.09 -11.23
C GLY A 12 23.35 3.77 -11.96
N GLY A 13 22.96 2.68 -11.35
CA GLY A 13 23.10 1.35 -12.01
C GLY A 13 21.71 0.78 -12.31
N VAL A 14 20.80 0.89 -11.37
CA VAL A 14 19.43 0.35 -11.59
C VAL A 14 18.79 1.01 -12.82
N THR A 15 17.68 0.50 -13.26
CA THR A 15 17.00 1.10 -14.45
C THR A 15 16.43 2.48 -14.10
N ALA A 16 16.29 3.33 -15.07
CA ALA A 16 15.74 4.69 -14.80
C ALA A 16 14.22 4.63 -14.66
N ASP A 17 13.64 3.47 -14.77
CA ASP A 17 12.16 3.37 -14.66
C ASP A 17 11.74 1.92 -14.38
N ILE A 18 12.39 1.26 -13.47
CA ILE A 18 12.03 -0.15 -13.17
C ILE A 18 11.18 -0.20 -11.91
N GLY A 19 11.83 -0.11 -10.79
CA GLY A 19 11.09 -0.15 -9.49
C GLY A 19 11.35 1.14 -8.72
N THR A 20 12.58 1.56 -8.63
CA THR A 20 12.89 2.82 -7.89
C THR A 20 12.23 4.02 -8.57
N GLY A 21 11.56 3.79 -9.66
CA GLY A 21 10.90 4.93 -10.37
C GLY A 21 10.23 5.84 -9.36
N LEU A 22 9.66 5.29 -8.31
CA LEU A 22 9.00 6.13 -7.29
C LEU A 22 9.96 7.18 -6.74
N ALA A 23 11.22 6.84 -6.64
CA ALA A 23 12.21 7.82 -6.12
C ALA A 23 12.15 9.12 -6.92
N ASP A 24 11.45 9.11 -8.02
CA ASP A 24 11.34 10.33 -8.85
C ASP A 24 10.08 11.11 -8.47
N ALA A 25 9.24 10.53 -7.66
CA ALA A 25 7.99 11.23 -7.26
C ALA A 25 8.24 12.10 -6.03
N LEU A 26 9.32 11.86 -5.34
CA LEU A 26 9.62 12.68 -4.12
C LEU A 26 10.75 13.67 -4.41
N THR A 27 11.47 13.46 -5.48
CA THR A 27 12.59 14.38 -5.82
C THR A 27 12.26 15.18 -7.08
N ALA A 28 11.20 14.83 -7.75
CA ALA A 28 10.81 15.56 -8.99
C ALA A 28 9.66 16.51 -8.70
N PRO A 29 10.00 17.70 -8.31
CA PRO A 29 8.98 18.74 -7.99
C PRO A 29 8.34 19.25 -9.28
N LEU A 30 7.51 20.26 -9.18
CA LEU A 30 6.86 20.81 -10.40
C LEU A 30 7.86 20.84 -11.57
N ASP A 31 7.55 20.16 -12.64
CA ASP A 31 8.47 20.14 -13.81
C ASP A 31 7.73 19.73 -15.08
N HIS A 32 7.92 20.43 -16.15
CA HIS A 32 7.21 20.07 -17.41
C HIS A 32 7.79 18.78 -17.99
N LYS A 33 8.80 18.23 -17.34
CA LYS A 33 9.41 16.98 -17.85
C LYS A 33 8.41 15.82 -17.73
N ASP A 34 7.25 16.08 -17.20
CA ASP A 34 6.24 15.00 -17.05
C ASP A 34 5.38 14.91 -18.31
N LYS A 35 4.91 13.73 -18.64
CA LYS A 35 4.08 13.57 -19.87
C LYS A 35 2.81 14.43 -19.75
N GLY A 36 2.36 14.66 -18.55
CA GLY A 36 1.13 15.49 -18.37
C GLY A 36 1.15 16.16 -17.00
N LEU A 37 0.61 15.52 -16.01
CA LEU A 37 0.61 16.12 -14.64
C LEU A 37 2.01 16.10 -14.05
N LYS A 38 2.41 17.14 -13.38
CA LYS A 38 3.77 17.18 -12.78
C LYS A 38 3.71 16.73 -11.32
N SER A 39 2.63 16.98 -10.65
CA SER A 39 2.52 16.55 -9.22
C SER A 39 1.09 16.80 -8.71
N LEU A 40 0.87 16.59 -7.44
CA LEU A 40 -0.49 16.81 -6.88
C LEU A 40 -0.40 17.29 -5.43
N THR A 41 -1.13 18.31 -5.08
CA THR A 41 -1.07 18.82 -3.68
C THR A 41 -2.38 18.49 -2.95
N LEU A 42 -2.31 17.78 -1.86
CA LEU A 42 -3.54 17.43 -1.12
C LEU A 42 -4.02 18.63 -0.29
N GLU A 43 -5.26 18.61 0.12
CA GLU A 43 -5.79 19.76 0.92
C GLU A 43 -4.74 20.23 1.93
N ASP A 44 -5.00 21.31 2.61
CA ASP A 44 -4.01 21.82 3.60
C ASP A 44 -4.23 21.15 4.95
N SER A 45 -4.69 19.94 4.95
CA SER A 45 -4.92 19.22 6.24
C SER A 45 -3.94 19.72 7.31
N ILE A 46 -2.73 20.00 6.92
CA ILE A 46 -1.73 20.49 7.91
C ILE A 46 -1.63 22.01 7.85
N SER A 47 -0.52 22.55 8.26
CA SER A 47 -0.34 24.02 8.24
C SER A 47 1.04 24.39 8.78
N GLN A 48 1.21 25.61 9.20
CA GLN A 48 2.53 26.05 9.73
C GLN A 48 2.92 25.18 10.95
N ASN A 49 2.03 24.32 11.38
CA ASN A 49 2.34 23.46 12.55
C ASN A 49 2.28 21.99 12.14
N GLY A 50 3.15 21.58 11.28
CA GLY A 50 3.16 20.16 10.84
C GLY A 50 4.29 19.94 9.82
N THR A 51 5.45 19.57 10.28
CA THR A 51 6.58 19.34 9.34
C THR A 51 7.00 17.87 9.35
N LEU A 52 7.23 17.30 8.21
CA LEU A 52 7.64 15.87 8.17
C LEU A 52 8.27 15.53 6.80
N THR A 53 9.37 14.84 6.80
CA THR A 53 10.03 14.49 5.50
C THR A 53 9.76 13.03 5.15
N LEU A 54 9.79 12.70 3.90
CA LEU A 54 9.54 11.28 3.49
C LEU A 54 10.61 10.81 2.51
N SER A 55 11.18 9.66 2.74
CA SER A 55 12.24 9.14 1.83
C SER A 55 11.71 7.95 1.03
N ALA A 56 12.15 7.80 -0.19
CA ALA A 56 11.67 6.65 -1.02
C ALA A 56 12.86 5.79 -1.44
N GLN A 57 12.64 4.85 -2.33
CA GLN A 57 13.74 3.97 -2.78
C GLN A 57 14.68 4.73 -3.73
N GLY A 58 15.00 5.95 -3.40
CA GLY A 58 15.91 6.75 -4.27
C GLY A 58 16.11 8.14 -3.66
N ALA A 59 15.05 8.77 -3.23
CA ALA A 59 15.18 10.13 -2.63
C ALA A 59 14.02 10.39 -1.66
N GLU A 60 14.02 11.52 -1.02
CA GLU A 60 12.92 11.84 -0.07
C GLU A 60 12.32 13.20 -0.40
N LYS A 61 11.08 13.42 -0.02
CA LYS A 61 10.43 14.74 -0.31
C LYS A 61 9.94 15.37 0.99
N THR A 62 10.28 16.61 1.22
CA THR A 62 9.82 17.28 2.46
C THR A 62 8.31 17.57 2.40
N TYR A 63 7.54 16.93 3.23
CA TYR A 63 6.07 17.18 3.22
C TYR A 63 5.67 18.07 4.38
N GLY A 64 5.22 19.27 4.10
CA GLY A 64 4.82 20.19 5.20
C GLY A 64 3.37 20.65 4.96
N ASN A 65 3.02 21.80 5.47
CA ASN A 65 1.63 22.30 5.26
C ASN A 65 1.24 22.20 3.79
N GLY A 66 0.09 21.66 3.51
CA GLY A 66 -0.35 21.53 2.09
C GLY A 66 0.15 20.19 1.54
N ASP A 67 1.07 19.57 2.23
CA ASP A 67 1.60 18.26 1.74
C ASP A 67 1.52 18.19 0.21
N SER A 68 2.61 18.46 -0.45
CA SER A 68 2.59 18.41 -1.94
C SER A 68 3.15 17.06 -2.43
N LEU A 69 2.42 16.38 -3.28
CA LEU A 69 2.92 15.07 -3.80
C LEU A 69 3.48 15.23 -5.21
N ASN A 70 4.77 15.16 -5.36
CA ASN A 70 5.38 15.30 -6.71
C ASN A 70 5.25 13.99 -7.49
N THR A 71 4.09 13.70 -8.01
CA THR A 71 3.91 12.44 -8.78
C THR A 71 3.28 12.74 -10.15
N GLY A 72 3.99 13.45 -10.98
CA GLY A 72 3.43 13.77 -12.33
C GLY A 72 3.62 12.57 -13.26
N LYS A 73 3.65 11.38 -12.72
CA LYS A 73 3.84 10.18 -13.58
C LYS A 73 2.89 9.06 -13.14
N LEU A 74 2.11 9.31 -12.13
CA LEU A 74 1.17 8.26 -11.64
C LEU A 74 0.63 7.42 -12.82
N LYS A 75 0.08 6.29 -12.52
CA LYS A 75 -0.46 5.41 -13.61
C LYS A 75 -1.72 4.70 -13.14
N ASN A 76 -2.03 3.57 -13.72
CA ASN A 76 -3.25 2.82 -13.29
C ASN A 76 -3.15 2.44 -11.81
N ASP A 77 -2.26 1.54 -11.49
CA ASP A 77 -2.12 1.12 -10.07
C ASP A 77 -0.72 1.50 -9.55
N LYS A 78 -0.41 2.77 -9.53
CA LYS A 78 0.92 3.22 -9.04
C LYS A 78 0.94 3.24 -7.51
N VAL A 79 2.06 2.95 -6.92
CA VAL A 79 2.14 2.96 -5.43
C VAL A 79 2.95 4.16 -4.95
N SER A 80 2.86 4.49 -3.69
CA SER A 80 3.63 5.65 -3.16
C SER A 80 3.93 5.44 -1.67
N ARG A 81 4.84 4.55 -1.37
CA ARG A 81 5.18 4.29 0.06
C ARG A 81 6.60 4.78 0.35
N PHE A 82 6.79 5.44 1.46
CA PHE A 82 8.15 5.95 1.81
C PHE A 82 8.25 6.23 3.31
N ASP A 83 9.43 6.14 3.86
CA ASP A 83 9.59 6.39 5.33
C ASP A 83 9.69 7.90 5.59
N PHE A 84 8.92 8.41 6.51
CA PHE A 84 8.97 9.86 6.81
C PHE A 84 8.91 10.10 8.33
N ILE A 85 8.76 11.32 8.74
CA ILE A 85 8.69 11.60 10.21
C ILE A 85 7.78 12.81 10.47
N ARG A 86 6.68 12.60 11.12
CA ARG A 86 5.75 13.73 11.40
C ARG A 86 6.18 14.45 12.69
N GLN A 87 6.84 15.57 12.55
CA GLN A 87 7.29 16.32 13.76
C GLN A 87 6.70 17.73 13.76
N ILE A 88 5.92 18.06 14.75
CA ILE A 88 5.31 19.41 14.81
C ILE A 88 5.86 20.20 16.00
N GLU A 89 6.60 21.24 15.75
CA GLU A 89 7.17 22.03 16.87
C GLU A 89 7.15 23.53 16.52
N VAL A 90 6.68 24.35 17.42
CA VAL A 90 6.63 25.81 17.15
C VAL A 90 7.54 26.54 18.12
N ASP A 91 7.78 27.81 17.89
CA ASP A 91 8.66 28.58 18.82
C ASP A 91 8.05 28.66 20.21
N GLY A 92 6.89 28.10 20.38
CA GLY A 92 6.23 28.13 21.72
C GLY A 92 4.88 27.42 21.64
N GLN A 93 4.84 26.26 21.04
CA GLN A 93 3.56 25.52 20.92
C GLN A 93 3.81 24.03 20.73
N LEU A 94 3.05 23.43 19.86
CA LEU A 94 3.20 21.97 19.62
C LEU A 94 4.69 21.59 19.48
N ILE A 95 4.98 20.33 19.56
CA ILE A 95 6.40 19.88 19.44
C ILE A 95 6.45 18.37 19.19
N THR A 96 5.37 17.79 18.76
CA THR A 96 5.34 16.33 18.49
C THR A 96 6.52 15.93 17.60
N LEU A 97 6.87 14.68 17.58
CA LEU A 97 8.01 14.23 16.73
C LEU A 97 8.07 12.70 16.69
N GLU A 98 7.65 12.10 15.62
CA GLU A 98 7.68 10.61 15.53
C GLU A 98 7.98 10.18 14.08
N SER A 99 8.61 9.04 13.92
CA SER A 99 8.92 8.57 12.54
C SER A 99 8.11 7.31 12.22
N GLY A 100 7.75 7.14 10.98
CA GLY A 100 6.95 5.93 10.60
C GLY A 100 7.10 5.67 9.10
N GLU A 101 6.19 4.93 8.53
CA GLU A 101 6.29 4.63 7.07
C GLU A 101 5.02 5.09 6.35
N PHE A 102 5.09 5.28 5.06
CA PHE A 102 3.88 5.73 4.30
C PHE A 102 3.53 4.70 3.22
N GLN A 103 2.26 4.48 2.98
CA GLN A 103 1.86 3.50 1.95
C GLN A 103 0.69 4.05 1.11
N VAL A 104 0.99 4.60 -0.04
CA VAL A 104 -0.10 5.16 -0.90
C VAL A 104 -0.21 4.37 -2.20
N TYR A 105 -1.34 4.41 -2.83
CA TYR A 105 -1.52 3.66 -4.11
C TYR A 105 -2.65 4.28 -4.92
N LYS A 106 -2.52 4.32 -6.22
CA LYS A 106 -3.59 4.91 -7.07
C LYS A 106 -4.00 3.94 -8.17
N GLN A 107 -5.27 3.67 -8.30
CA GLN A 107 -5.74 2.73 -9.36
C GLN A 107 -6.17 3.52 -10.61
N SER A 108 -7.31 3.18 -11.15
CA SER A 108 -7.80 3.91 -12.37
C SER A 108 -8.36 5.28 -11.98
N HIS A 109 -9.42 5.31 -11.22
CA HIS A 109 -10.01 6.62 -10.81
C HIS A 109 -9.95 6.76 -9.29
N SER A 110 -9.85 5.67 -8.58
CA SER A 110 -9.79 5.75 -7.09
C SER A 110 -8.35 5.55 -6.62
N ALA A 111 -8.16 5.28 -5.35
CA ALA A 111 -6.79 5.08 -4.83
C ALA A 111 -6.85 4.58 -3.37
N LEU A 112 -5.71 4.34 -2.77
CA LEU A 112 -5.70 3.87 -1.36
C LEU A 112 -4.44 4.34 -0.65
N THR A 113 -4.59 4.97 0.49
CA THR A 113 -3.39 5.46 1.24
C THR A 113 -3.17 4.60 2.49
N ALA A 114 -2.09 4.83 3.18
CA ALA A 114 -1.81 4.03 4.41
C ALA A 114 -0.65 4.65 5.19
N LEU A 115 -0.88 5.04 6.41
CA LEU A 115 0.21 5.65 7.22
C LEU A 115 0.72 4.65 8.26
N GLN A 116 2.00 4.60 8.47
CA GLN A 116 2.57 3.65 9.47
C GLN A 116 3.55 4.35 10.41
N THR A 117 3.63 3.93 11.64
CA THR A 117 4.56 4.58 12.59
C THR A 117 5.72 3.64 12.93
N GLU A 118 6.73 4.12 13.59
CA GLU A 118 7.88 3.25 13.95
C GLU A 118 8.39 3.57 15.36
N GLN A 119 8.87 4.77 15.57
CA GLN A 119 9.36 5.14 16.92
C GLN A 119 8.82 6.51 17.33
N GLU A 120 8.73 6.77 18.60
CA GLU A 120 8.22 8.09 19.06
C GLU A 120 9.10 8.65 20.18
N GLN A 121 8.81 9.83 20.66
CA GLN A 121 9.63 10.42 21.75
C GLN A 121 8.85 11.52 22.46
N ASP A 122 9.13 11.76 23.71
CA ASP A 122 8.39 12.84 24.44
C ASP A 122 9.34 13.89 25.00
N PRO A 123 9.37 15.01 24.34
CA PRO A 123 10.24 16.14 24.75
C PRO A 123 9.75 16.78 26.04
N GLU A 124 10.42 16.50 27.12
CA GLU A 124 10.04 17.10 28.44
C GLU A 124 11.20 16.94 29.41
N HIS A 125 11.91 15.87 29.30
CA HIS A 125 13.08 15.60 30.17
C HIS A 125 13.72 14.27 29.75
N SER A 126 13.11 13.20 30.14
CA SER A 126 13.62 11.86 29.77
C SER A 126 12.53 11.08 29.02
N GLU A 127 11.55 11.77 28.53
CA GLU A 127 10.44 11.09 27.80
C GLU A 127 10.57 11.25 26.29
N LYS A 128 11.50 12.06 25.85
CA LYS A 128 11.69 12.29 24.39
C LYS A 128 11.97 10.98 23.64
N MET A 129 11.37 9.90 24.07
CA MET A 129 11.58 8.62 23.37
C MET A 129 10.42 7.67 23.65
N VAL A 130 9.95 6.97 22.65
CA VAL A 130 8.82 6.03 22.85
C VAL A 130 8.90 4.88 21.84
N ALA A 131 8.00 3.94 21.92
CA ALA A 131 8.02 2.81 20.96
C ALA A 131 6.61 2.22 20.80
N LYS A 132 6.05 2.32 19.62
CA LYS A 132 4.68 1.78 19.40
C LYS A 132 4.42 1.63 17.89
N ARG A 133 3.97 0.47 17.47
CA ARG A 133 3.69 0.26 16.03
C ARG A 133 2.27 0.74 15.69
N ARG A 134 2.16 1.85 15.01
CA ARG A 134 0.81 2.37 14.65
C ARG A 134 0.65 2.39 13.13
N PHE A 135 -0.44 1.86 12.63
CA PHE A 135 -0.65 1.84 11.16
C PHE A 135 -2.05 2.38 10.82
N ARG A 136 -2.12 3.50 10.17
CA ARG A 136 -3.46 4.06 9.82
C ARG A 136 -3.75 3.86 8.34
N ILE A 137 -4.64 2.97 8.01
CA ILE A 137 -4.97 2.71 6.58
C ILE A 137 -5.90 3.80 6.04
N GLY A 138 -5.45 4.61 5.13
CA GLY A 138 -6.32 5.68 4.56
C GLY A 138 -6.78 5.28 3.17
N ASP A 139 -7.01 4.02 2.94
CA ASP A 139 -7.45 3.57 1.59
C ASP A 139 -8.81 4.20 1.24
N ILE A 140 -9.05 4.45 -0.02
CA ILE A 140 -10.35 5.06 -0.43
C ILE A 140 -10.91 4.32 -1.64
N ALA A 141 -10.90 3.02 -1.60
CA ALA A 141 -11.44 2.24 -2.76
C ALA A 141 -12.96 2.42 -2.85
N GLY A 142 -13.46 2.71 -4.02
CA GLY A 142 -14.92 2.90 -4.18
C GLY A 142 -15.24 3.17 -5.65
N GLU A 143 -14.52 2.55 -6.54
CA GLU A 143 -14.78 2.77 -7.99
C GLU A 143 -15.97 1.94 -8.45
N HIS A 144 -16.75 2.45 -9.35
CA HIS A 144 -17.93 1.68 -9.83
C HIS A 144 -17.48 0.33 -10.39
N THR A 145 -17.07 -0.56 -9.53
CA THR A 145 -16.60 -1.89 -10.00
C THR A 145 -17.63 -2.97 -9.68
N SER A 146 -18.89 -2.67 -9.78
CA SER A 146 -19.92 -3.70 -9.49
C SER A 146 -19.71 -4.88 -10.44
N PHE A 147 -18.69 -5.66 -10.20
CA PHE A 147 -18.41 -6.82 -11.09
C PHE A 147 -19.73 -7.35 -11.67
N ASP A 148 -20.79 -7.27 -10.91
CA ASP A 148 -22.11 -7.77 -11.42
C ASP A 148 -22.44 -7.10 -12.74
N LYS A 149 -21.73 -6.06 -13.08
CA LYS A 149 -22.00 -5.37 -14.37
C LYS A 149 -21.46 -6.21 -15.54
N LEU A 150 -20.87 -7.33 -15.23
CA LEU A 150 -20.33 -8.21 -16.31
C LEU A 150 -19.79 -9.50 -15.68
N PRO A 151 -20.65 -10.16 -14.96
CA PRO A 151 -20.28 -11.41 -14.29
C PRO A 151 -20.49 -12.61 -15.22
N LYS A 152 -19.43 -13.13 -15.76
CA LYS A 152 -19.56 -14.30 -16.68
C LYS A 152 -18.40 -15.27 -16.46
N ASP A 153 -17.26 -14.98 -17.02
CA ASP A 153 -16.10 -15.88 -16.84
C ASP A 153 -14.79 -15.06 -16.92
N VAL A 154 -14.75 -13.93 -16.27
CA VAL A 154 -13.52 -13.10 -16.32
C VAL A 154 -12.58 -13.45 -15.15
N MET A 155 -11.49 -14.08 -15.44
CA MET A 155 -10.53 -14.44 -14.35
C MET A 155 -9.38 -13.45 -14.31
N ALA A 156 -9.41 -12.52 -13.40
CA ALA A 156 -8.31 -11.52 -13.30
C ALA A 156 -7.49 -11.74 -12.03
N THR A 157 -6.23 -12.04 -12.17
CA THR A 157 -5.38 -12.25 -10.96
C THR A 157 -5.16 -10.93 -10.23
N TYR A 158 -4.86 -10.97 -8.96
CA TYR A 158 -4.62 -9.72 -8.21
C TYR A 158 -3.38 -9.85 -7.34
N ARG A 159 -2.41 -9.00 -7.53
CA ARG A 159 -1.17 -9.08 -6.72
C ARG A 159 -0.68 -7.67 -6.41
N GLY A 160 -0.14 -7.46 -5.23
CA GLY A 160 0.34 -6.09 -4.90
C GLY A 160 1.12 -6.09 -3.58
N THR A 161 0.90 -5.09 -2.78
CA THR A 161 1.63 -4.98 -1.49
C THR A 161 0.64 -4.87 -0.32
N ALA A 162 1.06 -5.25 0.84
CA ALA A 162 0.17 -5.19 2.03
C ALA A 162 0.99 -4.97 3.31
N PHE A 163 0.34 -4.89 4.42
CA PHE A 163 1.07 -4.69 5.71
C PHE A 163 0.34 -5.43 6.85
N GLY A 164 1.06 -6.17 7.65
CA GLY A 164 0.38 -6.91 8.76
C GLY A 164 0.19 -5.98 9.96
N SER A 165 -0.97 -6.00 10.56
CA SER A 165 -1.24 -5.13 11.74
C SER A 165 0.06 -4.76 12.44
N ASP A 166 0.40 -5.47 13.48
CA ASP A 166 1.66 -5.18 14.21
C ASP A 166 2.84 -5.18 13.24
N ASP A 167 2.60 -5.63 12.04
CA ASP A 167 3.69 -5.65 11.03
C ASP A 167 3.57 -4.44 10.10
N ALA A 168 4.53 -4.24 9.26
CA ALA A 168 4.47 -3.09 8.31
C ALA A 168 4.79 -3.58 6.92
N GLY A 169 4.67 -4.85 6.73
CA GLY A 169 4.96 -5.43 5.39
C GLY A 169 4.06 -6.65 5.17
N GLY A 170 3.72 -6.90 3.94
CA GLY A 170 2.85 -8.07 3.62
C GLY A 170 2.60 -8.07 2.11
N LYS A 171 3.18 -8.97 1.38
CA LYS A 171 2.95 -8.99 -0.10
C LYS A 171 1.75 -9.88 -0.43
N LEU A 172 0.93 -9.47 -1.37
CA LEU A 172 -0.26 -10.30 -1.71
C LEU A 172 -0.32 -10.55 -3.22
N THR A 173 -0.29 -11.80 -3.61
CA THR A 173 -0.37 -12.12 -5.06
C THR A 173 -1.27 -13.35 -5.25
N TYR A 174 -2.50 -13.15 -5.64
CA TYR A 174 -3.42 -14.31 -5.80
C TYR A 174 -4.24 -14.19 -7.09
N THR A 175 -4.76 -15.29 -7.57
CA THR A 175 -5.58 -15.25 -8.81
C THR A 175 -7.07 -15.12 -8.43
N ILE A 176 -7.78 -14.23 -9.08
CA ILE A 176 -9.21 -14.05 -8.75
C ILE A 176 -10.09 -14.35 -9.97
N ASP A 177 -11.37 -14.51 -9.77
CA ASP A 177 -12.30 -14.80 -10.90
C ASP A 177 -13.57 -13.97 -10.74
N PHE A 178 -13.99 -13.32 -11.79
CA PHE A 178 -15.22 -12.48 -11.73
C PHE A 178 -16.40 -13.24 -11.12
N ALA A 179 -17.59 -13.00 -11.60
CA ALA A 179 -18.80 -13.68 -11.06
C ALA A 179 -18.42 -15.09 -10.60
N ALA A 180 -17.45 -15.69 -11.23
CA ALA A 180 -17.00 -17.03 -10.78
C ALA A 180 -16.35 -16.85 -9.42
N LYS A 181 -17.10 -16.31 -8.50
CA LYS A 181 -16.58 -16.04 -7.13
C LYS A 181 -15.30 -16.81 -6.85
N GLN A 182 -14.20 -16.38 -7.42
CA GLN A 182 -12.91 -17.10 -7.16
C GLN A 182 -11.82 -16.08 -6.79
N GLY A 183 -11.02 -16.40 -5.81
CA GLY A 183 -9.93 -15.46 -5.41
C GLY A 183 -9.01 -16.15 -4.40
N HIS A 184 -7.88 -16.60 -4.83
CA HIS A 184 -6.97 -17.29 -3.86
C HIS A 184 -5.51 -17.20 -4.33
N GLY A 185 -4.60 -17.00 -3.42
CA GLY A 185 -3.16 -16.90 -3.81
C GLY A 185 -2.30 -17.14 -2.58
N LYS A 186 -1.22 -16.41 -2.44
CA LYS A 186 -0.34 -16.60 -1.25
C LYS A 186 0.24 -15.26 -0.79
N ILE A 187 0.54 -15.14 0.48
CA ILE A 187 1.13 -13.87 1.00
C ILE A 187 2.65 -13.93 0.84
N GLU A 188 3.24 -12.88 0.32
CA GLU A 188 4.72 -12.89 0.12
C GLU A 188 5.46 -12.11 1.21
N HIS A 189 6.74 -11.96 1.02
CA HIS A 189 7.59 -11.23 2.02
C HIS A 189 6.77 -10.33 2.94
N LEU A 190 6.10 -10.90 3.91
CA LEU A 190 5.33 -10.06 4.86
C LEU A 190 6.18 -9.79 6.10
N LYS A 191 5.97 -8.67 6.75
CA LYS A 191 6.79 -8.37 7.96
C LYS A 191 6.87 -9.59 8.88
N SER A 192 5.80 -9.91 9.52
CA SER A 192 5.78 -11.07 10.44
C SER A 192 6.61 -12.23 9.88
N PRO A 193 6.80 -13.24 10.70
CA PRO A 193 7.58 -14.43 10.29
C PRO A 193 6.79 -15.25 9.27
N GLU A 194 5.52 -14.98 9.15
CA GLU A 194 4.68 -15.74 8.17
C GLU A 194 4.75 -15.03 6.82
N LEU A 195 5.85 -14.40 6.54
CA LEU A 195 6.00 -13.67 5.24
C LEU A 195 5.53 -14.52 4.06
N ASN A 196 5.34 -15.79 4.27
CA ASN A 196 4.88 -16.67 3.16
C ASN A 196 3.77 -17.60 3.65
N VAL A 197 2.57 -17.41 3.17
CA VAL A 197 1.46 -18.28 3.63
C VAL A 197 0.56 -18.70 2.46
N ASP A 198 -0.33 -19.63 2.69
CA ASP A 198 -1.24 -20.09 1.61
C ASP A 198 -2.53 -19.28 1.63
N LEU A 199 -2.70 -18.39 0.69
CA LEU A 199 -3.92 -17.55 0.66
C LEU A 199 -5.04 -18.23 -0.14
N ALA A 200 -6.21 -18.31 0.43
CA ALA A 200 -7.36 -18.92 -0.28
C ALA A 200 -8.62 -18.10 -0.01
N VAL A 201 -9.23 -17.57 -1.04
CA VAL A 201 -10.44 -16.73 -0.81
C VAL A 201 -11.47 -16.94 -1.93
N ALA A 202 -12.71 -16.66 -1.65
CA ALA A 202 -13.77 -16.82 -2.68
C ALA A 202 -14.30 -15.43 -3.06
N TYR A 203 -14.40 -15.15 -4.33
CA TYR A 203 -14.89 -13.81 -4.75
C TYR A 203 -16.41 -13.74 -4.71
N ILE A 204 -16.95 -12.55 -4.74
CA ILE A 204 -18.43 -12.39 -4.70
C ILE A 204 -18.84 -11.23 -5.62
N LYS A 205 -20.11 -11.10 -5.90
CA LYS A 205 -20.56 -9.99 -6.79
C LYS A 205 -20.70 -8.69 -5.99
N PRO A 206 -21.73 -8.63 -5.19
CA PRO A 206 -22.00 -7.43 -4.36
C PRO A 206 -20.98 -7.32 -3.22
N ASP A 207 -20.12 -6.33 -3.26
CA ASP A 207 -19.12 -6.16 -2.17
C ASP A 207 -19.73 -5.36 -1.02
N GLU A 208 -19.27 -4.16 -0.82
CA GLU A 208 -19.82 -3.33 0.28
C GLU A 208 -20.96 -2.45 -0.25
N LYS A 209 -21.11 -2.39 -1.55
CA LYS A 209 -22.20 -1.55 -2.13
C LYS A 209 -22.44 -1.95 -3.58
N HIS A 210 -21.40 -2.01 -4.38
CA HIS A 210 -21.56 -2.40 -5.81
C HIS A 210 -20.19 -2.63 -6.45
N HIS A 211 -19.28 -3.22 -5.72
CA HIS A 211 -17.92 -3.48 -6.30
C HIS A 211 -17.56 -4.96 -6.14
N ALA A 212 -16.53 -5.42 -6.81
CA ALA A 212 -16.14 -6.84 -6.67
C ALA A 212 -15.74 -7.13 -5.21
N VAL A 213 -15.97 -8.31 -4.73
CA VAL A 213 -15.62 -8.62 -3.31
C VAL A 213 -14.62 -9.79 -3.24
N ILE A 214 -13.91 -9.90 -2.14
CA ILE A 214 -12.92 -11.01 -2.00
C ILE A 214 -12.76 -11.36 -0.52
N SER A 215 -13.37 -12.43 -0.08
CA SER A 215 -13.24 -12.81 1.36
C SER A 215 -12.73 -14.25 1.48
N GLY A 216 -11.65 -14.45 2.18
CA GLY A 216 -11.09 -15.82 2.33
C GLY A 216 -10.27 -15.91 3.61
N SER A 217 -9.38 -16.86 3.69
CA SER A 217 -8.53 -16.99 4.91
C SER A 217 -7.07 -17.28 4.54
N VAL A 218 -6.15 -16.72 5.27
CA VAL A 218 -4.72 -16.94 4.96
C VAL A 218 -4.18 -18.05 5.87
N LEU A 219 -3.58 -19.07 5.31
CA LEU A 219 -3.04 -20.18 6.16
C LEU A 219 -1.69 -20.66 5.62
N TYR A 220 -0.72 -20.81 6.47
CA TYR A 220 0.61 -21.29 6.01
C TYR A 220 0.74 -22.79 6.26
N ASN A 221 1.57 -23.46 5.51
CA ASN A 221 1.73 -24.93 5.71
C ASN A 221 2.45 -25.21 7.03
N GLN A 222 2.88 -24.19 7.70
CA GLN A 222 3.59 -24.39 8.99
C GLN A 222 2.57 -24.56 10.12
N ASP A 223 1.83 -23.53 10.38
CA ASP A 223 0.81 -23.59 11.46
C ASP A 223 0.10 -22.24 11.59
N GLU A 224 -0.09 -21.54 10.50
CA GLU A 224 -0.76 -20.21 10.59
C GLU A 224 -2.27 -20.35 10.38
N LYS A 225 -3.03 -19.45 10.96
CA LYS A 225 -4.51 -19.50 10.80
C LYS A 225 -5.07 -18.08 10.70
N GLY A 226 -4.89 -17.45 9.58
CA GLY A 226 -5.38 -16.05 9.43
C GLY A 226 -6.62 -16.01 8.54
N SER A 227 -7.23 -14.86 8.42
CA SER A 227 -8.45 -14.73 7.58
C SER A 227 -8.14 -13.83 6.38
N TYR A 228 -9.11 -13.58 5.53
CA TYR A 228 -8.86 -12.72 4.35
C TYR A 228 -10.13 -11.96 3.95
N SER A 229 -10.05 -10.66 3.88
CA SER A 229 -11.24 -9.86 3.48
C SER A 229 -10.78 -8.59 2.75
N LEU A 230 -11.27 -8.35 1.56
CA LEU A 230 -10.84 -7.14 0.82
C LEU A 230 -11.87 -6.76 -0.26
N GLY A 231 -11.70 -5.60 -0.86
CA GLY A 231 -12.64 -5.17 -1.93
C GLY A 231 -11.88 -5.04 -3.24
N ILE A 232 -12.43 -5.54 -4.31
CA ILE A 232 -11.72 -5.45 -5.61
C ILE A 232 -12.49 -4.58 -6.61
N PHE A 233 -11.80 -3.71 -7.30
CA PHE A 233 -12.45 -2.83 -8.30
C PHE A 233 -12.00 -3.23 -9.72
N GLY A 234 -12.82 -3.00 -10.71
CA GLY A 234 -12.42 -3.39 -12.09
C GLY A 234 -13.18 -2.54 -13.12
N GLU A 235 -13.95 -1.58 -12.71
CA GLU A 235 -14.69 -0.75 -13.71
C GLU A 235 -13.71 -0.33 -14.81
N LYS A 236 -12.46 -0.37 -14.47
CA LYS A 236 -11.38 0.01 -15.43
C LYS A 236 -10.08 -0.13 -14.66
N ALA A 237 -10.04 -1.11 -13.80
CA ALA A 237 -8.84 -1.33 -12.96
C ALA A 237 -8.95 -2.67 -12.22
N GLN A 238 -8.54 -3.73 -12.85
CA GLN A 238 -8.63 -5.06 -12.18
C GLN A 238 -7.76 -5.08 -10.94
N GLU A 239 -7.93 -4.10 -10.09
CA GLU A 239 -7.11 -4.04 -8.84
C GLU A 239 -7.96 -4.44 -7.63
N VAL A 240 -7.33 -4.60 -6.49
CA VAL A 240 -8.10 -5.00 -5.28
C VAL A 240 -7.28 -4.72 -4.01
N ALA A 241 -7.80 -3.94 -3.11
CA ALA A 241 -7.04 -3.63 -1.87
C ALA A 241 -7.95 -3.76 -0.64
N GLY A 242 -7.40 -4.11 0.49
CA GLY A 242 -8.25 -4.25 1.70
C GLY A 242 -7.39 -4.67 2.89
N SER A 243 -7.89 -5.57 3.70
CA SER A 243 -7.11 -6.04 4.88
C SER A 243 -7.63 -7.41 5.33
N ALA A 244 -6.76 -8.36 5.51
CA ALA A 244 -7.21 -9.71 5.94
C ALA A 244 -6.88 -9.94 7.41
N GLU A 245 -7.37 -11.00 7.98
CA GLU A 245 -7.08 -11.27 9.42
C GLU A 245 -5.91 -12.24 9.54
N VAL A 246 -5.26 -12.29 10.66
CA VAL A 246 -4.11 -13.22 10.82
C VAL A 246 -3.99 -13.67 12.29
N GLU A 247 -4.24 -14.93 12.55
CA GLU A 247 -4.13 -15.42 13.94
C GLU A 247 -2.98 -16.43 14.06
N THR A 248 -2.04 -16.16 14.92
CA THR A 248 -0.89 -17.11 15.09
C THR A 248 -1.06 -17.92 16.37
N ALA A 249 -0.05 -18.67 16.75
CA ALA A 249 -0.17 -19.48 18.00
C ALA A 249 -0.18 -18.56 19.22
N ASN A 250 -0.05 -17.28 19.02
CA ASN A 250 -0.06 -16.33 20.17
C ASN A 250 0.12 -14.89 19.67
N GLY A 251 -0.71 -14.47 18.74
CA GLY A 251 -0.59 -13.08 18.23
C GLY A 251 -1.69 -12.82 17.21
N ILE A 252 -2.76 -12.19 17.62
CA ILE A 252 -3.88 -11.90 16.68
C ILE A 252 -3.65 -10.54 16.00
N HIS A 253 -3.65 -10.51 14.70
CA HIS A 253 -3.45 -9.21 13.98
C HIS A 253 -4.05 -9.28 12.58
N HIS A 254 -4.29 -8.15 11.97
CA HIS A 254 -4.88 -8.15 10.60
C HIS A 254 -3.85 -7.62 9.59
N ILE A 255 -3.97 -8.01 8.35
CA ILE A 255 -3.00 -7.55 7.32
C ILE A 255 -3.69 -6.64 6.30
N GLY A 256 -3.23 -5.44 6.14
CA GLY A 256 -3.86 -4.52 5.14
C GLY A 256 -3.22 -4.81 3.78
N LEU A 257 -4.00 -5.13 2.78
CA LEU A 257 -3.40 -5.44 1.46
C LEU A 257 -3.79 -4.41 0.41
N ALA A 258 -2.97 -4.25 -0.60
CA ALA A 258 -3.27 -3.29 -1.68
C ALA A 258 -2.59 -3.76 -2.97
N ALA A 259 -3.35 -4.24 -3.92
CA ALA A 259 -2.70 -4.74 -5.16
C ALA A 259 -3.51 -4.37 -6.41
N LYS A 260 -2.91 -4.52 -7.55
CA LYS A 260 -3.62 -4.19 -8.82
C LYS A 260 -3.71 -5.43 -9.71
N GLN A 261 -4.54 -5.39 -10.72
CA GLN A 261 -4.69 -6.57 -11.63
C GLN A 261 -3.40 -7.40 -11.63
N MET A 1 24.56 -19.74 -34.64
CA MET A 1 25.07 -20.81 -35.55
C MET A 1 26.48 -20.46 -36.06
N GLY A 2 27.33 -20.00 -35.18
CA GLY A 2 28.70 -19.63 -35.61
C GLY A 2 29.65 -19.71 -34.41
N SER A 3 30.21 -18.60 -34.00
CA SER A 3 31.14 -18.61 -32.84
C SER A 3 30.40 -18.16 -31.57
N SER A 4 29.89 -19.09 -30.81
CA SER A 4 29.17 -18.71 -29.55
C SER A 4 29.85 -19.34 -28.34
N GLY A 5 29.24 -19.27 -27.20
CA GLY A 5 29.84 -19.87 -25.98
C GLY A 5 28.75 -20.13 -24.94
N GLY A 6 28.95 -19.70 -23.72
CA GLY A 6 27.92 -19.93 -22.67
C GLY A 6 26.88 -18.83 -22.73
N GLY A 7 25.97 -18.79 -21.78
CA GLY A 7 24.93 -17.74 -21.78
C GLY A 7 25.49 -16.46 -21.14
N GLY A 8 26.43 -15.83 -21.78
CA GLY A 8 27.01 -14.59 -21.21
C GLY A 8 26.18 -13.38 -21.66
N SER A 9 25.06 -13.15 -21.04
CA SER A 9 24.20 -12.00 -21.43
C SER A 9 24.52 -10.79 -20.55
N GLY A 10 24.32 -9.60 -21.07
CA GLY A 10 24.61 -8.38 -20.25
C GLY A 10 23.31 -7.87 -19.63
N GLY A 11 23.03 -8.26 -18.42
CA GLY A 11 21.78 -7.79 -17.76
C GLY A 11 22.03 -6.44 -17.08
N GLY A 12 21.05 -5.58 -17.07
CA GLY A 12 21.23 -4.25 -16.44
C GLY A 12 20.41 -4.18 -15.15
N GLY A 13 20.48 -3.08 -14.45
CA GLY A 13 19.71 -2.95 -13.17
C GLY A 13 18.22 -2.95 -13.49
N VAL A 14 17.39 -2.65 -12.51
CA VAL A 14 15.93 -2.62 -12.75
C VAL A 14 15.59 -1.61 -13.85
N THR A 15 14.33 -1.47 -14.17
CA THR A 15 13.93 -0.51 -15.23
C THR A 15 14.08 0.93 -14.72
N ALA A 16 14.24 1.87 -15.62
CA ALA A 16 14.40 3.28 -15.19
C ALA A 16 13.04 3.90 -14.84
N ASP A 17 11.98 3.13 -14.95
CA ASP A 17 10.63 3.67 -14.63
C ASP A 17 9.64 2.55 -14.40
N ILE A 18 10.01 1.54 -13.65
CA ILE A 18 9.08 0.42 -13.40
C ILE A 18 8.42 0.58 -12.03
N GLY A 19 9.13 0.23 -11.02
CA GLY A 19 8.58 0.35 -9.63
C GLY A 19 9.27 1.51 -8.92
N THR A 20 10.57 1.60 -9.01
CA THR A 20 11.29 2.71 -8.32
C THR A 20 10.88 4.06 -8.92
N GLY A 21 10.02 4.05 -9.90
CA GLY A 21 9.58 5.33 -10.52
C GLY A 21 8.91 6.20 -9.46
N LEU A 22 8.41 5.61 -8.42
CA LEU A 22 7.73 6.41 -7.36
C LEU A 22 8.73 7.38 -6.71
N ALA A 23 9.94 6.94 -6.52
CA ALA A 23 10.96 7.84 -5.90
C ALA A 23 11.07 9.14 -6.70
N ASP A 24 10.48 9.18 -7.85
CA ASP A 24 10.54 10.41 -8.68
C ASP A 24 9.30 11.27 -8.43
N ALA A 25 8.35 10.76 -7.71
CA ALA A 25 7.12 11.55 -7.42
C ALA A 25 7.40 12.59 -6.34
N LEU A 26 8.41 12.38 -5.54
CA LEU A 26 8.74 13.37 -4.47
C LEU A 26 9.99 14.16 -4.84
N THR A 27 10.85 13.58 -5.63
CA THR A 27 12.10 14.30 -6.02
C THR A 27 11.86 15.09 -7.32
N ALA A 28 10.72 14.92 -7.91
CA ALA A 28 10.41 15.66 -9.17
C ALA A 28 9.47 16.83 -8.89
N PRO A 29 10.06 17.95 -8.58
CA PRO A 29 9.27 19.18 -8.28
C PRO A 29 8.66 19.74 -9.56
N LEU A 30 7.77 20.68 -9.44
CA LEU A 30 7.14 21.28 -10.66
C LEU A 30 8.12 21.24 -11.83
N ASP A 31 7.64 20.99 -13.01
CA ASP A 31 8.53 20.93 -14.19
C ASP A 31 7.71 20.87 -15.48
N HIS A 32 8.05 21.68 -16.45
CA HIS A 32 7.29 21.67 -17.74
C HIS A 32 7.55 20.37 -18.50
N LYS A 33 8.39 19.52 -17.96
CA LYS A 33 8.69 18.24 -18.65
C LYS A 33 7.44 17.35 -18.66
N ASP A 34 6.38 17.79 -18.06
CA ASP A 34 5.13 16.98 -18.04
C ASP A 34 4.21 17.39 -19.20
N LYS A 35 3.00 16.89 -19.21
CA LYS A 35 2.06 17.26 -20.31
C LYS A 35 0.91 18.11 -19.76
N GLY A 36 0.83 18.24 -18.46
CA GLY A 36 -0.26 19.05 -17.87
C GLY A 36 -0.08 19.12 -16.35
N LEU A 37 -0.07 17.98 -15.71
CA LEU A 37 0.09 17.98 -14.22
C LEU A 37 1.55 17.66 -13.85
N LYS A 38 2.12 18.42 -12.95
CA LYS A 38 3.53 18.17 -12.55
C LYS A 38 3.59 17.70 -11.09
N SER A 39 2.50 17.81 -10.38
CA SER A 39 2.50 17.36 -8.96
C SER A 39 1.10 17.54 -8.35
N LEU A 40 0.92 17.15 -7.12
CA LEU A 40 -0.42 17.29 -6.49
C LEU A 40 -0.29 17.38 -4.96
N THR A 41 -0.72 18.46 -4.38
CA THR A 41 -0.61 18.61 -2.90
C THR A 41 -2.00 18.50 -2.26
N LEU A 42 -2.12 17.77 -1.17
CA LEU A 42 -3.43 17.64 -0.51
C LEU A 42 -3.40 18.25 0.88
N GLU A 43 -3.75 19.50 1.01
CA GLU A 43 -3.73 20.16 2.34
C GLU A 43 -4.14 19.17 3.43
N ASP A 44 -3.87 19.47 4.67
CA ASP A 44 -4.25 18.54 5.77
C ASP A 44 -4.62 19.32 7.03
N SER A 45 -5.21 18.68 7.99
CA SER A 45 -5.60 19.39 9.24
C SER A 45 -4.37 20.06 9.86
N ILE A 46 -3.20 19.75 9.36
CA ILE A 46 -1.96 20.37 9.92
C ILE A 46 -1.68 21.71 9.26
N SER A 47 -0.44 22.10 9.25
CA SER A 47 -0.06 23.39 8.61
C SER A 47 1.45 23.58 8.74
N GLN A 48 1.91 24.79 8.63
CA GLN A 48 3.38 25.04 8.75
C GLN A 48 3.93 24.32 9.99
N ASN A 49 3.05 23.94 10.88
CA ASN A 49 3.48 23.23 12.11
C ASN A 49 3.35 21.73 11.95
N GLY A 50 3.94 21.20 10.92
CA GLY A 50 3.85 19.74 10.68
C GLY A 50 4.91 19.33 9.66
N THR A 51 6.11 19.06 10.13
CA THR A 51 7.20 18.65 9.18
C THR A 51 7.36 17.13 9.18
N LEU A 52 7.48 16.54 8.02
CA LEU A 52 7.65 15.07 7.95
C LEU A 52 8.36 14.68 6.65
N THR A 53 9.58 14.21 6.75
CA THR A 53 10.33 13.83 5.53
C THR A 53 9.98 12.39 5.13
N LEU A 54 10.05 12.09 3.86
CA LEU A 54 9.73 10.71 3.40
C LEU A 54 10.69 10.28 2.29
N SER A 55 11.28 9.14 2.41
CA SER A 55 12.23 8.66 1.35
C SER A 55 11.59 7.53 0.53
N ALA A 56 11.66 7.61 -0.76
CA ALA A 56 11.07 6.54 -1.62
C ALA A 56 12.15 5.57 -2.09
N GLN A 57 11.80 4.62 -2.90
CA GLN A 57 12.80 3.65 -3.41
C GLN A 57 13.69 4.31 -4.47
N GLY A 58 14.12 5.51 -4.22
CA GLY A 58 14.99 6.21 -5.21
C GLY A 58 15.42 7.57 -4.65
N ALA A 59 14.51 8.28 -4.02
CA ALA A 59 14.87 9.60 -3.45
C ALA A 59 13.94 9.95 -2.28
N GLU A 60 14.16 11.05 -1.65
CA GLU A 60 13.28 11.44 -0.50
C GLU A 60 13.03 12.95 -0.51
N LYS A 61 11.90 13.37 -0.02
CA LYS A 61 11.59 14.84 -0.01
C LYS A 61 10.79 15.20 1.25
N THR A 62 11.03 16.35 1.81
CA THR A 62 10.29 16.75 3.03
C THR A 62 8.81 16.92 2.71
N TYR A 63 7.96 16.77 3.70
CA TYR A 63 6.49 16.92 3.45
C TYR A 63 5.85 17.80 4.52
N GLY A 64 5.40 18.96 4.16
CA GLY A 64 4.75 19.86 5.15
C GLY A 64 3.28 19.49 5.28
N ASN A 65 2.54 20.16 6.12
CA ASN A 65 1.10 19.83 6.26
C ASN A 65 0.45 19.74 4.87
N GLY A 66 -0.37 18.75 4.66
CA GLY A 66 -1.02 18.61 3.33
C GLY A 66 -0.15 17.73 2.44
N ASP A 67 1.10 17.57 2.78
CA ASP A 67 2.00 16.71 1.96
C ASP A 67 1.82 17.04 0.47
N SER A 68 2.82 17.64 -0.13
CA SER A 68 2.71 17.98 -1.59
C SER A 68 3.27 16.84 -2.44
N LEU A 69 2.45 16.24 -3.26
CA LEU A 69 2.94 15.12 -4.12
C LEU A 69 3.45 15.66 -5.45
N ASN A 70 4.53 15.11 -5.95
CA ASN A 70 5.07 15.59 -7.26
C ASN A 70 4.89 14.51 -8.33
N THR A 71 3.67 14.13 -8.61
CA THR A 71 3.44 13.09 -9.65
C THR A 71 2.92 13.72 -10.93
N GLY A 72 3.63 14.68 -11.47
CA GLY A 72 3.16 15.34 -12.72
C GLY A 72 2.37 14.35 -13.57
N LYS A 73 2.74 13.09 -13.53
CA LYS A 73 2.00 12.07 -14.34
C LYS A 73 2.57 10.68 -14.06
N LEU A 74 1.93 9.93 -13.19
CA LEU A 74 2.43 8.55 -12.89
C LEU A 74 1.91 7.56 -13.93
N LYS A 75 1.96 6.29 -13.64
CA LYS A 75 1.48 5.28 -14.60
C LYS A 75 0.16 4.66 -14.13
N ASN A 76 -0.41 3.79 -14.90
CA ASN A 76 -1.70 3.15 -14.48
C ASN A 76 -1.42 2.01 -13.50
N ASP A 77 -0.23 1.95 -12.95
CA ASP A 77 0.09 0.86 -11.99
C ASP A 77 1.39 1.19 -11.26
N LYS A 78 1.34 2.12 -10.34
CA LYS A 78 2.58 2.49 -9.58
C LYS A 78 2.24 2.78 -8.13
N VAL A 79 3.04 2.31 -7.21
CA VAL A 79 2.74 2.57 -5.77
C VAL A 79 3.61 3.71 -5.24
N SER A 80 3.21 4.33 -4.17
CA SER A 80 3.99 5.45 -3.59
C SER A 80 4.17 5.21 -2.10
N ARG A 81 5.08 4.34 -1.74
CA ARG A 81 5.31 4.04 -0.30
C ARG A 81 6.71 4.46 0.14
N PHE A 82 6.83 5.08 1.26
CA PHE A 82 8.17 5.52 1.74
C PHE A 82 8.13 5.78 3.25
N ASP A 83 9.26 5.68 3.92
CA ASP A 83 9.27 5.93 5.39
C ASP A 83 9.34 7.44 5.67
N PHE A 84 8.64 7.89 6.67
CA PHE A 84 8.67 9.34 7.00
C PHE A 84 8.37 9.56 8.48
N ILE A 85 8.55 10.76 8.97
CA ILE A 85 8.27 11.03 10.40
C ILE A 85 7.55 12.37 10.56
N ARG A 86 6.33 12.36 11.00
CA ARG A 86 5.58 13.64 11.18
C ARG A 86 5.91 14.25 12.54
N GLN A 87 6.74 15.26 12.56
CA GLN A 87 7.10 15.90 13.85
C GLN A 87 7.08 17.42 13.72
N ILE A 88 6.64 18.11 14.74
CA ILE A 88 6.59 19.60 14.67
C ILE A 88 7.36 20.20 15.84
N GLU A 89 8.46 20.85 15.58
CA GLU A 89 9.25 21.45 16.69
C GLU A 89 9.74 22.84 16.30
N VAL A 90 9.28 23.86 16.99
CA VAL A 90 9.73 25.24 16.66
C VAL A 90 10.77 25.71 17.67
N ASP A 91 11.38 26.84 17.44
CA ASP A 91 12.41 27.34 18.39
C ASP A 91 11.78 27.75 19.72
N GLY A 92 10.49 27.54 19.85
CA GLY A 92 9.80 27.91 21.12
C GLY A 92 8.32 27.57 21.02
N GLN A 93 7.98 26.49 20.38
CA GLN A 93 6.55 26.11 20.24
C GLN A 93 6.39 24.59 20.19
N LEU A 94 5.55 24.14 19.34
CA LEU A 94 5.30 22.68 19.21
C LEU A 94 6.63 21.91 19.20
N ILE A 95 6.58 20.62 19.43
CA ILE A 95 7.83 19.82 19.42
C ILE A 95 7.49 18.31 19.37
N THR A 96 6.29 17.99 18.98
CA THR A 96 5.90 16.55 18.92
C THR A 96 6.79 15.79 17.94
N LEU A 97 6.81 14.49 18.03
CA LEU A 97 7.66 13.69 17.10
C LEU A 97 7.01 12.34 16.81
N GLU A 98 6.73 12.05 15.57
CA GLU A 98 6.08 10.74 15.24
C GLU A 98 6.74 10.13 13.99
N SER A 99 6.92 8.83 13.99
CA SER A 99 7.56 8.18 12.81
C SER A 99 6.66 7.07 12.28
N GLY A 100 6.78 6.75 11.02
CA GLY A 100 5.93 5.66 10.44
C GLY A 100 6.21 5.54 8.94
N GLU A 101 5.53 4.64 8.28
CA GLU A 101 5.75 4.46 6.81
C GLU A 101 4.47 4.79 6.05
N PHE A 102 4.59 5.09 4.78
CA PHE A 102 3.38 5.42 3.97
C PHE A 102 3.20 4.40 2.84
N GLN A 103 1.99 3.96 2.62
CA GLN A 103 1.75 2.97 1.53
C GLN A 103 0.72 3.52 0.54
N VAL A 104 1.18 3.99 -0.59
CA VAL A 104 0.22 4.56 -1.60
C VAL A 104 0.21 3.70 -2.87
N TYR A 105 -0.92 3.61 -3.51
CA TYR A 105 -1.01 2.79 -4.76
C TYR A 105 -1.85 3.53 -5.81
N LYS A 106 -1.28 3.83 -6.95
CA LYS A 106 -2.05 4.55 -8.00
C LYS A 106 -2.47 3.57 -9.10
N GLN A 107 -3.67 3.72 -9.60
CA GLN A 107 -4.14 2.81 -10.68
C GLN A 107 -4.27 3.56 -12.00
N SER A 108 -5.38 3.42 -12.68
CA SER A 108 -5.56 4.12 -13.98
C SER A 108 -6.02 5.57 -13.73
N HIS A 109 -7.17 5.75 -13.16
CA HIS A 109 -7.67 7.13 -12.90
C HIS A 109 -8.01 7.29 -11.42
N SER A 110 -7.29 6.62 -10.55
CA SER A 110 -7.57 6.74 -9.09
C SER A 110 -6.30 6.50 -8.29
N ALA A 111 -6.42 6.28 -7.01
CA ALA A 111 -5.20 6.04 -6.18
C ALA A 111 -5.61 5.64 -4.76
N LEU A 112 -5.11 4.53 -4.29
CA LEU A 112 -5.46 4.07 -2.92
C LEU A 112 -4.21 4.09 -2.04
N THR A 113 -4.31 4.59 -0.84
CA THR A 113 -3.11 4.62 0.05
C THR A 113 -3.43 4.04 1.43
N ALA A 114 -2.43 3.90 2.25
CA ALA A 114 -2.64 3.33 3.62
C ALA A 114 -1.54 3.84 4.55
N LEU A 115 -1.92 4.48 5.63
CA LEU A 115 -0.88 5.01 6.57
C LEU A 115 -0.41 3.91 7.53
N GLN A 116 0.86 3.88 7.83
CA GLN A 116 1.39 2.83 8.76
C GLN A 116 2.39 3.46 9.73
N THR A 117 1.92 3.93 10.85
CA THR A 117 2.85 4.55 11.84
C THR A 117 3.83 3.49 12.38
N GLU A 118 4.74 3.91 13.21
CA GLU A 118 5.72 2.93 13.79
C GLU A 118 6.02 3.28 15.25
N GLN A 119 6.06 4.55 15.57
CA GLN A 119 6.36 4.94 16.98
C GLN A 119 5.89 6.38 17.23
N GLU A 120 5.61 6.73 18.46
CA GLU A 120 5.16 8.12 18.77
C GLU A 120 6.05 8.72 19.86
N GLN A 121 6.06 10.02 19.98
CA GLN A 121 6.92 10.64 21.03
C GLN A 121 6.45 12.06 21.35
N ASP A 122 5.56 12.22 22.30
CA ASP A 122 5.10 13.59 22.66
C ASP A 122 5.43 13.87 24.14
N PRO A 123 4.92 14.98 24.62
CA PRO A 123 5.20 15.42 26.00
C PRO A 123 4.16 14.95 27.04
N GLU A 124 3.41 13.91 26.81
CA GLU A 124 2.42 13.51 27.87
C GLU A 124 2.16 12.00 27.87
N HIS A 125 1.05 11.62 27.31
CA HIS A 125 0.66 10.18 27.26
C HIS A 125 0.25 9.86 25.83
N SER A 126 -1.02 9.88 25.55
CA SER A 126 -1.44 9.65 24.15
C SER A 126 -0.37 10.33 23.31
N GLU A 127 0.12 11.40 23.85
CA GLU A 127 1.21 12.16 23.23
C GLU A 127 2.42 12.06 24.15
N LYS A 128 3.02 10.91 24.15
CA LYS A 128 4.19 10.65 25.03
C LYS A 128 5.27 9.93 24.23
N MET A 129 6.05 9.10 24.85
CA MET A 129 7.10 8.39 24.10
C MET A 129 6.91 6.88 24.24
N VAL A 130 6.55 6.25 23.17
CA VAL A 130 6.34 4.78 23.20
C VAL A 130 6.59 4.18 21.81
N ALA A 131 6.55 2.88 21.68
CA ALA A 131 6.78 2.26 20.36
C ALA A 131 5.61 1.33 20.00
N LYS A 132 4.87 1.66 18.98
CA LYS A 132 3.71 0.81 18.59
C LYS A 132 3.55 0.80 17.06
N ARG A 133 2.41 0.39 16.57
CA ARG A 133 2.21 0.36 15.10
C ARG A 133 0.76 0.76 14.75
N ARG A 134 0.58 1.93 14.21
CA ARG A 134 -0.81 2.36 13.84
C ARG A 134 -0.95 2.42 12.32
N PHE A 135 -1.73 1.54 11.76
CA PHE A 135 -1.91 1.54 10.28
C PHE A 135 -3.28 2.11 9.91
N ARG A 136 -3.31 3.22 9.22
CA ARG A 136 -4.60 3.82 8.81
C ARG A 136 -4.94 3.41 7.37
N ILE A 137 -6.14 3.64 6.94
CA ILE A 137 -6.52 3.26 5.55
C ILE A 137 -7.29 4.39 4.87
N GLY A 138 -6.94 4.70 3.64
CA GLY A 138 -7.65 5.79 2.92
C GLY A 138 -7.41 5.62 1.41
N ASP A 139 -8.19 4.81 0.77
CA ASP A 139 -8.00 4.59 -0.70
C ASP A 139 -9.17 5.20 -1.48
N ILE A 140 -8.90 5.75 -2.63
CA ILE A 140 -9.99 6.35 -3.45
C ILE A 140 -10.07 5.65 -4.81
N ALA A 141 -10.64 4.48 -4.83
CA ALA A 141 -10.74 3.73 -6.12
C ALA A 141 -11.36 4.62 -7.20
N GLY A 142 -10.82 4.60 -8.38
CA GLY A 142 -11.38 5.44 -9.47
C GLY A 142 -12.90 5.29 -9.49
N GLU A 143 -13.38 4.08 -9.56
CA GLU A 143 -14.86 3.88 -9.58
C GLU A 143 -15.21 2.52 -8.97
N HIS A 144 -14.55 2.18 -7.90
CA HIS A 144 -14.83 0.87 -7.24
C HIS A 144 -16.32 0.66 -7.06
N THR A 145 -17.00 0.24 -8.10
CA THR A 145 -18.46 0.02 -8.00
C THR A 145 -18.76 -1.48 -7.99
N SER A 146 -20.00 -1.85 -8.18
CA SER A 146 -20.37 -3.29 -8.19
C SER A 146 -19.85 -3.96 -9.46
N PHE A 147 -19.02 -4.96 -9.33
CA PHE A 147 -18.48 -5.65 -10.53
C PHE A 147 -19.62 -5.84 -11.54
N ASP A 148 -20.84 -5.82 -11.10
CA ASP A 148 -21.98 -5.99 -12.04
C ASP A 148 -21.69 -5.23 -13.32
N LYS A 149 -20.86 -4.23 -13.23
CA LYS A 149 -20.50 -3.44 -14.44
C LYS A 149 -19.38 -4.16 -15.18
N LEU A 150 -19.25 -5.43 -14.96
CA LEU A 150 -18.18 -6.22 -15.62
C LEU A 150 -18.27 -7.68 -15.16
N PRO A 151 -19.41 -8.25 -15.38
CA PRO A 151 -19.68 -9.64 -14.97
C PRO A 151 -19.21 -10.61 -16.06
N LYS A 152 -18.03 -11.13 -15.92
CA LYS A 152 -17.50 -12.08 -16.94
C LYS A 152 -16.66 -13.14 -16.24
N ASP A 153 -17.30 -14.12 -15.67
CA ASP A 153 -16.60 -15.23 -14.94
C ASP A 153 -15.18 -15.40 -15.46
N VAL A 154 -14.40 -14.40 -15.25
CA VAL A 154 -13.00 -14.41 -15.72
C VAL A 154 -12.03 -14.26 -14.54
N MET A 155 -10.80 -14.65 -14.72
CA MET A 155 -9.82 -14.53 -13.60
C MET A 155 -8.93 -13.31 -13.82
N ALA A 156 -8.70 -12.54 -12.79
CA ALA A 156 -7.84 -11.34 -12.93
C ALA A 156 -6.65 -11.41 -11.96
N THR A 157 -5.49 -11.73 -12.46
CA THR A 157 -4.30 -11.80 -11.56
C THR A 157 -4.25 -10.58 -10.64
N TYR A 158 -3.66 -10.72 -9.49
CA TYR A 158 -3.58 -9.55 -8.57
C TYR A 158 -2.17 -9.41 -8.01
N ARG A 159 -1.67 -8.20 -7.93
CA ARG A 159 -0.30 -7.98 -7.40
C ARG A 159 -0.22 -6.62 -6.71
N GLY A 160 0.24 -6.58 -5.50
CA GLY A 160 0.33 -5.28 -4.79
C GLY A 160 1.11 -5.47 -3.50
N THR A 161 0.61 -4.96 -2.40
CA THR A 161 1.35 -5.11 -1.12
C THR A 161 0.39 -5.44 0.03
N ALA A 162 0.77 -6.36 0.87
CA ALA A 162 -0.09 -6.71 2.03
C ALA A 162 0.74 -6.51 3.28
N PHE A 163 0.35 -5.61 4.14
CA PHE A 163 1.19 -5.38 5.36
C PHE A 163 0.62 -6.05 6.59
N GLY A 164 1.47 -6.52 7.46
CA GLY A 164 0.98 -7.18 8.70
C GLY A 164 1.36 -6.33 9.91
N SER A 165 0.44 -6.14 10.83
CA SER A 165 0.74 -5.32 12.03
C SER A 165 1.79 -6.02 12.91
N ASP A 166 2.07 -7.26 12.61
CA ASP A 166 3.07 -8.01 13.40
C ASP A 166 3.80 -9.01 12.51
N ASP A 167 3.61 -8.91 11.23
CA ASP A 167 4.29 -9.85 10.29
C ASP A 167 5.06 -9.04 9.25
N ALA A 168 5.85 -9.68 8.43
CA ALA A 168 6.61 -8.95 7.40
C ALA A 168 5.63 -8.44 6.34
N GLY A 169 4.37 -8.73 6.54
CA GLY A 169 3.34 -8.29 5.56
C GLY A 169 3.85 -7.04 4.84
N GLY A 170 4.05 -7.15 3.55
CA GLY A 170 4.52 -5.99 2.74
C GLY A 170 4.13 -6.18 1.28
N LYS A 171 4.54 -7.27 0.66
CA LYS A 171 4.19 -7.50 -0.78
C LYS A 171 3.38 -8.80 -0.89
N LEU A 172 2.35 -8.80 -1.69
CA LEU A 172 1.53 -10.05 -1.81
C LEU A 172 0.92 -10.18 -3.21
N THR A 173 0.89 -11.38 -3.74
CA THR A 173 0.28 -11.59 -5.08
C THR A 173 -1.08 -12.27 -4.89
N TYR A 174 -2.09 -11.84 -5.59
CA TYR A 174 -3.43 -12.47 -5.40
C TYR A 174 -4.00 -12.96 -6.73
N THR A 175 -4.94 -13.86 -6.67
CA THR A 175 -5.57 -14.39 -7.92
C THR A 175 -7.07 -14.57 -7.68
N ILE A 176 -7.88 -13.69 -8.17
CA ILE A 176 -9.35 -13.82 -7.94
C ILE A 176 -10.11 -13.72 -9.27
N ASP A 177 -11.25 -14.37 -9.34
CA ASP A 177 -12.06 -14.32 -10.59
C ASP A 177 -13.27 -13.41 -10.38
N PHE A 178 -13.60 -12.61 -11.37
CA PHE A 178 -14.76 -11.68 -11.25
C PHE A 178 -16.02 -12.43 -10.78
N ALA A 179 -17.15 -12.09 -11.35
CA ALA A 179 -18.43 -12.74 -10.95
C ALA A 179 -18.17 -14.20 -10.58
N ALA A 180 -17.23 -14.83 -11.22
CA ALA A 180 -16.90 -16.22 -10.88
C ALA A 180 -16.30 -16.22 -9.49
N LYS A 181 -17.05 -15.71 -8.55
CA LYS A 181 -16.57 -15.59 -7.14
C LYS A 181 -15.35 -16.48 -6.89
N GLN A 182 -14.21 -16.06 -7.38
CA GLN A 182 -12.97 -16.86 -7.16
C GLN A 182 -11.88 -15.98 -6.56
N GLY A 183 -11.17 -16.46 -5.58
CA GLY A 183 -10.11 -15.63 -4.97
C GLY A 183 -9.01 -16.50 -4.37
N HIS A 184 -7.80 -16.04 -4.38
CA HIS A 184 -6.68 -16.84 -3.80
C HIS A 184 -5.37 -16.09 -3.95
N GLY A 185 -4.67 -15.83 -2.88
CA GLY A 185 -3.38 -15.10 -2.99
C GLY A 185 -2.54 -15.33 -1.74
N LYS A 186 -1.38 -14.73 -1.68
CA LYS A 186 -0.50 -14.91 -0.49
C LYS A 186 0.22 -13.60 -0.16
N ILE A 187 0.67 -13.45 1.05
CA ILE A 187 1.38 -12.19 1.43
C ILE A 187 2.84 -12.49 1.79
N GLU A 188 3.76 -11.66 1.34
CA GLU A 188 5.20 -11.90 1.65
C GLU A 188 6.02 -10.63 1.42
N HIS A 189 7.00 -10.39 2.25
CA HIS A 189 7.84 -9.17 2.08
C HIS A 189 9.16 -9.34 2.83
N LEU A 190 9.11 -10.02 3.95
CA LEU A 190 10.34 -10.23 4.75
C LEU A 190 11.54 -10.55 3.86
N LYS A 191 12.69 -10.73 4.47
CA LYS A 191 13.92 -11.02 3.68
C LYS A 191 13.80 -12.31 2.86
N SER A 192 12.68 -12.98 2.93
CA SER A 192 12.55 -14.25 2.16
C SER A 192 11.08 -14.50 1.78
N PRO A 193 10.86 -14.68 0.51
CA PRO A 193 9.49 -14.95 0.00
C PRO A 193 9.07 -16.38 0.35
N GLU A 194 9.81 -17.04 1.19
CA GLU A 194 9.46 -18.43 1.57
C GLU A 194 8.87 -18.47 2.98
N LEU A 195 9.21 -17.53 3.81
CA LEU A 195 8.66 -17.52 5.20
C LEU A 195 7.31 -16.79 5.22
N ASN A 196 6.79 -16.50 4.06
CA ASN A 196 5.48 -15.80 3.99
C ASN A 196 4.33 -16.77 4.24
N VAL A 197 3.13 -16.41 3.87
CA VAL A 197 1.98 -17.32 4.10
C VAL A 197 1.09 -17.39 2.87
N ASP A 198 0.50 -18.53 2.60
CA ASP A 198 -0.39 -18.65 1.42
C ASP A 198 -1.84 -18.41 1.83
N LEU A 199 -2.54 -17.60 1.08
CA LEU A 199 -3.95 -17.31 1.45
C LEU A 199 -4.92 -17.71 0.34
N ALA A 200 -6.15 -17.91 0.67
CA ALA A 200 -7.17 -18.28 -0.35
C ALA A 200 -8.44 -17.46 -0.10
N VAL A 201 -8.99 -16.85 -1.11
CA VAL A 201 -10.21 -16.03 -0.88
C VAL A 201 -11.27 -16.27 -1.96
N ALA A 202 -12.49 -15.94 -1.66
CA ALA A 202 -13.59 -16.12 -2.64
C ALA A 202 -14.16 -14.76 -3.02
N TYR A 203 -14.27 -14.47 -4.29
CA TYR A 203 -14.80 -13.14 -4.72
C TYR A 203 -16.33 -13.16 -4.71
N ILE A 204 -16.93 -12.00 -4.62
CA ILE A 204 -18.43 -11.93 -4.63
C ILE A 204 -18.88 -10.67 -5.38
N LYS A 205 -20.15 -10.58 -5.68
CA LYS A 205 -20.65 -9.37 -6.41
C LYS A 205 -20.88 -8.22 -5.44
N PRO A 206 -21.89 -8.37 -4.62
CA PRO A 206 -22.22 -7.32 -3.62
C PRO A 206 -21.18 -7.30 -2.49
N ASP A 207 -20.39 -6.27 -2.40
CA ASP A 207 -19.37 -6.21 -1.32
C ASP A 207 -19.96 -5.56 -0.06
N GLU A 208 -19.42 -4.45 0.36
CA GLU A 208 -19.95 -3.79 1.57
C GLU A 208 -21.19 -2.95 1.22
N LYS A 209 -21.27 -2.50 0.00
CA LYS A 209 -22.45 -1.69 -0.42
C LYS A 209 -22.87 -2.08 -1.84
N HIS A 210 -21.95 -2.06 -2.77
CA HIS A 210 -22.30 -2.43 -4.17
C HIS A 210 -21.03 -2.57 -5.01
N HIS A 211 -19.98 -3.09 -4.44
CA HIS A 211 -18.70 -3.25 -5.21
C HIS A 211 -18.23 -4.70 -5.12
N ALA A 212 -17.08 -4.99 -5.67
CA ALA A 212 -16.55 -6.39 -5.62
C ALA A 212 -16.21 -6.76 -4.17
N VAL A 213 -16.22 -8.03 -3.85
CA VAL A 213 -15.90 -8.44 -2.45
C VAL A 213 -14.82 -9.54 -2.46
N ILE A 214 -14.12 -9.69 -1.36
CA ILE A 214 -13.06 -10.74 -1.29
C ILE A 214 -12.93 -11.24 0.15
N SER A 215 -13.08 -12.52 0.36
CA SER A 215 -12.97 -13.06 1.74
C SER A 215 -12.38 -14.48 1.71
N GLY A 216 -11.57 -14.82 2.67
CA GLY A 216 -10.97 -16.19 2.70
C GLY A 216 -10.06 -16.34 3.92
N SER A 217 -9.26 -17.37 3.95
CA SER A 217 -8.34 -17.58 5.10
C SER A 217 -6.90 -17.68 4.62
N VAL A 218 -5.96 -17.79 5.52
CA VAL A 218 -4.53 -17.89 5.11
C VAL A 218 -3.81 -18.94 5.96
N LEU A 219 -2.70 -19.43 5.49
CA LEU A 219 -1.93 -20.45 6.26
C LEU A 219 -0.47 -20.45 5.82
N TYR A 220 0.38 -21.16 6.51
CA TYR A 220 1.83 -21.18 6.11
C TYR A 220 2.52 -22.44 6.65
N ASN A 221 3.59 -22.85 6.03
CA ASN A 221 4.30 -24.07 6.52
C ASN A 221 4.27 -24.11 8.04
N GLN A 222 4.13 -22.99 8.66
CA GLN A 222 4.07 -22.92 10.14
C GLN A 222 2.61 -23.08 10.55
N ASP A 223 2.02 -24.19 10.20
CA ASP A 223 0.58 -24.46 10.51
C ASP A 223 -0.07 -23.25 11.19
N GLU A 224 -0.09 -22.14 10.50
CA GLU A 224 -0.73 -20.92 11.07
C GLU A 224 -2.19 -20.87 10.67
N LYS A 225 -2.87 -19.81 10.98
CA LYS A 225 -4.29 -19.70 10.60
C LYS A 225 -4.71 -18.22 10.58
N GLY A 226 -4.42 -17.55 9.51
CA GLY A 226 -4.79 -16.10 9.43
C GLY A 226 -6.05 -15.93 8.59
N SER A 227 -6.75 -14.85 8.76
CA SER A 227 -7.99 -14.62 7.97
C SER A 227 -7.72 -13.59 6.87
N TYR A 228 -8.54 -13.56 5.85
CA TYR A 228 -8.31 -12.58 4.76
C TYR A 228 -9.64 -12.09 4.18
N SER A 229 -9.85 -10.79 4.17
CA SER A 229 -11.10 -10.23 3.62
C SER A 229 -10.81 -8.85 2.99
N LEU A 230 -11.12 -8.68 1.73
CA LEU A 230 -10.84 -7.37 1.08
C LEU A 230 -11.98 -6.96 0.15
N GLY A 231 -11.92 -5.77 -0.38
CA GLY A 231 -12.98 -5.31 -1.32
C GLY A 231 -12.33 -5.03 -2.67
N ILE A 232 -12.87 -5.57 -3.73
CA ILE A 232 -12.26 -5.33 -5.07
C ILE A 232 -13.10 -4.37 -5.91
N PHE A 233 -12.49 -3.80 -6.90
CA PHE A 233 -13.22 -2.86 -7.79
C PHE A 233 -12.61 -2.94 -9.20
N GLY A 234 -13.42 -2.80 -10.21
CA GLY A 234 -12.87 -2.89 -11.59
C GLY A 234 -13.66 -1.97 -12.54
N GLU A 235 -14.63 -1.26 -12.05
CA GLU A 235 -15.41 -0.36 -12.96
C GLU A 235 -14.45 0.30 -13.95
N LYS A 236 -13.23 0.42 -13.54
CA LYS A 236 -12.18 1.03 -14.38
C LYS A 236 -10.89 0.96 -13.57
N ALA A 237 -10.76 -0.10 -12.81
CA ALA A 237 -9.57 -0.26 -11.94
C ALA A 237 -9.51 -1.69 -11.41
N GLN A 238 -9.03 -2.61 -12.18
CA GLN A 238 -8.94 -4.02 -11.72
C GLN A 238 -8.02 -4.10 -10.52
N GLU A 239 -8.29 -3.33 -9.52
CA GLU A 239 -7.43 -3.31 -8.30
C GLU A 239 -8.17 -3.93 -7.11
N VAL A 240 -7.44 -4.42 -6.14
CA VAL A 240 -8.10 -5.04 -4.95
C VAL A 240 -7.39 -4.57 -3.68
N ALA A 241 -8.12 -3.97 -2.77
CA ALA A 241 -7.48 -3.47 -1.51
C ALA A 241 -8.44 -3.65 -0.33
N GLY A 242 -7.91 -3.99 0.82
CA GLY A 242 -8.79 -4.17 2.01
C GLY A 242 -7.93 -4.48 3.24
N SER A 243 -8.29 -5.48 3.98
CA SER A 243 -7.50 -5.85 5.19
C SER A 243 -7.78 -7.31 5.55
N ALA A 244 -7.18 -7.80 6.59
CA ALA A 244 -7.44 -9.22 6.95
C ALA A 244 -6.93 -9.51 8.37
N GLU A 245 -7.23 -10.66 8.90
CA GLU A 245 -6.76 -10.99 10.27
C GLU A 245 -5.73 -12.12 10.21
N VAL A 246 -4.88 -12.21 11.20
CA VAL A 246 -3.86 -13.29 11.20
C VAL A 246 -3.66 -13.84 12.61
N GLU A 247 -3.95 -15.10 12.82
CA GLU A 247 -3.76 -15.68 14.18
C GLU A 247 -2.74 -16.82 14.14
N THR A 248 -1.85 -16.86 15.10
CA THR A 248 -0.83 -17.94 15.11
C THR A 248 -1.13 -18.94 16.24
N ALA A 249 -0.28 -19.91 16.43
CA ALA A 249 -0.51 -20.90 17.52
C ALA A 249 -0.35 -20.23 18.89
N ASN A 250 -0.10 -18.95 18.91
CA ASN A 250 0.06 -18.24 20.22
C ASN A 250 0.25 -16.74 19.97
N GLY A 251 -0.26 -16.23 18.88
CA GLY A 251 -0.10 -14.78 18.59
C GLY A 251 -1.37 -14.26 17.91
N ILE A 252 -1.39 -13.00 17.55
CA ILE A 252 -2.59 -12.44 16.89
C ILE A 252 -2.25 -11.07 16.27
N HIS A 253 -2.44 -10.93 14.98
CA HIS A 253 -2.13 -9.62 14.33
C HIS A 253 -3.00 -9.45 13.08
N HIS A 254 -3.14 -8.24 12.60
CA HIS A 254 -3.97 -8.01 11.38
C HIS A 254 -3.08 -7.61 10.20
N ILE A 255 -3.54 -7.79 9.00
CA ILE A 255 -2.71 -7.44 7.82
C ILE A 255 -3.49 -6.52 6.87
N GLY A 256 -2.92 -5.40 6.52
CA GLY A 256 -3.61 -4.48 5.58
C GLY A 256 -3.30 -4.93 4.16
N LEU A 257 -4.25 -4.84 3.26
CA LEU A 257 -3.98 -5.31 1.88
C LEU A 257 -4.33 -4.24 0.84
N ALA A 258 -3.46 -4.04 -0.11
CA ALA A 258 -3.72 -3.03 -1.17
C ALA A 258 -2.97 -3.43 -2.44
N ALA A 259 -3.66 -3.87 -3.47
CA ALA A 259 -2.95 -4.27 -4.71
C ALA A 259 -3.75 -3.89 -5.95
N LYS A 260 -3.09 -3.76 -7.06
CA LYS A 260 -3.80 -3.39 -8.32
C LYS A 260 -3.78 -4.55 -9.31
N GLN A 261 -4.60 -4.50 -10.32
CA GLN A 261 -4.61 -5.61 -11.33
C GLN A 261 -4.43 -6.95 -10.62
N MET A 1 25.64 12.36 1.99
CA MET A 1 24.41 11.79 2.58
C MET A 1 24.10 10.43 1.94
N GLY A 2 23.98 10.41 0.64
CA GLY A 2 23.68 9.12 -0.07
C GLY A 2 24.97 8.32 -0.24
N SER A 3 25.02 7.13 0.29
CA SER A 3 26.25 6.29 0.16
C SER A 3 25.89 4.81 0.25
N SER A 4 26.84 3.94 0.02
CA SER A 4 26.56 2.48 0.10
C SER A 4 27.83 1.71 0.45
N GLY A 5 27.94 1.26 1.66
CA GLY A 5 29.16 0.50 2.06
C GLY A 5 28.96 -0.99 1.78
N GLY A 6 29.49 -1.85 2.61
CA GLY A 6 29.32 -3.31 2.39
C GLY A 6 28.07 -3.80 3.11
N GLY A 7 27.42 -4.81 2.58
CA GLY A 7 26.19 -5.32 3.24
C GLY A 7 26.57 -6.35 4.30
N GLY A 8 25.74 -6.52 5.29
CA GLY A 8 26.05 -7.50 6.37
C GLY A 8 25.69 -8.92 5.90
N SER A 9 24.63 -9.48 6.44
CA SER A 9 24.22 -10.84 6.02
C SER A 9 22.70 -11.00 6.14
N GLY A 10 22.18 -10.85 7.33
CA GLY A 10 20.71 -10.99 7.52
C GLY A 10 20.03 -9.64 7.26
N GLY A 11 20.00 -9.20 6.03
CA GLY A 11 19.35 -7.90 5.71
C GLY A 11 19.04 -7.84 4.21
N GLY A 12 18.30 -8.79 3.72
CA GLY A 12 17.95 -8.77 2.26
C GLY A 12 17.28 -7.45 1.90
N GLY A 13 16.98 -7.24 0.65
CA GLY A 13 16.32 -5.97 0.24
C GLY A 13 15.85 -6.08 -1.21
N VAL A 14 15.00 -5.19 -1.63
CA VAL A 14 14.49 -5.25 -3.03
C VAL A 14 15.66 -5.15 -4.02
N THR A 15 15.49 -5.69 -5.20
CA THR A 15 16.59 -5.63 -6.21
C THR A 15 16.56 -4.30 -6.96
N ALA A 16 17.53 -4.04 -7.79
CA ALA A 16 17.55 -2.76 -8.54
C ALA A 16 16.43 -2.72 -9.58
N ASP A 17 15.56 -3.68 -9.57
CA ASP A 17 14.45 -3.69 -10.55
C ASP A 17 13.11 -4.00 -9.86
N ILE A 18 12.88 -3.42 -8.73
CA ILE A 18 11.61 -3.67 -8.00
C ILE A 18 10.80 -2.38 -7.91
N GLY A 19 11.15 -1.55 -7.00
CA GLY A 19 10.41 -0.26 -6.83
C GLY A 19 11.41 0.85 -6.52
N THR A 20 12.67 0.63 -6.77
CA THR A 20 13.69 1.68 -6.49
C THR A 20 13.42 2.92 -7.34
N GLY A 21 12.45 2.85 -8.21
CA GLY A 21 12.14 4.03 -9.07
C GLY A 21 11.24 4.99 -8.29
N LEU A 22 10.78 4.58 -7.14
CA LEU A 22 9.89 5.47 -6.34
C LEU A 22 10.69 6.66 -5.79
N ALA A 23 11.90 6.44 -5.39
CA ALA A 23 12.73 7.55 -4.85
C ALA A 23 12.82 8.68 -5.88
N ASP A 24 12.38 8.42 -7.08
CA ASP A 24 12.43 9.46 -8.13
C ASP A 24 11.09 10.20 -8.21
N ALA A 25 10.11 9.71 -7.51
CA ALA A 25 8.77 10.37 -7.54
C ALA A 25 8.77 11.59 -6.61
N LEU A 26 9.67 11.64 -5.67
CA LEU A 26 9.72 12.80 -4.73
C LEU A 26 10.90 13.70 -5.07
N THR A 27 12.04 13.13 -5.37
CA THR A 27 13.23 13.96 -5.70
C THR A 27 13.12 14.48 -7.14
N ALA A 28 12.12 14.04 -7.85
CA ALA A 28 11.96 14.50 -9.26
C ALA A 28 10.66 15.30 -9.41
N PRO A 29 10.77 16.59 -9.18
CA PRO A 29 9.60 17.48 -9.29
C PRO A 29 9.21 17.69 -10.76
N LEU A 30 8.09 18.31 -11.00
CA LEU A 30 7.66 18.54 -12.41
C LEU A 30 8.89 18.66 -13.33
N ASP A 31 8.77 18.20 -14.55
CA ASP A 31 9.94 18.29 -15.48
C ASP A 31 9.44 18.27 -16.93
N HIS A 32 10.35 18.22 -17.87
CA HIS A 32 9.93 18.21 -19.30
C HIS A 32 10.31 16.87 -19.93
N LYS A 33 9.98 15.78 -19.29
CA LYS A 33 10.31 14.45 -19.86
C LYS A 33 9.38 13.38 -19.28
N ASP A 34 8.32 13.78 -18.65
CA ASP A 34 7.38 12.78 -18.07
C ASP A 34 6.51 12.17 -19.17
N LYS A 35 5.70 11.20 -18.85
CA LYS A 35 4.83 10.56 -19.88
C LYS A 35 3.36 10.76 -19.52
N GLY A 36 2.91 10.16 -18.45
CA GLY A 36 1.49 10.31 -18.06
C GLY A 36 1.33 11.57 -17.20
N LEU A 37 0.97 11.40 -15.95
CA LEU A 37 0.78 12.58 -15.07
C LEU A 37 2.14 13.02 -14.48
N LYS A 38 2.48 14.27 -14.63
CA LYS A 38 3.78 14.76 -14.09
C LYS A 38 3.80 14.63 -12.57
N SER A 39 2.73 15.00 -11.91
CA SER A 39 2.70 14.90 -10.44
C SER A 39 1.38 15.49 -9.90
N LEU A 40 1.24 15.57 -8.60
CA LEU A 40 -0.01 16.14 -8.02
C LEU A 40 0.27 16.76 -6.66
N THR A 41 0.06 18.05 -6.53
CA THR A 41 0.31 18.71 -5.22
C THR A 41 -0.95 18.70 -4.36
N LEU A 42 -0.79 18.76 -3.07
CA LEU A 42 -1.98 18.75 -2.17
C LEU A 42 -2.36 20.18 -1.78
N GLU A 43 -3.58 20.58 -2.03
CA GLU A 43 -4.02 21.96 -1.67
C GLU A 43 -3.60 22.28 -0.23
N ASP A 44 -4.09 23.36 0.30
CA ASP A 44 -3.72 23.73 1.71
C ASP A 44 -4.17 22.64 2.67
N SER A 45 -3.71 21.43 2.48
CA SER A 45 -4.10 20.32 3.39
C SER A 45 -3.40 20.46 4.74
N ILE A 46 -2.12 20.74 4.72
CA ILE A 46 -1.37 20.89 6.01
C ILE A 46 -1.03 22.36 6.25
N SER A 47 -0.02 22.61 7.04
CA SER A 47 0.38 24.00 7.33
C SER A 47 1.63 24.01 8.24
N GLN A 48 2.04 25.15 8.68
CA GLN A 48 3.24 25.22 9.56
C GLN A 48 3.08 24.28 10.75
N ASN A 49 1.88 23.79 10.95
CA ASN A 49 1.63 22.87 12.09
C ASN A 49 1.71 21.41 11.62
N GLY A 50 2.03 21.20 10.38
CA GLY A 50 2.13 19.81 9.86
C GLY A 50 3.38 19.66 9.00
N THR A 51 4.54 19.70 9.60
CA THR A 51 5.80 19.56 8.81
C THR A 51 6.37 18.16 8.97
N LEU A 52 6.80 17.55 7.89
CA LEU A 52 7.37 16.18 7.99
C LEU A 52 8.21 15.87 6.75
N THR A 53 9.09 14.92 6.83
CA THR A 53 9.94 14.56 5.66
C THR A 53 9.66 13.12 5.22
N LEU A 54 9.90 12.82 3.97
CA LEU A 54 9.64 11.43 3.48
C LEU A 54 10.82 10.95 2.63
N SER A 55 11.34 9.79 2.92
CA SER A 55 12.48 9.27 2.12
C SER A 55 12.08 7.97 1.40
N ALA A 56 12.31 7.90 0.11
CA ALA A 56 11.93 6.68 -0.64
C ALA A 56 13.14 5.73 -0.74
N GLN A 57 12.97 4.62 -1.41
CA GLN A 57 14.10 3.66 -1.54
C GLN A 57 15.13 4.19 -2.54
N GLY A 58 15.45 5.45 -2.45
CA GLY A 58 16.46 6.03 -3.39
C GLY A 58 16.66 7.51 -3.06
N ALA A 59 15.61 8.19 -2.68
CA ALA A 59 15.73 9.64 -2.36
C ALA A 59 14.64 10.05 -1.38
N GLU A 60 14.64 11.29 -0.96
CA GLU A 60 13.60 11.76 0.01
C GLU A 60 13.19 13.20 -0.32
N LYS A 61 12.10 13.65 0.24
CA LYS A 61 11.65 15.04 -0.04
C LYS A 61 10.94 15.63 1.18
N THR A 62 11.38 16.76 1.66
CA THR A 62 10.72 17.37 2.85
C THR A 62 9.25 17.64 2.57
N TYR A 63 8.37 17.01 3.29
CA TYR A 63 6.92 17.23 3.05
C TYR A 63 6.33 18.14 4.13
N GLY A 64 5.94 19.34 3.76
CA GLY A 64 5.36 20.27 4.77
C GLY A 64 4.07 20.88 4.22
N ASN A 65 3.62 21.96 4.78
CA ASN A 65 2.37 22.59 4.30
C ASN A 65 2.41 22.74 2.77
N GLY A 66 1.41 22.26 2.09
CA GLY A 66 1.40 22.35 0.60
C GLY A 66 2.10 21.12 0.02
N ASP A 67 2.65 20.29 0.86
CA ASP A 67 3.34 19.07 0.36
C ASP A 67 2.71 18.61 -0.96
N SER A 68 3.52 18.23 -1.91
CA SER A 68 2.96 17.77 -3.22
C SER A 68 3.60 16.43 -3.62
N LEU A 69 2.94 15.68 -4.45
CA LEU A 69 3.50 14.37 -4.88
C LEU A 69 3.73 14.37 -6.39
N ASN A 70 4.62 13.53 -6.86
CA ASN A 70 4.90 13.47 -8.33
C ASN A 70 5.26 12.04 -8.74
N THR A 71 4.46 11.43 -9.57
CA THR A 71 4.76 10.05 -10.01
C THR A 71 4.92 9.99 -11.53
N GLY A 72 5.53 10.99 -12.10
CA GLY A 72 5.72 11.00 -13.58
C GLY A 72 6.69 9.89 -13.99
N LYS A 73 7.17 9.14 -13.04
CA LYS A 73 8.12 8.03 -13.36
C LYS A 73 7.38 6.69 -13.37
N LEU A 74 6.31 6.57 -12.63
CA LEU A 74 5.55 5.29 -12.61
C LEU A 74 4.29 5.41 -13.46
N LYS A 75 3.35 4.53 -13.27
CA LYS A 75 2.09 4.59 -14.07
C LYS A 75 0.88 4.72 -13.14
N ASN A 76 -0.20 4.04 -13.45
CA ASN A 76 -1.41 4.13 -12.59
C ASN A 76 -1.70 2.77 -11.94
N ASP A 77 -0.71 1.91 -11.88
CA ASP A 77 -0.92 0.58 -11.25
C ASP A 77 0.26 0.21 -10.36
N LYS A 78 0.51 0.98 -9.33
CA LYS A 78 1.64 0.67 -8.42
C LYS A 78 1.38 1.23 -7.02
N VAL A 79 2.37 1.28 -6.19
CA VAL A 79 2.18 1.81 -4.81
C VAL A 79 3.24 2.85 -4.47
N SER A 80 3.07 3.55 -3.39
CA SER A 80 4.07 4.59 -3.00
C SER A 80 4.36 4.47 -1.50
N ARG A 81 5.40 3.74 -1.14
CA ARG A 81 5.72 3.60 0.30
C ARG A 81 7.00 4.36 0.65
N PHE A 82 6.94 5.24 1.61
CA PHE A 82 8.15 6.02 1.99
C PHE A 82 8.12 6.34 3.49
N ASP A 83 9.26 6.31 4.13
CA ASP A 83 9.29 6.62 5.59
C ASP A 83 9.28 8.13 5.83
N PHE A 84 8.53 8.58 6.80
CA PHE A 84 8.47 10.04 7.07
C PHE A 84 8.14 10.29 8.55
N ILE A 85 8.11 11.52 8.97
CA ILE A 85 7.79 11.82 10.39
C ILE A 85 6.95 13.09 10.49
N ARG A 86 5.78 13.00 11.08
CA ARG A 86 4.92 14.20 11.21
C ARG A 86 5.31 14.99 12.47
N GLN A 87 5.84 16.17 12.29
CA GLN A 87 6.24 16.98 13.47
C GLN A 87 5.63 18.38 13.39
N ILE A 88 4.95 18.80 14.42
CA ILE A 88 4.32 20.14 14.41
C ILE A 88 4.97 21.04 15.46
N GLU A 89 5.69 22.05 15.05
CA GLU A 89 6.34 22.95 16.04
C GLU A 89 6.28 24.39 15.56
N VAL A 90 5.80 25.27 16.40
CA VAL A 90 5.71 26.71 16.00
C VAL A 90 6.66 27.55 16.86
N ASP A 91 6.83 28.80 16.52
CA ASP A 91 7.75 29.66 17.32
C ASP A 91 7.21 29.86 18.72
N GLY A 92 6.07 29.29 19.02
CA GLY A 92 5.48 29.44 20.37
C GLY A 92 4.16 28.68 20.43
N GLN A 93 4.10 27.51 19.87
CA GLN A 93 2.84 26.73 19.89
C GLN A 93 3.12 25.24 19.85
N LEU A 94 2.34 24.53 19.10
CA LEU A 94 2.52 23.05 19.00
C LEU A 94 3.99 22.70 18.81
N ILE A 95 4.34 21.46 19.05
CA ILE A 95 5.76 21.04 18.89
C ILE A 95 5.86 19.50 18.91
N THR A 96 4.77 18.82 18.68
CA THR A 96 4.79 17.34 18.69
C THR A 96 5.77 16.81 17.64
N LEU A 97 6.00 15.53 17.63
CA LEU A 97 6.95 14.95 16.64
C LEU A 97 6.84 13.42 16.63
N GLU A 98 6.40 12.84 15.54
CA GLU A 98 6.26 11.36 15.48
C GLU A 98 6.80 10.83 14.15
N SER A 99 7.18 9.58 14.12
CA SER A 99 7.72 9.00 12.85
C SER A 99 7.00 7.69 12.52
N GLY A 100 7.05 7.27 11.28
CA GLY A 100 6.36 6.01 10.90
C GLY A 100 6.56 5.73 9.42
N GLU A 101 5.72 4.94 8.82
CA GLU A 101 5.87 4.63 7.37
C GLU A 101 4.61 5.04 6.61
N PHE A 102 4.71 5.22 5.32
CA PHE A 102 3.52 5.63 4.53
C PHE A 102 3.27 4.65 3.39
N GLN A 103 2.04 4.26 3.18
CA GLN A 103 1.73 3.31 2.08
C GLN A 103 0.61 3.88 1.20
N VAL A 104 0.94 4.39 0.06
CA VAL A 104 -0.11 4.97 -0.82
C VAL A 104 -0.19 4.21 -2.15
N TYR A 105 -1.27 3.51 -2.39
CA TYR A 105 -1.41 2.76 -3.67
C TYR A 105 -2.04 3.65 -4.74
N LYS A 106 -1.59 3.53 -5.96
CA LYS A 106 -2.17 4.38 -7.04
C LYS A 106 -2.77 3.50 -8.15
N GLN A 107 -3.93 3.83 -8.62
CA GLN A 107 -4.56 3.02 -9.71
C GLN A 107 -4.71 3.85 -10.98
N SER A 108 -5.81 3.72 -11.66
CA SER A 108 -6.02 4.51 -12.91
C SER A 108 -6.69 5.85 -12.59
N HIS A 109 -7.83 5.82 -11.97
CA HIS A 109 -8.53 7.10 -11.64
C HIS A 109 -8.60 7.26 -10.11
N SER A 110 -8.57 6.18 -9.38
CA SER A 110 -8.63 6.28 -7.90
C SER A 110 -7.27 5.95 -7.29
N ALA A 111 -7.23 5.67 -6.01
CA ALA A 111 -5.93 5.34 -5.37
C ALA A 111 -6.16 4.89 -3.92
N LEU A 112 -5.19 4.25 -3.33
CA LEU A 112 -5.36 3.77 -1.92
C LEU A 112 -4.28 4.41 -1.04
N THR A 113 -4.49 4.41 0.26
CA THR A 113 -3.47 5.02 1.16
C THR A 113 -3.24 4.13 2.38
N ALA A 114 -2.27 4.47 3.17
CA ALA A 114 -1.96 3.66 4.39
C ALA A 114 -0.92 4.39 5.25
N LEU A 115 -1.26 4.71 6.47
CA LEU A 115 -0.29 5.43 7.34
C LEU A 115 0.13 4.56 8.51
N GLN A 116 1.34 4.07 8.51
CA GLN A 116 1.80 3.22 9.64
C GLN A 116 2.72 4.03 10.57
N THR A 117 2.50 3.97 11.85
CA THR A 117 3.35 4.74 12.80
C THR A 117 4.36 3.82 13.48
N GLU A 118 5.34 4.38 14.14
CA GLU A 118 6.36 3.54 14.82
C GLU A 118 6.78 4.20 16.14
N GLN A 119 6.95 5.50 16.14
CA GLN A 119 7.36 6.20 17.40
C GLN A 119 6.49 7.43 17.62
N GLU A 120 6.35 7.86 18.84
CA GLU A 120 5.51 9.07 19.12
C GLU A 120 6.00 9.78 20.38
N GLN A 121 5.95 11.09 20.38
CA GLN A 121 6.41 11.84 21.58
C GLN A 121 5.27 12.69 22.14
N ASP A 122 5.16 12.80 23.44
CA ASP A 122 4.06 13.62 24.03
C ASP A 122 4.53 14.40 25.25
N PRO A 123 4.73 15.67 25.05
CA PRO A 123 5.20 16.57 26.13
C PRO A 123 4.07 16.86 27.14
N GLU A 124 3.37 15.86 27.59
CA GLU A 124 2.30 16.11 28.58
C GLU A 124 2.90 16.06 29.98
N HIS A 125 3.79 15.14 30.16
CA HIS A 125 4.49 14.99 31.46
C HIS A 125 5.71 14.10 31.24
N SER A 126 5.48 12.84 31.06
CA SER A 126 6.60 11.89 30.81
C SER A 126 6.35 11.15 29.48
N GLU A 127 5.47 11.65 28.67
CA GLU A 127 5.15 10.95 27.38
C GLU A 127 5.77 11.68 26.18
N LYS A 128 6.61 12.65 26.41
CA LYS A 128 7.24 13.39 25.26
C LYS A 128 7.98 12.43 24.35
N MET A 129 7.97 11.20 24.67
CA MET A 129 8.64 10.20 23.80
C MET A 129 8.04 8.81 24.03
N VAL A 130 7.60 8.17 23.00
CA VAL A 130 7.00 6.81 23.16
C VAL A 130 7.19 5.99 21.88
N ALA A 131 7.08 4.68 21.98
CA ALA A 131 7.26 3.84 20.77
C ALA A 131 6.24 2.70 20.77
N LYS A 132 5.34 2.69 19.82
CA LYS A 132 4.31 1.61 19.77
C LYS A 132 3.99 1.27 18.32
N ARG A 133 2.89 0.61 18.09
CA ARG A 133 2.52 0.24 16.70
C ARG A 133 1.11 0.74 16.37
N ARG A 134 0.99 1.70 15.50
CA ARG A 134 -0.35 2.23 15.14
C ARG A 134 -0.40 2.59 13.65
N PHE A 135 -1.15 1.85 12.87
CA PHE A 135 -1.23 2.15 11.42
C PHE A 135 -2.66 2.52 11.02
N ARG A 136 -2.85 3.60 10.33
CA ARG A 136 -4.22 4.00 9.91
C ARG A 136 -4.43 3.68 8.44
N ILE A 137 -5.22 2.68 8.15
CA ILE A 137 -5.46 2.29 6.74
C ILE A 137 -6.46 3.24 6.09
N GLY A 138 -6.03 3.96 5.07
CA GLY A 138 -6.96 4.90 4.39
C GLY A 138 -6.77 4.76 2.87
N ASP A 139 -7.78 5.04 2.10
CA ASP A 139 -7.64 4.90 0.63
C ASP A 139 -8.82 5.58 -0.09
N ILE A 140 -8.65 5.93 -1.34
CA ILE A 140 -9.74 6.58 -2.10
C ILE A 140 -9.95 5.86 -3.43
N ALA A 141 -10.65 4.77 -3.43
CA ALA A 141 -10.89 4.03 -4.70
C ALA A 141 -12.37 4.09 -5.08
N GLY A 142 -12.65 4.22 -6.35
CA GLY A 142 -14.07 4.31 -6.80
C GLY A 142 -14.70 2.92 -6.70
N GLU A 143 -14.83 2.41 -5.50
CA GLU A 143 -15.44 1.06 -5.33
C GLU A 143 -16.95 1.13 -5.48
N HIS A 144 -17.42 1.89 -6.41
CA HIS A 144 -18.88 2.02 -6.64
C HIS A 144 -19.33 1.12 -7.78
N THR A 145 -18.43 0.32 -8.29
CA THR A 145 -18.79 -0.58 -9.43
C THR A 145 -18.91 -2.04 -8.98
N SER A 146 -20.11 -2.56 -8.92
CA SER A 146 -20.29 -3.97 -8.51
C SER A 146 -19.61 -4.89 -9.53
N PHE A 147 -18.71 -5.72 -9.09
CA PHE A 147 -18.02 -6.62 -10.05
C PHE A 147 -19.04 -7.54 -10.74
N ASP A 148 -20.28 -7.45 -10.36
CA ASP A 148 -21.31 -8.31 -10.99
C ASP A 148 -22.05 -7.53 -12.09
N LYS A 149 -21.52 -6.40 -12.48
CA LYS A 149 -22.21 -5.59 -13.53
C LYS A 149 -21.26 -5.31 -14.70
N LEU A 150 -20.03 -5.76 -14.61
CA LEU A 150 -19.08 -5.50 -15.74
C LEU A 150 -18.51 -6.82 -16.27
N PRO A 151 -18.03 -7.64 -15.37
CA PRO A 151 -17.46 -8.94 -15.75
C PRO A 151 -18.54 -10.03 -15.70
N LYS A 152 -18.14 -11.26 -15.66
CA LYS A 152 -19.13 -12.38 -15.62
C LYS A 152 -18.55 -13.55 -14.84
N ASP A 153 -17.56 -14.19 -15.40
CA ASP A 153 -16.92 -15.34 -14.72
C ASP A 153 -15.46 -15.45 -15.16
N VAL A 154 -14.81 -14.32 -15.32
CA VAL A 154 -13.38 -14.35 -15.74
C VAL A 154 -12.46 -14.25 -14.54
N MET A 155 -11.20 -14.54 -14.73
CA MET A 155 -10.24 -14.46 -13.58
C MET A 155 -9.27 -13.29 -13.79
N ALA A 156 -9.49 -12.20 -13.10
CA ALA A 156 -8.58 -11.03 -13.26
C ALA A 156 -7.43 -11.11 -12.23
N THR A 157 -6.26 -11.49 -12.68
CA THR A 157 -5.11 -11.59 -11.74
C THR A 157 -5.10 -10.37 -10.80
N TYR A 158 -4.75 -10.57 -9.56
CA TYR A 158 -4.71 -9.43 -8.60
C TYR A 158 -3.41 -9.43 -7.81
N ARG A 159 -2.68 -8.35 -7.83
CA ARG A 159 -1.40 -8.30 -7.08
C ARG A 159 -1.25 -6.93 -6.42
N GLY A 160 -0.72 -6.88 -5.24
CA GLY A 160 -0.58 -5.56 -4.56
C GLY A 160 0.40 -5.65 -3.39
N THR A 161 0.29 -4.73 -2.48
CA THR A 161 1.18 -4.71 -1.29
C THR A 161 0.35 -4.62 -0.02
N ALA A 162 0.88 -5.05 1.09
CA ALA A 162 0.09 -5.00 2.35
C ALA A 162 0.99 -4.61 3.53
N PHE A 163 0.45 -4.54 4.70
CA PHE A 163 1.26 -4.18 5.89
C PHE A 163 0.80 -4.99 7.11
N GLY A 164 1.71 -5.43 7.94
CA GLY A 164 1.31 -6.23 9.13
C GLY A 164 1.85 -5.58 10.41
N SER A 165 1.08 -5.59 11.46
CA SER A 165 1.55 -4.99 12.73
C SER A 165 2.70 -5.82 13.30
N ASP A 166 2.93 -6.97 12.75
CA ASP A 166 4.04 -7.84 13.24
C ASP A 166 5.02 -8.12 12.09
N ASP A 167 4.75 -7.57 10.95
CA ASP A 167 5.64 -7.78 9.78
C ASP A 167 6.08 -6.42 9.24
N ALA A 168 7.01 -6.39 8.32
CA ALA A 168 7.46 -5.09 7.78
C ALA A 168 6.43 -4.53 6.83
N GLY A 169 5.53 -5.33 6.41
CA GLY A 169 4.48 -4.84 5.50
C GLY A 169 3.57 -5.99 5.11
N GLY A 170 3.53 -6.27 3.85
CA GLY A 170 2.68 -7.38 3.34
C GLY A 170 2.76 -7.43 1.82
N LYS A 171 2.54 -8.58 1.24
CA LYS A 171 2.58 -8.69 -0.25
C LYS A 171 1.44 -9.60 -0.71
N LEU A 172 0.55 -9.10 -1.51
CA LEU A 172 -0.59 -9.94 -1.96
C LEU A 172 -0.56 -10.14 -3.48
N THR A 173 -0.68 -11.36 -3.93
CA THR A 173 -0.67 -11.64 -5.38
C THR A 173 -1.53 -12.87 -5.67
N TYR A 174 -2.75 -12.69 -6.10
CA TYR A 174 -3.61 -13.86 -6.36
C TYR A 174 -4.47 -13.66 -7.62
N THR A 175 -4.95 -14.72 -8.18
CA THR A 175 -5.82 -14.61 -9.39
C THR A 175 -7.28 -14.72 -8.96
N ILE A 176 -8.04 -13.67 -9.10
CA ILE A 176 -9.46 -13.73 -8.67
C ILE A 176 -10.41 -13.87 -9.86
N ASP A 177 -11.63 -14.27 -9.59
CA ASP A 177 -12.61 -14.45 -10.69
C ASP A 177 -13.83 -13.55 -10.44
N PHE A 178 -14.19 -12.79 -11.43
CA PHE A 178 -15.34 -11.84 -11.30
C PHE A 178 -16.58 -12.53 -10.71
N ALA A 179 -17.73 -12.19 -11.22
CA ALA A 179 -19.02 -12.76 -10.72
C ALA A 179 -18.80 -14.21 -10.28
N ALA A 180 -18.01 -14.95 -10.99
CA ALA A 180 -17.74 -16.35 -10.57
C ALA A 180 -16.93 -16.29 -9.28
N LYS A 181 -17.42 -15.55 -8.32
CA LYS A 181 -16.72 -15.37 -7.02
C LYS A 181 -15.66 -16.45 -6.82
N GLN A 182 -14.55 -16.34 -7.50
CA GLN A 182 -13.49 -17.39 -7.31
C GLN A 182 -12.09 -16.78 -7.47
N GLY A 183 -11.32 -16.77 -6.42
CA GLY A 183 -9.94 -16.21 -6.52
C GLY A 183 -9.04 -16.81 -5.45
N HIS A 184 -7.75 -16.76 -5.64
CA HIS A 184 -6.81 -17.32 -4.64
C HIS A 184 -5.36 -17.12 -5.11
N GLY A 185 -4.44 -16.95 -4.21
CA GLY A 185 -3.02 -16.75 -4.64
C GLY A 185 -2.07 -17.02 -3.47
N LYS A 186 -1.09 -16.18 -3.28
CA LYS A 186 -0.14 -16.39 -2.16
C LYS A 186 0.11 -15.07 -1.43
N ILE A 187 -0.18 -15.01 -0.16
CA ILE A 187 0.05 -13.75 0.60
C ILE A 187 1.43 -13.77 1.25
N GLU A 188 2.20 -12.73 1.08
CA GLU A 188 3.55 -12.69 1.69
C GLU A 188 3.70 -11.45 2.60
N HIS A 189 3.39 -11.60 3.86
CA HIS A 189 3.52 -10.44 4.78
C HIS A 189 4.83 -9.70 4.53
N LEU A 190 5.92 -10.42 4.47
CA LEU A 190 7.24 -9.76 4.21
C LEU A 190 7.57 -9.79 2.72
N LYS A 191 8.45 -10.67 2.33
CA LYS A 191 8.81 -10.76 0.89
C LYS A 191 9.55 -12.05 0.59
N SER A 192 10.27 -12.54 1.55
CA SER A 192 11.04 -13.81 1.34
C SER A 192 10.10 -14.91 0.84
N PRO A 193 10.53 -15.58 -0.18
CA PRO A 193 9.72 -16.69 -0.76
C PRO A 193 9.69 -17.88 0.19
N GLU A 194 9.47 -17.64 1.45
CA GLU A 194 9.43 -18.76 2.42
C GLU A 194 8.49 -18.43 3.58
N LEU A 195 8.36 -17.18 3.94
CA LEU A 195 7.44 -16.82 5.06
C LEU A 195 6.05 -16.50 4.52
N ASN A 196 5.84 -16.72 3.25
CA ASN A 196 4.49 -16.43 2.67
C ASN A 196 3.54 -17.58 2.99
N VAL A 197 2.27 -17.42 2.72
CA VAL A 197 1.30 -18.50 3.03
C VAL A 197 0.27 -18.64 1.91
N ASP A 198 -0.29 -19.80 1.75
CA ASP A 198 -1.31 -20.00 0.68
C ASP A 198 -2.62 -19.31 1.08
N LEU A 199 -3.04 -18.33 0.33
CA LEU A 199 -4.29 -17.62 0.68
C LEU A 199 -5.39 -17.93 -0.33
N ALA A 200 -6.62 -17.76 0.07
CA ALA A 200 -7.76 -18.02 -0.87
C ALA A 200 -8.70 -16.81 -0.87
N VAL A 201 -8.92 -16.23 -2.02
CA VAL A 201 -9.82 -15.05 -2.07
C VAL A 201 -11.13 -15.38 -2.78
N ALA A 202 -12.23 -14.93 -2.23
CA ALA A 202 -13.55 -15.21 -2.87
C ALA A 202 -14.14 -13.91 -3.41
N TYR A 203 -14.42 -13.87 -4.68
CA TYR A 203 -14.97 -12.61 -5.28
C TYR A 203 -16.49 -12.54 -5.09
N ILE A 204 -16.95 -11.75 -4.16
CA ILE A 204 -18.42 -11.62 -3.95
C ILE A 204 -18.99 -10.60 -4.92
N LYS A 205 -20.25 -10.71 -5.27
CA LYS A 205 -20.85 -9.74 -6.22
C LYS A 205 -21.27 -8.46 -5.48
N PRO A 206 -22.34 -8.55 -4.75
CA PRO A 206 -22.84 -7.37 -4.00
C PRO A 206 -21.95 -7.09 -2.78
N ASP A 207 -20.98 -6.22 -2.93
CA ASP A 207 -20.09 -5.91 -1.77
C ASP A 207 -20.87 -5.18 -0.68
N GLU A 208 -20.31 -4.13 -0.15
CA GLU A 208 -21.04 -3.38 0.92
C GLU A 208 -22.32 -2.77 0.34
N LYS A 209 -22.47 -2.80 -0.95
CA LYS A 209 -23.70 -2.24 -1.60
C LYS A 209 -23.78 -2.70 -3.05
N HIS A 210 -22.87 -2.26 -3.87
CA HIS A 210 -22.90 -2.67 -5.31
C HIS A 210 -21.46 -2.75 -5.86
N HIS A 211 -20.56 -3.29 -5.08
CA HIS A 211 -19.14 -3.39 -5.55
C HIS A 211 -18.66 -4.84 -5.43
N ALA A 212 -17.42 -5.09 -5.75
CA ALA A 212 -16.90 -6.49 -5.62
C ALA A 212 -16.26 -6.68 -4.26
N VAL A 213 -16.18 -7.91 -3.79
CA VAL A 213 -15.56 -8.15 -2.46
C VAL A 213 -14.55 -9.31 -2.53
N ILE A 214 -13.79 -9.51 -1.50
CA ILE A 214 -12.80 -10.63 -1.52
C ILE A 214 -12.64 -11.21 -0.11
N SER A 215 -13.22 -12.37 0.14
CA SER A 215 -13.11 -12.99 1.49
C SER A 215 -12.68 -14.45 1.36
N GLY A 216 -11.82 -14.91 2.23
CA GLY A 216 -11.37 -16.32 2.17
C GLY A 216 -10.47 -16.63 3.38
N SER A 217 -9.59 -17.58 3.24
CA SER A 217 -8.69 -17.92 4.38
C SER A 217 -7.23 -17.94 3.92
N VAL A 218 -6.31 -18.14 4.83
CA VAL A 218 -4.89 -18.18 4.45
C VAL A 218 -4.14 -19.19 5.33
N LEU A 219 -3.12 -19.81 4.81
CA LEU A 219 -2.37 -20.82 5.62
C LEU A 219 -0.89 -20.82 5.25
N TYR A 220 -0.02 -21.06 6.20
CA TYR A 220 1.43 -21.08 5.90
C TYR A 220 1.89 -22.53 5.71
N ASN A 221 2.95 -22.75 4.97
CA ASN A 221 3.43 -24.14 4.74
C ASN A 221 4.12 -24.67 6.00
N GLN A 222 4.41 -23.82 6.92
CA GLN A 222 5.08 -24.28 8.17
C GLN A 222 4.03 -24.83 9.13
N ASP A 223 3.15 -23.99 9.57
CA ASP A 223 2.09 -24.44 10.51
C ASP A 223 1.20 -23.25 10.92
N GLU A 224 1.10 -22.25 10.08
CA GLU A 224 0.28 -21.07 10.44
C GLU A 224 -1.18 -21.27 10.05
N LYS A 225 -2.03 -20.37 10.45
CA LYS A 225 -3.48 -20.48 10.11
C LYS A 225 -4.08 -19.07 10.06
N GLY A 226 -3.91 -18.40 8.97
CA GLY A 226 -4.45 -17.01 8.85
C GLY A 226 -5.64 -16.98 7.90
N SER A 227 -6.28 -15.84 7.80
CA SER A 227 -7.45 -15.73 6.89
C SER A 227 -7.32 -14.46 6.03
N TYR A 228 -8.21 -14.27 5.10
CA TYR A 228 -8.13 -13.07 4.23
C TYR A 228 -9.51 -12.44 4.05
N SER A 229 -9.60 -11.14 4.18
CA SER A 229 -10.91 -10.46 4.01
C SER A 229 -10.69 -9.06 3.43
N LEU A 230 -11.25 -8.79 2.28
CA LEU A 230 -11.05 -7.44 1.67
C LEU A 230 -12.17 -7.14 0.67
N GLY A 231 -12.19 -5.94 0.14
CA GLY A 231 -13.24 -5.58 -0.85
C GLY A 231 -12.55 -5.20 -2.16
N ILE A 232 -13.08 -5.65 -3.27
CA ILE A 232 -12.44 -5.30 -4.57
C ILE A 232 -13.31 -4.32 -5.37
N PHE A 233 -12.69 -3.33 -5.94
CA PHE A 233 -13.46 -2.33 -6.74
C PHE A 233 -12.77 -2.13 -8.09
N GLY A 234 -13.48 -1.66 -9.08
CA GLY A 234 -12.84 -1.45 -10.40
C GLY A 234 -13.83 -0.89 -11.42
N GLU A 235 -14.46 0.22 -11.13
CA GLU A 235 -15.40 0.79 -12.13
C GLU A 235 -14.60 1.12 -13.39
N LYS A 236 -13.32 1.05 -13.24
CA LYS A 236 -12.37 1.31 -14.35
C LYS A 236 -10.98 1.06 -13.77
N ALA A 237 -10.91 0.11 -12.88
CA ALA A 237 -9.64 -0.22 -12.20
C ALA A 237 -9.81 -1.50 -11.39
N GLN A 238 -9.54 -2.62 -11.99
CA GLN A 238 -9.70 -3.93 -11.27
C GLN A 238 -8.78 -3.97 -10.06
N GLU A 239 -8.87 -2.98 -9.22
CA GLU A 239 -8.00 -2.94 -8.01
C GLU A 239 -8.82 -3.30 -6.76
N VAL A 240 -8.16 -3.74 -5.71
CA VAL A 240 -8.90 -4.11 -4.47
C VAL A 240 -8.00 -3.94 -3.25
N ALA A 241 -8.57 -3.56 -2.13
CA ALA A 241 -7.74 -3.38 -0.90
C ALA A 241 -8.53 -3.80 0.33
N GLY A 242 -7.85 -4.17 1.39
CA GLY A 242 -8.58 -4.57 2.63
C GLY A 242 -7.57 -4.95 3.72
N SER A 243 -7.92 -5.90 4.55
CA SER A 243 -6.98 -6.33 5.63
C SER A 243 -7.25 -7.79 5.99
N ALA A 244 -6.23 -8.57 6.12
CA ALA A 244 -6.42 -10.01 6.47
C ALA A 244 -6.03 -10.26 7.92
N GLU A 245 -6.31 -11.43 8.43
CA GLU A 245 -5.93 -11.74 9.83
C GLU A 245 -5.14 -13.04 9.88
N VAL A 246 -4.00 -13.05 10.51
CA VAL A 246 -3.19 -14.29 10.56
C VAL A 246 -3.02 -14.77 12.01
N GLU A 247 -3.33 -16.01 12.27
CA GLU A 247 -3.19 -16.54 13.66
C GLU A 247 -1.96 -17.46 13.75
N THR A 248 -1.14 -17.27 14.75
CA THR A 248 0.07 -18.12 14.90
C THR A 248 -0.22 -19.30 15.84
N ALA A 249 0.49 -19.36 16.94
CA ALA A 249 0.26 -20.47 17.91
C ALA A 249 0.14 -19.90 19.33
N ASN A 250 0.20 -18.60 19.47
CA ASN A 250 0.08 -18.00 20.82
C ASN A 250 -0.43 -16.56 20.72
N GLY A 251 -0.95 -16.19 19.58
CA GLY A 251 -1.47 -14.81 19.41
C GLY A 251 -2.05 -14.63 18.01
N ILE A 252 -2.34 -13.42 17.61
CA ILE A 252 -2.92 -13.18 16.27
C ILE A 252 -2.41 -11.86 15.71
N HIS A 253 -2.12 -11.81 14.43
CA HIS A 253 -1.63 -10.54 13.84
C HIS A 253 -2.60 -10.02 12.78
N HIS A 254 -2.52 -8.76 12.45
CA HIS A 254 -3.45 -8.19 11.43
C HIS A 254 -2.63 -7.54 10.31
N ILE A 255 -2.97 -7.78 9.08
CA ILE A 255 -2.19 -7.16 7.96
C ILE A 255 -3.12 -6.38 7.02
N GLY A 256 -2.81 -5.14 6.78
CA GLY A 256 -3.65 -4.33 5.85
C GLY A 256 -3.17 -4.59 4.42
N LEU A 257 -4.03 -4.95 3.53
CA LEU A 257 -3.57 -5.24 2.15
C LEU A 257 -4.09 -4.23 1.14
N ALA A 258 -3.38 -4.08 0.05
CA ALA A 258 -3.81 -3.12 -1.02
C ALA A 258 -3.27 -3.60 -2.36
N ALA A 259 -4.11 -3.91 -3.31
CA ALA A 259 -3.59 -4.41 -4.61
C ALA A 259 -4.43 -3.92 -5.79
N LYS A 260 -3.84 -3.85 -6.93
CA LYS A 260 -4.57 -3.40 -8.15
C LYS A 260 -4.69 -4.56 -9.15
N GLN A 261 -5.54 -4.44 -10.12
CA GLN A 261 -5.71 -5.52 -11.14
C GLN A 261 -5.36 -6.88 -10.51
N MET A 1 0.53 -18.23 -26.03
CA MET A 1 1.25 -18.35 -24.72
C MET A 1 2.68 -18.84 -24.95
N GLY A 2 3.64 -17.96 -24.84
CA GLY A 2 5.06 -18.36 -25.05
C GLY A 2 5.64 -18.90 -23.74
N SER A 3 6.79 -18.40 -23.34
CA SER A 3 7.40 -18.88 -22.08
C SER A 3 8.29 -17.78 -21.48
N SER A 4 7.93 -17.27 -20.32
CA SER A 4 8.76 -16.21 -19.69
C SER A 4 9.63 -16.80 -18.59
N GLY A 5 10.80 -16.25 -18.37
CA GLY A 5 11.70 -16.78 -17.31
C GLY A 5 12.71 -15.70 -16.91
N GLY A 6 13.87 -15.71 -17.50
CA GLY A 6 14.90 -14.68 -17.14
C GLY A 6 14.64 -13.41 -17.95
N GLY A 7 15.68 -12.74 -18.37
CA GLY A 7 15.50 -11.49 -19.16
C GLY A 7 15.24 -11.85 -20.63
N GLY A 8 16.11 -12.62 -21.22
CA GLY A 8 15.90 -13.00 -22.65
C GLY A 8 16.67 -14.29 -22.95
N SER A 9 17.98 -14.22 -22.96
CA SER A 9 18.79 -15.44 -23.24
C SER A 9 19.36 -16.02 -21.95
N GLY A 10 20.00 -15.20 -21.16
CA GLY A 10 20.57 -15.69 -19.87
C GLY A 10 20.96 -14.51 -18.99
N GLY A 11 20.13 -13.51 -18.91
CA GLY A 11 20.46 -12.33 -18.07
C GLY A 11 19.32 -11.31 -18.16
N GLY A 12 18.98 -10.68 -17.06
CA GLY A 12 17.90 -9.67 -17.09
C GLY A 12 18.07 -8.69 -15.93
N GLY A 13 18.37 -7.46 -16.23
CA GLY A 13 18.56 -6.46 -15.14
C GLY A 13 17.20 -5.91 -14.70
N VAL A 14 17.11 -5.38 -13.51
CA VAL A 14 15.82 -4.84 -13.03
C VAL A 14 15.33 -3.73 -13.97
N THR A 15 14.28 -3.04 -13.59
CA THR A 15 13.76 -1.94 -14.47
C THR A 15 14.13 -0.58 -13.88
N ALA A 16 14.22 0.43 -14.70
CA ALA A 16 14.59 1.78 -14.20
C ALA A 16 13.37 2.45 -13.55
N ASP A 17 12.25 1.79 -13.52
CA ASP A 17 11.04 2.40 -12.90
C ASP A 17 10.00 1.34 -12.58
N ILE A 18 10.40 0.24 -11.98
CA ILE A 18 9.44 -0.82 -11.64
C ILE A 18 9.07 -0.73 -10.17
N GLY A 19 9.92 -1.23 -9.33
CA GLY A 19 9.65 -1.19 -7.86
C GLY A 19 10.24 0.08 -7.26
N THR A 20 11.52 0.25 -7.37
CA THR A 20 12.17 1.47 -6.81
C THR A 20 11.67 2.73 -7.54
N GLY A 21 10.83 2.55 -8.52
CA GLY A 21 10.31 3.73 -9.26
C GLY A 21 9.60 4.68 -8.29
N LEU A 22 9.12 4.17 -7.19
CA LEU A 22 8.42 5.05 -6.21
C LEU A 22 9.35 6.17 -5.75
N ALA A 23 10.61 5.88 -5.58
CA ALA A 23 11.57 6.94 -5.14
C ALA A 23 11.51 8.13 -6.09
N ASP A 24 10.85 7.98 -7.20
CA ASP A 24 10.75 9.09 -8.18
C ASP A 24 9.45 9.87 -7.96
N ALA A 25 8.60 9.36 -7.12
CA ALA A 25 7.31 10.06 -6.85
C ALA A 25 7.56 11.36 -6.09
N LEU A 26 8.57 11.38 -5.25
CA LEU A 26 8.88 12.62 -4.47
C LEU A 26 10.12 13.31 -5.03
N THR A 27 11.07 12.54 -5.51
CA THR A 27 12.31 13.16 -6.06
C THR A 27 12.10 13.51 -7.54
N ALA A 28 10.99 13.15 -8.09
CA ALA A 28 10.71 13.47 -9.53
C ALA A 28 9.46 14.34 -9.64
N PRO A 29 9.68 15.63 -9.65
CA PRO A 29 8.56 16.59 -9.77
C PRO A 29 7.99 16.59 -11.20
N LEU A 30 7.26 17.60 -11.56
CA LEU A 30 6.68 17.66 -12.93
C LEU A 30 7.72 17.20 -13.96
N ASP A 31 7.34 17.11 -15.20
CA ASP A 31 8.31 16.67 -16.25
C ASP A 31 7.83 17.13 -17.63
N HIS A 32 8.33 16.51 -18.67
CA HIS A 32 7.90 16.91 -20.04
C HIS A 32 7.47 15.67 -20.84
N LYS A 33 6.67 14.82 -20.26
CA LYS A 33 6.21 13.60 -20.98
C LYS A 33 5.29 12.78 -20.08
N ASP A 34 4.60 13.42 -19.17
CA ASP A 34 3.68 12.66 -18.27
C ASP A 34 2.39 12.29 -19.03
N LYS A 35 1.84 11.15 -18.72
CA LYS A 35 0.58 10.73 -19.42
C LYS A 35 -0.43 11.88 -19.43
N GLY A 36 -0.84 12.33 -18.28
CA GLY A 36 -1.82 13.46 -18.23
C GLY A 36 -1.58 14.27 -16.95
N LEU A 37 -1.46 13.61 -15.83
CA LEU A 37 -1.23 14.36 -14.55
C LEU A 37 0.26 14.46 -14.25
N LYS A 38 0.74 15.62 -13.90
CA LYS A 38 2.18 15.77 -13.59
C LYS A 38 2.43 15.62 -12.08
N SER A 39 1.42 15.83 -11.29
CA SER A 39 1.59 15.70 -9.82
C SER A 39 0.29 16.10 -9.10
N LEU A 40 0.31 16.11 -7.79
CA LEU A 40 -0.91 16.48 -7.03
C LEU A 40 -0.54 17.04 -5.66
N THR A 41 -0.74 18.31 -5.44
CA THR A 41 -0.39 18.91 -4.13
C THR A 41 -1.60 18.84 -3.18
N LEU A 42 -1.36 18.88 -1.90
CA LEU A 42 -2.50 18.82 -0.92
C LEU A 42 -2.94 20.23 -0.54
N GLU A 43 -4.23 20.45 -0.43
CA GLU A 43 -4.73 21.81 -0.07
C GLU A 43 -4.07 22.27 1.23
N ASP A 44 -4.84 22.80 2.14
CA ASP A 44 -4.27 23.27 3.43
C ASP A 44 -4.13 22.10 4.41
N SER A 45 -4.19 20.90 3.92
CA SER A 45 -4.07 19.72 4.82
C SER A 45 -3.18 20.06 6.03
N ILE A 46 -1.93 20.37 5.79
CA ILE A 46 -1.03 20.72 6.93
C ILE A 46 -0.97 22.24 7.09
N SER A 47 0.07 22.73 7.71
CA SER A 47 0.21 24.19 7.92
C SER A 47 1.50 24.50 8.66
N GLN A 48 1.61 25.66 9.24
CA GLN A 48 2.84 26.01 9.99
C GLN A 48 3.08 25.02 11.13
N ASN A 49 2.16 24.13 11.34
CA ASN A 49 2.32 23.13 12.42
C ASN A 49 2.31 21.71 11.85
N GLY A 50 3.27 21.39 11.04
CA GLY A 50 3.32 20.04 10.43
C GLY A 50 4.55 19.93 9.52
N THR A 51 5.66 19.49 10.04
CA THR A 51 6.88 19.36 9.20
C THR A 51 7.35 17.90 9.16
N LEU A 52 7.69 17.41 8.00
CA LEU A 52 8.14 16.00 7.89
C LEU A 52 8.88 15.78 6.56
N THR A 53 9.64 14.74 6.46
CA THR A 53 10.39 14.47 5.19
C THR A 53 10.00 13.12 4.62
N LEU A 54 10.04 12.98 3.32
CA LEU A 54 9.70 11.66 2.72
C LEU A 54 10.96 10.96 2.23
N SER A 55 11.00 9.68 2.42
CA SER A 55 12.19 8.90 1.99
C SER A 55 11.75 7.62 1.27
N ALA A 56 12.15 7.46 0.04
CA ALA A 56 11.75 6.23 -0.72
C ALA A 56 12.98 5.39 -1.06
N GLN A 57 12.80 4.32 -1.77
CA GLN A 57 13.96 3.46 -2.13
C GLN A 57 14.80 4.13 -3.22
N GLY A 58 15.04 5.40 -3.09
CA GLY A 58 15.86 6.11 -4.12
C GLY A 58 16.18 7.53 -3.63
N ALA A 59 15.19 8.25 -3.18
CA ALA A 59 15.44 9.63 -2.69
C ALA A 59 14.37 10.04 -1.68
N GLU A 60 14.49 11.21 -1.11
CA GLU A 60 13.48 11.67 -0.12
C GLU A 60 12.97 13.06 -0.50
N LYS A 61 11.94 13.52 0.15
CA LYS A 61 11.39 14.88 -0.16
C LYS A 61 10.81 15.53 1.09
N THR A 62 11.23 16.72 1.41
CA THR A 62 10.69 17.40 2.63
C THR A 62 9.22 17.79 2.41
N TYR A 63 8.36 17.40 3.30
CA TYR A 63 6.92 17.76 3.14
C TYR A 63 6.46 18.63 4.32
N GLY A 64 6.14 19.87 4.05
CA GLY A 64 5.68 20.77 5.14
C GLY A 64 4.28 21.30 4.80
N ASN A 65 3.90 22.41 5.38
CA ASN A 65 2.55 22.97 5.09
C ASN A 65 2.32 23.02 3.57
N GLY A 66 1.26 22.43 3.11
CA GLY A 66 0.98 22.43 1.65
C GLY A 66 1.65 21.22 1.01
N ASP A 67 2.32 20.42 1.81
CA ASP A 67 3.02 19.22 1.26
C ASP A 67 2.32 18.74 -0.01
N SER A 68 3.06 18.53 -1.07
CA SER A 68 2.44 18.07 -2.34
C SER A 68 3.08 16.75 -2.79
N LEU A 69 2.46 16.06 -3.71
CA LEU A 69 3.04 14.77 -4.20
C LEU A 69 3.15 14.78 -5.72
N ASN A 70 4.35 14.61 -6.23
CA ASN A 70 4.52 14.61 -7.71
C ASN A 70 4.61 13.18 -8.23
N THR A 71 3.57 12.69 -8.84
CA THR A 71 3.59 11.29 -9.36
C THR A 71 3.06 11.26 -10.81
N GLY A 72 3.56 12.11 -11.65
CA GLY A 72 3.09 12.13 -13.07
C GLY A 72 3.28 10.74 -13.69
N LYS A 73 4.39 10.11 -13.42
CA LYS A 73 4.64 8.76 -13.99
C LYS A 73 3.56 7.78 -13.52
N LEU A 74 3.32 7.72 -12.23
CA LEU A 74 2.29 6.79 -11.70
C LEU A 74 1.13 6.65 -12.69
N LYS A 75 0.34 5.62 -12.53
CA LYS A 75 -0.82 5.43 -13.44
C LYS A 75 -2.05 4.96 -12.66
N ASN A 76 -2.98 4.34 -13.33
CA ASN A 76 -4.21 3.86 -12.62
C ASN A 76 -3.89 2.57 -11.85
N ASP A 77 -2.63 2.25 -11.68
CA ASP A 77 -2.26 1.02 -10.94
C ASP A 77 -0.82 1.13 -10.42
N LYS A 78 -0.63 1.84 -9.35
CA LYS A 78 0.75 1.98 -8.79
C LYS A 78 0.69 2.25 -7.29
N VAL A 79 1.73 1.92 -6.57
CA VAL A 79 1.73 2.15 -5.11
C VAL A 79 2.96 2.98 -4.70
N SER A 80 2.99 3.46 -3.48
CA SER A 80 4.15 4.27 -3.03
C SER A 80 4.43 4.01 -1.56
N ARG A 81 5.32 3.11 -1.27
CA ARG A 81 5.65 2.81 0.16
C ARG A 81 6.96 3.50 0.56
N PHE A 82 6.92 4.28 1.61
CA PHE A 82 8.16 4.99 2.06
C PHE A 82 8.06 5.35 3.54
N ASP A 83 9.10 5.88 4.10
CA ASP A 83 9.07 6.26 5.55
C ASP A 83 9.29 7.76 5.71
N PHE A 84 8.68 8.36 6.70
CA PHE A 84 8.86 9.83 6.91
C PHE A 84 8.85 10.15 8.41
N ILE A 85 9.43 11.26 8.79
CA ILE A 85 9.46 11.63 10.23
C ILE A 85 8.49 12.78 10.49
N ARG A 86 7.40 12.52 11.18
CA ARG A 86 6.42 13.60 11.47
C ARG A 86 6.85 14.39 12.71
N GLN A 87 7.02 15.68 12.58
CA GLN A 87 7.45 16.49 13.75
C GLN A 87 6.82 17.88 13.69
N ILE A 88 6.02 18.24 14.66
CA ILE A 88 5.37 19.57 14.64
C ILE A 88 5.89 20.43 15.81
N GLU A 89 6.62 21.46 15.52
CA GLU A 89 7.15 22.33 16.61
C GLU A 89 7.10 23.81 16.20
N VAL A 90 6.61 24.65 17.06
CA VAL A 90 6.52 26.10 16.72
C VAL A 90 7.41 26.91 17.67
N ASP A 91 7.62 28.17 17.39
CA ASP A 91 8.48 28.99 18.28
C ASP A 91 7.85 29.12 19.67
N GLY A 92 6.70 28.54 19.85
CA GLY A 92 6.02 28.61 21.17
C GLY A 92 4.69 27.86 21.11
N GLN A 93 4.70 26.67 20.57
CA GLN A 93 3.43 25.90 20.47
C GLN A 93 3.72 24.41 20.35
N LEU A 94 3.00 23.75 19.51
CA LEU A 94 3.19 22.28 19.33
C LEU A 94 4.69 21.94 19.24
N ILE A 95 5.02 20.69 19.37
CA ILE A 95 6.46 20.28 19.28
C ILE A 95 6.56 18.77 19.06
N THR A 96 5.50 18.15 18.63
CA THR A 96 5.52 16.69 18.40
C THR A 96 6.73 16.30 17.56
N LEU A 97 7.15 15.06 17.62
CA LEU A 97 8.33 14.63 16.81
C LEU A 97 8.46 13.10 16.87
N GLU A 98 8.21 12.44 15.78
CA GLU A 98 8.33 10.95 15.77
C GLU A 98 8.56 10.44 14.35
N SER A 99 8.83 9.17 14.19
CA SER A 99 9.06 8.62 12.83
C SER A 99 8.05 7.50 12.53
N GLY A 100 7.91 7.14 11.29
CA GLY A 100 6.93 6.07 10.94
C GLY A 100 7.07 5.71 9.45
N GLU A 101 6.24 4.84 8.96
CA GLU A 101 6.32 4.45 7.53
C GLU A 101 5.09 4.96 6.77
N PHE A 102 5.18 5.07 5.48
CA PHE A 102 4.01 5.55 4.69
C PHE A 102 3.74 4.60 3.51
N GLN A 103 2.53 4.10 3.40
CA GLN A 103 2.20 3.19 2.28
C GLN A 103 1.00 3.70 1.50
N VAL A 104 1.18 4.07 0.26
CA VAL A 104 0.04 4.59 -0.54
C VAL A 104 -0.18 3.71 -1.78
N TYR A 105 -1.40 3.59 -2.21
CA TYR A 105 -1.68 2.74 -3.41
C TYR A 105 -2.78 3.38 -4.27
N LYS A 106 -2.52 3.60 -5.53
CA LYS A 106 -3.55 4.23 -6.40
C LYS A 106 -4.13 3.19 -7.37
N GLN A 107 -5.41 3.26 -7.64
CA GLN A 107 -6.03 2.27 -8.56
C GLN A 107 -6.35 2.94 -9.90
N SER A 108 -7.49 2.63 -10.47
CA SER A 108 -7.87 3.25 -11.77
C SER A 108 -8.56 4.59 -11.55
N HIS A 109 -9.50 4.63 -10.65
CA HIS A 109 -10.22 5.92 -10.37
C HIS A 109 -10.20 6.22 -8.88
N SER A 110 -10.00 5.21 -8.06
CA SER A 110 -9.98 5.45 -6.59
C SER A 110 -8.53 5.41 -6.08
N ALA A 111 -8.35 5.24 -4.80
CA ALA A 111 -6.98 5.19 -4.24
C ALA A 111 -7.01 4.79 -2.77
N LEU A 112 -5.87 4.54 -2.18
CA LEU A 112 -5.84 4.14 -0.75
C LEU A 112 -4.44 4.37 -0.17
N THR A 113 -4.33 4.43 1.13
CA THR A 113 -2.98 4.64 1.75
C THR A 113 -2.96 4.09 3.18
N ALA A 114 -1.81 4.09 3.80
CA ALA A 114 -1.72 3.58 5.20
C ALA A 114 -0.50 4.20 5.89
N LEU A 115 -0.69 4.82 7.01
CA LEU A 115 0.47 5.43 7.73
C LEU A 115 1.01 4.48 8.80
N GLN A 116 2.30 4.42 8.96
CA GLN A 116 2.88 3.51 9.98
C GLN A 116 3.80 4.31 10.92
N THR A 117 3.94 3.87 12.14
CA THR A 117 4.82 4.60 13.09
C THR A 117 5.99 3.71 13.53
N GLU A 118 7.00 4.29 14.13
CA GLU A 118 8.17 3.48 14.58
C GLU A 118 8.55 3.86 16.01
N GLN A 119 8.96 5.08 16.23
CA GLN A 119 9.36 5.50 17.60
C GLN A 119 8.75 6.88 17.91
N GLU A 120 8.56 7.17 19.17
CA GLU A 120 7.98 8.50 19.54
C GLU A 120 8.83 9.16 20.65
N GLN A 121 8.46 10.34 21.06
CA GLN A 121 9.23 11.03 22.13
C GLN A 121 8.39 12.13 22.76
N ASP A 122 8.63 12.47 24.01
CA ASP A 122 7.81 13.53 24.66
C ASP A 122 8.68 14.73 25.05
N PRO A 123 8.07 15.63 25.79
CA PRO A 123 8.75 16.85 26.24
C PRO A 123 9.42 16.63 27.59
N GLU A 124 9.97 15.46 27.83
CA GLU A 124 10.64 15.20 29.13
C GLU A 124 11.51 13.94 29.02
N HIS A 125 12.75 14.15 28.78
CA HIS A 125 13.73 13.03 28.65
C HIS A 125 13.12 11.71 29.13
N SER A 126 12.60 11.72 30.31
CA SER A 126 11.98 10.47 30.85
C SER A 126 10.97 9.92 29.82
N GLU A 127 10.21 10.78 29.22
CA GLU A 127 9.22 10.34 28.21
C GLU A 127 9.57 10.96 26.84
N LYS A 128 10.59 11.78 26.83
CA LYS A 128 11.03 12.44 25.57
C LYS A 128 11.37 11.44 24.47
N MET A 129 11.09 10.21 24.71
CA MET A 129 11.34 9.18 23.68
C MET A 129 10.42 7.98 23.92
N VAL A 130 10.10 7.25 22.88
CA VAL A 130 9.20 6.07 23.04
C VAL A 130 9.51 5.03 21.97
N ALA A 131 8.88 3.88 22.06
CA ALA A 131 9.13 2.83 21.04
C ALA A 131 7.93 1.88 20.93
N LYS A 132 7.26 1.88 19.81
CA LYS A 132 6.07 0.98 19.65
C LYS A 132 5.75 0.79 18.17
N ARG A 133 4.64 0.17 17.87
CA ARG A 133 4.27 -0.04 16.44
C ARG A 133 2.86 0.49 16.17
N ARG A 134 2.76 1.60 15.49
CA ARG A 134 1.42 2.17 15.19
C ARG A 134 1.17 2.20 13.68
N PHE A 135 -0.04 2.02 13.26
CA PHE A 135 -0.33 2.04 11.80
C PHE A 135 -1.73 2.61 11.53
N ARG A 136 -1.80 3.74 10.88
CA ARG A 136 -3.14 4.35 10.59
C ARG A 136 -3.54 4.07 9.14
N ILE A 137 -4.49 3.20 8.93
CA ILE A 137 -4.92 2.90 7.54
C ILE A 137 -5.80 4.02 6.99
N GLY A 138 -5.66 4.35 5.74
CA GLY A 138 -6.48 5.42 5.14
C GLY A 138 -6.79 5.10 3.68
N ASP A 139 -7.42 3.97 3.43
CA ASP A 139 -7.74 3.60 2.03
C ASP A 139 -9.14 4.09 1.66
N ILE A 140 -9.39 4.34 0.40
CA ILE A 140 -10.73 4.83 -0.03
C ILE A 140 -11.18 4.08 -1.27
N ALA A 141 -11.08 2.78 -1.27
CA ALA A 141 -11.51 2.00 -2.47
C ALA A 141 -13.01 1.69 -2.40
N GLY A 142 -13.76 2.15 -3.35
CA GLY A 142 -15.23 1.88 -3.34
C GLY A 142 -15.87 2.54 -4.56
N GLU A 143 -15.13 2.66 -5.63
CA GLU A 143 -15.70 3.29 -6.86
C GLU A 143 -16.37 2.23 -7.73
N HIS A 144 -16.59 2.53 -8.98
CA HIS A 144 -17.24 1.54 -9.89
C HIS A 144 -16.58 0.17 -9.73
N THR A 145 -17.00 -0.58 -8.75
CA THR A 145 -16.40 -1.93 -8.55
C THR A 145 -17.29 -3.00 -9.16
N SER A 146 -18.40 -2.61 -9.73
CA SER A 146 -19.31 -3.60 -10.36
C SER A 146 -18.58 -4.34 -11.47
N PHE A 147 -18.16 -5.55 -11.21
CA PHE A 147 -17.44 -6.31 -12.27
C PHE A 147 -18.11 -6.07 -13.63
N ASP A 148 -19.36 -5.67 -13.62
CA ASP A 148 -20.05 -5.41 -14.91
C ASP A 148 -19.10 -4.70 -15.87
N LYS A 149 -18.27 -3.85 -15.34
CA LYS A 149 -17.29 -3.13 -16.19
C LYS A 149 -16.06 -4.01 -16.41
N LEU A 150 -16.25 -5.30 -16.31
CA LEU A 150 -15.12 -6.25 -16.49
C LEU A 150 -15.65 -7.67 -16.30
N PRO A 151 -16.61 -8.01 -17.11
CA PRO A 151 -17.25 -9.33 -17.04
C PRO A 151 -16.45 -10.36 -17.84
N LYS A 152 -15.85 -11.28 -17.15
CA LYS A 152 -15.06 -12.33 -17.83
C LYS A 152 -14.73 -13.43 -16.83
N ASP A 153 -15.57 -14.42 -16.74
CA ASP A 153 -15.34 -15.54 -15.79
C ASP A 153 -14.03 -16.20 -16.15
N VAL A 154 -13.00 -15.42 -16.17
CA VAL A 154 -11.67 -15.91 -16.55
C VAL A 154 -10.63 -15.52 -15.51
N MET A 155 -10.15 -16.47 -14.75
CA MET A 155 -9.13 -16.14 -13.71
C MET A 155 -8.28 -14.95 -14.16
N ALA A 156 -7.97 -14.05 -13.27
CA ALA A 156 -7.14 -12.87 -13.65
C ALA A 156 -6.03 -12.65 -12.62
N THR A 157 -4.82 -12.51 -13.08
CA THR A 157 -3.69 -12.29 -12.12
C THR A 157 -3.86 -10.94 -11.42
N TYR A 158 -3.44 -10.85 -10.19
CA TYR A 158 -3.57 -9.56 -9.44
C TYR A 158 -2.33 -9.33 -8.57
N ARG A 159 -1.91 -8.10 -8.46
CA ARG A 159 -0.72 -7.79 -7.61
C ARG A 159 -0.99 -6.50 -6.84
N GLY A 160 -0.74 -6.50 -5.57
CA GLY A 160 -1.01 -5.26 -4.79
C GLY A 160 -0.08 -5.16 -3.59
N THR A 161 -0.22 -4.12 -2.84
CA THR A 161 0.61 -3.94 -1.63
C THR A 161 -0.30 -3.93 -0.41
N ALA A 162 0.22 -4.27 0.74
CA ALA A 162 -0.64 -4.30 1.95
C ALA A 162 0.17 -3.95 3.19
N PHE A 163 -0.44 -3.93 4.33
CA PHE A 163 0.31 -3.60 5.57
C PHE A 163 -0.18 -4.48 6.73
N GLY A 164 0.72 -4.90 7.59
CA GLY A 164 0.28 -5.75 8.74
C GLY A 164 0.69 -5.09 10.05
N SER A 165 -0.10 -5.28 11.08
CA SER A 165 0.23 -4.66 12.39
C SER A 165 1.44 -5.37 13.02
N ASP A 166 1.88 -6.42 12.41
CA ASP A 166 3.06 -7.16 12.96
C ASP A 166 4.11 -7.35 11.86
N ASP A 167 3.85 -6.83 10.70
CA ASP A 167 4.82 -6.97 9.58
C ASP A 167 5.17 -5.59 9.05
N ALA A 168 6.15 -5.49 8.18
CA ALA A 168 6.51 -4.16 7.63
C ALA A 168 5.50 -3.72 6.60
N GLY A 169 4.65 -4.59 6.21
CA GLY A 169 3.62 -4.22 5.22
C GLY A 169 2.79 -5.44 4.89
N GLY A 170 2.69 -5.73 3.65
CA GLY A 170 1.90 -6.91 3.20
C GLY A 170 1.85 -6.96 1.66
N LYS A 171 2.84 -7.49 1.02
CA LYS A 171 2.79 -7.55 -0.47
C LYS A 171 2.18 -8.87 -0.89
N LEU A 172 1.17 -8.86 -1.73
CA LEU A 172 0.54 -10.16 -2.09
C LEU A 172 0.04 -10.18 -3.54
N THR A 173 0.32 -11.24 -4.25
CA THR A 173 -0.17 -11.38 -5.65
C THR A 173 -1.44 -12.21 -5.59
N TYR A 174 -2.52 -11.72 -6.14
CA TYR A 174 -3.79 -12.51 -6.06
C TYR A 174 -4.22 -13.04 -7.42
N THR A 175 -4.97 -14.10 -7.41
CA THR A 175 -5.50 -14.68 -8.68
C THR A 175 -7.00 -14.90 -8.48
N ILE A 176 -7.81 -13.98 -8.93
CA ILE A 176 -9.27 -14.13 -8.70
C ILE A 176 -10.04 -14.40 -9.99
N ASP A 177 -10.90 -15.38 -9.97
CA ASP A 177 -11.72 -15.67 -11.17
C ASP A 177 -12.91 -14.72 -11.16
N PHE A 178 -13.01 -13.89 -12.16
CA PHE A 178 -14.12 -12.89 -12.22
C PHE A 178 -15.47 -13.48 -11.83
N ALA A 179 -16.52 -12.92 -12.35
CA ALA A 179 -17.90 -13.38 -12.04
C ALA A 179 -18.01 -14.92 -12.07
N ALA A 180 -16.97 -15.62 -12.45
CA ALA A 180 -17.07 -17.09 -12.46
C ALA A 180 -17.21 -17.59 -11.04
N LYS A 181 -16.12 -17.97 -10.42
CA LYS A 181 -16.23 -18.45 -9.01
C LYS A 181 -14.87 -18.48 -8.30
N GLN A 182 -14.03 -17.49 -8.43
CA GLN A 182 -12.71 -17.60 -7.72
C GLN A 182 -12.16 -16.24 -7.32
N GLY A 183 -11.43 -16.19 -6.22
CA GLY A 183 -10.83 -14.91 -5.75
C GLY A 183 -9.85 -15.22 -4.61
N HIS A 184 -8.62 -15.51 -4.93
CA HIS A 184 -7.63 -15.83 -3.86
C HIS A 184 -6.25 -15.24 -4.19
N GLY A 185 -5.30 -15.40 -3.31
CA GLY A 185 -3.94 -14.85 -3.59
C GLY A 185 -2.95 -15.32 -2.52
N LYS A 186 -1.88 -14.60 -2.36
CA LYS A 186 -0.86 -14.97 -1.33
C LYS A 186 -0.37 -13.72 -0.60
N ILE A 187 -0.41 -13.72 0.70
CA ILE A 187 0.05 -12.53 1.47
C ILE A 187 1.56 -12.62 1.73
N GLU A 188 2.26 -11.53 1.57
CA GLU A 188 3.74 -11.56 1.82
C GLU A 188 4.14 -10.37 2.69
N HIS A 189 3.84 -10.43 3.96
CA HIS A 189 4.19 -9.31 4.87
C HIS A 189 5.44 -8.59 4.34
N LEU A 190 6.53 -9.29 4.24
CA LEU A 190 7.77 -8.65 3.72
C LEU A 190 7.90 -8.90 2.21
N LYS A 191 8.80 -9.75 1.82
CA LYS A 191 8.98 -10.03 0.38
C LYS A 191 9.59 -11.42 0.16
N SER A 192 10.39 -11.86 1.09
CA SER A 192 11.02 -13.19 0.95
C SER A 192 9.98 -14.23 0.51
N PRO A 193 10.35 -15.02 -0.45
CA PRO A 193 9.43 -16.08 -0.96
C PRO A 193 9.27 -17.19 0.07
N GLU A 194 9.06 -16.84 1.30
CA GLU A 194 8.89 -17.89 2.36
C GLU A 194 8.05 -17.35 3.52
N LEU A 195 8.12 -16.07 3.78
CA LEU A 195 7.31 -15.50 4.90
C LEU A 195 5.90 -15.18 4.42
N ASN A 196 5.60 -15.48 3.19
CA ASN A 196 4.23 -15.19 2.66
C ASN A 196 3.26 -16.29 3.11
N VAL A 197 1.98 -16.06 2.95
CA VAL A 197 1.00 -17.09 3.38
C VAL A 197 0.12 -17.51 2.21
N ASP A 198 -0.26 -18.76 2.14
CA ASP A 198 -1.13 -19.23 1.02
C ASP A 198 -2.53 -18.64 1.18
N LEU A 199 -2.77 -17.50 0.60
CA LEU A 199 -4.12 -16.87 0.73
C LEU A 199 -5.15 -17.58 -0.16
N ALA A 200 -6.26 -17.96 0.40
CA ALA A 200 -7.32 -18.64 -0.39
C ALA A 200 -8.66 -17.95 -0.17
N VAL A 201 -9.26 -17.43 -1.21
CA VAL A 201 -10.57 -16.73 -1.05
C VAL A 201 -11.46 -16.94 -2.28
N ALA A 202 -12.73 -16.77 -2.12
CA ALA A 202 -13.66 -16.93 -3.27
C ALA A 202 -14.25 -15.57 -3.66
N TYR A 203 -14.31 -15.28 -4.92
CA TYR A 203 -14.86 -13.96 -5.36
C TYR A 203 -16.39 -14.01 -5.39
N ILE A 204 -17.02 -12.87 -5.32
CA ILE A 204 -18.51 -12.84 -5.35
C ILE A 204 -18.99 -11.76 -6.32
N LYS A 205 -19.86 -12.11 -7.22
CA LYS A 205 -20.36 -11.11 -8.21
C LYS A 205 -21.49 -10.26 -7.60
N PRO A 206 -22.33 -10.91 -6.84
CA PRO A 206 -23.46 -10.20 -6.20
C PRO A 206 -22.99 -9.42 -4.97
N ASP A 207 -22.11 -8.47 -5.15
CA ASP A 207 -21.62 -7.67 -3.99
C ASP A 207 -22.71 -6.68 -3.56
N GLU A 208 -22.34 -5.59 -2.95
CA GLU A 208 -23.36 -4.59 -2.53
C GLU A 208 -24.41 -4.45 -3.65
N LYS A 209 -24.03 -4.78 -4.85
CA LYS A 209 -24.99 -4.68 -6.00
C LYS A 209 -24.42 -5.46 -7.19
N HIS A 210 -23.27 -5.07 -7.65
CA HIS A 210 -22.65 -5.78 -8.81
C HIS A 210 -21.13 -5.71 -8.72
N HIS A 211 -20.62 -5.24 -7.61
CA HIS A 211 -19.14 -5.15 -7.44
C HIS A 211 -18.55 -6.53 -7.17
N ALA A 212 -17.24 -6.64 -7.14
CA ALA A 212 -16.61 -7.96 -6.87
C ALA A 212 -16.19 -8.05 -5.40
N VAL A 213 -16.25 -9.22 -4.83
CA VAL A 213 -15.85 -9.38 -3.40
C VAL A 213 -14.82 -10.50 -3.26
N ILE A 214 -14.14 -10.56 -2.14
CA ILE A 214 -13.12 -11.63 -1.94
C ILE A 214 -13.05 -12.03 -0.46
N SER A 215 -13.50 -13.22 -0.14
CA SER A 215 -13.46 -13.66 1.28
C SER A 215 -12.88 -15.07 1.38
N GLY A 216 -11.95 -15.28 2.27
CA GLY A 216 -11.35 -16.64 2.41
C GLY A 216 -10.48 -16.70 3.66
N SER A 217 -9.50 -17.56 3.67
CA SER A 217 -8.62 -17.66 4.87
C SER A 217 -7.15 -17.75 4.46
N VAL A 218 -6.27 -17.11 5.18
CA VAL A 218 -4.83 -17.16 4.83
C VAL A 218 -4.13 -18.26 5.62
N LEU A 219 -3.20 -18.96 5.02
CA LEU A 219 -2.51 -20.04 5.75
C LEU A 219 -1.01 -20.05 5.40
N TYR A 220 -0.16 -20.13 6.39
CA TYR A 220 1.30 -20.14 6.13
C TYR A 220 1.82 -21.58 6.14
N ASN A 221 2.88 -21.86 5.45
CA ASN A 221 3.42 -23.25 5.43
C ASN A 221 4.18 -23.55 6.72
N GLN A 222 4.51 -22.54 7.47
CA GLN A 222 5.24 -22.76 8.74
C GLN A 222 4.27 -23.22 9.82
N ASP A 223 3.36 -22.39 10.17
CA ASP A 223 2.35 -22.73 11.21
C ASP A 223 1.42 -21.54 11.47
N GLU A 224 1.22 -20.69 10.50
CA GLU A 224 0.34 -19.52 10.70
C GLU A 224 -1.11 -19.85 10.38
N LYS A 225 -2.02 -19.04 10.83
CA LYS A 225 -3.46 -19.28 10.56
C LYS A 225 -4.20 -17.94 10.47
N GLY A 226 -4.07 -17.26 9.37
CA GLY A 226 -4.74 -15.94 9.22
C GLY A 226 -5.97 -16.05 8.34
N SER A 227 -6.72 -14.99 8.22
CA SER A 227 -7.94 -15.01 7.38
C SER A 227 -7.84 -13.95 6.28
N TYR A 228 -8.77 -13.92 5.37
CA TYR A 228 -8.69 -12.91 4.28
C TYR A 228 -10.09 -12.42 3.89
N SER A 229 -10.29 -11.13 3.90
CA SER A 229 -11.60 -10.57 3.51
C SER A 229 -11.40 -9.21 2.85
N LEU A 230 -11.78 -9.08 1.60
CA LEU A 230 -11.59 -7.77 0.91
C LEU A 230 -12.62 -7.57 -0.19
N GLY A 231 -12.69 -6.40 -0.75
CA GLY A 231 -13.66 -6.14 -1.85
C GLY A 231 -12.88 -5.79 -3.10
N ILE A 232 -13.19 -6.42 -4.21
CA ILE A 232 -12.43 -6.12 -5.46
C ILE A 232 -13.26 -5.25 -6.41
N PHE A 233 -12.65 -4.23 -6.93
CA PHE A 233 -13.36 -3.33 -7.88
C PHE A 233 -12.74 -3.45 -9.27
N GLY A 234 -13.20 -2.68 -10.21
CA GLY A 234 -12.62 -2.75 -11.58
C GLY A 234 -13.33 -1.77 -12.49
N GLU A 235 -13.26 -0.50 -12.19
CA GLU A 235 -13.95 0.50 -13.04
C GLU A 235 -13.93 0.02 -14.49
N LYS A 236 -12.90 -0.69 -14.85
CA LYS A 236 -12.77 -1.23 -16.22
C LYS A 236 -11.44 -1.95 -16.28
N ALA A 237 -11.09 -2.56 -15.18
CA ALA A 237 -9.80 -3.24 -15.09
C ALA A 237 -9.82 -4.32 -14.01
N GLN A 238 -8.75 -4.44 -13.27
CA GLN A 238 -8.68 -5.46 -12.20
C GLN A 238 -8.18 -4.83 -10.88
N GLU A 239 -8.97 -4.00 -10.27
CA GLU A 239 -8.50 -3.37 -8.99
C GLU A 239 -9.22 -4.01 -7.80
N VAL A 240 -8.53 -4.19 -6.70
CA VAL A 240 -9.17 -4.82 -5.51
C VAL A 240 -8.34 -4.56 -4.25
N ALA A 241 -8.98 -4.12 -3.19
CA ALA A 241 -8.22 -3.86 -1.93
C ALA A 241 -9.11 -4.18 -0.71
N GLY A 242 -8.51 -4.42 0.42
CA GLY A 242 -9.32 -4.74 1.63
C GLY A 242 -8.42 -4.96 2.83
N SER A 243 -8.80 -5.83 3.74
CA SER A 243 -7.97 -6.10 4.94
C SER A 243 -8.23 -7.54 5.41
N ALA A 244 -7.20 -8.30 5.59
CA ALA A 244 -7.39 -9.71 6.05
C ALA A 244 -6.97 -9.86 7.51
N GLU A 245 -7.26 -10.99 8.09
CA GLU A 245 -6.87 -11.20 9.52
C GLU A 245 -5.70 -12.19 9.59
N VAL A 246 -4.89 -12.10 10.62
CA VAL A 246 -3.74 -13.02 10.73
C VAL A 246 -3.54 -13.47 12.18
N GLU A 247 -3.87 -14.70 12.49
CA GLU A 247 -3.69 -15.20 13.88
C GLU A 247 -2.40 -16.02 13.99
N THR A 248 -1.55 -15.68 14.92
CA THR A 248 -0.28 -16.43 15.08
C THR A 248 -0.47 -17.59 16.06
N ALA A 249 0.21 -17.57 17.17
CA ALA A 249 0.07 -18.68 18.16
C ALA A 249 -0.51 -18.13 19.47
N ASN A 250 -0.80 -16.87 19.52
CA ASN A 250 -1.36 -16.28 20.77
C ASN A 250 -1.61 -14.77 20.59
N GLY A 251 -1.86 -14.35 19.37
CA GLY A 251 -2.11 -12.90 19.13
C GLY A 251 -2.71 -12.71 17.74
N ILE A 252 -3.92 -12.23 17.66
CA ILE A 252 -4.56 -12.03 16.33
C ILE A 252 -4.08 -10.71 15.71
N HIS A 253 -3.63 -10.74 14.48
CA HIS A 253 -3.16 -9.48 13.82
C HIS A 253 -4.02 -9.17 12.59
N HIS A 254 -3.99 -7.95 12.14
CA HIS A 254 -4.80 -7.59 10.94
C HIS A 254 -3.90 -6.99 9.86
N ILE A 255 -4.15 -7.31 8.62
CA ILE A 255 -3.29 -6.76 7.53
C ILE A 255 -4.13 -6.02 6.49
N GLY A 256 -3.82 -4.78 6.22
CA GLY A 256 -4.60 -4.02 5.21
C GLY A 256 -4.01 -4.33 3.83
N LEU A 257 -4.83 -4.62 2.86
CA LEU A 257 -4.27 -4.95 1.52
C LEU A 257 -4.82 -4.02 0.42
N ALA A 258 -4.06 -3.84 -0.62
CA ALA A 258 -4.50 -2.98 -1.75
C ALA A 258 -3.82 -3.47 -3.02
N ALA A 259 -4.56 -3.85 -4.04
CA ALA A 259 -3.89 -4.35 -5.27
C ALA A 259 -4.57 -3.85 -6.54
N LYS A 260 -3.86 -3.91 -7.63
CA LYS A 260 -4.42 -3.47 -8.94
C LYS A 260 -4.15 -4.53 -10.00
N GLN A 261 -4.81 -4.45 -11.13
CA GLN A 261 -4.59 -5.44 -12.21
C GLN A 261 -3.14 -5.91 -12.21
#